data_7TW6
#
_entry.id   7TW6
#
_cell.length_a   1.00
_cell.length_b   1.00
_cell.length_c   1.00
_cell.angle_alpha   90.00
_cell.angle_beta   90.00
_cell.angle_gamma   90.00
#
_symmetry.space_group_name_H-M   'P 1'
#
loop_
_entity.id
_entity.type
_entity.pdbx_description
1 polymer 'Band 3 anion transport protein'
2 polymer 'Protein 4.2'
3 polymer Ankyrin-1
#
loop_
_entity_poly.entity_id
_entity_poly.type
_entity_poly.pdbx_seq_one_letter_code
_entity_poly.pdbx_strand_id
1 'polypeptide(L)'
;MEELQDDYEDMMEENLEQEEYEDPDIPESQMEEPAAHDTEATATDYHTTSHPGTHKVYVELQELVMDEKNQELRWMEAAR
WVQLEENLGENGAWGRPHLSHLTFWSLLELRRVFTKGTVLLDLQETSLAGVANQLLDRFIFEDQIRPQDREELLRALLLK
HSHAGELEALGGVKPAVLTRSGDPSQPLLPQHSSLETQLFCEQGDGGTEGHSPSGILEKIPPDSEATLVLVGRADFLEQP
VLGFVRLQEAAELEAVELPVPIRFLFVLLGPEAPHIDYTQLGRAAATLMSERVFRIDAYMAQSRGELLHSLEGFLDCSLV
LPPTDAPSEQALLSLVPVQRELLRRRYQSSPAKPDSSFYKGLDLNGGPDDPLQQTGQLFGGLVRDIRRRYPYYLSDITDA
FSPQVLAAVIFIYFAALSPAITFGGLLGEKTRNQMGVSELLISTAVQGILFALLGAQPLLVVGFSGPLLVFEEAFFSFCE
TNGLEYIVGRVWIGFWLILLVVLVVAFEGSFLVRFISRYTQEIFSFLISLIFIYETFSKLIKIFQDHPLQKTYNYNVLMV
PKPQGPLPNTALLSLVLMAGTFFFAMMLRKFKNSSYFPGKLRRVIGDFGVPISILIMVLVDFFIQDTYTQKLSVPDGFKV
SNSSARGWVIHPLGLRSEFPIWMMFASALPALLVFILIFLESQITTLIVSKPERKMVKGSGFHLDLLLVVGMGGVAALFG
MPWLSATTVRSVTHANALTVMGKASTPGAAAQIQEVKEQRISGLLVAVLVGLSILMEPILSRIPLAVLFGIFLYMGVTSL
SGIQLFDRILLLFKPPKYHPDVPYVKRVKTWRMHLFTGIQIICLAVLWVVKSTPASLALPFVLILTVPLRRVLLPLIFRN
VELQCLDADDAKATFDEEEGRDEYDEVAMPV
;
A,B,K,J
2 'polypeptide(L)'
;MGQALGIKSCDFQAARNNEEHHTKALSSRRLFVRRGQPFTIILYFRAPVRAFLPALKKVALTAQTGEQPSKINRTQATFP
ISSLGDRKWWSAVVEERDAQSWTISVTTPADAVIGHYSLLLQVSGRKQLLLGQFTLLFNPWNREDAVFLKNEAQRMEYLL
NQNGLIYLGTADCIQAESWDFGQFEGDVIDLSLRLLSKDKQVEKWSQPVHVARVLGALLHFLKEQRVLPTPQTQATQEGA
LLNKRRGSVPILRQWLTGRGRPVYDGQAWVLAAVACTVLRCLGIPARVVTTFASAQGTGGRLLIDEYYNEEGLQNGEGQR
GRIWIFQTSTECWMTRPALPQGYDGWQILHPSAPNGGGVLGSCDLVPVRAVKEGTLGLTPAVSDLFAAINASCVVWKCCE
DGTLELTDSNTKYVGNNISTKGVGSDRCEDITQNYKYPEGSLQEKEVLERVEKEKMEREKDNGIRPPSLETASPLYLLLK
APSSLPLRGDAQISVTLVNHSEQEKAVQLAIGVQAVHYNGVLAAKLWRKKLHLTLSANLEKIITIGLFFSNFERNPPENT
FLRLTAMATHSESNLSCFAQEDIAICRPHLAIKMPEKAEQYQPLTASVSLQNSLDAPMEDCVISILGRGLIHRERSYRFR
SVWPENTMCAKFQFTPTHVGLQRLTVEVDCNMFQNLTNYKSVTVVAPELSA
;
E
3 'polypeptide(L)'
;MPYSVGFREADAATSFLRAARSGNLDKALDHLRNGVDINTCNQNGLNGLHLASKEGHVKMVVELLHKEIILETTTKKGNT
ALHIAALAGQDEVVRELVNYGANVNAQSQKGFTPLYMAAQENHLEVVKFLLENGANQNVATEDGFTPLAVALQQGHENVV
AHLINYGTKGKVRLPALHIAARNDDTRTAAVLLQNDPNPDVLSKTGFTPLHIAAHYENLNVAQLLLNRGASVNFTPQNGI
TPLHIASRRGNVIMVRLLLDRGAQIETKTKDELTPLHCAARNGHVRISEILLDHGAPIQAKTKNGLSPIHMAAQGDHLDC
VRLLLQYDAEIDDITLDHLTPLHVAAHCGHHRVAKVLLDKGAKPNSRALNGFTPLHIACKKNHVRVMELLLKTGASIDAV
TESGLTPLHVASFMGHLPIVKNLLQRGASPNVSNVKVETPLHMAARAGHTEVAKYLLQNKAKVNAKAKDDQTPLHCAARI
GHTNMVKLLLENNANPNLATTAGHTPLHIAAREGHVETVLALLEKEASQACMTKKGFTPLHVAAKYGKVRVAELLLERDA
HPNAAGKNGLTPLHVAVHHNNLDIVKLLLPRGGSPHSPAWNGYTPLHIAAKQNQVEVARSLLQYGGSANAESVQGVTPLH
LAAQEGHAEMVALLLSKQANGNLGNKSGLTPLHLVAQEGHVPVADVLIKHGVMVDATTRMGYTPLHVASHYGNIKLVKFL
LQHQADVNAKTKLGYSPLHQAAQQGHTDIVTLLLKNGASPNEVSSDGTTPLAIAKRLGYISVTDVLKVVTDETSFVLVSD
KHRMSFPETVDEILDVSEDEGEELISFKAERRDSRDVDEEKELLDFVPKLDQVVESPAIPRIPCAMPETVVIRSEEQEQA
SKEYDEDSLIPSSPATETSDNISPVASPVHTGFLVSFMVDARGGSMRGSRHNGLRVVIPPRTCAAPTRITCRLVKPQKLS
TPPPLAEEEGLASRIIALGPTGAQFLSPVIVEIPHFASHGRGDRELVVLRSENGSVWKEHRSRYGESYLDQILNGMDEEL
GSLEELEKKRVCRIITTDFPLYFVIMSRLCQDYDTIGPEGGSLKSKLVPLVQATFPENAVTKRVKLALQAQPVPDELVTK
LLGNQATFSPIVTVEPRRRKFHRPIGLRIPLPPSWTDNPRDSGEGDTTSLRLLCSVIGGTDQAQWEDITGTTKLVYANEC
ANFTTNVSARFWLSDCPRTAEAVNFATLLYKELTAVPYMAKFVIFAKMNDPREGRLRCYCMTDDKVDKTLEQHENFVEVA
RSRDIEVLEGMSLFAELSGNLVPVKKAAQQRSFHFQSFRENRLAMPVKVRDSSREPGGSLSFLRKAMKYEDTQHILCHLN
ITMPPCAKGSGAEDRRRTPTPLALRYSILSESTPGSLSGTEQAEMKMAVISEHLGLSWAELARELQFSVEDINRIRVENP
NSLLEQSVALLNLWVIREGQNANMENLYTALQSIDRGEIVNMLEGSGRQSRNLKPDRRHTDRDYSLSPSQMNGYSSLQDE
LLSPASLGCALSSPLRADQYWNEVAVLDAIPLAATEHDTMLEMSDMQVWSAGLTPSLVTAEDSSLECSKAEDSDATGHEW
KLEGALSEEPRGPELGSLELVEDDTVDSDATNGLIDLLEQEEGQRSEEKLPGSKRQDDATGAGQDSENEVSLVSGHQRGQ
ARITHSPTVSQVTERSQDRLQDWDADGSIVSYLQDAAQGSWQEEVTQGPHSFQGTSTMTEGLEPGGSQEYEKVLVSVSEH
TWTEQPEAESSQADRDRRQQGQEEQVQEAKNTFTQVVQGNEFQNIPGEQVTEEQFTDEQGNIVTKKIIRKVVRQIDLSSA
DAAQEHEEVTVEGPLEDPSELEVDIDYFMKHSKDHTSTPNP
;
G
#
# COMPACT_ATOMS: atom_id res chain seq x y z
N GLN A 30 -44.89 -18.44 34.86
CA GLN A 30 -43.88 -17.45 35.22
C GLN A 30 -42.72 -17.54 34.25
N MET A 31 -42.08 -16.39 34.01
CA MET A 31 -40.87 -16.33 33.20
C MET A 31 -39.75 -16.86 34.09
N GLU A 32 -39.24 -18.04 33.76
CA GLU A 32 -38.21 -18.70 34.56
C GLU A 32 -36.81 -18.11 34.35
N GLU A 33 -36.23 -17.57 35.43
CA GLU A 33 -34.94 -16.90 35.39
C GLU A 33 -33.84 -17.96 35.48
N PRO A 34 -32.74 -17.79 34.78
CA PRO A 34 -31.73 -18.84 34.72
C PRO A 34 -30.78 -18.74 35.93
N ALA A 35 -29.87 -19.69 35.99
CA ALA A 35 -28.84 -19.74 37.02
C ALA A 35 -27.51 -19.28 36.45
N ALA A 36 -26.60 -18.91 37.33
CA ALA A 36 -25.30 -18.41 36.94
C ALA A 36 -24.39 -19.53 36.46
N HIS A 37 -23.33 -19.15 35.75
CA HIS A 37 -22.36 -20.10 35.22
C HIS A 37 -21.08 -19.37 34.88
N ASP A 38 -19.97 -19.84 35.43
CA ASP A 38 -18.67 -19.20 35.24
C ASP A 38 -17.83 -19.99 34.24
N THR A 39 -17.29 -19.29 33.25
CA THR A 39 -16.39 -19.88 32.27
C THR A 39 -15.28 -18.90 31.97
N GLU A 40 -14.03 -19.34 32.18
CA GLU A 40 -12.86 -18.49 31.97
C GLU A 40 -12.20 -18.73 30.62
N ALA A 41 -12.96 -19.20 29.65
CA ALA A 41 -12.41 -19.36 28.31
C ALA A 41 -12.18 -18.02 27.64
N THR A 42 -12.94 -17.01 28.02
CA THR A 42 -12.88 -15.69 27.40
C THR A 42 -12.24 -14.65 28.30
N ALA A 43 -11.52 -15.05 29.34
CA ALA A 43 -10.94 -14.05 30.23
C ALA A 43 -9.71 -13.41 29.61
N THR A 44 -8.90 -14.17 28.90
CA THR A 44 -7.65 -13.65 28.36
C THR A 44 -7.85 -12.56 27.32
N ASP A 45 -9.06 -12.38 26.81
CA ASP A 45 -9.33 -11.27 25.90
C ASP A 45 -9.52 -9.95 26.62
N TYR A 46 -9.27 -9.91 27.93
CA TYR A 46 -9.41 -8.69 28.69
C TYR A 46 -8.16 -8.33 29.47
N HIS A 47 -7.03 -8.97 29.19
CA HIS A 47 -5.79 -8.68 29.90
C HIS A 47 -5.03 -7.58 29.17
N THR A 48 -4.96 -6.41 29.79
CA THR A 48 -4.30 -5.27 29.19
C THR A 48 -2.78 -5.45 29.27
N THR A 49 -2.07 -4.74 28.40
CA THR A 49 -0.62 -4.81 28.33
C THR A 49 0.06 -3.51 28.74
N SER A 50 -0.72 -2.48 29.07
CA SER A 50 -0.15 -1.20 29.46
C SER A 50 0.43 -1.25 30.85
N HIS A 51 1.66 -0.78 31.01
CA HIS A 51 2.30 -0.80 32.31
C HIS A 51 1.70 0.29 33.18
N PRO A 52 1.18 -0.04 34.35
CA PRO A 52 0.55 0.98 35.20
C PRO A 52 1.57 1.84 35.90
N GLY A 53 2.67 1.24 36.32
CA GLY A 53 3.72 1.94 37.00
C GLY A 53 3.67 1.75 38.51
N THR A 54 4.38 2.63 39.21
CA THR A 54 4.46 2.62 40.66
C THR A 54 3.88 3.92 41.22
N HIS A 55 3.10 3.81 42.28
CA HIS A 55 2.46 4.97 42.88
C HIS A 55 2.32 4.77 44.37
N LYS A 56 2.44 5.85 45.11
CA LYS A 56 2.25 5.80 46.55
C LYS A 56 0.75 5.81 46.86
N VAL A 57 0.42 5.43 48.09
CA VAL A 57 -0.98 5.27 48.47
C VAL A 57 -1.29 6.08 49.72
N TYR A 58 -2.58 6.39 49.87
CA TYR A 58 -3.12 7.09 51.02
C TYR A 58 -4.46 6.43 51.33
N VAL A 59 -4.58 5.83 52.50
CA VAL A 59 -5.71 4.95 52.81
C VAL A 59 -6.64 5.66 53.77
N GLU A 60 -7.94 5.55 53.51
CA GLU A 60 -8.94 6.13 54.39
C GLU A 60 -10.06 5.14 54.68
N LEU A 61 -10.40 5.00 55.95
CA LEU A 61 -11.39 4.05 56.43
C LEU A 61 -12.63 4.75 56.95
N GLN A 62 -13.79 4.30 56.49
CA GLN A 62 -15.07 4.89 56.89
C GLN A 62 -16.04 3.78 57.27
N GLU A 63 -16.94 4.10 58.19
CA GLU A 63 -17.92 3.14 58.67
C GLU A 63 -19.25 3.81 58.97
N LEU A 64 -20.28 2.98 59.09
CA LEU A 64 -21.64 3.50 59.24
C LEU A 64 -21.79 3.94 60.69
N VAL A 65 -22.30 5.16 60.88
CA VAL A 65 -22.67 5.64 62.20
C VAL A 65 -23.98 6.41 62.07
N MET A 66 -24.42 6.99 63.18
CA MET A 66 -25.61 7.82 63.19
C MET A 66 -25.45 8.87 64.28
N ASP A 67 -25.77 10.12 63.92
CA ASP A 67 -25.68 11.23 64.85
C ASP A 67 -26.89 11.29 65.78
N GLU A 68 -26.75 12.04 66.87
CA GLU A 68 -27.72 12.02 67.95
C GLU A 68 -28.88 13.00 67.76
N LYS A 69 -28.65 14.11 67.06
CA LYS A 69 -29.70 15.13 66.95
C LYS A 69 -30.84 14.64 66.08
N ASN A 70 -30.53 13.90 65.03
CA ASN A 70 -31.51 13.26 64.16
C ASN A 70 -31.05 11.85 63.85
N GLN A 71 -31.98 10.91 63.81
CA GLN A 71 -31.64 9.50 63.61
C GLN A 71 -31.36 9.29 62.13
N GLU A 72 -30.17 9.73 61.72
CA GLU A 72 -29.74 9.69 60.33
C GLU A 72 -28.37 9.02 60.25
N LEU A 73 -28.29 7.93 59.50
CA LEU A 73 -27.04 7.23 59.31
C LEU A 73 -26.14 7.99 58.34
N ARG A 74 -24.84 7.85 58.53
CA ARG A 74 -23.88 8.45 57.60
C ARG A 74 -22.55 7.74 57.76
N TRP A 75 -21.73 7.87 56.73
CA TRP A 75 -20.38 7.32 56.75
C TRP A 75 -19.45 8.28 57.49
N MET A 76 -18.68 7.75 58.42
CA MET A 76 -17.67 8.54 59.11
C MET A 76 -16.30 7.90 59.05
N GLU A 77 -15.28 8.73 58.82
CA GLU A 77 -13.92 8.24 58.78
C GLU A 77 -13.46 7.93 60.21
N ALA A 78 -12.50 7.03 60.31
CA ALA A 78 -12.02 6.64 61.63
C ALA A 78 -10.51 6.72 61.77
N ALA A 79 -9.77 6.51 60.68
CA ALA A 79 -8.32 6.55 60.77
C ALA A 79 -7.73 6.71 59.39
N ARG A 80 -6.45 7.11 59.36
CA ARG A 80 -5.72 7.29 58.12
C ARG A 80 -4.35 6.63 58.24
N TRP A 81 -3.76 6.35 57.09
CA TRP A 81 -2.54 5.55 56.97
C TRP A 81 -1.54 6.21 56.04
N VAL A 82 -1.26 7.49 56.27
CA VAL A 82 -0.22 8.17 55.49
C VAL A 82 1.12 7.46 55.70
N GLN A 83 1.61 7.44 56.92
CA GLN A 83 2.82 6.72 57.31
C GLN A 83 2.51 5.65 58.33
N LEU A 84 1.76 6.00 59.37
CA LEU A 84 1.38 5.10 60.44
C LEU A 84 -0.11 5.26 60.64
N GLU A 85 -0.70 4.35 61.40
CA GLU A 85 -2.12 4.45 61.67
C GLU A 85 -2.38 5.63 62.62
N GLU A 86 -3.24 6.54 62.19
CA GLU A 86 -3.58 7.71 62.99
C GLU A 86 -5.10 7.74 63.11
N ASN A 87 -5.58 7.59 64.32
CA ASN A 87 -6.99 7.39 64.61
C ASN A 87 -7.66 8.70 64.99
N LEU A 88 -8.98 8.72 64.91
CA LEU A 88 -9.78 9.90 65.18
C LEU A 88 -10.58 9.64 66.45
N GLY A 89 -10.39 10.49 67.45
CA GLY A 89 -11.07 10.35 68.72
C GLY A 89 -12.50 10.84 68.67
N GLU A 90 -13.19 10.64 69.78
CA GLU A 90 -14.58 11.07 69.89
C GLU A 90 -14.71 12.58 69.92
N ASN A 91 -13.69 13.28 70.43
CA ASN A 91 -13.72 14.74 70.44
C ASN A 91 -13.49 15.33 69.06
N GLY A 92 -13.00 14.54 68.12
CA GLY A 92 -12.78 15.01 66.77
C GLY A 92 -11.35 15.42 66.48
N ALA A 93 -10.41 15.13 67.37
CA ALA A 93 -9.02 15.50 67.20
C ALA A 93 -8.18 14.26 66.93
N TRP A 94 -7.26 14.37 65.98
CA TRP A 94 -6.38 13.26 65.64
C TRP A 94 -5.26 13.14 66.66
N GLY A 95 -4.87 11.91 66.93
CA GLY A 95 -3.82 11.62 67.90
C GLY A 95 -2.47 11.46 67.25
N ARG A 96 -1.64 10.63 67.87
CA ARG A 96 -0.26 10.39 67.46
C ARG A 96 -0.20 9.23 66.47
N PRO A 97 0.70 9.29 65.50
CA PRO A 97 0.95 8.11 64.67
C PRO A 97 1.62 7.02 65.48
N HIS A 98 1.38 5.78 65.08
CA HIS A 98 1.91 4.63 65.80
C HIS A 98 1.82 3.42 64.90
N LEU A 99 2.52 2.36 65.32
CA LEU A 99 2.56 1.14 64.52
C LEU A 99 1.20 0.46 64.45
N SER A 100 1.05 -0.39 63.43
CA SER A 100 -0.20 -1.07 63.13
C SER A 100 -0.14 -2.51 63.63
N HIS A 101 -0.91 -2.80 64.68
CA HIS A 101 -1.08 -4.16 65.18
C HIS A 101 -2.52 -4.62 64.98
N LEU A 102 -2.69 -5.89 64.62
CA LEU A 102 -4.02 -6.41 64.34
C LEU A 102 -4.42 -7.45 65.36
N THR A 103 -5.59 -8.07 65.14
CA THR A 103 -6.03 -9.21 65.91
C THR A 103 -6.23 -10.41 65.02
N PHE A 104 -6.13 -11.60 65.62
CA PHE A 104 -6.12 -12.82 64.83
C PHE A 104 -7.47 -13.08 64.16
N TRP A 105 -8.56 -12.75 64.83
CA TRP A 105 -9.86 -12.96 64.20
C TRP A 105 -10.01 -12.11 62.96
N SER A 106 -9.43 -10.93 62.95
CA SER A 106 -9.50 -10.08 61.78
C SER A 106 -8.83 -10.75 60.59
N LEU A 107 -7.64 -11.30 60.79
CA LEU A 107 -6.94 -11.92 59.67
C LEU A 107 -7.63 -13.21 59.23
N LEU A 108 -8.14 -13.98 60.17
CA LEU A 108 -8.87 -15.19 59.81
C LEU A 108 -10.09 -14.89 58.97
N GLU A 109 -10.93 -13.95 59.43
CA GLU A 109 -12.12 -13.63 58.67
C GLU A 109 -11.78 -12.94 57.36
N LEU A 110 -10.67 -12.20 57.31
CA LEU A 110 -10.28 -11.59 56.06
C LEU A 110 -9.88 -12.63 55.04
N ARG A 111 -9.13 -13.65 55.47
CA ARG A 111 -8.81 -14.72 54.53
C ARG A 111 -10.07 -15.46 54.10
N ARG A 112 -10.96 -15.75 55.04
CA ARG A 112 -12.16 -16.50 54.67
C ARG A 112 -13.04 -15.72 53.71
N VAL A 113 -13.22 -14.42 53.94
CA VAL A 113 -14.13 -13.66 53.11
C VAL A 113 -13.47 -13.24 51.80
N PHE A 114 -12.14 -13.16 51.77
CA PHE A 114 -11.45 -12.88 50.52
C PHE A 114 -11.31 -14.12 49.67
N THR A 115 -11.40 -15.31 50.27
CA THR A 115 -11.36 -16.53 49.49
C THR A 115 -12.59 -16.66 48.61
N LYS A 116 -13.73 -16.14 49.07
CA LYS A 116 -14.98 -16.22 48.33
C LYS A 116 -15.48 -14.83 47.97
N GLY A 117 -14.57 -13.86 47.89
CA GLY A 117 -14.94 -12.50 47.60
C GLY A 117 -15.21 -12.25 46.13
N THR A 118 -15.57 -11.01 45.83
CA THR A 118 -15.91 -10.60 44.48
C THR A 118 -14.95 -9.49 44.05
N VAL A 119 -14.36 -9.65 42.88
CA VAL A 119 -13.38 -8.71 42.37
C VAL A 119 -13.93 -8.07 41.10
N LEU A 120 -13.57 -6.80 40.90
CA LEU A 120 -13.94 -6.05 39.70
C LEU A 120 -12.74 -5.23 39.25
N LEU A 121 -12.06 -5.69 38.19
CA LEU A 121 -10.82 -5.09 37.74
C LEU A 121 -11.03 -4.25 36.48
N ASP A 122 -10.37 -3.09 36.42
CA ASP A 122 -10.44 -2.17 35.29
C ASP A 122 -11.86 -1.68 35.01
N LEU A 123 -12.60 -1.34 36.06
CA LEU A 123 -13.91 -0.74 35.87
C LEU A 123 -13.78 0.64 35.24
N GLN A 124 -14.72 0.96 34.36
CA GLN A 124 -14.69 2.22 33.60
C GLN A 124 -15.82 3.08 34.14
N GLU A 125 -15.52 3.87 35.16
CA GLU A 125 -16.51 4.71 35.82
C GLU A 125 -15.91 6.07 36.14
N THR A 126 -16.81 7.00 36.46
CA THR A 126 -16.40 8.32 36.91
C THR A 126 -17.19 8.81 38.11
N SER A 127 -18.24 8.12 38.52
CA SER A 127 -19.04 8.55 39.64
C SER A 127 -19.39 7.35 40.50
N LEU A 128 -19.65 7.61 41.78
CA LEU A 128 -19.82 6.53 42.73
C LEU A 128 -21.08 5.73 42.47
N ALA A 129 -22.10 6.35 41.88
CA ALA A 129 -23.35 5.65 41.64
C ALA A 129 -23.17 4.51 40.64
N GLY A 130 -22.36 4.73 39.61
CA GLY A 130 -22.12 3.67 38.65
C GLY A 130 -21.33 2.52 39.25
N VAL A 131 -20.33 2.84 40.07
CA VAL A 131 -19.57 1.79 40.74
C VAL A 131 -20.48 0.99 41.65
N ALA A 132 -21.36 1.66 42.38
CA ALA A 132 -22.29 0.96 43.25
C ALA A 132 -23.21 0.05 42.46
N ASN A 133 -23.74 0.53 41.33
CA ASN A 133 -24.66 -0.29 40.56
C ASN A 133 -23.97 -1.51 39.97
N GLN A 134 -22.77 -1.33 39.44
CA GLN A 134 -22.07 -2.48 38.87
C GLN A 134 -21.67 -3.47 39.95
N LEU A 135 -21.26 -2.98 41.12
CA LEU A 135 -20.91 -3.88 42.20
C LEU A 135 -22.13 -4.65 42.68
N LEU A 136 -23.28 -4.01 42.77
CA LEU A 136 -24.48 -4.71 43.18
C LEU A 136 -24.91 -5.74 42.16
N ASP A 137 -24.76 -5.43 40.88
CA ASP A 137 -25.11 -6.41 39.87
C ASP A 137 -24.16 -7.60 39.93
N ARG A 138 -22.88 -7.35 40.18
CA ARG A 138 -21.95 -8.46 40.29
C ARG A 138 -22.20 -9.28 41.55
N PHE A 139 -22.66 -8.64 42.62
CA PHE A 139 -23.06 -9.38 43.80
C PHE A 139 -24.24 -10.29 43.48
N ILE A 140 -25.23 -9.77 42.75
CA ILE A 140 -26.39 -10.59 42.44
C ILE A 140 -25.98 -11.74 41.56
N PHE A 141 -24.98 -11.55 40.71
CA PHE A 141 -24.61 -12.62 39.79
C PHE A 141 -24.04 -13.83 40.50
N GLU A 142 -23.24 -13.64 41.55
CA GLU A 142 -22.62 -14.77 42.23
C GLU A 142 -23.43 -15.28 43.41
N ASP A 143 -24.66 -14.85 43.56
CA ASP A 143 -25.52 -15.26 44.67
C ASP A 143 -24.89 -14.96 46.03
N GLN A 144 -24.40 -13.74 46.18
CA GLN A 144 -23.93 -13.31 47.48
C GLN A 144 -25.08 -12.83 48.35
N ILE A 145 -25.97 -12.03 47.77
CA ILE A 145 -27.12 -11.47 48.46
C ILE A 145 -28.38 -11.79 47.68
N ARG A 146 -29.52 -11.62 48.34
CA ARG A 146 -30.78 -11.89 47.68
C ARG A 146 -31.22 -10.69 46.85
N PRO A 147 -31.95 -10.92 45.75
CA PRO A 147 -32.29 -9.81 44.85
C PRO A 147 -33.18 -8.78 45.50
N GLN A 148 -33.95 -9.15 46.50
CA GLN A 148 -34.84 -8.24 47.18
C GLN A 148 -34.12 -7.31 48.13
N ASP A 149 -32.81 -7.47 48.30
CA ASP A 149 -32.02 -6.58 49.14
C ASP A 149 -31.26 -5.54 48.34
N ARG A 150 -31.39 -5.55 47.01
CA ARG A 150 -30.62 -4.64 46.17
C ARG A 150 -31.02 -3.19 46.44
N GLU A 151 -32.31 -2.95 46.66
CA GLU A 151 -32.80 -1.61 46.88
C GLU A 151 -32.23 -1.03 48.16
N GLU A 152 -32.18 -1.83 49.22
CA GLU A 152 -31.71 -1.31 50.49
C GLU A 152 -30.23 -0.98 50.44
N LEU A 153 -29.43 -1.84 49.82
CA LEU A 153 -28.01 -1.55 49.74
C LEU A 153 -27.72 -0.36 48.83
N LEU A 154 -28.47 -0.23 47.74
CA LEU A 154 -28.24 0.94 46.89
C LEU A 154 -28.66 2.23 47.58
N ARG A 155 -29.71 2.19 48.40
CA ARG A 155 -30.03 3.36 49.19
C ARG A 155 -28.98 3.62 50.26
N ALA A 156 -28.36 2.58 50.79
CA ALA A 156 -27.38 2.75 51.84
C ALA A 156 -26.10 3.38 51.29
N LEU A 157 -25.63 2.88 50.16
CA LEU A 157 -24.31 3.26 49.68
C LEU A 157 -24.26 4.65 49.05
N LEU A 158 -25.37 5.38 49.01
CA LEU A 158 -25.41 6.67 48.33
C LEU A 158 -25.66 7.83 49.28
N LEU A 159 -25.53 7.62 50.58
CA LEU A 159 -25.74 8.71 51.52
C LEU A 159 -24.57 9.70 51.44
N LYS A 160 -24.74 10.84 52.10
CA LYS A 160 -23.70 11.86 52.07
C LYS A 160 -22.53 11.47 52.95
N HIS A 161 -21.34 11.87 52.54
CA HIS A 161 -20.10 11.55 53.23
C HIS A 161 -19.53 12.82 53.84
N SER A 162 -19.64 12.94 55.15
CA SER A 162 -19.16 14.13 55.86
C SER A 162 -17.64 14.09 55.98
N HIS A 163 -17.09 15.07 56.69
CA HIS A 163 -15.65 15.17 56.87
C HIS A 163 -15.38 15.63 58.30
N ALA A 164 -14.11 15.89 58.60
CA ALA A 164 -13.70 16.18 59.97
C ALA A 164 -14.21 17.54 60.47
N GLY A 165 -14.51 18.46 59.56
CA GLY A 165 -14.93 19.79 59.97
C GLY A 165 -16.34 19.84 60.54
N GLU A 166 -17.21 18.92 60.11
CA GLU A 166 -18.62 18.96 60.46
C GLU A 166 -18.94 18.27 61.79
N LEU A 167 -18.00 17.54 62.39
CA LEU A 167 -18.32 16.73 63.56
C LEU A 167 -18.79 17.58 64.72
N GLU A 168 -18.12 18.70 64.98
CA GLU A 168 -18.56 19.57 66.06
C GLU A 168 -19.89 20.24 65.74
N ALA A 169 -20.23 20.36 64.46
CA ALA A 169 -21.57 20.79 64.08
C ALA A 169 -22.60 19.69 64.32
N LEU A 170 -22.18 18.42 64.27
CA LEU A 170 -23.13 17.33 64.43
C LEU A 170 -23.45 17.03 65.88
N GLY A 171 -22.53 17.34 66.81
CA GLY A 171 -22.78 17.08 68.20
C GLY A 171 -22.52 15.66 68.64
N GLY A 172 -21.80 14.89 67.84
CA GLY A 172 -21.51 13.51 68.19
C GLY A 172 -22.30 12.54 67.32
N VAL A 173 -21.69 11.37 67.08
CA VAL A 173 -22.32 10.31 66.25
C VAL A 173 -22.22 8.97 66.99
N LYS A 174 -23.13 8.03 66.69
CA LYS A 174 -23.14 6.69 67.35
C LYS A 174 -23.35 5.60 66.28
N PRO A 175 -22.87 4.36 66.50
CA PRO A 175 -23.04 3.28 65.53
C PRO A 175 -24.51 3.08 65.14
N ALA A 176 -24.78 2.87 63.83
CA ALA A 176 -26.17 2.70 63.34
C ALA A 176 -26.21 1.57 62.31
N VAL A 177 -26.83 0.44 62.68
CA VAL A 177 -26.94 -0.70 61.79
C VAL A 177 -28.25 -0.55 61.02
N LEU A 178 -28.23 -0.95 59.75
CA LEU A 178 -29.39 -0.73 58.90
C LEU A 178 -30.49 -1.76 59.20
N THR A 179 -31.69 -1.44 58.74
CA THR A 179 -32.85 -2.30 58.88
C THR A 179 -33.61 -2.34 57.56
N ARG A 180 -34.43 -3.38 57.39
CA ARG A 180 -35.17 -3.55 56.14
C ARG A 180 -36.10 -2.36 55.87
N SER A 181 -36.79 -1.87 56.89
CA SER A 181 -37.65 -0.70 56.71
C SER A 181 -36.87 0.59 56.54
N GLY A 182 -35.58 0.60 56.82
CA GLY A 182 -34.76 1.78 56.73
C GLY A 182 -34.72 2.65 57.96
N ASP A 183 -35.38 2.25 59.05
CA ASP A 183 -35.34 3.05 60.26
C ASP A 183 -34.10 2.71 61.08
N PRO A 184 -33.41 3.70 61.63
CA PRO A 184 -32.22 3.41 62.43
C PRO A 184 -32.61 2.91 63.82
N SER A 185 -31.74 2.05 64.36
CA SER A 185 -31.91 1.53 65.71
C SER A 185 -30.54 1.24 66.29
N GLN A 186 -30.52 0.93 67.58
CA GLN A 186 -29.27 0.57 68.22
C GLN A 186 -28.97 -0.91 68.01
N PRO A 187 -27.73 -1.26 67.67
CA PRO A 187 -27.41 -2.67 67.40
C PRO A 187 -27.38 -3.52 68.66
N LEU A 188 -27.76 -4.79 68.47
CA LEU A 188 -27.79 -5.78 69.56
C LEU A 188 -26.41 -6.42 69.71
N LEU A 189 -25.47 -5.62 70.23
CA LEU A 189 -24.10 -6.06 70.41
C LEU A 189 -23.47 -5.15 71.45
N PRO A 190 -22.46 -5.63 72.17
CA PRO A 190 -21.79 -4.77 73.16
C PRO A 190 -21.12 -3.58 72.47
N GLN A 191 -21.39 -2.39 72.99
CA GLN A 191 -20.93 -1.14 72.39
C GLN A 191 -19.69 -0.62 73.09
N HIS A 192 -18.81 -1.54 73.51
CA HIS A 192 -17.52 -1.16 74.08
C HIS A 192 -16.64 -0.51 73.02
N SER A 193 -15.95 0.56 73.42
CA SER A 193 -15.13 1.30 72.48
C SER A 193 -13.84 0.52 72.16
N SER A 194 -13.17 0.96 71.09
CA SER A 194 -11.94 0.32 70.65
C SER A 194 -10.81 0.58 71.63
N LEU A 195 -9.87 -0.35 71.68
CA LEU A 195 -8.72 -0.19 72.58
C LEU A 195 -7.78 0.90 72.08
N GLU A 196 -7.67 1.06 70.75
CA GLU A 196 -6.79 2.08 70.21
C GLU A 196 -7.32 3.47 70.52
N THR A 197 -8.65 3.64 70.53
CA THR A 197 -9.21 4.92 70.95
C THR A 197 -8.97 5.17 72.44
N GLN A 198 -8.97 4.12 73.25
CA GLN A 198 -8.72 4.28 74.68
C GLN A 198 -7.25 4.59 74.96
N LEU A 199 -6.34 4.18 74.07
CA LEU A 199 -4.92 4.31 74.35
C LEU A 199 -4.21 5.41 73.56
N PHE A 200 -4.81 5.94 72.50
CA PHE A 200 -4.10 6.89 71.65
C PHE A 200 -4.77 8.27 71.57
N CYS A 201 -5.85 8.50 72.30
CA CYS A 201 -6.47 9.82 72.30
C CYS A 201 -6.47 10.49 73.65
N GLU A 202 -6.95 9.83 74.70
CA GLU A 202 -7.05 10.44 76.02
C GLU A 202 -5.69 10.50 76.71
N HIS A 211 -3.51 23.91 61.00
CA HIS A 211 -2.18 23.59 60.50
C HIS A 211 -2.01 22.10 60.21
N SER A 212 -2.89 21.29 60.77
CA SER A 212 -2.85 19.86 60.53
C SER A 212 -3.16 19.51 59.07
N PRO A 213 -4.09 20.20 58.40
CA PRO A 213 -4.25 19.93 56.95
C PRO A 213 -3.01 20.27 56.15
N SER A 214 -2.38 21.41 56.42
CA SER A 214 -1.14 21.76 55.70
C SER A 214 0.01 20.83 56.11
N GLY A 215 0.00 20.37 57.36
CA GLY A 215 1.03 19.43 57.79
C GLY A 215 0.94 18.10 57.06
N ILE A 216 -0.26 17.54 56.97
CA ILE A 216 -0.43 16.31 56.21
C ILE A 216 -0.21 16.57 54.72
N LEU A 217 -0.56 17.76 54.24
CA LEU A 217 -0.34 18.08 52.83
C LEU A 217 1.15 18.10 52.49
N GLU A 218 1.96 18.61 53.41
CA GLU A 218 3.41 18.47 53.25
C GLU A 218 3.82 17.01 53.39
N LYS A 219 3.13 16.25 54.24
CA LYS A 219 3.44 14.83 54.35
C LYS A 219 2.89 14.02 53.17
N ILE A 220 1.92 14.54 52.44
CA ILE A 220 1.38 13.80 51.28
C ILE A 220 2.45 13.73 50.20
N PRO A 221 2.74 12.54 49.66
CA PRO A 221 3.67 12.47 48.53
C PRO A 221 3.03 13.06 47.30
N PRO A 222 3.82 13.72 46.44
CA PRO A 222 3.20 14.52 45.37
C PRO A 222 2.46 13.68 44.34
N ASP A 223 2.88 12.44 44.12
CA ASP A 223 2.18 11.52 43.22
C ASP A 223 1.68 10.36 44.05
N SER A 224 0.37 10.28 44.26
CA SER A 224 -0.22 9.27 45.09
C SER A 224 -1.66 9.06 44.65
N GLU A 225 -2.13 7.83 44.83
CA GLU A 225 -3.49 7.48 44.44
C GLU A 225 -4.21 6.88 45.64
N ALA A 226 -5.32 7.48 46.04
CA ALA A 226 -5.93 7.13 47.31
C ALA A 226 -6.67 5.81 47.22
N THR A 227 -6.97 5.27 48.39
CA THR A 227 -7.71 4.01 48.53
C THR A 227 -8.72 4.13 49.65
N LEU A 228 -9.99 4.00 49.31
CA LEU A 228 -11.08 4.14 50.26
C LEU A 228 -11.64 2.77 50.63
N VAL A 229 -11.78 2.53 51.93
CA VAL A 229 -12.40 1.31 52.45
C VAL A 229 -13.64 1.71 53.23
N LEU A 230 -14.76 1.05 52.92
CA LEU A 230 -16.03 1.30 53.58
C LEU A 230 -16.52 0.02 54.23
N VAL A 231 -16.75 0.06 55.54
CA VAL A 231 -17.18 -1.12 56.27
C VAL A 231 -18.37 -0.75 57.14
N GLY A 232 -19.07 -1.78 57.60
CA GLY A 232 -20.21 -1.56 58.49
C GLY A 232 -20.91 -2.86 58.81
N ARG A 233 -22.11 -2.72 59.38
CA ARG A 233 -22.99 -3.84 59.68
C ARG A 233 -24.40 -3.55 59.21
N ALA A 234 -25.03 -4.53 58.59
CA ALA A 234 -26.41 -4.42 58.15
C ALA A 234 -27.15 -5.69 58.56
N ASP A 235 -28.34 -5.52 59.15
CA ASP A 235 -29.03 -6.64 59.78
C ASP A 235 -29.71 -7.57 58.78
N PHE A 236 -30.27 -7.02 57.71
CA PHE A 236 -31.17 -7.79 56.86
C PHE A 236 -30.44 -8.75 55.92
N LEU A 237 -29.12 -8.62 55.80
CA LEU A 237 -28.36 -9.57 55.02
C LEU A 237 -28.15 -10.85 55.80
N GLU A 238 -27.53 -11.84 55.16
CA GLU A 238 -27.37 -13.15 55.77
C GLU A 238 -25.92 -13.59 55.94
N GLN A 239 -24.97 -12.90 55.31
CA GLN A 239 -23.59 -13.31 55.39
C GLN A 239 -22.72 -12.12 55.05
N PRO A 240 -21.48 -12.09 55.52
CA PRO A 240 -20.55 -11.05 55.06
C PRO A 240 -20.20 -11.23 53.60
N VAL A 241 -20.03 -10.12 52.91
CA VAL A 241 -19.69 -10.09 51.49
C VAL A 241 -18.59 -9.08 51.25
N LEU A 242 -17.72 -9.41 50.30
CA LEU A 242 -16.52 -8.65 49.99
C LEU A 242 -16.57 -8.16 48.55
N GLY A 243 -16.06 -6.95 48.34
CA GLY A 243 -15.92 -6.39 47.01
C GLY A 243 -14.62 -5.63 46.87
N PHE A 244 -13.79 -6.04 45.91
CA PHE A 244 -12.52 -5.38 45.63
C PHE A 244 -12.57 -4.84 44.21
N VAL A 245 -12.60 -3.51 44.07
CA VAL A 245 -12.80 -2.88 42.78
C VAL A 245 -11.62 -1.98 42.50
N ARG A 246 -11.06 -2.07 41.29
CA ARG A 246 -9.95 -1.24 40.85
C ARG A 246 -10.36 -0.52 39.59
N LEU A 247 -10.39 0.82 39.65
CA LEU A 247 -10.80 1.56 38.46
C LEU A 247 -9.70 1.51 37.40
N GLN A 248 -10.12 1.76 36.16
CA GLN A 248 -9.20 1.68 35.03
C GLN A 248 -8.21 2.84 35.05
N GLU A 249 -8.71 4.06 35.18
CA GLU A 249 -7.85 5.20 35.42
C GLU A 249 -8.37 5.96 36.63
N ALA A 250 -7.49 6.76 37.21
CA ALA A 250 -7.84 7.49 38.42
C ALA A 250 -8.93 8.51 38.12
N ALA A 251 -9.98 8.51 38.90
CA ALA A 251 -11.11 9.40 38.68
C ALA A 251 -11.42 10.15 39.96
N GLU A 252 -11.87 11.39 39.81
CA GLU A 252 -12.18 12.24 40.95
C GLU A 252 -13.66 12.07 41.30
N LEU A 253 -13.95 11.25 42.30
CA LEU A 253 -15.33 11.10 42.73
C LEU A 253 -15.81 12.37 43.43
N GLU A 254 -16.95 12.89 42.98
CA GLU A 254 -17.50 14.13 43.52
C GLU A 254 -18.21 13.92 44.85
N ALA A 255 -18.68 12.71 45.12
CA ALA A 255 -19.44 12.48 46.35
C ALA A 255 -18.55 12.54 47.58
N VAL A 256 -17.36 11.95 47.49
CA VAL A 256 -16.41 11.91 48.60
C VAL A 256 -15.24 12.82 48.27
N GLU A 257 -14.92 13.71 49.20
CA GLU A 257 -13.84 14.67 49.03
C GLU A 257 -12.55 14.09 49.61
N LEU A 258 -11.69 13.59 48.74
CA LEU A 258 -10.40 13.08 49.11
C LEU A 258 -9.33 13.90 48.40
N PRO A 259 -8.21 14.19 49.07
CA PRO A 259 -7.27 15.16 48.49
C PRO A 259 -6.62 14.67 47.21
N VAL A 260 -6.47 13.37 47.03
CA VAL A 260 -5.98 12.81 45.78
C VAL A 260 -7.07 11.90 45.22
N PRO A 261 -7.02 11.59 43.93
CA PRO A 261 -8.08 10.77 43.34
C PRO A 261 -8.07 9.35 43.88
N ILE A 262 -9.16 8.66 43.62
CA ILE A 262 -9.39 7.31 44.10
C ILE A 262 -8.98 6.31 43.03
N ARG A 263 -8.29 5.25 43.44
CA ARG A 263 -7.93 4.21 42.48
C ARG A 263 -8.53 2.86 42.83
N PHE A 264 -8.58 2.50 44.11
CA PHE A 264 -9.11 1.23 44.55
C PHE A 264 -10.36 1.48 45.39
N LEU A 265 -11.05 0.41 45.72
CA LEU A 265 -12.26 0.54 46.52
C LEU A 265 -12.56 -0.79 47.17
N PHE A 266 -12.65 -0.81 48.50
CA PHE A 266 -12.99 -2.00 49.26
C PHE A 266 -14.36 -1.85 49.89
N VAL A 267 -15.19 -2.87 49.78
CA VAL A 267 -16.49 -2.86 50.42
C VAL A 267 -16.64 -4.18 51.15
N LEU A 268 -16.83 -4.13 52.46
CA LEU A 268 -17.04 -5.33 53.26
C LEU A 268 -18.29 -5.08 54.09
N LEU A 269 -19.35 -5.83 53.81
CA LEU A 269 -20.59 -5.57 54.52
C LEU A 269 -21.30 -6.88 54.87
N GLY A 270 -22.06 -6.85 55.97
CA GLY A 270 -22.76 -8.03 56.40
C GLY A 270 -23.42 -7.89 57.76
N PRO A 271 -23.96 -9.00 58.26
CA PRO A 271 -24.68 -8.97 59.53
C PRO A 271 -23.80 -9.17 60.75
N GLU A 272 -24.43 -9.23 61.92
CA GLU A 272 -23.74 -9.42 63.18
C GLU A 272 -23.47 -10.90 63.42
N ALA A 273 -22.20 -11.27 63.49
CA ALA A 273 -21.73 -12.64 63.48
C ALA A 273 -20.68 -12.86 64.57
N PRO A 274 -20.55 -14.09 65.06
CA PRO A 274 -19.53 -14.37 66.07
C PRO A 274 -18.13 -14.32 65.47
N HIS A 275 -17.18 -13.92 66.31
CA HIS A 275 -15.78 -13.77 65.91
C HIS A 275 -15.62 -12.79 64.76
N ILE A 276 -16.41 -11.72 64.77
CA ILE A 276 -16.32 -10.72 63.71
C ILE A 276 -16.46 -9.33 64.30
N ASP A 277 -15.45 -8.49 64.08
CA ASP A 277 -15.51 -7.07 64.39
C ASP A 277 -15.18 -6.32 63.11
N TYR A 278 -16.13 -5.52 62.64
CA TYR A 278 -15.95 -4.91 61.33
C TYR A 278 -14.88 -3.82 61.33
N THR A 279 -14.72 -3.11 62.44
CA THR A 279 -13.70 -2.09 62.50
C THR A 279 -12.30 -2.67 62.43
N GLN A 280 -12.04 -3.74 63.16
CA GLN A 280 -10.72 -4.35 63.08
C GLN A 280 -10.50 -5.02 61.73
N LEU A 281 -11.57 -5.52 61.10
CA LEU A 281 -11.42 -6.10 59.78
C LEU A 281 -11.04 -5.03 58.77
N GLY A 282 -11.65 -3.87 58.88
CA GLY A 282 -11.27 -2.76 58.03
C GLY A 282 -9.86 -2.30 58.31
N ARG A 283 -9.45 -2.30 59.57
CA ARG A 283 -8.08 -1.95 59.89
C ARG A 283 -7.11 -2.93 59.27
N ALA A 284 -7.47 -4.21 59.24
CA ALA A 284 -6.62 -5.20 58.61
C ALA A 284 -6.55 -4.96 57.11
N ALA A 285 -7.67 -4.56 56.51
CA ALA A 285 -7.67 -4.25 55.09
C ALA A 285 -6.78 -3.06 54.80
N ALA A 286 -6.82 -2.05 55.67
CA ALA A 286 -5.97 -0.88 55.47
C ALA A 286 -4.50 -1.24 55.62
N THR A 287 -4.17 -2.10 56.57
CA THR A 287 -2.78 -2.52 56.71
C THR A 287 -2.35 -3.36 55.51
N LEU A 288 -3.28 -4.08 54.89
CA LEU A 288 -2.96 -4.72 53.63
C LEU A 288 -2.63 -3.69 52.57
N MET A 289 -3.49 -2.69 52.43
CA MET A 289 -3.32 -1.74 51.34
C MET A 289 -2.10 -0.86 51.54
N SER A 290 -1.61 -0.73 52.76
CA SER A 290 -0.45 0.11 53.00
C SER A 290 0.87 -0.56 52.66
N GLU A 291 0.87 -1.83 52.27
CA GLU A 291 2.12 -2.52 51.99
C GLU A 291 2.56 -2.34 50.55
N ARG A 292 3.88 -2.41 50.35
CA ARG A 292 4.44 -2.16 49.03
C ARG A 292 4.15 -3.31 48.07
N VAL A 293 4.56 -4.52 48.45
CA VAL A 293 4.52 -5.65 47.52
C VAL A 293 3.09 -6.06 47.23
N PHE A 294 2.20 -5.96 48.22
CA PHE A 294 0.81 -6.33 48.01
C PHE A 294 0.14 -5.35 47.05
N ARG A 295 0.47 -4.06 47.16
CA ARG A 295 -0.15 -3.12 46.25
C ARG A 295 0.49 -3.20 44.86
N ILE A 296 1.74 -3.64 44.80
CA ILE A 296 2.35 -3.88 43.49
C ILE A 296 1.66 -5.05 42.81
N ASP A 297 1.38 -6.11 43.55
CA ASP A 297 0.64 -7.21 42.98
C ASP A 297 -0.79 -6.81 42.64
N ALA A 298 -1.36 -5.87 43.39
CA ALA A 298 -2.70 -5.39 43.04
C ALA A 298 -2.69 -4.59 41.74
N TYR A 299 -1.63 -3.84 41.50
CA TYR A 299 -1.49 -3.19 40.19
C TYR A 299 -1.26 -4.22 39.09
N MET A 300 -0.50 -5.28 39.38
CA MET A 300 -0.25 -6.31 38.39
C MET A 300 -1.31 -7.39 38.40
N ALA A 301 -2.36 -7.23 39.19
CA ALA A 301 -3.37 -8.28 39.30
C ALA A 301 -4.22 -8.34 38.04
N GLN A 302 -4.66 -9.54 37.69
CA GLN A 302 -5.60 -9.69 36.59
C GLN A 302 -6.69 -10.69 36.92
N SER A 303 -6.61 -11.41 38.03
CA SER A 303 -7.64 -12.35 38.46
C SER A 303 -7.54 -12.47 39.97
N ARG A 304 -8.49 -13.22 40.54
CA ARG A 304 -8.52 -13.38 41.99
C ARG A 304 -7.41 -14.28 42.49
N GLY A 305 -6.89 -15.16 41.63
CA GLY A 305 -5.85 -16.07 42.06
C GLY A 305 -4.57 -15.37 42.44
N GLU A 306 -4.21 -14.33 41.70
CA GLU A 306 -2.99 -13.59 42.03
C GLU A 306 -3.13 -12.89 43.36
N LEU A 307 -4.30 -12.32 43.64
CA LEU A 307 -4.51 -11.68 44.93
C LEU A 307 -4.45 -12.68 46.07
N LEU A 308 -5.08 -13.84 45.89
CA LEU A 308 -5.02 -14.83 46.96
C LEU A 308 -3.59 -15.31 47.18
N HIS A 309 -2.83 -15.47 46.10
CA HIS A 309 -1.44 -15.88 46.25
C HIS A 309 -0.62 -14.81 46.95
N SER A 310 -0.86 -13.54 46.65
CA SER A 310 -0.12 -12.48 47.31
C SER A 310 -0.52 -12.36 48.78
N LEU A 311 -1.79 -12.62 49.11
CA LEU A 311 -2.18 -12.61 50.51
C LEU A 311 -1.54 -13.76 51.26
N GLU A 312 -1.45 -14.93 50.64
CA GLU A 312 -0.74 -16.03 51.26
C GLU A 312 0.72 -15.66 51.51
N GLY A 313 1.37 -15.05 50.53
CA GLY A 313 2.74 -14.64 50.72
C GLY A 313 2.91 -13.57 51.78
N PHE A 314 1.93 -12.67 51.91
CA PHE A 314 1.99 -11.67 52.98
C PHE A 314 1.80 -12.29 54.36
N LEU A 315 0.85 -13.20 54.50
CA LEU A 315 0.61 -13.78 55.81
C LEU A 315 1.72 -14.77 56.20
N ASP A 316 2.46 -15.26 55.22
CA ASP A 316 3.55 -16.18 55.51
C ASP A 316 4.71 -15.50 56.22
N CYS A 317 4.71 -14.18 56.30
CA CYS A 317 5.84 -13.44 56.82
C CYS A 317 5.40 -12.51 57.94
N SER A 318 4.59 -13.05 58.85
CA SER A 318 4.18 -12.33 60.04
C SER A 318 4.62 -13.14 61.26
N LEU A 319 4.67 -12.47 62.41
CA LEU A 319 4.99 -13.12 63.67
C LEU A 319 3.92 -12.82 64.70
N VAL A 320 3.45 -13.85 65.39
CA VAL A 320 2.39 -13.71 66.37
C VAL A 320 3.00 -13.76 67.76
N LEU A 321 2.46 -12.96 68.68
CA LEU A 321 3.00 -12.86 70.03
C LEU A 321 2.01 -13.45 71.03
N PRO A 322 2.40 -14.48 71.77
CA PRO A 322 1.50 -15.04 72.78
C PRO A 322 1.51 -14.18 74.03
N PRO A 323 0.55 -14.37 74.93
CA PRO A 323 0.57 -13.64 76.19
C PRO A 323 1.70 -14.06 77.12
N THR A 324 2.64 -13.17 77.38
CA THR A 324 3.82 -13.46 78.19
C THR A 324 3.89 -12.47 79.35
N ASP A 325 4.35 -12.94 80.51
CA ASP A 325 4.51 -12.11 81.69
C ASP A 325 5.86 -11.42 81.77
N ALA A 326 6.63 -11.43 80.68
CA ALA A 326 7.94 -10.81 80.70
C ALA A 326 7.82 -9.28 80.78
N PRO A 327 8.89 -8.61 81.19
CA PRO A 327 8.92 -7.15 81.04
C PRO A 327 8.73 -6.76 79.58
N SER A 328 7.84 -5.81 79.37
CA SER A 328 7.31 -5.57 78.02
C SER A 328 8.37 -4.95 77.11
N GLU A 329 9.20 -4.04 77.62
CA GLU A 329 10.24 -3.48 76.76
C GLU A 329 11.27 -4.53 76.35
N GLN A 330 11.65 -5.41 77.27
CA GLN A 330 12.62 -6.44 76.91
C GLN A 330 12.01 -7.46 75.95
N ALA A 331 10.74 -7.79 76.17
CA ALA A 331 10.05 -8.70 75.25
C ALA A 331 9.94 -8.08 73.87
N LEU A 332 9.61 -6.80 73.78
CA LEU A 332 9.49 -6.14 72.50
C LEU A 332 10.84 -5.95 71.81
N LEU A 333 11.91 -5.79 72.59
CA LEU A 333 13.22 -5.59 71.98
C LEU A 333 13.87 -6.90 71.56
N SER A 334 13.39 -8.03 72.07
CA SER A 334 13.95 -9.30 71.63
C SER A 334 13.54 -9.68 70.22
N LEU A 335 12.45 -9.10 69.70
CA LEU A 335 11.93 -9.49 68.39
C LEU A 335 12.71 -8.93 67.21
N VAL A 336 13.55 -7.91 67.43
CA VAL A 336 14.00 -7.08 66.31
C VAL A 336 14.76 -7.86 65.25
N PRO A 337 15.78 -8.66 65.58
CA PRO A 337 16.49 -9.38 64.51
C PRO A 337 15.65 -10.48 63.89
N VAL A 338 14.69 -11.05 64.63
CA VAL A 338 13.77 -12.00 64.02
C VAL A 338 12.94 -11.31 62.94
N GLN A 339 12.43 -10.13 63.23
CA GLN A 339 11.67 -9.38 62.25
C GLN A 339 12.54 -8.95 61.08
N ARG A 340 13.79 -8.60 61.35
CA ARG A 340 14.70 -8.22 60.27
C ARG A 340 14.95 -9.40 59.33
N GLU A 341 15.15 -10.59 59.88
CA GLU A 341 15.36 -11.75 59.03
C GLU A 341 14.11 -12.09 58.24
N LEU A 342 12.95 -11.97 58.88
CA LEU A 342 11.70 -12.23 58.17
C LEU A 342 11.48 -11.24 57.04
N LEU A 343 11.82 -9.97 57.27
CA LEU A 343 11.61 -8.97 56.24
C LEU A 343 12.63 -9.12 55.11
N ARG A 344 13.82 -9.65 55.44
CA ARG A 344 14.75 -10.00 54.37
C ARG A 344 14.23 -11.19 53.56
N ARG A 345 13.60 -12.15 54.24
CA ARG A 345 13.08 -13.31 53.54
C ARG A 345 11.88 -12.97 52.67
N ARG A 346 11.05 -12.02 53.10
CA ARG A 346 9.82 -11.73 52.37
C ARG A 346 10.12 -11.11 51.01
N TYR A 347 11.10 -10.22 50.96
CA TYR A 347 11.38 -9.45 49.75
C TYR A 347 12.05 -10.29 48.66
N GLN A 348 12.42 -11.53 48.96
CA GLN A 348 13.05 -12.39 47.98
C GLN A 348 12.06 -12.84 46.92
N ASP A 369 22.90 -10.37 14.32
CA ASP A 369 24.24 -10.31 13.74
C ASP A 369 25.31 -10.49 14.81
N ASP A 370 26.42 -11.10 14.42
CA ASP A 370 27.53 -11.31 15.34
C ASP A 370 28.77 -10.59 14.84
N PRO A 371 29.50 -9.89 15.71
CA PRO A 371 30.74 -9.25 15.27
C PRO A 371 31.78 -10.24 14.79
N LEU A 372 31.80 -11.44 15.39
CA LEU A 372 32.65 -12.53 14.96
C LEU A 372 31.76 -13.68 14.48
N GLN A 373 32.04 -14.18 13.28
CA GLN A 373 31.20 -15.21 12.68
C GLN A 373 31.88 -15.72 11.42
N GLN A 374 31.68 -17.01 11.14
CA GLN A 374 32.25 -17.62 9.95
C GLN A 374 31.29 -17.42 8.79
N THR A 375 31.75 -16.73 7.74
CA THR A 375 30.93 -16.41 6.59
C THR A 375 31.51 -17.11 5.36
N GLY A 376 30.63 -17.50 4.44
CA GLY A 376 31.10 -18.26 3.29
C GLY A 376 31.77 -17.46 2.20
N GLN A 377 32.16 -16.22 2.47
CA GLN A 377 32.77 -15.36 1.46
C GLN A 377 34.17 -14.97 1.89
N LEU A 378 35.00 -14.65 0.89
CA LEU A 378 36.31 -14.08 1.13
C LEU A 378 36.20 -12.66 1.67
N PHE A 379 36.99 -12.36 2.70
CA PHE A 379 37.08 -11.02 3.29
C PHE A 379 35.77 -10.53 3.89
N GLY A 380 34.89 -11.45 4.28
CA GLY A 380 33.56 -11.04 4.73
C GLY A 380 33.59 -10.16 5.96
N GLY A 381 34.47 -10.46 6.91
CA GLY A 381 34.46 -9.73 8.17
C GLY A 381 34.76 -8.26 8.00
N LEU A 382 35.72 -7.93 7.12
CA LEU A 382 36.10 -6.53 6.92
C LEU A 382 34.94 -5.71 6.39
N VAL A 383 34.27 -6.20 5.34
CA VAL A 383 33.13 -5.49 4.78
C VAL A 383 32.00 -5.40 5.80
N ARG A 384 31.77 -6.48 6.55
CA ARG A 384 30.73 -6.48 7.57
C ARG A 384 30.98 -5.38 8.60
N ASP A 385 32.22 -5.28 9.08
CA ASP A 385 32.56 -4.30 10.09
C ASP A 385 32.48 -2.88 9.53
N ILE A 386 32.92 -2.67 8.28
CA ILE A 386 32.82 -1.36 7.67
C ILE A 386 31.36 -0.92 7.57
N ARG A 387 30.51 -1.79 7.02
CA ARG A 387 29.10 -1.46 6.86
C ARG A 387 28.44 -1.25 8.22
N ARG A 388 28.90 -1.93 9.26
CA ARG A 388 28.32 -1.77 10.57
C ARG A 388 28.74 -0.45 11.22
N ARG A 389 30.01 -0.07 11.07
CA ARG A 389 30.54 1.05 11.84
C ARG A 389 30.44 2.39 11.13
N TYR A 390 30.83 2.47 9.85
CA TYR A 390 31.03 3.78 9.22
C TYR A 390 29.79 4.67 9.12
N PRO A 391 28.56 4.15 9.09
CA PRO A 391 27.39 5.07 9.12
C PRO A 391 27.30 5.96 10.35
N TYR A 392 28.14 5.74 11.38
CA TYR A 392 28.08 6.53 12.61
C TYR A 392 29.11 7.67 12.65
N TYR A 393 29.61 8.09 11.49
CA TYR A 393 30.76 8.99 11.50
C TYR A 393 30.39 10.39 11.96
N LEU A 394 29.23 10.90 11.52
CA LEU A 394 28.80 12.24 11.94
C LEU A 394 28.52 12.28 13.44
N SER A 395 27.91 11.22 13.97
CA SER A 395 27.68 11.16 15.42
C SER A 395 29.01 11.06 16.17
N ASP A 396 29.97 10.31 15.62
CA ASP A 396 31.29 10.22 16.24
C ASP A 396 31.97 11.58 16.27
N ILE A 397 31.73 12.39 15.24
CA ILE A 397 32.29 13.74 15.21
C ILE A 397 31.58 14.63 16.22
N THR A 398 30.26 14.53 16.30
CA THR A 398 29.49 15.48 17.08
C THR A 398 29.59 15.22 18.59
N ASP A 399 29.69 13.96 18.99
CA ASP A 399 29.65 13.62 20.41
C ASP A 399 30.84 14.18 21.20
N ALA A 400 31.77 14.86 20.55
CA ALA A 400 32.98 15.33 21.20
C ALA A 400 32.87 16.73 21.77
N PHE A 401 31.67 17.32 21.81
CA PHE A 401 31.56 18.73 22.20
C PHE A 401 31.38 18.91 23.70
N SER A 402 31.39 17.83 24.47
CA SER A 402 31.32 17.91 25.92
C SER A 402 32.69 18.22 26.53
N PRO A 403 32.72 18.76 27.75
CA PRO A 403 34.02 19.01 28.39
C PRO A 403 34.66 17.75 28.94
N GLN A 404 33.86 16.70 29.20
CA GLN A 404 34.42 15.43 29.65
C GLN A 404 35.41 14.89 28.62
N VAL A 405 35.17 15.13 27.34
CA VAL A 405 36.13 14.72 26.33
C VAL A 405 37.44 15.46 26.51
N LEU A 406 37.37 16.75 26.86
CA LEU A 406 38.59 17.52 27.10
C LEU A 406 39.36 17.00 28.30
N ALA A 407 38.63 16.67 29.38
CA ALA A 407 39.29 16.09 30.55
C ALA A 407 39.95 14.75 30.22
N ALA A 408 39.25 13.89 29.48
CA ALA A 408 39.82 12.61 29.09
C ALA A 408 41.05 12.81 28.21
N VAL A 409 41.03 13.81 27.34
CA VAL A 409 42.20 14.12 26.52
C VAL A 409 43.37 14.50 27.40
N ILE A 410 43.15 15.41 28.35
CA ILE A 410 44.24 15.88 29.20
C ILE A 410 44.81 14.74 30.04
N PHE A 411 43.95 13.83 30.49
CA PHE A 411 44.42 12.68 31.26
C PHE A 411 45.25 11.73 30.38
N ILE A 412 44.66 11.26 29.29
CA ILE A 412 45.32 10.25 28.47
C ILE A 412 46.56 10.79 27.78
N TYR A 413 46.68 12.12 27.60
CA TYR A 413 47.90 12.66 27.02
C TYR A 413 49.11 12.30 27.86
N PHE A 414 49.08 12.65 29.16
CA PHE A 414 50.17 12.29 30.05
C PHE A 414 50.27 10.78 30.23
N ALA A 415 49.11 10.11 30.37
CA ALA A 415 49.12 8.66 30.58
C ALA A 415 49.82 7.93 29.43
N ALA A 416 49.78 8.49 28.23
CA ALA A 416 50.42 7.87 27.08
C ALA A 416 51.80 8.44 26.80
N LEU A 417 52.07 9.66 27.25
CA LEU A 417 53.37 10.28 27.00
C LEU A 417 54.45 9.71 27.90
N SER A 418 54.13 9.49 29.18
CA SER A 418 55.18 9.06 30.10
C SER A 418 55.80 7.71 29.73
N PRO A 419 55.03 6.63 29.53
CA PRO A 419 55.67 5.35 29.18
C PRO A 419 56.39 5.40 27.85
N ALA A 420 55.93 6.24 26.92
CA ALA A 420 56.64 6.41 25.66
C ALA A 420 58.07 6.88 25.90
N ILE A 421 58.21 7.91 26.74
CA ILE A 421 59.53 8.45 27.05
C ILE A 421 60.38 7.41 27.77
N THR A 422 59.79 6.73 28.76
CA THR A 422 60.55 5.74 29.52
C THR A 422 61.08 4.62 28.61
N PHE A 423 60.18 4.01 27.83
CA PHE A 423 60.60 2.93 26.94
C PHE A 423 61.56 3.43 25.86
N GLY A 424 61.39 4.69 25.41
CA GLY A 424 62.32 5.23 24.43
C GLY A 424 63.72 5.35 24.98
N GLY A 425 63.84 5.90 26.19
CA GLY A 425 65.15 5.98 26.83
C GLY A 425 65.78 4.62 27.05
N LEU A 426 64.97 3.66 27.52
CA LEU A 426 65.51 2.33 27.78
C LEU A 426 65.98 1.66 26.49
N LEU A 427 65.20 1.78 25.42
CA LEU A 427 65.57 1.18 24.15
C LEU A 427 66.76 1.89 23.54
N GLY A 428 66.90 3.19 23.77
CA GLY A 428 68.06 3.90 23.27
C GLY A 428 69.33 3.48 23.96
N GLU A 429 69.26 3.30 25.28
CA GLU A 429 70.44 2.83 26.02
C GLU A 429 70.69 1.34 25.83
N LYS A 430 69.71 0.59 25.33
CA LYS A 430 69.84 -0.85 25.16
C LYS A 430 70.45 -1.27 23.82
N THR A 431 70.11 -0.57 22.74
CA THR A 431 70.54 -0.95 21.39
C THR A 431 71.61 -0.03 20.81
N ARG A 432 72.43 0.59 21.68
CA ARG A 432 73.49 1.49 21.23
C ARG A 432 72.93 2.61 20.36
N ASN A 433 71.78 3.14 20.76
CA ASN A 433 71.16 4.33 20.17
C ASN A 433 70.76 4.12 18.71
N GLN A 434 70.52 2.87 18.31
CA GLN A 434 69.92 2.62 16.99
C GLN A 434 68.51 3.16 16.92
N MET A 435 67.75 2.98 17.99
CA MET A 435 66.40 3.51 18.15
C MET A 435 66.32 4.25 19.47
N GLY A 436 65.67 5.40 19.48
CA GLY A 436 65.69 6.26 20.65
C GLY A 436 64.30 6.76 20.98
N VAL A 437 64.25 8.00 21.46
CA VAL A 437 62.98 8.56 21.91
C VAL A 437 62.19 9.15 20.74
N SER A 438 62.88 9.84 19.83
CA SER A 438 62.20 10.54 18.74
C SER A 438 61.51 9.59 17.78
N GLU A 439 62.16 8.48 17.43
CA GLU A 439 61.53 7.49 16.54
C GLU A 439 60.26 6.95 17.17
N LEU A 440 60.32 6.59 18.45
CA LEU A 440 59.14 6.07 19.14
C LEU A 440 58.02 7.10 19.19
N LEU A 441 58.37 8.37 19.45
CA LEU A 441 57.37 9.41 19.51
C LEU A 441 56.70 9.61 18.15
N ILE A 442 57.49 9.68 17.08
CA ILE A 442 56.93 9.89 15.75
C ILE A 442 56.04 8.72 15.36
N SER A 443 56.49 7.49 15.64
CA SER A 443 55.69 6.31 15.29
C SER A 443 54.38 6.30 16.06
N THR A 444 54.45 6.57 17.37
CA THR A 444 53.23 6.63 18.17
C THR A 444 52.27 7.67 17.64
N ALA A 445 52.79 8.85 17.29
CA ALA A 445 51.93 9.92 16.77
C ALA A 445 51.23 9.49 15.50
N VAL A 446 51.99 8.96 14.53
CA VAL A 446 51.41 8.63 13.24
C VAL A 446 50.42 7.47 13.37
N GLN A 447 50.80 6.42 14.11
CA GLN A 447 49.92 5.28 14.27
C GLN A 447 48.74 5.56 15.19
N GLY A 448 48.76 6.67 15.93
CA GLY A 448 47.59 7.09 16.66
C GLY A 448 46.66 7.89 15.79
N ILE A 449 47.23 8.81 15.01
CA ILE A 449 46.42 9.64 14.11
C ILE A 449 45.67 8.77 13.11
N LEU A 450 46.40 7.88 12.43
CA LEU A 450 45.77 7.06 11.41
C LEU A 450 44.74 6.11 12.01
N PHE A 451 45.04 5.54 13.17
CA PHE A 451 44.08 4.62 13.80
C PHE A 451 42.83 5.34 14.28
N ALA A 452 42.97 6.58 14.76
CA ALA A 452 41.80 7.33 15.18
C ALA A 452 40.99 7.81 13.99
N LEU A 453 41.64 8.05 12.84
CA LEU A 453 40.91 8.51 11.67
C LEU A 453 40.20 7.39 10.94
N LEU A 454 40.85 6.23 10.80
CA LEU A 454 40.30 5.16 9.98
C LEU A 454 39.90 3.92 10.79
N GLY A 455 39.82 4.03 12.10
CA GLY A 455 39.59 2.87 12.93
C GLY A 455 38.12 2.56 13.14
N ALA A 456 37.85 1.32 13.53
CA ALA A 456 36.49 0.91 13.85
C ALA A 456 36.16 1.12 15.32
N GLN A 457 37.15 0.91 16.19
CA GLN A 457 37.00 1.17 17.62
C GLN A 457 37.97 2.28 17.99
N PRO A 458 37.53 3.53 18.02
CA PRO A 458 38.45 4.65 18.27
C PRO A 458 38.75 4.91 19.74
N LEU A 459 38.43 3.97 20.63
CA LEU A 459 38.76 4.08 22.04
C LEU A 459 40.01 3.32 22.41
N LEU A 460 40.66 2.63 21.46
CA LEU A 460 41.90 1.93 21.74
C LEU A 460 43.07 2.90 21.68
N VAL A 461 44.10 2.61 22.47
CA VAL A 461 45.31 3.43 22.53
C VAL A 461 46.51 2.58 22.14
N VAL A 462 47.12 2.90 21.01
CA VAL A 462 48.26 2.16 20.48
C VAL A 462 49.53 2.71 21.10
N GLY A 463 50.50 1.84 21.35
CA GLY A 463 51.76 2.28 21.94
C GLY A 463 52.67 1.09 22.16
N PHE A 464 53.90 1.41 22.55
CA PHE A 464 54.90 0.37 22.79
C PHE A 464 54.59 -0.38 24.08
N SER A 465 54.98 -1.64 24.11
CA SER A 465 54.71 -2.52 25.24
C SER A 465 56.01 -3.06 25.81
N GLY A 466 55.88 -4.00 26.74
CA GLY A 466 57.01 -4.67 27.35
C GLY A 466 57.48 -5.88 26.59
N PRO A 467 56.58 -6.82 26.28
CA PRO A 467 56.99 -7.99 25.48
C PRO A 467 57.62 -7.61 24.15
N LEU A 468 57.17 -6.52 23.51
CA LEU A 468 57.84 -6.07 22.30
C LEU A 468 59.29 -5.67 22.60
N LEU A 469 59.51 -5.02 23.74
CA LEU A 469 60.87 -4.67 24.13
C LEU A 469 61.70 -5.93 24.38
N VAL A 470 61.10 -6.94 25.00
CA VAL A 470 61.81 -8.21 25.23
C VAL A 470 62.20 -8.84 23.90
N PHE A 471 61.28 -8.84 22.93
CA PHE A 471 61.60 -9.42 21.63
C PHE A 471 62.69 -8.62 20.93
N GLU A 472 62.63 -7.29 21.04
CA GLU A 472 63.69 -6.46 20.45
C GLU A 472 65.03 -6.78 21.09
N GLU A 473 65.06 -6.95 22.41
CA GLU A 473 66.29 -7.34 23.09
C GLU A 473 66.83 -8.65 22.54
N ALA A 474 65.97 -9.68 22.46
CA ALA A 474 66.41 -10.98 21.99
C ALA A 474 66.91 -10.90 20.55
N PHE A 475 66.20 -10.18 19.69
CA PHE A 475 66.58 -10.11 18.29
C PHE A 475 67.88 -9.32 18.12
N PHE A 476 68.06 -8.26 18.91
CA PHE A 476 69.31 -7.51 18.84
C PHE A 476 70.47 -8.35 19.33
N SER A 477 70.26 -9.14 20.39
CA SER A 477 71.32 -10.03 20.86
C SER A 477 71.67 -11.06 19.80
N PHE A 478 70.66 -11.61 19.13
CA PHE A 478 70.89 -12.61 18.09
C PHE A 478 71.66 -11.99 16.92
N CYS A 479 71.29 -10.78 16.51
CA CYS A 479 72.00 -10.15 15.40
C CYS A 479 73.41 -9.74 15.80
N GLU A 480 73.62 -9.44 17.09
CA GLU A 480 74.97 -9.20 17.59
C GLU A 480 75.80 -10.47 17.52
N THR A 481 75.20 -11.61 17.86
CA THR A 481 75.94 -12.86 17.89
C THR A 481 76.26 -13.34 16.47
N ASN A 482 75.25 -13.37 15.59
CA ASN A 482 75.46 -13.96 14.28
C ASN A 482 76.26 -13.05 13.35
N GLY A 483 76.34 -11.76 13.65
CA GLY A 483 77.15 -10.84 12.89
C GLY A 483 76.44 -10.09 11.79
N LEU A 484 75.11 -10.09 11.79
CA LEU A 484 74.33 -9.35 10.81
C LEU A 484 73.89 -8.00 11.37
N GLU A 485 73.31 -7.18 10.50
CA GLU A 485 72.73 -5.94 10.95
C GLU A 485 71.40 -6.21 11.65
N TYR A 486 70.83 -5.15 12.22
CA TYR A 486 69.60 -5.24 13.00
C TYR A 486 68.47 -4.44 12.38
N ILE A 487 68.67 -3.14 12.13
CA ILE A 487 67.63 -2.29 11.56
C ILE A 487 67.25 -2.71 10.14
N VAL A 488 68.07 -3.52 9.48
CA VAL A 488 67.73 -4.00 8.13
C VAL A 488 66.80 -5.21 8.21
N GLY A 489 67.10 -6.16 9.11
CA GLY A 489 66.24 -7.33 9.23
C GLY A 489 64.83 -7.01 9.67
N ARG A 490 64.65 -5.94 10.46
CA ARG A 490 63.32 -5.54 10.88
C ARG A 490 62.43 -5.17 9.69
N VAL A 491 63.03 -4.72 8.59
CA VAL A 491 62.22 -4.37 7.42
C VAL A 491 61.57 -5.62 6.84
N TRP A 492 62.37 -6.68 6.69
CA TRP A 492 61.83 -7.94 6.18
C TRP A 492 60.87 -8.58 7.18
N ILE A 493 61.14 -8.43 8.48
CA ILE A 493 60.18 -8.90 9.48
C ILE A 493 58.84 -8.18 9.28
N GLY A 494 58.88 -6.88 9.03
CA GLY A 494 57.65 -6.13 8.79
C GLY A 494 56.95 -6.59 7.52
N PHE A 495 57.73 -6.87 6.48
CA PHE A 495 57.16 -7.38 5.23
C PHE A 495 56.43 -8.70 5.48
N TRP A 496 57.07 -9.61 6.19
CA TRP A 496 56.42 -10.88 6.51
C TRP A 496 55.18 -10.67 7.36
N LEU A 497 55.21 -9.69 8.26
CA LEU A 497 54.02 -9.37 9.04
C LEU A 497 52.88 -8.92 8.14
N ILE A 498 53.18 -8.04 7.19
CA ILE A 498 52.17 -7.56 6.26
C ILE A 498 51.56 -8.72 5.48
N LEU A 499 52.41 -9.56 4.89
CA LEU A 499 51.90 -10.69 4.12
C LEU A 499 51.05 -11.62 4.98
N LEU A 500 51.52 -11.91 6.21
CA LEU A 500 50.81 -12.84 7.07
C LEU A 500 49.46 -12.28 7.50
N VAL A 501 49.41 -10.99 7.84
CA VAL A 501 48.15 -10.41 8.31
C VAL A 501 47.17 -10.30 7.15
N VAL A 502 47.65 -10.04 5.93
CA VAL A 502 46.76 -10.04 4.78
C VAL A 502 46.18 -11.43 4.58
N LEU A 503 47.03 -12.46 4.67
CA LEU A 503 46.56 -13.82 4.50
C LEU A 503 45.54 -14.20 5.59
N VAL A 504 45.77 -13.76 6.82
CA VAL A 504 44.87 -14.12 7.92
C VAL A 504 43.53 -13.41 7.77
N VAL A 505 43.57 -12.10 7.46
CA VAL A 505 42.33 -11.36 7.32
C VAL A 505 41.54 -11.87 6.12
N ALA A 506 42.24 -12.35 5.09
CA ALA A 506 41.54 -12.89 3.91
C ALA A 506 40.65 -14.07 4.29
N PHE A 507 41.13 -14.95 5.17
CA PHE A 507 40.38 -16.12 5.59
C PHE A 507 39.67 -15.92 6.93
N GLU A 508 39.41 -14.68 7.33
CA GLU A 508 38.63 -14.31 8.50
C GLU A 508 38.98 -15.15 9.72
N GLY A 509 40.26 -15.45 9.91
CA GLY A 509 40.66 -16.34 10.98
C GLY A 509 40.68 -15.72 12.37
N SER A 510 39.89 -14.67 12.56
CA SER A 510 39.76 -14.05 13.87
C SER A 510 38.61 -14.61 14.67
N PHE A 511 37.75 -15.44 14.07
CA PHE A 511 36.64 -16.05 14.78
C PHE A 511 37.12 -16.92 15.94
N LEU A 512 38.39 -17.33 15.94
CA LEU A 512 38.94 -18.07 17.06
C LEU A 512 38.88 -17.27 18.36
N VAL A 513 38.66 -15.95 18.28
CA VAL A 513 38.50 -15.13 19.47
C VAL A 513 37.27 -15.59 20.24
N ARG A 514 36.38 -16.31 19.57
CA ARG A 514 35.15 -16.77 20.23
C ARG A 514 35.49 -17.74 21.35
N PHE A 515 36.56 -18.53 21.17
CA PHE A 515 36.87 -19.58 22.13
C PHE A 515 37.47 -19.03 23.42
N ILE A 516 38.06 -17.83 23.38
CA ILE A 516 38.64 -17.20 24.57
C ILE A 516 37.49 -16.79 25.49
N SER A 517 37.40 -17.45 26.65
CA SER A 517 36.29 -17.21 27.56
C SER A 517 36.67 -16.10 28.56
N ARG A 518 35.84 -15.94 29.59
CA ARG A 518 36.11 -14.94 30.63
C ARG A 518 37.31 -15.31 31.48
N TYR A 519 37.59 -16.61 31.60
CA TYR A 519 38.72 -17.11 32.38
C TYR A 519 40.01 -16.39 32.02
N THR A 520 40.41 -16.51 30.75
CA THR A 520 41.69 -15.95 30.33
C THR A 520 41.68 -14.43 30.38
N GLN A 521 40.55 -13.79 30.06
CA GLN A 521 40.49 -12.33 30.13
C GLN A 521 40.74 -11.84 31.55
N GLU A 522 40.08 -12.47 32.53
CA GLU A 522 40.26 -12.07 33.91
C GLU A 522 41.69 -12.30 34.36
N ILE A 523 42.24 -13.48 34.05
CA ILE A 523 43.62 -13.77 34.41
C ILE A 523 44.57 -12.74 33.83
N PHE A 524 44.42 -12.45 32.53
CA PHE A 524 45.31 -11.53 31.84
C PHE A 524 45.24 -10.13 32.44
N SER A 525 44.02 -9.61 32.62
CA SER A 525 43.87 -8.26 33.13
C SER A 525 44.41 -8.13 34.55
N PHE A 526 44.11 -9.12 35.41
CA PHE A 526 44.61 -9.09 36.78
C PHE A 526 46.13 -9.10 36.80
N LEU A 527 46.75 -9.98 36.01
CA LEU A 527 48.20 -10.04 35.96
C LEU A 527 48.79 -8.73 35.47
N ILE A 528 48.19 -8.14 34.44
CA ILE A 528 48.72 -6.89 33.88
C ILE A 528 48.66 -5.77 34.92
N SER A 529 47.51 -5.62 35.58
CA SER A 529 47.39 -4.56 36.58
C SER A 529 48.38 -4.77 37.73
N LEU A 530 48.53 -6.02 38.16
CA LEU A 530 49.46 -6.30 39.26
C LEU A 530 50.89 -5.97 38.87
N ILE A 531 51.30 -6.35 37.65
CA ILE A 531 52.64 -6.04 37.19
C ILE A 531 52.82 -4.52 37.07
N PHE A 532 51.78 -3.81 36.63
CA PHE A 532 51.85 -2.35 36.55
C PHE A 532 52.17 -1.74 37.91
N ILE A 533 51.40 -2.13 38.92
CA ILE A 533 51.60 -1.57 40.26
C ILE A 533 52.99 -1.96 40.78
N TYR A 534 53.40 -3.20 40.53
CA TYR A 534 54.71 -3.63 41.00
C TYR A 534 55.83 -2.81 40.37
N GLU A 535 55.75 -2.57 39.05
CA GLU A 535 56.79 -1.78 38.40
C GLU A 535 56.81 -0.35 38.92
N THR A 536 55.64 0.23 39.19
CA THR A 536 55.61 1.58 39.75
C THR A 536 56.33 1.60 41.09
N PHE A 537 56.00 0.66 41.97
CA PHE A 537 56.67 0.58 43.26
C PHE A 537 58.15 0.31 43.10
N SER A 538 58.53 -0.46 42.07
CA SER A 538 59.94 -0.71 41.82
C SER A 538 60.66 0.58 41.45
N LYS A 539 59.99 1.43 40.66
CA LYS A 539 60.56 2.74 40.35
C LYS A 539 60.79 3.52 41.62
N LEU A 540 59.81 3.50 42.53
CA LEU A 540 59.96 4.22 43.80
C LEU A 540 61.14 3.68 44.60
N ILE A 541 61.27 2.36 44.69
CA ILE A 541 62.39 1.82 45.46
C ILE A 541 63.72 2.14 44.79
N LYS A 542 63.75 2.21 43.46
CA LYS A 542 64.96 2.65 42.77
C LYS A 542 65.31 4.09 43.12
N ILE A 543 64.32 4.98 43.11
CA ILE A 543 64.56 6.38 43.48
C ILE A 543 65.11 6.47 44.89
N PHE A 544 64.54 5.69 45.82
CA PHE A 544 65.06 5.69 47.19
C PHE A 544 66.48 5.12 47.25
N GLN A 545 66.79 4.16 46.38
CA GLN A 545 68.12 3.56 46.35
C GLN A 545 69.16 4.52 45.79
N ASP A 546 68.74 5.44 44.91
CA ASP A 546 69.69 6.34 44.27
C ASP A 546 70.15 7.46 45.19
N HIS A 547 69.30 7.92 46.11
CA HIS A 547 69.62 9.02 47.02
C HIS A 547 69.31 8.56 48.45
N PRO A 548 70.20 7.79 49.06
CA PRO A 548 69.89 7.22 50.38
C PRO A 548 69.84 8.29 51.47
N LEU A 549 69.47 7.88 52.68
CA LEU A 549 69.40 8.76 53.83
C LEU A 549 70.69 8.61 54.63
N GLN A 550 71.56 9.62 54.54
CA GLN A 550 72.87 9.57 55.14
C GLN A 550 73.02 10.71 56.16
N LYS A 551 74.16 10.73 56.83
CA LYS A 551 74.42 11.77 57.82
C LYS A 551 75.13 12.98 57.22
N THR A 552 75.87 12.79 56.13
CA THR A 552 76.59 13.87 55.49
C THR A 552 76.64 13.62 53.99
N TYR A 553 76.60 14.70 53.22
CA TYR A 553 76.69 14.61 51.77
C TYR A 553 77.77 15.55 51.26
N ASN A 554 78.23 15.30 50.03
CA ASN A 554 79.10 16.24 49.35
C ASN A 554 78.26 17.23 48.56
N TYR A 555 78.70 18.48 48.52
CA TYR A 555 77.89 19.54 47.95
C TYR A 555 78.61 20.29 46.83
N ASN A 556 79.83 19.91 46.49
CA ASN A 556 80.44 20.28 45.22
C ASN A 556 80.31 19.13 44.22
N VAL A 557 79.05 18.81 43.93
CA VAL A 557 78.68 17.81 42.94
C VAL A 557 78.08 18.52 41.74
N LEU A 558 78.52 18.14 40.54
CA LEU A 558 78.03 18.74 39.32
C LEU A 558 76.86 17.88 38.85
N MET A 559 75.68 18.48 38.74
CA MET A 559 74.48 17.76 38.37
C MET A 559 73.97 18.14 36.98
N VAL A 560 74.89 18.58 36.12
CA VAL A 560 74.50 19.02 34.78
C VAL A 560 74.02 17.85 33.93
N PRO A 561 74.79 16.76 33.76
CA PRO A 561 74.23 15.61 33.02
C PRO A 561 73.22 14.83 33.83
N LYS A 562 73.48 14.63 35.12
CA LYS A 562 72.65 13.83 36.02
C LYS A 562 73.17 14.03 37.43
N PRO A 563 72.31 13.99 38.45
CA PRO A 563 72.80 14.12 39.83
C PRO A 563 73.76 13.01 40.21
N GLN A 564 75.02 13.38 40.46
CA GLN A 564 76.04 12.47 40.96
C GLN A 564 76.01 12.47 42.48
N GLY A 565 76.03 11.28 43.07
CA GLY A 565 76.01 11.14 44.50
C GLY A 565 74.65 11.49 45.09
N PRO A 566 74.47 11.20 46.37
CA PRO A 566 73.17 11.45 47.00
C PRO A 566 72.88 12.93 47.13
N LEU A 567 71.60 13.24 47.34
CA LEU A 567 71.14 14.59 47.55
C LEU A 567 70.25 14.65 48.79
N PRO A 568 70.17 15.83 49.43
CA PRO A 568 69.53 15.88 50.76
C PRO A 568 68.06 15.51 50.75
N ASN A 569 67.24 16.21 49.97
CA ASN A 569 65.80 16.17 50.16
C ASN A 569 65.03 15.60 48.97
N THR A 570 65.69 14.88 48.06
CA THR A 570 64.96 14.43 46.89
C THR A 570 64.07 13.23 47.20
N ALA A 571 64.62 12.25 47.92
CA ALA A 571 63.93 10.99 48.12
C ALA A 571 62.62 11.15 48.86
N LEU A 572 62.61 12.01 49.89
CA LEU A 572 61.39 12.18 50.66
C LEU A 572 60.42 13.14 50.00
N LEU A 573 60.92 14.17 49.30
CA LEU A 573 60.03 15.09 48.61
C LEU A 573 59.29 14.40 47.48
N SER A 574 59.97 13.48 46.78
CA SER A 574 59.33 12.72 45.73
C SER A 574 58.18 11.88 46.29
N LEU A 575 58.41 11.20 47.41
CA LEU A 575 57.38 10.40 48.05
C LEU A 575 56.23 11.28 48.51
N VAL A 576 56.55 12.45 49.05
CA VAL A 576 55.52 13.38 49.50
C VAL A 576 54.65 13.79 48.33
N LEU A 577 55.27 14.12 47.19
CA LEU A 577 54.49 14.54 46.03
C LEU A 577 53.60 13.41 45.52
N MET A 578 54.14 12.18 45.45
CA MET A 578 53.32 11.07 45.00
C MET A 578 52.12 10.84 45.91
N ALA A 579 52.36 10.79 47.23
CA ALA A 579 51.25 10.56 48.15
C ALA A 579 50.24 11.69 48.08
N GLY A 580 50.70 12.93 47.95
CA GLY A 580 49.76 14.03 47.87
C GLY A 580 48.92 13.99 46.61
N THR A 581 49.54 13.71 45.47
CA THR A 581 48.79 13.61 44.21
C THR A 581 47.78 12.47 44.28
N PHE A 582 48.20 11.31 44.78
CA PHE A 582 47.29 10.18 44.89
C PHE A 582 46.12 10.51 45.81
N PHE A 583 46.40 11.15 46.95
CA PHE A 583 45.36 11.48 47.91
C PHE A 583 44.37 12.45 47.29
N PHE A 584 44.87 13.45 46.57
CA PHE A 584 43.97 14.42 45.94
C PHE A 584 43.12 13.77 44.86
N ALA A 585 43.73 12.92 44.03
CA ALA A 585 42.95 12.23 43.00
C ALA A 585 41.83 11.41 43.62
N MET A 586 42.14 10.64 44.67
CA MET A 586 41.11 9.82 45.30
C MET A 586 40.03 10.69 45.94
N MET A 587 40.43 11.79 46.59
CA MET A 587 39.45 12.65 47.25
C MET A 587 38.52 13.31 46.24
N LEU A 588 39.05 13.76 45.11
CA LEU A 588 38.18 14.35 44.08
C LEU A 588 37.30 13.28 43.45
N ARG A 589 37.83 12.07 43.26
CA ARG A 589 37.01 10.98 42.74
C ARG A 589 35.85 10.67 43.69
N LYS A 590 36.09 10.75 44.99
CA LYS A 590 35.01 10.51 45.93
C LYS A 590 34.05 11.70 46.03
N PHE A 591 34.57 12.92 45.85
CA PHE A 591 33.71 14.09 45.87
C PHE A 591 32.79 14.11 44.67
N LYS A 592 33.22 13.50 43.55
CA LYS A 592 32.38 13.43 42.38
C LYS A 592 31.06 12.73 42.69
N ASN A 593 31.11 11.69 43.53
CA ASN A 593 29.94 10.90 43.87
C ASN A 593 29.19 11.43 45.08
N SER A 594 29.68 12.49 45.73
CA SER A 594 29.03 13.00 46.92
C SER A 594 27.81 13.83 46.52
N SER A 595 27.21 14.51 47.49
CA SER A 595 26.04 15.36 47.28
C SER A 595 26.24 16.72 47.92
N TYR A 596 27.41 17.33 47.69
CA TYR A 596 27.80 18.50 48.45
C TYR A 596 27.61 19.81 47.70
N PHE A 597 27.69 19.82 46.38
CA PHE A 597 27.55 21.07 45.65
C PHE A 597 26.39 20.99 44.67
N PRO A 598 26.01 22.09 44.02
CA PRO A 598 25.01 21.98 42.95
C PRO A 598 25.47 20.99 41.89
N GLY A 599 24.51 20.25 41.34
CA GLY A 599 24.87 19.10 40.51
C GLY A 599 25.75 19.47 39.33
N LYS A 600 25.46 20.59 38.68
CA LYS A 600 26.23 20.97 37.50
C LYS A 600 27.69 21.22 37.87
N LEU A 601 27.90 22.17 38.79
CA LEU A 601 29.27 22.48 39.22
C LEU A 601 29.93 21.29 39.89
N ARG A 602 29.17 20.48 40.62
CA ARG A 602 29.75 19.30 41.27
C ARG A 602 30.30 18.34 40.24
N ARG A 603 29.51 18.03 39.20
CA ARG A 603 29.97 17.11 38.18
C ARG A 603 31.11 17.72 37.36
N VAL A 604 31.06 19.03 37.12
CA VAL A 604 32.12 19.68 36.37
C VAL A 604 33.43 19.60 37.14
N ILE A 605 33.39 19.82 38.45
CA ILE A 605 34.59 19.75 39.26
C ILE A 605 35.07 18.31 39.39
N GLY A 606 34.15 17.36 39.51
CA GLY A 606 34.54 15.97 39.66
C GLY A 606 35.14 15.38 38.41
N ASP A 607 34.72 15.86 37.23
CA ASP A 607 35.27 15.35 36.00
C ASP A 607 36.69 15.83 35.74
N PHE A 608 37.09 16.95 36.35
CA PHE A 608 38.42 17.51 36.20
C PHE A 608 39.34 17.21 37.37
N GLY A 609 39.18 16.04 38.01
CA GLY A 609 39.94 15.78 39.22
C GLY A 609 41.43 15.63 38.99
N VAL A 610 41.80 14.85 37.98
CA VAL A 610 43.21 14.53 37.70
C VAL A 610 43.98 15.76 37.26
N PRO A 611 43.49 16.56 36.30
CA PRO A 611 44.25 17.78 35.95
C PRO A 611 44.35 18.76 37.09
N ILE A 612 43.32 18.88 37.93
CA ILE A 612 43.40 19.79 39.07
C ILE A 612 44.47 19.32 40.05
N SER A 613 44.50 18.03 40.36
CA SER A 613 45.52 17.52 41.27
C SER A 613 46.92 17.70 40.68
N ILE A 614 47.07 17.45 39.37
CA ILE A 614 48.37 17.64 38.72
C ILE A 614 48.80 19.09 38.81
N LEU A 615 47.87 20.02 38.55
CA LEU A 615 48.22 21.45 38.61
C LEU A 615 48.60 21.85 40.03
N ILE A 616 47.85 21.35 41.02
CA ILE A 616 48.14 21.68 42.41
C ILE A 616 49.54 21.23 42.78
N MET A 617 49.88 19.98 42.45
CA MET A 617 51.19 19.47 42.82
C MET A 617 52.31 20.12 42.01
N VAL A 618 52.03 20.49 40.75
CA VAL A 618 53.04 21.19 39.96
C VAL A 618 53.33 22.55 40.56
N LEU A 619 52.29 23.27 41.01
CA LEU A 619 52.51 24.55 41.68
C LEU A 619 53.26 24.37 42.99
N VAL A 620 52.89 23.34 43.75
CA VAL A 620 53.58 23.06 45.01
C VAL A 620 55.06 22.84 44.77
N ASP A 621 55.40 22.10 43.71
CA ASP A 621 56.81 21.90 43.40
C ASP A 621 57.45 23.18 42.87
N PHE A 622 56.66 24.03 42.20
CA PHE A 622 57.20 25.25 41.64
C PHE A 622 57.57 26.24 42.73
N PHE A 623 56.86 26.22 43.86
CA PHE A 623 57.17 27.18 44.91
C PHE A 623 58.48 26.83 45.62
N ILE A 624 58.81 25.55 45.72
CA ILE A 624 60.06 25.13 46.35
C ILE A 624 61.20 25.38 45.38
N GLN A 625 62.25 26.06 45.86
CA GLN A 625 63.28 26.55 44.97
C GLN A 625 64.56 25.71 45.00
N ASP A 626 65.10 25.41 46.19
CA ASP A 626 66.46 24.92 46.30
C ASP A 626 66.56 23.40 46.18
N THR A 627 65.46 22.68 46.37
CA THR A 627 65.48 21.22 46.34
C THR A 627 65.41 20.73 44.90
N TYR A 628 66.12 19.64 44.63
CA TYR A 628 66.14 19.07 43.29
C TYR A 628 65.17 17.91 43.21
N THR A 629 64.41 17.87 42.11
CA THR A 629 63.49 16.79 41.79
C THR A 629 63.57 16.53 40.30
N GLN A 630 63.54 15.25 39.92
CA GLN A 630 63.68 14.91 38.51
C GLN A 630 62.48 15.41 37.73
N LYS A 631 62.76 15.97 36.54
CA LYS A 631 61.73 16.60 35.73
C LYS A 631 61.57 15.84 34.42
N LEU A 632 60.57 16.25 33.64
CA LEU A 632 60.37 15.68 32.32
C LEU A 632 61.25 16.39 31.29
N SER A 633 61.83 15.60 30.39
CA SER A 633 62.73 16.11 29.36
C SER A 633 62.48 15.36 28.07
N VAL A 634 62.40 16.12 26.98
CA VAL A 634 62.11 15.55 25.65
C VAL A 634 63.26 15.95 24.73
N PRO A 635 63.46 15.21 23.63
CA PRO A 635 64.52 15.57 22.68
C PRO A 635 64.31 16.98 22.13
N ASP A 636 65.38 17.53 21.55
CA ASP A 636 65.35 18.92 21.12
C ASP A 636 64.57 19.11 19.83
N GLY A 637 64.75 18.21 18.86
CA GLY A 637 64.11 18.36 17.57
C GLY A 637 63.86 17.00 16.94
N PHE A 638 63.19 17.03 15.79
CA PHE A 638 62.85 15.82 15.05
C PHE A 638 64.10 15.29 14.34
N LYS A 639 64.98 14.69 15.13
CA LYS A 639 66.23 14.12 14.65
C LYS A 639 66.30 12.64 15.01
N VAL A 640 67.08 11.91 14.22
CA VAL A 640 67.31 10.51 14.50
C VAL A 640 68.20 10.36 15.74
N SER A 641 68.11 9.19 16.37
CA SER A 641 68.82 8.96 17.62
C SER A 641 70.32 8.97 17.40
N ASN A 642 70.81 8.10 16.51
CA ASN A 642 72.23 7.98 16.19
C ASN A 642 72.41 8.28 14.71
N SER A 643 72.84 9.49 14.39
CA SER A 643 72.98 9.93 13.01
C SER A 643 74.27 9.47 12.36
N SER A 644 75.08 8.65 13.05
CA SER A 644 76.31 8.16 12.46
C SER A 644 76.05 7.01 11.49
N ALA A 645 75.18 6.08 11.88
CA ALA A 645 74.99 4.83 11.15
C ALA A 645 73.59 4.66 10.59
N ARG A 646 72.69 5.61 10.82
CA ARG A 646 71.28 5.42 10.50
C ARG A 646 70.82 6.57 9.60
N GLY A 647 69.70 6.32 8.91
CA GLY A 647 69.06 7.34 8.10
C GLY A 647 67.55 7.29 8.29
N TRP A 648 66.87 8.22 7.61
CA TRP A 648 65.42 8.25 7.70
C TRP A 648 64.79 7.10 6.93
N VAL A 649 65.43 6.66 5.86
CA VAL A 649 64.98 5.51 5.08
C VAL A 649 66.08 4.46 5.09
N ILE A 650 65.69 3.20 5.23
CA ILE A 650 66.62 2.07 5.31
C ILE A 650 66.55 1.30 4.00
N HIS A 651 67.68 1.14 3.35
CA HIS A 651 67.74 0.35 2.13
C HIS A 651 67.60 -1.13 2.46
N PRO A 652 66.61 -1.83 1.90
CA PRO A 652 66.37 -3.22 2.33
C PRO A 652 67.50 -4.17 1.94
N LEU A 653 68.19 -3.91 0.85
CA LEU A 653 69.21 -4.83 0.37
C LEU A 653 70.42 -4.83 1.30
N GLY A 654 70.79 -3.65 1.80
CA GLY A 654 71.91 -3.53 2.70
C GLY A 654 72.22 -2.09 3.06
N LEU A 655 72.48 -1.84 4.35
CA LEU A 655 72.82 -0.50 4.81
C LEU A 655 74.31 -0.22 4.65
N ARG A 656 75.15 -1.09 5.18
CA ARG A 656 76.60 -1.00 5.03
C ARG A 656 77.16 -2.21 4.29
N SER A 657 76.74 -3.42 4.65
CA SER A 657 77.04 -4.63 3.91
C SER A 657 75.74 -5.27 3.44
N GLU A 658 75.83 -6.02 2.36
CA GLU A 658 74.63 -6.57 1.75
C GLU A 658 74.08 -7.71 2.61
N PHE A 659 72.78 -7.95 2.47
CA PHE A 659 72.11 -8.88 3.37
C PHE A 659 72.12 -10.29 2.77
N PRO A 660 72.33 -11.32 3.58
CA PRO A 660 72.38 -12.69 3.03
C PRO A 660 71.00 -13.17 2.59
N ILE A 661 71.02 -14.24 1.79
CA ILE A 661 69.77 -14.79 1.27
C ILE A 661 69.06 -15.67 2.29
N TRP A 662 69.81 -16.50 3.03
CA TRP A 662 69.15 -17.45 3.92
C TRP A 662 68.41 -16.71 5.03
N MET A 663 68.97 -15.60 5.51
CA MET A 663 68.25 -14.78 6.49
C MET A 663 67.06 -14.09 5.85
N MET A 664 67.21 -13.66 4.59
CA MET A 664 66.08 -13.11 3.85
C MET A 664 64.90 -14.06 3.87
N PHE A 665 65.17 -15.35 3.71
CA PHE A 665 64.10 -16.35 3.63
C PHE A 665 63.67 -16.86 5.00
N ALA A 666 64.55 -16.76 6.01
CA ALA A 666 64.28 -17.27 7.34
C ALA A 666 63.75 -16.21 8.32
N SER A 667 63.67 -14.94 7.91
CA SER A 667 63.11 -13.91 8.78
C SER A 667 61.64 -14.14 9.10
N ALA A 668 61.04 -15.16 8.49
CA ALA A 668 59.62 -15.45 8.74
C ALA A 668 59.39 -16.00 10.14
N LEU A 669 60.39 -16.66 10.73
CA LEU A 669 60.22 -17.27 12.05
C LEU A 669 59.94 -16.27 13.16
N PRO A 670 60.71 -15.18 13.32
CA PRO A 670 60.34 -14.21 14.38
C PRO A 670 59.07 -13.43 14.03
N ALA A 671 58.76 -13.31 12.75
CA ALA A 671 57.54 -12.61 12.34
C ALA A 671 56.31 -13.33 12.86
N LEU A 672 56.32 -14.66 12.85
CA LEU A 672 55.20 -15.43 13.36
C LEU A 672 54.99 -15.18 14.86
N LEU A 673 56.09 -15.10 15.62
CA LEU A 673 55.97 -14.86 17.06
C LEU A 673 55.47 -13.45 17.33
N VAL A 674 55.98 -12.46 16.60
CA VAL A 674 55.50 -11.09 16.76
C VAL A 674 54.02 -11.01 16.41
N PHE A 675 53.61 -11.70 15.34
CA PHE A 675 52.21 -11.69 14.96
C PHE A 675 51.33 -12.32 16.05
N ILE A 676 51.79 -13.43 16.63
CA ILE A 676 51.01 -14.07 17.70
C ILE A 676 50.87 -13.11 18.87
N LEU A 677 51.96 -12.47 19.28
CA LEU A 677 51.92 -11.53 20.39
C LEU A 677 50.93 -10.41 20.11
N ILE A 678 51.08 -9.74 18.96
CA ILE A 678 50.25 -8.60 18.62
C ILE A 678 48.78 -9.02 18.55
N PHE A 679 48.51 -10.13 17.86
CA PHE A 679 47.15 -10.61 17.71
C PHE A 679 46.52 -10.87 19.07
N LEU A 680 47.20 -11.65 19.91
CA LEU A 680 46.66 -11.98 21.21
C LEU A 680 46.37 -10.73 22.02
N GLU A 681 47.36 -9.84 22.12
CA GLU A 681 47.18 -8.65 22.95
C GLU A 681 46.03 -7.79 22.44
N SER A 682 46.00 -7.53 21.13
CA SER A 682 44.97 -6.65 20.58
C SER A 682 43.59 -7.26 20.74
N GLN A 683 43.44 -8.56 20.47
CA GLN A 683 42.13 -9.18 20.56
C GLN A 683 41.65 -9.27 22.00
N ILE A 684 42.54 -9.57 22.93
CA ILE A 684 42.12 -9.61 24.34
C ILE A 684 41.75 -8.22 24.81
N THR A 685 42.47 -7.19 24.35
CA THR A 685 42.10 -5.82 24.71
C THR A 685 40.73 -5.46 24.16
N THR A 686 40.46 -5.81 22.91
CA THR A 686 39.16 -5.53 22.32
C THR A 686 38.05 -6.31 23.00
N LEU A 687 38.34 -7.52 23.48
CA LEU A 687 37.37 -8.27 24.27
C LEU A 687 37.08 -7.58 25.59
N ILE A 688 38.12 -7.13 26.28
CA ILE A 688 37.92 -6.53 27.59
C ILE A 688 37.18 -5.20 27.46
N VAL A 689 37.54 -4.40 26.46
CA VAL A 689 36.98 -3.06 26.34
C VAL A 689 35.50 -3.11 26.00
N SER A 690 35.10 -3.99 25.10
CA SER A 690 33.78 -3.93 24.49
C SER A 690 32.85 -5.03 24.99
N LYS A 691 32.94 -5.37 26.27
CA LYS A 691 32.00 -6.34 26.83
C LYS A 691 30.59 -5.73 26.89
N PRO A 692 29.55 -6.55 26.84
CA PRO A 692 28.18 -6.01 26.84
C PRO A 692 27.80 -5.26 28.11
N GLU A 693 28.50 -5.51 29.22
CA GLU A 693 28.13 -4.89 30.49
C GLU A 693 28.42 -3.39 30.51
N ARG A 694 29.40 -2.92 29.73
CA ARG A 694 29.78 -1.52 29.74
C ARG A 694 29.04 -0.70 28.68
N LYS A 695 27.71 -0.89 28.60
CA LYS A 695 26.79 -0.01 27.86
C LYS A 695 27.40 0.55 26.58
N MET A 696 27.94 -0.35 25.75
CA MET A 696 28.55 0.04 24.49
C MET A 696 27.50 -0.08 23.39
N VAL A 697 27.05 1.06 22.89
CA VAL A 697 25.96 1.09 21.91
C VAL A 697 26.48 0.75 20.53
N LYS A 698 27.41 1.55 20.02
CA LYS A 698 27.92 1.36 18.67
C LYS A 698 28.79 0.12 18.59
N GLY A 699 28.81 -0.48 17.40
CA GLY A 699 29.50 -1.74 17.21
C GLY A 699 31.01 -1.58 17.25
N SER A 700 31.68 -2.70 17.54
CA SER A 700 33.13 -2.75 17.58
C SER A 700 33.63 -3.82 16.60
N GLY A 701 34.68 -3.49 15.86
CA GLY A 701 35.20 -4.34 14.81
C GLY A 701 36.49 -5.01 15.24
N PHE A 702 36.68 -6.26 14.81
CA PHE A 702 37.90 -7.01 15.12
C PHE A 702 38.85 -7.06 13.94
N HIS A 703 38.37 -7.49 12.78
CA HIS A 703 39.22 -7.65 11.61
C HIS A 703 39.86 -6.34 11.19
N LEU A 704 39.08 -5.26 11.18
CA LEU A 704 39.59 -3.97 10.73
C LEU A 704 40.70 -3.46 11.64
N ASP A 705 40.52 -3.58 12.96
CA ASP A 705 41.56 -3.12 13.88
C ASP A 705 42.83 -3.93 13.72
N LEU A 706 42.71 -5.26 13.62
CA LEU A 706 43.89 -6.11 13.43
C LEU A 706 44.62 -5.74 12.15
N LEU A 707 43.88 -5.63 11.04
CA LEU A 707 44.50 -5.29 9.76
C LEU A 707 45.21 -3.94 9.85
N LEU A 708 44.52 -2.93 10.37
CA LEU A 708 45.12 -1.59 10.48
C LEU A 708 46.40 -1.65 11.31
N VAL A 709 46.32 -2.24 12.51
CA VAL A 709 47.46 -2.24 13.43
C VAL A 709 48.65 -2.93 12.80
N VAL A 710 48.45 -4.13 12.27
CA VAL A 710 49.60 -4.90 11.80
C VAL A 710 50.18 -4.27 10.52
N GLY A 711 49.31 -3.82 9.61
CA GLY A 711 49.82 -3.19 8.40
C GLY A 711 50.59 -1.91 8.68
N MET A 712 50.06 -1.04 9.56
CA MET A 712 50.81 0.16 9.90
C MET A 712 52.10 -0.17 10.63
N GLY A 713 52.10 -1.21 11.47
CA GLY A 713 53.33 -1.63 12.11
C GLY A 713 54.38 -2.07 11.12
N GLY A 714 53.97 -2.82 10.11
CA GLY A 714 54.91 -3.22 9.06
C GLY A 714 55.45 -2.04 8.29
N VAL A 715 54.55 -1.15 7.85
CA VAL A 715 54.98 0.01 7.06
C VAL A 715 55.88 0.91 7.90
N ALA A 716 55.66 0.98 9.22
CA ALA A 716 56.55 1.79 10.04
C ALA A 716 57.88 1.09 10.25
N ALA A 717 57.86 -0.25 10.33
CA ALA A 717 59.12 -0.99 10.39
C ALA A 717 59.92 -0.81 9.11
N LEU A 718 59.28 -0.50 7.99
CA LEU A 718 60.04 -0.19 6.78
C LEU A 718 60.90 1.06 6.99
N PHE A 719 60.32 2.11 7.58
CA PHE A 719 61.00 3.39 7.79
C PHE A 719 61.89 3.40 9.02
N GLY A 720 61.98 2.29 9.76
CA GLY A 720 62.79 2.24 10.95
C GLY A 720 62.04 2.55 12.24
N MET A 721 60.77 2.98 12.15
CA MET A 721 59.98 3.21 13.34
C MET A 721 59.38 1.89 13.84
N PRO A 722 59.05 1.81 15.13
CA PRO A 722 58.58 0.54 15.68
C PRO A 722 57.12 0.26 15.34
N TRP A 723 56.76 -1.01 15.45
CA TRP A 723 55.36 -1.40 15.36
C TRP A 723 54.71 -1.28 16.73
N LEU A 724 53.41 -1.09 16.75
CA LEU A 724 52.72 -0.86 18.01
C LEU A 724 51.57 -1.85 18.15
N SER A 725 50.92 -1.80 19.30
CA SER A 725 49.77 -2.66 19.57
C SER A 725 48.83 -1.93 20.53
N ALA A 726 47.62 -2.47 20.66
CA ALA A 726 46.68 -1.91 21.60
C ALA A 726 47.12 -2.19 23.02
N THR A 727 46.96 -1.19 23.89
CA THR A 727 47.40 -1.30 25.27
C THR A 727 46.21 -1.55 26.17
N THR A 728 46.42 -2.33 27.22
CA THR A 728 45.32 -2.75 28.08
C THR A 728 44.95 -1.67 29.09
N VAL A 729 45.92 -1.25 29.91
CA VAL A 729 45.62 -0.31 30.98
C VAL A 729 45.22 1.04 30.43
N ARG A 730 45.92 1.51 29.39
CA ARG A 730 45.60 2.81 28.80
C ARG A 730 44.21 2.80 28.17
N SER A 731 43.86 1.73 27.46
CA SER A 731 42.55 1.67 26.83
C SER A 731 41.44 1.59 27.87
N VAL A 732 41.64 0.78 28.93
CA VAL A 732 40.62 0.67 29.97
C VAL A 732 40.47 2.00 30.69
N THR A 733 41.57 2.71 30.91
CA THR A 733 41.50 4.02 31.56
C THR A 733 40.78 5.03 30.67
N HIS A 734 41.05 5.00 29.37
CA HIS A 734 40.33 5.88 28.44
C HIS A 734 38.83 5.59 28.48
N ALA A 735 38.45 4.32 28.38
CA ALA A 735 37.04 3.97 28.38
C ALA A 735 36.36 4.36 29.69
N ASN A 736 37.05 4.19 30.82
CA ASN A 736 36.48 4.56 32.09
C ASN A 736 36.37 6.07 32.27
N ALA A 737 37.28 6.82 31.63
CA ALA A 737 37.20 8.28 31.73
C ALA A 737 36.03 8.84 30.93
N LEU A 738 35.70 8.22 29.80
CA LEU A 738 34.58 8.66 28.98
C LEU A 738 33.30 7.89 29.33
N THR A 739 32.92 7.91 30.61
CA THR A 739 31.73 7.22 31.07
C THR A 739 30.90 8.16 31.93
N VAL A 740 29.66 8.38 31.52
CA VAL A 740 28.70 9.18 32.27
C VAL A 740 27.83 8.23 33.07
N MET A 741 27.91 8.32 34.39
CA MET A 741 27.31 7.35 35.30
C MET A 741 26.00 7.90 35.85
N GLY A 742 25.08 6.97 36.16
CA GLY A 742 23.80 7.33 36.70
C GLY A 742 23.73 7.19 38.22
N LYS A 743 22.80 7.93 38.81
CA LYS A 743 22.60 7.95 40.26
C LYS A 743 22.04 6.64 40.78
N ALA A 751 26.32 1.45 41.63
CA ALA A 751 25.88 2.50 40.73
C ALA A 751 25.62 1.95 39.33
N GLN A 752 24.90 2.71 38.52
CA GLN A 752 24.54 2.30 37.17
C GLN A 752 25.34 3.08 36.14
N ILE A 753 25.83 2.38 35.12
CA ILE A 753 26.53 2.97 33.99
C ILE A 753 25.47 3.58 33.07
N GLN A 754 25.26 4.89 33.18
CA GLN A 754 24.20 5.52 32.39
C GLN A 754 24.51 5.46 30.90
N GLU A 755 25.74 5.79 30.50
CA GLU A 755 26.08 5.83 29.08
C GLU A 755 27.59 6.09 28.97
N VAL A 756 28.10 5.92 27.75
CA VAL A 756 29.53 6.02 27.47
C VAL A 756 29.69 6.79 26.17
N LYS A 757 30.41 7.90 26.23
CA LYS A 757 30.62 8.80 25.10
C LYS A 757 31.68 8.22 24.16
N GLU A 758 31.25 7.77 22.99
CA GLU A 758 32.13 7.21 21.97
C GLU A 758 32.32 8.23 20.85
N GLN A 759 33.58 8.55 20.55
CA GLN A 759 33.89 9.54 19.52
C GLN A 759 35.30 9.29 19.03
N ARG A 760 35.67 9.98 17.95
CA ARG A 760 36.99 9.84 17.34
C ARG A 760 37.90 11.02 17.60
N ILE A 761 37.40 12.08 18.24
CA ILE A 761 38.19 13.29 18.43
C ILE A 761 39.23 13.09 19.53
N SER A 762 38.89 12.33 20.57
CA SER A 762 39.79 12.14 21.71
C SER A 762 41.10 11.49 21.28
N GLY A 763 41.02 10.36 20.56
CA GLY A 763 42.23 9.70 20.12
C GLY A 763 43.06 10.55 19.18
N LEU A 764 42.39 11.27 18.28
CA LEU A 764 43.09 12.14 17.35
C LEU A 764 43.84 13.24 18.09
N LEU A 765 43.20 13.86 19.08
CA LEU A 765 43.84 14.92 19.84
C LEU A 765 44.99 14.38 20.66
N VAL A 766 44.83 13.19 21.26
CA VAL A 766 45.91 12.58 22.02
C VAL A 766 47.11 12.31 21.10
N ALA A 767 46.86 11.81 19.89
CA ALA A 767 47.95 11.55 18.95
C ALA A 767 48.64 12.83 18.52
N VAL A 768 47.85 13.89 18.25
CA VAL A 768 48.43 15.15 17.83
C VAL A 768 49.28 15.75 18.94
N LEU A 769 48.83 15.62 20.19
CA LEU A 769 49.60 16.14 21.32
C LEU A 769 50.89 15.35 21.49
N VAL A 770 50.82 14.02 21.37
CA VAL A 770 52.05 13.24 21.48
C VAL A 770 53.02 13.62 20.38
N GLY A 771 52.50 13.93 19.19
CA GLY A 771 53.37 14.36 18.11
C GLY A 771 54.02 15.71 18.35
N LEU A 772 53.24 16.69 18.81
CA LEU A 772 53.74 18.04 19.03
C LEU A 772 54.47 18.22 20.36
N SER A 773 54.54 17.18 21.19
CA SER A 773 55.21 17.28 22.49
C SER A 773 56.64 17.81 22.41
N ILE A 774 57.31 17.67 21.26
CA ILE A 774 58.68 18.14 21.15
C ILE A 774 58.76 19.67 21.11
N LEU A 775 57.67 20.35 20.77
CA LEU A 775 57.63 21.79 20.77
C LEU A 775 57.22 22.38 22.12
N MET A 776 57.02 21.54 23.13
CA MET A 776 56.55 21.98 24.43
C MET A 776 57.62 21.76 25.50
N GLU A 777 58.87 22.06 25.17
CA GLU A 777 59.95 21.95 26.15
C GLU A 777 59.78 22.84 27.38
N PRO A 778 59.54 24.16 27.25
CA PRO A 778 59.49 25.00 28.46
C PRO A 778 58.38 24.62 29.43
N ILE A 779 57.27 24.10 28.93
CA ILE A 779 56.15 23.72 29.79
C ILE A 779 56.40 22.37 30.43
N LEU A 780 56.95 21.42 29.66
CA LEU A 780 57.17 20.07 30.15
C LEU A 780 58.36 20.00 31.09
N SER A 781 59.34 20.89 30.94
CA SER A 781 60.56 20.82 31.75
C SER A 781 60.33 21.21 33.20
N ARG A 782 59.13 21.64 33.56
CA ARG A 782 58.81 22.08 34.91
C ARG A 782 57.90 21.10 35.64
N ILE A 783 57.61 19.95 35.03
CA ILE A 783 56.73 18.95 35.62
C ILE A 783 57.61 17.89 36.29
N PRO A 784 57.57 17.76 37.61
CA PRO A 784 58.41 16.76 38.29
C PRO A 784 57.96 15.35 37.98
N LEU A 785 58.92 14.43 38.01
CA LEU A 785 58.66 13.04 37.64
C LEU A 785 57.85 12.31 38.71
N ALA A 786 57.91 12.77 39.96
CA ALA A 786 57.23 12.09 41.06
C ALA A 786 55.73 12.34 41.07
N VAL A 787 55.24 13.38 40.40
CA VAL A 787 53.79 13.60 40.38
C VAL A 787 53.09 12.52 39.56
N LEU A 788 53.70 12.09 38.46
CA LEU A 788 53.04 11.09 37.61
C LEU A 788 52.98 9.71 38.25
N PHE A 789 53.80 9.42 39.27
CA PHE A 789 53.70 8.14 39.96
C PHE A 789 52.36 8.01 40.69
N GLY A 790 51.87 9.09 41.28
CA GLY A 790 50.57 9.05 41.91
C GLY A 790 49.47 8.78 40.91
N ILE A 791 49.57 9.36 39.73
CA ILE A 791 48.60 9.13 38.67
C ILE A 791 48.67 7.68 38.20
N PHE A 792 49.88 7.13 38.13
CA PHE A 792 50.03 5.73 37.73
C PHE A 792 49.40 4.80 38.76
N LEU A 793 49.62 5.09 40.04
CA LEU A 793 48.99 4.26 41.07
C LEU A 793 47.48 4.39 41.04
N TYR A 794 46.96 5.60 40.82
CA TYR A 794 45.52 5.80 40.72
C TYR A 794 44.93 5.04 39.55
N MET A 795 45.56 5.09 38.38
CA MET A 795 45.07 4.33 37.22
C MET A 795 45.11 2.83 37.48
N GLY A 796 46.22 2.34 38.05
CA GLY A 796 46.34 0.91 38.29
C GLY A 796 45.32 0.41 39.30
N VAL A 797 45.00 1.24 40.30
CA VAL A 797 44.01 0.85 41.30
C VAL A 797 42.60 0.94 40.73
N THR A 798 42.35 1.92 39.87
CA THR A 798 41.01 2.10 39.31
C THR A 798 40.68 1.03 38.30
N SER A 799 41.67 0.61 37.50
CA SER A 799 41.42 -0.39 36.47
C SER A 799 41.10 -1.77 37.04
N LEU A 800 41.12 -1.94 38.35
CA LEU A 800 40.97 -3.25 39.00
C LEU A 800 39.53 -3.53 39.42
N SER A 801 38.60 -2.67 39.03
CA SER A 801 37.25 -2.74 39.59
C SER A 801 36.44 -3.87 38.97
N GLY A 802 36.34 -3.89 37.65
CA GLY A 802 35.43 -4.82 36.98
C GLY A 802 35.87 -6.27 37.01
N ILE A 803 37.12 -6.54 37.39
CA ILE A 803 37.62 -7.91 37.44
C ILE A 803 36.80 -8.74 38.41
N GLN A 804 36.43 -9.96 37.98
CA GLN A 804 35.64 -10.83 38.82
C GLN A 804 36.51 -11.76 39.65
N LEU A 805 37.69 -12.15 39.13
CA LEU A 805 38.63 -12.91 39.94
C LEU A 805 39.03 -12.12 41.18
N PHE A 806 39.10 -10.80 41.07
CA PHE A 806 39.42 -9.97 42.23
C PHE A 806 38.30 -10.05 43.26
N ASP A 807 37.05 -10.03 42.82
CA ASP A 807 35.93 -10.18 43.73
C ASP A 807 35.95 -11.54 44.40
N ARG A 808 36.24 -12.59 43.63
CA ARG A 808 36.27 -13.94 44.20
C ARG A 808 37.45 -14.13 45.14
N ILE A 809 38.52 -13.36 44.94
CA ILE A 809 39.65 -13.39 45.86
C ILE A 809 39.29 -12.63 47.13
N LEU A 810 38.56 -11.52 47.00
CA LEU A 810 38.11 -10.80 48.19
C LEU A 810 37.17 -11.65 49.02
N LEU A 811 36.33 -12.45 48.36
CA LEU A 811 35.43 -13.34 49.07
C LEU A 811 36.14 -14.49 49.76
N LEU A 812 37.45 -14.68 49.50
CA LEU A 812 38.21 -15.72 50.16
C LEU A 812 38.39 -15.47 51.65
N PHE A 813 38.20 -14.22 52.09
CA PHE A 813 38.46 -13.83 53.46
C PHE A 813 37.18 -13.63 54.27
N LYS A 814 36.14 -13.05 53.65
CA LYS A 814 34.88 -12.84 54.35
C LYS A 814 34.30 -14.18 54.82
N PRO A 815 33.65 -14.19 55.97
CA PRO A 815 32.92 -15.38 56.40
C PRO A 815 31.67 -15.56 55.56
N PRO A 816 31.17 -16.79 55.43
CA PRO A 816 30.04 -17.04 54.52
C PRO A 816 28.77 -16.32 54.91
N LYS A 817 28.80 -15.56 56.01
CA LYS A 817 27.62 -14.81 56.42
C LYS A 817 27.43 -13.52 55.63
N TYR A 818 28.51 -12.96 55.10
CA TYR A 818 28.48 -11.67 54.42
C TYR A 818 28.63 -11.79 52.92
N HIS A 819 28.55 -13.00 52.37
CA HIS A 819 28.74 -13.17 50.94
C HIS A 819 27.60 -12.48 50.19
N PRO A 820 27.87 -11.91 49.01
CA PRO A 820 26.84 -11.14 48.30
C PRO A 820 25.74 -12.01 47.75
N ASP A 821 24.78 -11.40 47.05
CA ASP A 821 23.60 -12.08 46.53
C ASP A 821 23.71 -12.39 45.04
N VAL A 822 24.92 -12.54 44.52
CA VAL A 822 25.13 -12.86 43.11
C VAL A 822 24.89 -14.35 42.87
N PRO A 823 24.61 -14.76 41.63
CA PRO A 823 24.26 -16.19 41.40
C PRO A 823 25.37 -17.15 41.78
N TYR A 824 26.63 -16.77 41.55
CA TYR A 824 27.72 -17.70 41.80
C TYR A 824 27.96 -17.95 43.29
N VAL A 825 27.30 -17.20 44.16
CA VAL A 825 27.34 -17.47 45.60
C VAL A 825 26.25 -18.46 45.99
N LYS A 826 25.06 -18.29 45.42
CA LYS A 826 23.90 -19.07 45.84
C LYS A 826 23.88 -20.45 45.19
N ARG A 827 24.32 -20.55 43.93
CA ARG A 827 24.13 -21.81 43.20
C ARG A 827 25.12 -22.88 43.62
N VAL A 828 26.36 -22.50 43.96
CA VAL A 828 27.41 -23.45 44.29
C VAL A 828 27.79 -23.28 45.75
N LYS A 829 28.28 -24.36 46.35
CA LYS A 829 28.77 -24.29 47.72
C LYS A 829 30.05 -23.47 47.80
N THR A 830 30.40 -23.07 49.03
CA THR A 830 31.51 -22.15 49.24
C THR A 830 32.85 -22.83 48.98
N TRP A 831 33.07 -23.99 49.59
CA TRP A 831 34.36 -24.68 49.50
C TRP A 831 34.64 -25.21 48.10
N ARG A 832 33.73 -25.04 47.16
CA ARG A 832 34.01 -25.28 45.75
C ARG A 832 34.47 -24.01 45.08
N MET A 833 33.83 -22.89 45.41
CA MET A 833 34.31 -21.59 44.98
C MET A 833 35.75 -21.36 45.42
N HIS A 834 36.09 -21.78 46.64
CA HIS A 834 37.45 -21.62 47.11
C HIS A 834 38.42 -22.45 46.29
N LEU A 835 38.00 -23.67 45.90
CA LEU A 835 38.86 -24.50 45.06
C LEU A 835 39.05 -23.87 43.68
N PHE A 836 37.99 -23.33 43.10
CA PHE A 836 38.09 -22.62 41.83
C PHE A 836 39.06 -21.46 41.92
N THR A 837 38.88 -20.60 42.94
CA THR A 837 39.76 -19.46 43.12
C THR A 837 41.21 -19.91 43.33
N GLY A 838 41.40 -21.01 44.05
CA GLY A 838 42.73 -21.51 44.28
C GLY A 838 43.39 -22.00 42.99
N ILE A 839 42.62 -22.70 42.15
CA ILE A 839 43.13 -23.13 40.85
C ILE A 839 43.56 -21.91 40.03
N GLN A 840 42.72 -20.88 40.02
CA GLN A 840 43.06 -19.71 39.21
C GLN A 840 44.28 -18.98 39.77
N ILE A 841 44.43 -18.96 41.10
CA ILE A 841 45.59 -18.32 41.71
C ILE A 841 46.85 -19.13 41.43
N ILE A 842 46.75 -20.46 41.42
CA ILE A 842 47.89 -21.28 41.05
C ILE A 842 48.31 -21.00 39.62
N CYS A 843 47.32 -20.86 38.72
CA CYS A 843 47.62 -20.49 37.34
C CYS A 843 48.33 -19.14 37.27
N LEU A 844 47.83 -18.16 38.03
CA LEU A 844 48.49 -16.85 38.10
C LEU A 844 49.94 -16.98 38.55
N ALA A 845 50.18 -17.76 39.61
CA ALA A 845 51.53 -17.89 40.14
C ALA A 845 52.46 -18.54 39.13
N VAL A 846 51.95 -19.55 38.41
CA VAL A 846 52.77 -20.21 37.40
C VAL A 846 53.09 -19.24 36.27
N LEU A 847 52.10 -18.44 35.85
CA LEU A 847 52.35 -17.42 34.84
C LEU A 847 53.42 -16.45 35.29
N TRP A 848 53.36 -16.02 36.55
CA TRP A 848 54.35 -15.08 37.08
C TRP A 848 55.73 -15.70 37.05
N VAL A 849 55.85 -16.94 37.54
CA VAL A 849 57.16 -17.59 37.59
C VAL A 849 57.73 -17.74 36.18
N VAL A 850 56.88 -18.10 35.21
CA VAL A 850 57.37 -18.22 33.84
C VAL A 850 57.79 -16.86 33.29
N LYS A 851 57.08 -15.79 33.69
CA LYS A 851 57.45 -14.45 33.25
C LYS A 851 58.81 -14.04 33.83
N SER A 852 59.09 -14.45 35.06
CA SER A 852 60.38 -14.15 35.68
C SER A 852 61.49 -15.03 35.11
N THR A 853 61.13 -16.21 34.60
CA THR A 853 62.13 -17.12 34.06
C THR A 853 62.74 -16.52 32.79
N PRO A 854 64.04 -16.73 32.55
CA PRO A 854 64.64 -16.23 31.30
C PRO A 854 63.96 -16.74 30.03
N ALA A 855 63.04 -17.71 30.13
CA ALA A 855 62.22 -18.14 29.00
C ALA A 855 60.92 -17.33 28.96
N SER A 856 61.09 -16.01 28.85
CA SER A 856 59.96 -15.10 28.91
C SER A 856 59.18 -15.05 27.60
N LEU A 857 59.85 -15.22 26.46
CA LEU A 857 59.16 -15.19 25.18
C LEU A 857 58.13 -16.30 25.05
N ALA A 858 58.19 -17.32 25.91
CA ALA A 858 57.21 -18.39 25.94
C ALA A 858 56.01 -18.04 26.82
N LEU A 859 55.78 -16.76 27.08
CA LEU A 859 54.66 -16.31 27.90
C LEU A 859 53.32 -16.40 27.16
N PRO A 860 53.23 -16.00 25.88
CA PRO A 860 51.92 -16.12 25.21
C PRO A 860 51.43 -17.55 25.09
N PHE A 861 52.28 -18.47 24.64
CA PHE A 861 51.89 -19.87 24.48
C PHE A 861 51.24 -20.43 25.74
N VAL A 862 51.97 -20.35 26.87
CA VAL A 862 51.43 -20.83 28.13
C VAL A 862 50.05 -20.26 28.39
N LEU A 863 49.88 -18.96 28.10
CA LEU A 863 48.59 -18.31 28.32
C LEU A 863 47.48 -19.00 27.54
N ILE A 864 47.71 -19.25 26.24
CA ILE A 864 46.66 -19.91 25.47
C ILE A 864 46.47 -21.34 25.91
N LEU A 865 47.49 -21.94 26.55
CA LEU A 865 47.34 -23.29 27.07
C LEU A 865 46.36 -23.34 28.24
N THR A 866 45.97 -22.18 28.78
CA THR A 866 44.92 -22.15 29.78
C THR A 866 43.55 -22.38 29.15
N VAL A 867 43.41 -22.20 27.84
CA VAL A 867 42.12 -22.38 27.17
C VAL A 867 41.72 -23.86 27.16
N PRO A 868 42.60 -24.80 26.76
CA PRO A 868 42.21 -26.22 26.87
C PRO A 868 41.89 -26.63 28.30
N LEU A 869 42.55 -26.02 29.28
CA LEU A 869 42.31 -26.32 30.68
C LEU A 869 40.84 -26.13 31.04
N ARG A 870 40.21 -25.09 30.49
CA ARG A 870 38.81 -24.83 30.78
C ARG A 870 37.89 -25.78 30.01
N ARG A 871 38.38 -26.29 28.88
CA ARG A 871 37.52 -27.09 28.02
C ARG A 871 37.51 -28.56 28.41
N VAL A 872 38.60 -29.08 29.00
CA VAL A 872 38.76 -30.50 29.25
C VAL A 872 38.91 -30.81 30.74
N LEU A 873 39.87 -30.17 31.41
CA LEU A 873 40.27 -30.62 32.74
C LEU A 873 39.25 -30.25 33.80
N LEU A 874 38.66 -29.05 33.72
CA LEU A 874 37.75 -28.62 34.78
C LEU A 874 36.47 -29.45 34.78
N PRO A 875 35.87 -29.78 33.63
CA PRO A 875 34.68 -30.64 33.69
C PRO A 875 34.97 -32.02 34.27
N LEU A 876 36.23 -32.36 34.57
CA LEU A 876 36.54 -33.60 35.27
C LEU A 876 36.46 -33.46 36.79
N ILE A 877 36.40 -32.22 37.29
CA ILE A 877 36.39 -31.93 38.71
C ILE A 877 35.04 -31.36 39.14
N PHE A 878 34.55 -30.37 38.42
CA PHE A 878 33.30 -29.69 38.74
C PHE A 878 32.14 -30.34 37.99
N ARG A 879 30.97 -29.75 38.15
CA ARG A 879 29.76 -30.16 37.45
C ARG A 879 29.32 -29.04 36.50
N ASN A 880 28.41 -29.39 35.59
CA ASN A 880 28.13 -28.53 34.46
C ASN A 880 27.43 -27.24 34.91
N VAL A 881 26.52 -27.36 35.88
CA VAL A 881 25.78 -26.18 36.33
C VAL A 881 26.73 -25.26 37.10
N GLU A 882 27.64 -25.83 37.89
CA GLU A 882 28.64 -25.02 38.56
C GLU A 882 29.51 -24.29 37.55
N LEU A 883 29.90 -24.98 36.48
CA LEU A 883 30.77 -24.37 35.48
C LEU A 883 30.06 -23.28 34.70
N GLN A 884 28.76 -23.45 34.44
CA GLN A 884 28.00 -22.40 33.77
C GLN A 884 27.78 -21.21 34.68
N CYS A 885 27.59 -21.45 35.98
CA CYS A 885 27.32 -20.35 36.89
C CYS A 885 28.58 -19.57 37.22
N LEU A 886 29.72 -20.27 37.32
CA LEU A 886 30.99 -19.61 37.64
C LEU A 886 31.57 -18.87 36.44
N ASP A 887 31.83 -19.59 35.35
CA ASP A 887 32.42 -18.99 34.15
C ASP A 887 31.28 -18.52 33.25
N ALA A 888 30.69 -17.39 33.63
CA ALA A 888 29.57 -16.82 32.88
C ALA A 888 30.08 -15.85 31.83
N ASP A 889 29.54 -15.95 30.62
CA ASP A 889 30.01 -15.12 29.52
C ASP A 889 29.44 -13.70 29.61
N ASP A 890 28.23 -13.56 30.15
CA ASP A 890 27.60 -12.27 30.36
C ASP A 890 27.52 -12.01 31.87
N ALA A 891 27.67 -10.75 32.25
CA ALA A 891 27.69 -10.42 33.68
C ALA A 891 26.28 -10.37 34.24
N LYS A 892 25.38 -9.65 33.56
CA LYS A 892 24.03 -9.47 34.11
C LYS A 892 23.22 -10.76 34.06
N ALA A 893 23.31 -11.51 32.96
CA ALA A 893 22.58 -12.75 32.78
C ALA A 893 23.48 -13.94 33.09
N THR A 894 23.07 -14.74 34.07
CA THR A 894 23.86 -15.90 34.48
C THR A 894 22.97 -17.12 34.70
N HIS B 55 3.10 -24.47 89.58
CA HIS B 55 3.42 -23.09 89.22
C HIS B 55 4.35 -22.99 88.03
N LYS B 56 5.34 -23.88 87.97
CA LYS B 56 6.30 -23.90 86.89
C LYS B 56 6.53 -25.34 86.45
N VAL B 57 6.38 -25.60 85.15
CA VAL B 57 6.34 -26.96 84.63
C VAL B 57 7.40 -27.12 83.56
N TYR B 58 7.67 -28.37 83.21
CA TYR B 58 8.69 -28.75 82.25
C TYR B 58 8.02 -29.39 81.05
N VAL B 59 8.33 -28.88 79.85
CA VAL B 59 7.69 -29.34 78.63
C VAL B 59 8.77 -29.81 77.66
N GLU B 60 8.57 -31.01 77.11
CA GLU B 60 9.48 -31.63 76.17
C GLU B 60 8.78 -31.91 74.84
N LEU B 61 9.55 -31.78 73.76
CA LEU B 61 9.04 -31.98 72.41
C LEU B 61 10.02 -32.86 71.66
N GLN B 62 9.52 -33.99 71.15
CA GLN B 62 10.35 -34.88 70.35
C GLN B 62 9.68 -35.19 69.02
N GLU B 63 10.49 -35.28 67.98
CA GLU B 63 10.05 -35.65 66.65
C GLU B 63 10.68 -36.97 66.20
N LEU B 64 10.10 -37.54 65.15
CA LEU B 64 10.54 -38.84 64.63
C LEU B 64 11.36 -38.63 63.36
N VAL B 65 12.68 -38.75 63.48
CA VAL B 65 13.60 -38.44 62.38
C VAL B 65 14.58 -39.61 62.22
N MET B 66 15.53 -39.42 61.30
CA MET B 66 16.51 -40.46 61.01
C MET B 66 17.94 -39.98 61.27
N ASP B 67 18.80 -40.95 61.55
CA ASP B 67 20.19 -40.75 61.93
C ASP B 67 21.13 -40.84 60.73
N GLU B 68 22.20 -40.07 60.78
CA GLU B 68 23.22 -40.12 59.74
C GLU B 68 24.08 -41.38 59.84
N LYS B 69 24.05 -42.06 60.99
CA LYS B 69 24.83 -43.28 61.15
C LYS B 69 24.32 -44.37 60.21
N ASN B 70 23.06 -44.77 60.36
CA ASN B 70 22.46 -45.82 59.56
C ASN B 70 21.02 -45.40 59.26
N GLN B 71 20.52 -45.88 58.11
CA GLN B 71 19.16 -45.54 57.73
C GLN B 71 18.16 -46.26 58.62
N GLU B 72 17.35 -45.48 59.33
CA GLU B 72 16.45 -45.98 60.35
C GLU B 72 15.49 -44.85 60.70
N LEU B 73 14.60 -45.11 61.65
CA LEU B 73 13.76 -44.07 62.22
C LEU B 73 13.80 -44.19 63.74
N ARG B 74 13.82 -43.05 64.42
CA ARG B 74 13.79 -43.04 65.87
C ARG B 74 13.44 -41.63 66.34
N TRP B 75 13.12 -41.53 67.63
CA TRP B 75 12.69 -40.26 68.21
C TRP B 75 13.86 -39.48 68.78
N MET B 76 13.94 -38.20 68.42
CA MET B 76 14.88 -37.23 68.96
C MET B 76 14.19 -35.94 69.36
N GLU B 77 14.53 -35.43 70.55
CA GLU B 77 13.97 -34.18 71.04
C GLU B 77 14.50 -32.99 70.23
N ALA B 78 13.75 -31.90 70.26
CA ALA B 78 14.14 -30.70 69.54
C ALA B 78 14.15 -29.42 70.37
N ALA B 79 13.43 -29.36 71.48
CA ALA B 79 13.37 -28.15 72.28
C ALA B 79 12.80 -28.50 73.65
N ARG B 80 12.96 -27.56 74.58
CA ARG B 80 12.47 -27.70 75.94
C ARG B 80 11.91 -26.38 76.44
N TRP B 81 10.97 -26.48 77.37
CA TRP B 81 10.18 -25.33 77.81
C TRP B 81 10.06 -25.31 79.34
N VAL B 82 10.81 -24.43 79.99
CA VAL B 82 10.55 -24.05 81.37
C VAL B 82 10.48 -22.52 81.38
N GLN B 83 9.28 -21.98 81.21
CA GLN B 83 9.01 -20.56 81.19
C GLN B 83 9.66 -19.87 79.99
N LEU B 84 10.43 -20.63 79.21
CA LEU B 84 11.18 -20.08 78.08
C LEU B 84 11.46 -21.22 77.12
N GLU B 85 11.86 -20.87 75.90
CA GLU B 85 12.18 -21.85 74.88
C GLU B 85 13.68 -22.06 74.82
N GLU B 86 14.10 -23.32 74.81
CA GLU B 86 15.50 -23.66 74.60
C GLU B 86 15.60 -24.69 73.50
N ASN B 87 16.45 -24.43 72.52
CA ASN B 87 16.56 -25.27 71.34
C ASN B 87 18.01 -25.60 71.07
N LEU B 88 18.21 -26.65 70.29
CA LEU B 88 19.55 -27.13 69.97
C LEU B 88 19.67 -27.25 68.46
N GLY B 89 20.90 -27.14 67.97
CA GLY B 89 21.18 -27.25 66.55
C GLY B 89 21.78 -28.58 66.17
N GLU B 90 22.61 -28.57 65.12
CA GLU B 90 23.29 -29.78 64.68
C GLU B 90 24.43 -30.17 65.61
N ASN B 91 24.94 -29.22 66.40
CA ASN B 91 26.10 -29.50 67.23
C ASN B 91 25.73 -30.41 68.40
N GLY B 92 24.48 -30.34 68.85
CA GLY B 92 24.07 -30.96 70.09
C GLY B 92 24.11 -30.05 71.28
N ALA B 93 24.26 -28.75 71.07
CA ALA B 93 24.34 -27.76 72.13
C ALA B 93 23.06 -26.95 72.16
N TRP B 94 22.62 -26.59 73.36
CA TRP B 94 21.34 -25.92 73.54
C TRP B 94 21.53 -24.42 73.50
N GLY B 95 20.70 -23.75 72.72
CA GLY B 95 20.80 -22.30 72.60
C GLY B 95 20.35 -21.61 73.86
N ARG B 96 20.65 -20.32 73.92
CA ARG B 96 20.28 -19.55 75.09
C ARG B 96 18.76 -19.34 75.13
N PRO B 97 18.15 -19.43 76.31
CA PRO B 97 16.68 -19.30 76.38
C PRO B 97 16.22 -17.93 75.93
N HIS B 98 15.02 -17.90 75.36
CA HIS B 98 14.46 -16.69 74.79
C HIS B 98 12.94 -16.80 74.81
N LEU B 99 12.29 -15.69 74.51
CA LEU B 99 10.84 -15.69 74.39
C LEU B 99 10.44 -16.43 73.12
N SER B 100 9.31 -17.13 73.21
CA SER B 100 8.80 -17.94 72.11
C SER B 100 7.91 -17.09 71.21
N HIS B 101 8.15 -17.17 69.91
CA HIS B 101 7.46 -16.35 68.93
C HIS B 101 6.68 -17.27 68.02
N LEU B 102 5.38 -17.01 67.88
CA LEU B 102 4.51 -17.85 67.08
C LEU B 102 4.46 -17.42 65.62
N THR B 103 3.97 -18.33 64.79
CA THR B 103 3.71 -18.07 63.39
C THR B 103 2.26 -18.42 63.09
N PHE B 104 1.75 -17.79 62.03
CA PHE B 104 0.30 -17.81 61.79
C PHE B 104 -0.22 -19.22 61.54
N TRP B 105 0.46 -19.95 60.66
CA TRP B 105 -0.02 -21.28 60.30
C TRP B 105 0.00 -22.24 61.46
N SER B 106 0.98 -22.13 62.36
CA SER B 106 1.03 -23.04 63.50
C SER B 106 -0.22 -22.94 64.36
N LEU B 107 -0.56 -21.73 64.77
CA LEU B 107 -1.73 -21.56 65.61
C LEU B 107 -3.01 -21.90 64.85
N LEU B 108 -3.07 -21.49 63.59
CA LEU B 108 -4.28 -21.71 62.81
C LEU B 108 -4.56 -23.20 62.61
N GLU B 109 -3.54 -23.97 62.25
CA GLU B 109 -3.77 -25.39 62.02
C GLU B 109 -3.94 -26.11 63.35
N LEU B 110 -3.33 -25.58 64.42
CA LEU B 110 -3.60 -26.15 65.73
C LEU B 110 -5.06 -25.99 66.09
N ARG B 111 -5.65 -24.83 65.82
CA ARG B 111 -7.07 -24.65 66.05
C ARG B 111 -7.89 -25.61 65.19
N ARG B 112 -7.52 -25.72 63.91
CA ARG B 112 -8.30 -26.57 63.00
C ARG B 112 -8.28 -28.03 63.44
N VAL B 113 -7.11 -28.54 63.83
CA VAL B 113 -7.05 -29.93 64.25
C VAL B 113 -7.61 -30.09 65.65
N PHE B 114 -7.55 -29.04 66.47
CA PHE B 114 -8.05 -29.15 67.83
C PHE B 114 -9.56 -29.15 67.89
N THR B 115 -10.22 -28.59 66.87
CA THR B 115 -11.68 -28.63 66.86
C THR B 115 -12.21 -30.05 66.73
N LYS B 116 -11.43 -30.97 66.17
CA LYS B 116 -11.85 -32.35 65.96
C LYS B 116 -10.93 -33.34 66.65
N GLY B 117 -10.43 -33.00 67.83
CA GLY B 117 -9.48 -33.86 68.54
C GLY B 117 -10.16 -34.68 69.63
N THR B 118 -9.75 -35.93 69.73
CA THR B 118 -10.19 -36.78 70.84
C THR B 118 -9.49 -36.36 72.13
N VAL B 119 -10.26 -36.30 73.21
CA VAL B 119 -9.74 -35.84 74.50
C VAL B 119 -10.06 -36.91 75.53
N LEU B 120 -9.03 -37.44 76.18
CA LEU B 120 -9.18 -38.44 77.23
C LEU B 120 -8.65 -37.86 78.53
N LEU B 121 -9.49 -37.84 79.55
CA LEU B 121 -9.21 -37.12 80.78
C LEU B 121 -9.05 -38.09 81.93
N ASP B 122 -7.94 -37.97 82.67
CA ASP B 122 -7.68 -38.76 83.87
C ASP B 122 -7.72 -40.26 83.60
N LEU B 123 -6.94 -40.70 82.61
CA LEU B 123 -6.79 -42.13 82.39
C LEU B 123 -5.72 -42.67 83.32
N GLN B 124 -5.93 -43.89 83.80
CA GLN B 124 -5.04 -44.49 84.80
C GLN B 124 -4.04 -45.41 84.09
N GLU B 125 -2.89 -44.86 83.76
CA GLU B 125 -1.77 -45.60 83.20
C GLU B 125 -0.47 -45.04 83.75
N THR B 126 0.57 -45.87 83.75
CA THR B 126 1.88 -45.45 84.23
C THR B 126 2.99 -45.78 83.24
N SER B 127 2.73 -46.63 82.26
CA SER B 127 3.72 -47.09 81.30
C SER B 127 3.42 -46.48 79.94
N LEU B 128 4.29 -46.75 78.98
CA LEU B 128 4.12 -46.20 77.65
C LEU B 128 3.37 -47.12 76.70
N ALA B 129 3.50 -48.44 76.86
CA ALA B 129 2.81 -49.36 75.95
C ALA B 129 1.30 -49.37 76.20
N GLY B 130 0.86 -49.36 77.45
CA GLY B 130 -0.55 -49.23 77.71
C GLY B 130 -1.13 -47.91 77.24
N VAL B 131 -0.33 -46.84 77.33
CA VAL B 131 -0.75 -45.55 76.76
C VAL B 131 -0.90 -45.67 75.26
N ALA B 132 0.07 -46.32 74.60
CA ALA B 132 0.01 -46.45 73.14
C ALA B 132 -1.23 -47.23 72.74
N ASN B 133 -1.48 -48.33 73.44
CA ASN B 133 -2.62 -49.19 73.10
C ASN B 133 -3.92 -48.42 73.28
N GLN B 134 -4.09 -47.75 74.43
CA GLN B 134 -5.33 -47.05 74.69
C GLN B 134 -5.53 -45.86 73.75
N LEU B 135 -4.46 -45.15 73.41
CA LEU B 135 -4.62 -43.98 72.55
C LEU B 135 -4.93 -44.42 71.12
N LEU B 136 -4.34 -45.52 70.67
CA LEU B 136 -4.66 -45.99 69.34
C LEU B 136 -6.05 -46.60 69.28
N ASP B 137 -6.50 -47.22 70.37
CA ASP B 137 -7.91 -47.62 70.45
C ASP B 137 -8.82 -46.40 70.43
N ARG B 138 -8.40 -45.29 71.03
CA ARG B 138 -9.21 -44.07 70.99
C ARG B 138 -9.27 -43.49 69.58
N PHE B 139 -8.15 -43.49 68.86
CA PHE B 139 -8.18 -43.04 67.47
C PHE B 139 -9.00 -43.96 66.58
N ILE B 140 -9.03 -45.25 66.92
CA ILE B 140 -9.92 -46.16 66.20
C ILE B 140 -11.36 -45.84 66.54
N PHE B 141 -11.61 -45.45 67.79
CA PHE B 141 -12.97 -45.36 68.29
C PHE B 141 -13.72 -44.21 67.64
N GLU B 142 -13.11 -43.03 67.59
CA GLU B 142 -13.74 -41.87 66.97
C GLU B 142 -13.44 -41.80 65.48
N ASP B 143 -12.96 -42.89 64.88
CA ASP B 143 -12.76 -42.97 63.44
C ASP B 143 -11.82 -41.87 62.94
N GLN B 144 -10.73 -41.65 63.68
CA GLN B 144 -9.73 -40.68 63.26
C GLN B 144 -8.69 -41.30 62.34
N ILE B 145 -8.56 -42.62 62.34
CA ILE B 145 -7.58 -43.33 61.53
C ILE B 145 -8.16 -44.70 61.19
N ARG B 146 -7.67 -45.27 60.11
CA ARG B 146 -8.19 -46.55 59.68
C ARG B 146 -7.60 -47.67 60.54
N PRO B 147 -8.37 -48.74 60.77
CA PRO B 147 -7.86 -49.82 61.63
C PRO B 147 -6.71 -50.58 61.00
N GLN B 148 -6.55 -50.52 59.69
CA GLN B 148 -5.44 -51.20 59.02
C GLN B 148 -4.13 -50.44 59.17
N ASP B 149 -4.14 -49.29 59.85
CA ASP B 149 -2.93 -48.52 60.08
C ASP B 149 -2.30 -48.82 61.44
N ARG B 150 -3.05 -49.42 62.37
CA ARG B 150 -2.58 -49.54 63.74
C ARG B 150 -1.32 -50.37 63.83
N GLU B 151 -1.23 -51.42 63.02
CA GLU B 151 -0.05 -52.27 63.01
C GLU B 151 1.22 -51.49 62.65
N GLU B 152 1.10 -50.48 61.79
CA GLU B 152 2.21 -49.56 61.59
C GLU B 152 2.41 -48.64 62.78
N LEU B 153 1.34 -47.97 63.22
CA LEU B 153 1.50 -46.89 64.18
C LEU B 153 2.03 -47.37 65.52
N LEU B 154 1.66 -48.60 65.93
CA LEU B 154 2.23 -49.15 67.15
C LEU B 154 3.75 -49.18 67.08
N ARG B 155 4.30 -49.73 66.00
CA ARG B 155 5.76 -49.72 65.94
C ARG B 155 6.29 -48.33 65.67
N ALA B 156 5.43 -47.43 65.19
CA ALA B 156 5.83 -46.02 65.07
C ALA B 156 6.10 -45.44 66.45
N LEU B 157 5.37 -45.93 67.46
CA LEU B 157 5.47 -45.37 68.80
C LEU B 157 6.57 -46.04 69.59
N LEU B 158 6.68 -47.37 69.48
CA LEU B 158 7.66 -48.16 70.22
C LEU B 158 9.01 -48.05 69.52
N LEU B 159 9.64 -46.89 69.70
CA LEU B 159 10.97 -46.64 69.19
C LEU B 159 11.75 -45.82 70.20
N LYS B 160 13.06 -45.77 70.03
CA LYS B 160 13.94 -45.23 71.06
C LYS B 160 13.83 -43.72 71.12
N HIS B 161 14.17 -43.16 72.28
CA HIS B 161 14.06 -41.73 72.54
C HIS B 161 15.34 -41.25 73.20
N SER B 162 16.28 -40.77 72.38
CA SER B 162 17.61 -40.44 72.85
C SER B 162 17.80 -38.93 72.88
N HIS B 163 18.66 -38.48 73.78
CA HIS B 163 18.95 -37.06 73.97
C HIS B 163 20.17 -36.65 73.14
N ALA B 164 20.71 -35.46 73.45
CA ALA B 164 21.80 -34.91 72.66
C ALA B 164 23.11 -35.63 72.92
N GLY B 165 23.31 -36.14 74.13
CA GLY B 165 24.61 -36.71 74.49
C GLY B 165 24.96 -37.93 73.68
N GLU B 166 23.96 -38.68 73.21
CA GLU B 166 24.19 -39.83 72.36
C GLU B 166 24.55 -39.45 70.92
N LEU B 167 24.36 -38.19 70.53
CA LEU B 167 24.29 -37.86 69.11
C LEU B 167 25.65 -37.79 68.45
N GLU B 168 26.70 -37.42 69.19
CA GLU B 168 28.01 -37.26 68.58
C GLU B 168 28.56 -38.59 68.10
N ALA B 169 28.35 -39.65 68.88
CA ALA B 169 28.62 -41.00 68.41
C ALA B 169 27.70 -41.38 67.26
N LEU B 170 26.46 -40.88 67.29
CA LEU B 170 25.51 -41.17 66.23
C LEU B 170 25.87 -40.39 64.96
N GLY B 171 26.35 -39.16 65.11
CA GLY B 171 26.84 -38.38 63.99
C GLY B 171 25.95 -37.23 63.59
N GLY B 172 24.70 -37.19 64.07
CA GLY B 172 23.76 -36.16 63.68
C GLY B 172 22.54 -36.73 63.00
N VAL B 173 21.47 -35.96 62.97
CA VAL B 173 20.18 -36.43 62.47
C VAL B 173 19.69 -35.47 61.38
N LYS B 174 18.72 -35.95 60.61
CA LYS B 174 18.08 -35.17 59.58
C LYS B 174 16.62 -35.58 59.51
N PRO B 175 15.74 -34.70 59.04
CA PRO B 175 14.31 -35.02 59.05
C PRO B 175 13.96 -36.13 58.08
N ALA B 176 13.06 -37.01 58.52
CA ALA B 176 12.59 -38.13 57.72
C ALA B 176 11.10 -38.33 57.97
N VAL B 177 10.46 -39.05 57.06
CA VAL B 177 9.01 -39.19 57.08
C VAL B 177 8.67 -40.66 57.25
N LEU B 178 7.66 -40.95 58.06
CA LEU B 178 7.12 -42.29 58.12
C LEU B 178 6.42 -42.64 56.82
N THR B 179 6.54 -43.90 56.41
CA THR B 179 5.79 -44.46 55.29
C THR B 179 4.92 -45.61 55.78
N ARG B 180 4.12 -46.13 54.85
CA ARG B 180 3.28 -47.28 55.18
C ARG B 180 4.12 -48.52 55.43
N SER B 181 5.26 -48.64 54.74
CA SER B 181 6.10 -49.82 54.89
C SER B 181 6.72 -49.88 56.28
N GLY B 182 7.37 -48.80 56.70
CA GLY B 182 8.09 -48.79 57.96
C GLY B 182 9.54 -48.38 57.79
N ASP B 183 9.87 -47.86 56.61
CA ASP B 183 11.18 -47.39 56.20
C ASP B 183 11.19 -45.87 56.08
N PRO B 184 12.23 -45.19 56.55
CA PRO B 184 12.31 -43.73 56.40
C PRO B 184 12.37 -43.31 54.94
N SER B 185 11.97 -42.06 54.69
CA SER B 185 11.90 -41.53 53.34
C SER B 185 11.99 -40.01 53.41
N GLN B 186 12.42 -39.41 52.30
CA GLN B 186 12.61 -37.98 52.25
C GLN B 186 11.28 -37.30 51.92
N PRO B 187 11.02 -36.12 52.47
CA PRO B 187 9.76 -35.43 52.18
C PRO B 187 9.70 -34.94 50.74
N LEU B 188 8.47 -34.90 50.21
CA LEU B 188 8.25 -34.48 48.83
C LEU B 188 8.19 -32.96 48.71
N LEU B 189 7.45 -32.30 49.59
CA LEU B 189 7.40 -30.85 49.61
C LEU B 189 8.73 -30.28 50.13
N PRO B 190 9.14 -29.12 49.61
CA PRO B 190 10.45 -28.59 49.98
C PRO B 190 10.47 -28.08 51.42
N GLN B 191 11.70 -27.96 51.93
CA GLN B 191 11.96 -27.54 53.30
C GLN B 191 12.83 -26.29 53.31
N HIS B 192 12.73 -25.54 54.39
CA HIS B 192 13.49 -24.32 54.57
C HIS B 192 14.21 -24.36 55.90
N SER B 193 15.28 -23.58 56.01
CA SER B 193 16.04 -23.55 57.25
C SER B 193 15.20 -22.88 58.33
N SER B 194 15.29 -23.40 59.56
CA SER B 194 14.47 -22.88 60.63
C SER B 194 14.98 -21.52 61.08
N LEU B 195 14.04 -20.69 61.54
CA LEU B 195 14.37 -19.32 61.92
C LEU B 195 14.99 -19.26 63.31
N GLU B 196 14.47 -20.05 64.25
CA GLU B 196 14.96 -19.98 65.62
C GLU B 196 16.36 -20.57 65.77
N THR B 197 16.68 -21.61 65.00
CA THR B 197 18.02 -22.19 65.08
C THR B 197 19.07 -21.33 64.39
N GLN B 198 18.70 -20.62 63.34
CA GLN B 198 19.65 -19.76 62.63
C GLN B 198 20.01 -18.55 63.49
N LEU B 199 19.03 -17.98 64.18
CA LEU B 199 19.29 -16.75 64.92
C LEU B 199 19.85 -17.08 66.28
N PHE B 200 19.28 -18.06 66.98
CA PHE B 200 19.67 -18.31 68.36
C PHE B 200 20.83 -19.30 68.49
N CYS B 201 20.79 -20.44 67.78
CA CYS B 201 21.88 -21.40 67.94
C CYS B 201 23.14 -20.94 67.22
N GLU B 202 22.98 -20.29 66.07
CA GLU B 202 24.11 -19.75 65.34
C GLU B 202 24.23 -18.25 65.57
N HIS B 211 26.35 -26.04 84.04
CA HIS B 211 26.20 -25.16 82.88
C HIS B 211 24.72 -25.01 82.56
N SER B 212 24.27 -25.63 81.47
CA SER B 212 22.86 -25.55 81.11
C SER B 212 21.97 -26.52 81.88
N PRO B 213 22.33 -27.81 82.04
CA PRO B 213 21.41 -28.70 82.77
C PRO B 213 21.36 -28.45 84.27
N SER B 214 22.46 -28.02 84.88
CA SER B 214 22.42 -27.60 86.28
C SER B 214 21.48 -26.41 86.46
N GLY B 215 21.48 -25.48 85.50
CA GLY B 215 20.55 -24.37 85.56
C GLY B 215 19.12 -24.80 85.28
N ILE B 216 18.95 -25.85 84.47
CA ILE B 216 17.62 -26.39 84.21
C ILE B 216 17.03 -26.98 85.49
N LEU B 217 17.82 -27.81 86.17
CA LEU B 217 17.36 -28.39 87.43
C LEU B 217 17.30 -27.35 88.56
N GLU B 218 18.03 -26.23 88.42
CA GLU B 218 17.94 -25.16 89.40
C GLU B 218 16.65 -24.37 89.24
N LYS B 219 16.28 -24.06 88.01
CA LYS B 219 15.10 -23.25 87.78
C LYS B 219 13.83 -24.03 88.12
N ILE B 220 13.82 -25.32 87.80
CA ILE B 220 12.64 -26.16 88.01
C ILE B 220 12.47 -26.38 89.50
N PRO B 221 11.31 -26.07 90.06
CA PRO B 221 11.07 -26.41 91.46
C PRO B 221 11.03 -27.91 91.64
N PRO B 222 11.40 -28.41 92.82
CA PRO B 222 11.51 -29.87 93.00
C PRO B 222 10.17 -30.58 92.89
N ASP B 223 9.06 -29.87 93.08
CA ASP B 223 7.72 -30.45 93.04
C ASP B 223 7.05 -29.94 91.76
N SER B 224 7.10 -30.77 90.71
CA SER B 224 6.56 -30.36 89.43
C SER B 224 6.27 -31.61 88.60
N GLU B 225 5.43 -31.42 87.58
CA GLU B 225 5.12 -32.47 86.63
C GLU B 225 5.38 -31.95 85.22
N ALA B 226 5.60 -32.88 84.30
CA ALA B 226 6.05 -32.53 82.97
C ALA B 226 5.01 -32.93 81.92
N THR B 227 5.19 -32.38 80.73
CA THR B 227 4.36 -32.69 79.58
C THR B 227 5.26 -33.01 78.39
N LEU B 228 4.75 -33.87 77.51
CA LEU B 228 5.48 -34.27 76.32
C LEU B 228 4.61 -34.22 75.08
N VAL B 229 5.25 -33.88 73.96
CA VAL B 229 4.58 -33.85 72.67
C VAL B 229 5.44 -34.63 71.67
N LEU B 230 4.78 -35.46 70.87
CA LEU B 230 5.42 -36.34 69.90
C LEU B 230 4.91 -35.97 68.51
N VAL B 231 5.76 -35.34 67.70
CA VAL B 231 5.35 -34.84 66.40
C VAL B 231 6.05 -35.66 65.31
N GLY B 232 5.34 -35.96 64.23
CA GLY B 232 5.92 -36.71 63.15
C GLY B 232 5.07 -36.66 61.89
N ARG B 233 5.70 -37.03 60.78
CA ARG B 233 5.07 -37.06 59.47
C ARG B 233 4.92 -38.50 59.02
N ALA B 234 3.74 -38.84 58.50
CA ALA B 234 3.46 -40.21 58.04
C ALA B 234 2.66 -40.14 56.76
N ASP B 235 3.18 -40.75 55.71
CA ASP B 235 2.59 -40.62 54.38
C ASP B 235 1.33 -41.46 54.19
N PHE B 236 1.07 -42.43 55.07
CA PHE B 236 -0.06 -43.33 54.90
C PHE B 236 -1.31 -42.83 55.62
N LEU B 237 -1.36 -41.56 55.97
CA LEU B 237 -2.54 -40.99 56.61
C LEU B 237 -3.28 -40.09 55.63
N GLU B 238 -4.50 -39.72 56.01
CA GLU B 238 -5.35 -38.85 55.20
C GLU B 238 -5.23 -37.40 55.65
N GLN B 239 -5.53 -37.15 56.91
CA GLN B 239 -5.54 -35.82 57.49
C GLN B 239 -4.77 -35.87 58.80
N PRO B 240 -4.32 -34.73 59.30
CA PRO B 240 -3.68 -34.71 60.61
C PRO B 240 -4.65 -35.07 61.71
N VAL B 241 -4.15 -35.82 62.69
CA VAL B 241 -4.92 -36.25 63.85
C VAL B 241 -4.22 -35.75 65.10
N LEU B 242 -5.01 -35.55 66.15
CA LEU B 242 -4.52 -35.05 67.42
C LEU B 242 -5.11 -35.87 68.56
N GLY B 243 -4.26 -36.24 69.49
CA GLY B 243 -4.70 -36.86 70.73
C GLY B 243 -4.18 -36.09 71.92
N PHE B 244 -5.04 -35.97 72.94
CA PHE B 244 -4.76 -35.19 74.13
C PHE B 244 -5.18 -35.97 75.35
N VAL B 245 -4.22 -36.47 76.13
CA VAL B 245 -4.53 -37.35 77.25
C VAL B 245 -3.92 -36.78 78.52
N ARG B 246 -4.72 -36.70 79.57
CA ARG B 246 -4.25 -36.32 80.88
C ARG B 246 -4.38 -37.54 81.76
N LEU B 247 -3.29 -37.87 82.47
CA LEU B 247 -3.26 -39.09 83.24
C LEU B 247 -4.06 -38.96 84.53
N GLN B 248 -4.38 -40.13 85.10
CA GLN B 248 -5.01 -40.15 86.42
C GLN B 248 -4.01 -39.70 87.47
N GLU B 249 -2.83 -40.31 87.47
CA GLU B 249 -1.77 -40.03 88.43
C GLU B 249 -0.48 -39.79 87.68
N ALA B 250 0.47 -39.15 88.36
CA ALA B 250 1.79 -38.91 87.79
C ALA B 250 2.48 -40.22 87.44
N ALA B 251 3.23 -40.22 86.35
CA ALA B 251 3.87 -41.44 85.87
C ALA B 251 5.27 -41.12 85.37
N GLU B 252 6.19 -42.03 85.64
CA GLU B 252 7.54 -41.98 85.08
C GLU B 252 7.60 -42.76 83.78
N LEU B 253 8.20 -42.17 82.75
CA LEU B 253 8.25 -42.75 81.42
C LEU B 253 9.70 -42.83 80.97
N GLU B 254 10.03 -43.91 80.26
CA GLU B 254 11.41 -44.19 79.88
C GLU B 254 11.89 -43.42 78.67
N ALA B 255 11.08 -42.54 78.10
CA ALA B 255 11.59 -41.68 77.03
C ALA B 255 12.28 -40.45 77.59
N VAL B 256 11.89 -40.02 78.79
CA VAL B 256 12.45 -38.85 79.46
C VAL B 256 13.47 -39.33 80.48
N GLU B 257 14.73 -38.92 80.30
CA GLU B 257 15.78 -39.27 81.23
C GLU B 257 15.72 -38.45 82.52
N LEU B 258 15.05 -37.31 82.50
CA LEU B 258 14.94 -36.50 83.71
C LEU B 258 14.00 -37.20 84.70
N PRO B 259 14.29 -37.13 86.00
CA PRO B 259 13.46 -37.83 86.99
C PRO B 259 12.07 -37.25 87.21
N VAL B 260 11.64 -36.24 86.47
CA VAL B 260 10.32 -35.69 86.69
C VAL B 260 9.26 -36.63 86.11
N PRO B 261 8.08 -36.71 86.70
CA PRO B 261 7.00 -37.53 86.14
C PRO B 261 6.19 -36.72 85.13
N ILE B 262 5.33 -37.44 84.41
CA ILE B 262 4.54 -36.87 83.33
C ILE B 262 3.06 -36.97 83.69
N ARG B 263 2.30 -35.93 83.34
CA ARG B 263 0.85 -35.94 83.51
C ARG B 263 0.12 -35.78 82.19
N PHE B 264 0.49 -34.80 81.36
CA PHE B 264 -0.21 -34.56 80.12
C PHE B 264 0.61 -35.15 78.97
N LEU B 265 -0.09 -35.47 77.88
CA LEU B 265 0.59 -35.99 76.71
C LEU B 265 -0.18 -35.64 75.45
N PHE B 266 0.58 -35.24 74.44
CA PHE B 266 0.11 -34.83 73.13
C PHE B 266 0.58 -35.81 72.06
N VAL B 267 -0.27 -35.98 71.05
CA VAL B 267 0.09 -36.71 69.83
C VAL B 267 -0.40 -35.88 68.65
N LEU B 268 0.52 -35.41 67.82
CA LEU B 268 0.19 -34.65 66.62
C LEU B 268 0.75 -35.34 65.38
N LEU B 269 -0.10 -35.99 64.61
CA LEU B 269 0.31 -36.72 63.43
C LEU B 269 -0.41 -36.18 62.20
N GLY B 270 0.09 -36.56 61.03
CA GLY B 270 -0.56 -36.19 59.80
C GLY B 270 0.31 -36.41 58.58
N PRO B 271 -0.31 -36.42 57.41
CA PRO B 271 0.45 -36.45 56.17
C PRO B 271 0.91 -35.03 55.83
N GLU B 272 1.64 -34.92 54.75
CA GLU B 272 2.24 -33.65 54.39
C GLU B 272 1.28 -32.81 53.55
N ALA B 273 1.18 -31.53 53.90
CA ALA B 273 0.23 -30.61 53.30
C ALA B 273 0.88 -29.24 53.27
N PRO B 274 0.49 -28.38 52.34
CA PRO B 274 1.05 -27.04 52.30
C PRO B 274 0.63 -26.21 53.49
N HIS B 275 1.45 -25.21 53.80
CA HIS B 275 1.20 -24.30 54.92
C HIS B 275 1.18 -25.04 56.26
N ILE B 276 1.87 -26.17 56.35
CA ILE B 276 1.97 -26.94 57.59
C ILE B 276 3.42 -27.31 57.80
N ASP B 277 4.01 -26.86 58.91
CA ASP B 277 5.35 -27.25 59.34
C ASP B 277 5.27 -27.88 60.72
N TYR B 278 5.58 -29.17 60.79
CA TYR B 278 5.23 -29.92 61.99
C TYR B 278 6.07 -29.50 63.18
N THR B 279 7.28 -29.00 62.93
CA THR B 279 8.08 -28.42 64.01
C THR B 279 7.41 -27.17 64.56
N GLN B 280 6.89 -26.34 63.67
CA GLN B 280 6.20 -25.14 64.10
C GLN B 280 4.91 -25.51 64.82
N LEU B 281 4.25 -26.58 64.38
CA LEU B 281 3.03 -27.01 65.06
C LEU B 281 3.34 -27.52 66.46
N GLY B 282 4.44 -28.25 66.60
CA GLY B 282 4.85 -28.67 67.92
C GLY B 282 5.21 -27.49 68.82
N ARG B 283 5.85 -26.47 68.24
CA ARG B 283 6.15 -25.28 69.02
C ARG B 283 4.87 -24.60 69.49
N ALA B 284 3.86 -24.56 68.62
CA ALA B 284 2.59 -23.98 69.01
C ALA B 284 1.95 -24.79 70.14
N ALA B 285 2.02 -26.11 70.07
CA ALA B 285 1.43 -26.92 71.13
C ALA B 285 2.17 -26.73 72.45
N ALA B 286 3.49 -26.61 72.39
CA ALA B 286 4.25 -26.47 73.63
C ALA B 286 3.99 -25.11 74.27
N THR B 287 3.94 -24.05 73.46
CA THR B 287 3.67 -22.75 74.03
C THR B 287 2.22 -22.63 74.47
N LEU B 288 1.34 -23.45 73.90
CA LEU B 288 -0.02 -23.57 74.42
C LEU B 288 0.01 -24.19 75.80
N MET B 289 0.83 -25.22 75.99
CA MET B 289 0.87 -25.91 77.26
C MET B 289 1.54 -25.10 78.34
N SER B 290 2.39 -24.15 77.96
CA SER B 290 3.19 -23.48 78.98
C SER B 290 2.43 -22.40 79.74
N GLU B 291 1.33 -21.89 79.20
CA GLU B 291 0.67 -20.77 79.86
C GLU B 291 0.00 -21.23 81.17
N ARG B 292 0.02 -20.33 82.16
CA ARG B 292 -0.47 -20.68 83.50
C ARG B 292 -1.96 -20.99 83.52
N VAL B 293 -2.77 -20.13 82.90
CA VAL B 293 -4.22 -20.24 83.02
C VAL B 293 -4.75 -21.43 82.24
N PHE B 294 -4.22 -21.67 81.04
CA PHE B 294 -4.68 -22.83 80.28
C PHE B 294 -4.24 -24.12 80.94
N ARG B 295 -3.06 -24.11 81.56
CA ARG B 295 -2.62 -25.29 82.31
C ARG B 295 -3.53 -25.53 83.49
N ILE B 296 -3.93 -24.47 84.20
CA ILE B 296 -4.86 -24.63 85.32
C ILE B 296 -6.19 -25.17 84.84
N ASP B 297 -6.64 -24.68 83.69
CA ASP B 297 -7.90 -25.16 83.13
C ASP B 297 -7.79 -26.63 82.74
N ALA B 298 -6.66 -27.03 82.19
CA ALA B 298 -6.50 -28.43 81.82
C ALA B 298 -6.41 -29.29 83.07
N TYR B 299 -5.82 -28.76 84.14
CA TYR B 299 -5.81 -29.47 85.41
C TYR B 299 -7.23 -29.64 85.94
N MET B 300 -8.12 -28.72 85.61
CA MET B 300 -9.50 -28.79 86.07
C MET B 300 -10.49 -29.09 84.93
N ALA B 301 -9.98 -29.41 83.75
CA ALA B 301 -10.87 -29.66 82.61
C ALA B 301 -11.65 -30.96 82.82
N GLN B 302 -12.91 -30.93 82.41
CA GLN B 302 -13.77 -32.11 82.50
C GLN B 302 -14.38 -32.53 81.17
N SER B 303 -14.24 -31.73 80.11
CA SER B 303 -14.82 -32.06 78.82
C SER B 303 -14.00 -31.36 77.74
N ARG B 304 -14.53 -31.35 76.51
CA ARG B 304 -13.80 -30.75 75.40
C ARG B 304 -14.13 -29.28 75.22
N GLY B 305 -15.40 -28.90 75.43
CA GLY B 305 -15.80 -27.53 75.19
C GLY B 305 -15.12 -26.56 76.15
N GLU B 306 -14.73 -27.05 77.32
CA GLU B 306 -13.97 -26.22 78.25
C GLU B 306 -12.61 -25.87 77.66
N LEU B 307 -11.92 -26.86 77.10
CA LEU B 307 -10.68 -26.60 76.41
C LEU B 307 -10.88 -25.69 75.20
N LEU B 308 -12.01 -25.86 74.51
CA LEU B 308 -12.29 -25.01 73.36
C LEU B 308 -12.44 -23.54 73.79
N HIS B 309 -13.20 -23.31 74.86
CA HIS B 309 -13.39 -21.94 75.35
C HIS B 309 -12.08 -21.36 75.88
N SER B 310 -11.25 -22.18 76.52
CA SER B 310 -9.96 -21.67 76.99
C SER B 310 -9.04 -21.35 75.82
N LEU B 311 -9.13 -22.14 74.75
CA LEU B 311 -8.32 -21.87 73.57
C LEU B 311 -8.76 -20.58 72.90
N GLU B 312 -10.08 -20.36 72.84
CA GLU B 312 -10.56 -19.11 72.26
C GLU B 312 -10.16 -17.91 73.12
N GLY B 313 -10.16 -18.08 74.44
CA GLY B 313 -9.66 -17.02 75.30
C GLY B 313 -8.17 -16.81 75.14
N PHE B 314 -7.43 -17.86 74.80
CA PHE B 314 -6.01 -17.71 74.53
C PHE B 314 -5.78 -16.92 73.26
N LEU B 315 -6.51 -17.26 72.20
CA LEU B 315 -6.33 -16.56 70.93
C LEU B 315 -6.83 -15.13 70.99
N ASP B 316 -7.85 -14.86 71.80
CA ASP B 316 -8.41 -13.51 71.82
C ASP B 316 -7.41 -12.51 72.39
N CYS B 317 -6.65 -12.90 73.40
CA CYS B 317 -5.67 -11.99 73.99
C CYS B 317 -4.31 -12.11 73.33
N SER B 318 -4.26 -12.53 72.08
CA SER B 318 -3.02 -12.55 71.32
C SER B 318 -2.85 -11.27 70.53
N LEU B 319 -1.60 -10.90 70.26
CA LEU B 319 -1.27 -9.67 69.56
C LEU B 319 -0.37 -10.01 68.37
N VAL B 320 -0.83 -9.70 67.16
CA VAL B 320 -0.11 -10.02 65.94
C VAL B 320 0.37 -8.71 65.31
N LEU B 321 1.63 -8.70 64.87
CA LEU B 321 2.16 -7.56 64.16
C LEU B 321 2.60 -7.99 62.77
N PRO B 322 2.27 -7.21 61.74
CA PRO B 322 2.56 -7.61 60.38
C PRO B 322 3.97 -7.21 59.97
N PRO B 323 4.47 -7.73 58.87
CA PRO B 323 5.72 -7.20 58.30
C PRO B 323 5.49 -5.80 57.78
N THR B 324 6.55 -5.00 57.83
CA THR B 324 6.46 -3.60 57.43
C THR B 324 7.50 -3.28 56.37
N ASP B 325 7.65 -1.98 56.08
CA ASP B 325 8.60 -1.49 55.10
C ASP B 325 9.97 -1.22 55.71
N ALA B 326 10.02 -0.46 56.79
CA ALA B 326 11.27 -0.12 57.47
C ALA B 326 11.06 -0.24 58.97
N PRO B 327 11.48 -1.35 59.57
CA PRO B 327 11.22 -1.56 60.99
C PRO B 327 12.14 -0.73 61.87
N SER B 328 11.61 -0.34 63.04
CA SER B 328 12.38 0.48 63.96
C SER B 328 11.95 0.15 65.38
N GLU B 329 12.81 0.50 66.32
CA GLU B 329 12.56 0.24 67.74
C GLU B 329 11.79 1.36 68.42
N GLN B 330 12.02 2.61 68.02
CA GLN B 330 11.41 3.73 68.73
C GLN B 330 9.90 3.75 68.56
N ALA B 331 9.40 3.51 67.35
CA ALA B 331 7.96 3.45 67.16
C ALA B 331 7.36 2.18 67.74
N LEU B 332 8.19 1.16 67.97
CA LEU B 332 7.71 -0.12 68.50
C LEU B 332 7.51 -0.08 70.02
N LEU B 333 8.14 0.87 70.70
CA LEU B 333 8.02 0.93 72.15
C LEU B 333 6.68 1.45 72.59
N SER B 334 5.84 1.88 71.66
CA SER B 334 4.51 2.35 71.98
C SER B 334 3.53 1.20 72.04
N LEU B 335 3.98 -0.04 71.84
CA LEU B 335 3.09 -1.19 71.95
C LEU B 335 3.18 -1.86 73.32
N VAL B 336 3.90 -1.25 74.26
CA VAL B 336 3.93 -1.77 75.62
C VAL B 336 2.56 -1.80 76.31
N PRO B 337 1.80 -0.70 76.39
CA PRO B 337 0.60 -0.73 77.23
C PRO B 337 -0.54 -1.57 76.69
N VAL B 338 -0.66 -1.72 75.37
CA VAL B 338 -1.76 -2.54 74.85
C VAL B 338 -1.53 -4.00 75.15
N GLN B 339 -0.27 -4.43 75.16
CA GLN B 339 -0.01 -5.81 75.54
C GLN B 339 -0.28 -5.97 77.01
N ARG B 340 0.02 -4.94 77.79
CA ARG B 340 -0.29 -5.01 79.21
C ARG B 340 -1.79 -5.10 79.40
N GLU B 341 -2.55 -4.38 78.57
CA GLU B 341 -3.98 -4.48 78.75
C GLU B 341 -4.50 -5.82 78.29
N LEU B 342 -3.89 -6.39 77.24
CA LEU B 342 -4.25 -7.76 76.90
C LEU B 342 -3.87 -8.69 78.02
N LEU B 343 -2.73 -8.43 78.65
CA LEU B 343 -2.34 -9.24 79.79
C LEU B 343 -3.38 -9.10 80.87
N ARG B 344 -3.82 -7.87 81.14
CA ARG B 344 -4.78 -7.68 82.20
C ARG B 344 -6.10 -8.33 81.81
N ARG B 345 -6.49 -8.20 80.53
CA ARG B 345 -7.74 -8.82 80.17
C ARG B 345 -7.61 -10.32 80.16
N ARG B 346 -6.41 -10.84 79.87
CA ARG B 346 -6.25 -12.27 79.96
C ARG B 346 -6.34 -12.69 81.42
N TYR B 347 -5.68 -11.93 82.29
CA TYR B 347 -5.76 -12.30 83.68
C TYR B 347 -7.05 -11.78 84.29
N GLN B 348 -7.86 -11.11 83.48
CA GLN B 348 -9.22 -10.83 83.91
C GLN B 348 -9.96 -12.15 84.14
N SER B 349 -9.67 -13.15 83.30
CA SER B 349 -10.34 -14.43 83.39
C SER B 349 -9.66 -15.39 84.36
N SER B 350 -8.50 -15.03 84.88
CA SER B 350 -7.84 -16.02 85.73
C SER B 350 -7.99 -15.70 87.21
N PRO B 351 -8.14 -16.73 88.04
CA PRO B 351 -8.06 -16.50 89.49
C PRO B 351 -6.67 -16.12 89.95
N ALA B 352 -5.64 -16.57 89.24
CA ALA B 352 -4.26 -16.29 89.59
C ALA B 352 -3.91 -14.85 89.23
N LYS B 353 -2.70 -14.43 89.59
CA LYS B 353 -2.29 -13.05 89.38
C LYS B 353 -0.92 -13.01 88.72
N PRO B 354 -0.67 -11.99 87.91
CA PRO B 354 0.61 -11.89 87.21
C PRO B 354 1.74 -11.50 88.15
N ASP B 355 2.97 -11.72 87.69
CA ASP B 355 4.15 -11.46 88.49
C ASP B 355 4.51 -9.97 88.44
N SER B 356 4.71 -9.45 87.22
CA SER B 356 5.13 -8.07 87.01
C SER B 356 3.91 -7.25 86.61
N SER B 357 3.55 -6.27 87.43
CA SER B 357 2.41 -5.41 87.14
C SER B 357 2.85 -3.95 87.06
N ASP B 369 14.44 10.23 89.49
CA ASP B 369 15.52 10.98 90.14
C ASP B 369 16.34 11.75 89.11
N ASP B 370 16.87 12.90 89.52
CA ASP B 370 17.69 13.71 88.65
C ASP B 370 19.08 13.88 89.24
N PRO B 371 20.14 13.73 88.43
CA PRO B 371 21.50 13.94 88.95
C PRO B 371 21.73 15.36 89.46
N LEU B 372 21.09 16.35 88.86
CA LEU B 372 21.14 17.72 89.32
C LEU B 372 19.74 18.14 89.74
N GLN B 373 19.61 18.68 90.96
CA GLN B 373 18.30 19.04 91.49
C GLN B 373 18.51 19.81 92.78
N GLN B 374 17.60 20.75 93.06
CA GLN B 374 17.64 21.54 94.27
C GLN B 374 16.90 20.82 95.38
N THR B 375 17.62 20.49 96.46
CA THR B 375 17.06 19.75 97.58
C THR B 375 17.06 20.64 98.82
N GLY B 376 16.07 20.43 99.68
CA GLY B 376 15.92 21.29 100.85
C GLY B 376 16.85 21.00 102.00
N GLN B 377 17.91 20.23 101.77
CA GLN B 377 18.84 19.85 102.82
C GLN B 377 20.24 20.37 102.51
N LEU B 378 21.03 20.56 103.57
CA LEU B 378 22.44 20.88 103.41
C LEU B 378 23.20 19.68 102.86
N PHE B 379 24.07 19.92 101.88
CA PHE B 379 24.96 18.92 101.31
C PHE B 379 24.22 17.77 100.63
N GLY B 380 22.98 18.01 100.19
CA GLY B 380 22.17 16.91 99.66
C GLY B 380 22.77 16.26 98.43
N GLY B 381 23.35 17.06 97.53
CA GLY B 381 23.82 16.51 96.28
C GLY B 381 24.93 15.49 96.47
N LEU B 382 25.84 15.77 97.39
CA LEU B 382 26.97 14.87 97.62
C LEU B 382 26.50 13.49 98.10
N VAL B 383 25.63 13.46 99.10
CA VAL B 383 25.10 12.19 99.60
C VAL B 383 24.30 11.48 98.52
N ARG B 384 23.49 12.24 97.75
CA ARG B 384 22.70 11.62 96.69
C ARG B 384 23.61 10.94 95.68
N ASP B 385 24.67 11.62 95.25
CA ASP B 385 25.57 11.05 94.24
C ASP B 385 26.34 9.86 94.80
N ILE B 386 26.75 9.92 96.06
CA ILE B 386 27.44 8.80 96.68
C ILE B 386 26.53 7.57 96.73
N ARG B 387 25.32 7.75 97.24
CA ARG B 387 24.38 6.64 97.33
C ARG B 387 24.01 6.10 95.96
N ARG B 388 24.02 6.96 94.94
CA ARG B 388 23.68 6.50 93.60
C ARG B 388 24.83 5.72 92.97
N ARG B 389 26.07 6.15 93.18
CA ARG B 389 27.18 5.57 92.44
C ARG B 389 27.85 4.41 93.15
N TYR B 390 28.15 4.53 94.44
CA TYR B 390 29.03 3.57 95.09
C TYR B 390 28.53 2.12 95.11
N PRO B 391 27.23 1.82 95.06
CA PRO B 391 26.80 0.42 94.95
C PRO B 391 27.31 -0.32 93.72
N TYR B 392 27.92 0.37 92.74
CA TYR B 392 28.39 -0.28 91.52
C TYR B 392 29.88 -0.60 91.55
N TYR B 393 30.50 -0.66 92.73
CA TYR B 393 31.96 -0.72 92.80
C TYR B 393 32.49 -2.07 92.33
N LEU B 394 31.84 -3.16 92.74
CA LEU B 394 32.28 -4.48 92.31
C LEU B 394 32.15 -4.66 90.81
N SER B 395 31.06 -4.16 90.22
CA SER B 395 30.93 -4.22 88.77
C SER B 395 31.97 -3.36 88.08
N ASP B 396 32.28 -2.19 88.65
CA ASP B 396 33.32 -1.34 88.09
C ASP B 396 34.67 -2.03 88.12
N ILE B 397 34.92 -2.83 89.16
CA ILE B 397 36.16 -3.58 89.25
C ILE B 397 36.17 -4.71 88.23
N THR B 398 35.05 -5.42 88.10
CA THR B 398 35.05 -6.65 87.31
C THR B 398 35.02 -6.36 85.80
N ASP B 399 34.35 -5.29 85.37
CA ASP B 399 34.15 -5.02 83.95
C ASP B 399 35.44 -4.72 83.20
N ALA B 400 36.60 -4.71 83.86
CA ALA B 400 37.85 -4.32 83.24
C ALA B 400 38.63 -5.48 82.63
N PHE B 401 38.04 -6.67 82.54
CA PHE B 401 38.79 -7.85 82.12
C PHE B 401 38.79 -8.06 80.62
N SER B 402 38.18 -7.17 79.84
CA SER B 402 38.23 -7.27 78.39
C SER B 402 39.55 -6.70 77.86
N PRO B 403 39.98 -7.12 76.67
CA PRO B 403 41.21 -6.55 76.10
C PRO B 403 41.03 -5.14 75.55
N GLN B 404 39.80 -4.77 75.19
CA GLN B 404 39.56 -3.40 74.72
C GLN B 404 39.97 -2.38 75.78
N VAL B 405 39.80 -2.73 77.06
CA VAL B 405 40.25 -1.84 78.13
C VAL B 405 41.76 -1.69 78.08
N LEU B 406 42.48 -2.78 77.79
CA LEU B 406 43.93 -2.70 77.69
C LEU B 406 44.36 -1.82 76.53
N ALA B 407 43.69 -1.96 75.38
CA ALA B 407 44.00 -1.11 74.23
C ALA B 407 43.73 0.35 74.55
N ALA B 408 42.59 0.65 75.18
CA ALA B 408 42.28 2.01 75.57
C ALA B 408 43.30 2.57 76.54
N VAL B 409 43.78 1.74 77.47
CA VAL B 409 44.83 2.17 78.40
C VAL B 409 46.08 2.55 77.62
N ILE B 410 46.50 1.69 76.70
CA ILE B 410 47.74 1.95 75.95
C ILE B 410 47.61 3.22 75.13
N PHE B 411 46.41 3.46 74.58
CA PHE B 411 46.18 4.69 73.81
C PHE B 411 46.24 5.92 74.71
N ILE B 412 45.42 5.94 75.76
CA ILE B 412 45.30 7.13 76.59
C ILE B 412 46.58 7.41 77.35
N TYR B 413 47.45 6.41 77.55
CA TYR B 413 48.72 6.68 78.22
C TYR B 413 49.52 7.70 77.43
N PHE B 414 49.75 7.43 76.15
CA PHE B 414 50.46 8.39 75.30
C PHE B 414 49.66 9.67 75.13
N ALA B 415 48.33 9.53 74.92
CA ALA B 415 47.49 10.71 74.70
C ALA B 415 47.56 11.68 75.86
N ALA B 416 47.81 11.18 77.08
CA ALA B 416 47.91 12.03 78.26
C ALA B 416 49.35 12.38 78.60
N LEU B 417 50.31 11.57 78.18
CA LEU B 417 51.70 11.84 78.49
C LEU B 417 52.26 12.97 77.64
N SER B 418 51.94 12.99 76.34
CA SER B 418 52.57 13.98 75.47
C SER B 418 52.25 15.42 75.86
N PRO B 419 50.98 15.82 76.03
CA PRO B 419 50.73 17.23 76.41
C PRO B 419 51.28 17.57 77.78
N ALA B 420 51.37 16.58 78.67
CA ALA B 420 52.00 16.80 79.97
C ALA B 420 53.45 17.26 79.79
N ILE B 421 54.20 16.55 78.95
CA ILE B 421 55.59 16.90 78.68
C ILE B 421 55.68 18.27 78.03
N THR B 422 54.82 18.52 77.04
CA THR B 422 54.87 19.80 76.35
C THR B 422 54.64 20.96 77.31
N PHE B 423 53.54 20.89 78.08
CA PHE B 423 53.23 21.95 79.03
C PHE B 423 54.29 22.05 80.11
N GLY B 424 54.89 20.93 80.53
CA GLY B 424 55.94 21.00 81.53
C GLY B 424 57.16 21.74 81.02
N GLY B 425 57.60 21.43 79.81
CA GLY B 425 58.73 22.16 79.24
C GLY B 425 58.42 23.63 79.06
N LEU B 426 57.21 23.94 78.56
CA LEU B 426 56.85 25.34 78.34
C LEU B 426 56.78 26.11 79.65
N LEU B 427 56.19 25.51 80.69
CA LEU B 427 56.08 26.19 81.98
C LEU B 427 57.44 26.32 82.65
N GLY B 428 58.33 25.36 82.44
CA GLY B 428 59.66 25.47 83.01
C GLY B 428 60.46 26.57 82.36
N GLU B 429 60.37 26.68 81.03
CA GLU B 429 61.06 27.76 80.35
C GLU B 429 60.37 29.11 80.50
N LYS B 430 59.10 29.13 80.93
CA LYS B 430 58.35 30.37 81.05
C LYS B 430 58.52 31.06 82.41
N THR B 431 58.58 30.27 83.49
CA THR B 431 58.63 30.82 84.84
C THR B 431 60.00 30.65 85.49
N ARG B 432 61.05 30.63 84.68
CA ARG B 432 62.42 30.48 85.18
C ARG B 432 62.57 29.23 86.03
N ASN B 433 61.93 28.15 85.58
CA ASN B 433 62.08 26.80 86.16
C ASN B 433 61.58 26.73 87.60
N GLN B 434 60.65 27.59 87.99
CA GLN B 434 59.99 27.43 89.28
C GLN B 434 59.16 26.14 89.30
N MET B 435 58.47 25.86 88.21
CA MET B 435 57.71 24.62 88.03
C MET B 435 58.10 24.01 86.69
N GLY B 436 58.27 22.69 86.65
CA GLY B 436 58.80 22.04 85.47
C GLY B 436 58.03 20.80 85.08
N VAL B 437 58.76 19.81 84.57
CA VAL B 437 58.14 18.60 84.05
C VAL B 437 57.85 17.58 85.14
N SER B 438 58.78 17.40 86.08
CA SER B 438 58.62 16.35 87.09
C SER B 438 57.45 16.64 88.01
N GLU B 439 57.28 17.90 88.42
CA GLU B 439 56.15 18.27 89.26
C GLU B 439 54.83 18.00 88.54
N LEU B 440 54.74 18.36 87.26
CA LEU B 440 53.53 18.13 86.49
C LEU B 440 53.25 16.64 86.38
N LEU B 441 54.29 15.84 86.16
CA LEU B 441 54.11 14.40 86.05
C LEU B 441 53.60 13.82 87.36
N ILE B 442 54.19 14.24 88.47
CA ILE B 442 53.77 13.74 89.77
C ILE B 442 52.33 14.15 90.03
N SER B 443 51.98 15.39 89.70
CA SER B 443 50.61 15.85 89.91
C SER B 443 49.63 15.06 89.08
N THR B 444 49.96 14.85 87.79
CA THR B 444 49.07 14.05 86.96
C THR B 444 48.88 12.65 87.53
N ALA B 445 49.97 12.03 87.96
CA ALA B 445 49.88 10.67 88.52
C ALA B 445 48.98 10.63 89.76
N VAL B 446 49.25 11.51 90.72
CA VAL B 446 48.52 11.48 91.98
C VAL B 446 47.06 11.85 91.78
N GLN B 447 46.81 12.92 91.03
CA GLN B 447 45.46 13.39 90.78
C GLN B 447 44.68 12.50 89.83
N GLY B 448 45.35 11.58 89.12
CA GLY B 448 44.65 10.57 88.36
C GLY B 448 44.31 9.38 89.22
N ILE B 449 45.28 8.95 90.05
CA ILE B 449 45.06 7.81 90.93
C ILE B 449 43.93 8.10 91.91
N LEU B 450 43.99 9.23 92.61
CA LEU B 450 42.98 9.52 93.61
C LEU B 450 41.61 9.69 92.99
N PHE B 451 41.54 10.36 91.83
CA PHE B 451 40.26 10.57 91.18
C PHE B 451 39.68 9.27 90.65
N ALA B 452 40.52 8.36 90.17
CA ALA B 452 40.01 7.07 89.70
C ALA B 452 39.58 6.18 90.85
N LEU B 453 40.22 6.34 92.02
CA LEU B 453 39.85 5.51 93.16
C LEU B 453 38.59 6.01 93.85
N LEU B 454 38.44 7.32 94.02
CA LEU B 454 37.35 7.88 94.80
C LEU B 454 36.37 8.70 93.97
N GLY B 455 36.41 8.58 92.65
CA GLY B 455 35.59 9.43 91.81
C GLY B 455 34.21 8.86 91.55
N ALA B 456 33.30 9.74 91.14
CA ALA B 456 31.95 9.33 90.78
C ALA B 456 31.85 9.00 89.30
N GLN B 457 32.56 9.74 88.46
CA GLN B 457 32.64 9.46 87.01
C GLN B 457 34.07 9.11 86.69
N PRO B 458 34.42 7.81 86.63
CA PRO B 458 35.82 7.42 86.42
C PRO B 458 36.26 7.42 84.96
N LEU B 459 35.51 8.04 84.06
CA LEU B 459 35.89 8.16 82.66
C LEU B 459 36.50 9.53 82.33
N LEU B 460 36.62 10.42 83.31
CA LEU B 460 37.26 11.71 83.09
C LEU B 460 38.77 11.59 83.15
N VAL B 461 39.46 12.45 82.40
CA VAL B 461 40.92 12.49 82.36
C VAL B 461 41.38 13.87 82.80
N VAL B 462 42.06 13.93 83.93
CA VAL B 462 42.56 15.18 84.51
C VAL B 462 43.92 15.49 83.92
N GLY B 463 44.21 16.77 83.74
CA GLY B 463 45.49 17.17 83.18
C GLY B 463 45.55 18.68 83.02
N PHE B 464 46.75 19.15 82.68
CA PHE B 464 46.96 20.58 82.51
C PHE B 464 46.29 21.07 81.23
N SER B 465 45.89 22.32 81.24
CA SER B 465 45.16 22.92 80.14
C SER B 465 45.92 24.15 79.64
N GLY B 466 45.28 24.89 78.72
CA GLY B 466 45.85 26.11 78.19
C GLY B 466 45.50 27.34 79.00
N PRO B 467 44.21 27.57 79.28
CA PRO B 467 43.85 28.72 80.12
C PRO B 467 44.52 28.73 81.48
N LEU B 468 44.76 27.56 82.09
CA LEU B 468 45.52 27.54 83.34
C LEU B 468 46.93 28.05 83.13
N LEU B 469 47.56 27.68 82.01
CA LEU B 469 48.88 28.18 81.67
C LEU B 469 48.85 29.69 81.46
N VAL B 470 47.80 30.18 80.80
CA VAL B 470 47.64 31.62 80.58
C VAL B 470 47.54 32.34 81.92
N PHE B 471 46.75 31.78 82.85
CA PHE B 471 46.61 32.41 84.15
C PHE B 471 47.94 32.40 84.90
N GLU B 472 48.69 31.29 84.80
CA GLU B 472 50.01 31.24 85.43
C GLU B 472 50.92 32.31 84.85
N GLU B 473 50.88 32.49 83.53
CA GLU B 473 51.65 33.55 82.90
C GLU B 473 51.30 34.91 83.47
N ALA B 474 49.99 35.21 83.52
CA ALA B 474 49.56 36.52 83.99
C ALA B 474 49.97 36.73 85.44
N PHE B 475 49.81 35.70 86.28
CA PHE B 475 50.13 35.85 87.70
C PHE B 475 51.63 36.00 87.91
N PHE B 476 52.44 35.28 87.11
CA PHE B 476 53.88 35.44 87.21
C PHE B 476 54.31 36.84 86.77
N SER B 477 53.69 37.37 85.70
CA SER B 477 54.01 38.73 85.30
C SER B 477 53.64 39.72 86.39
N PHE B 478 52.48 39.52 87.02
CA PHE B 478 52.08 40.42 88.08
C PHE B 478 53.04 40.35 89.27
N CYS B 479 53.45 39.14 89.66
CA CYS B 479 54.37 39.01 90.79
C CYS B 479 55.77 39.50 90.46
N GLU B 480 56.21 39.40 89.20
CA GLU B 480 57.48 40.00 88.82
C GLU B 480 57.39 41.52 88.90
N THR B 481 56.26 42.09 88.49
CA THR B 481 56.14 43.54 88.48
C THR B 481 56.02 44.08 89.91
N ASN B 482 55.14 43.50 90.73
CA ASN B 482 54.88 44.06 92.04
C ASN B 482 56.01 43.76 93.04
N GLY B 483 56.84 42.77 92.74
CA GLY B 483 58.01 42.46 93.55
C GLY B 483 57.83 41.41 94.61
N LEU B 484 56.77 40.62 94.55
CA LEU B 484 56.55 39.53 95.50
C LEU B 484 57.01 38.20 94.92
N GLU B 485 57.01 37.19 95.79
CA GLU B 485 57.28 35.83 95.36
C GLU B 485 56.07 35.28 94.60
N TYR B 486 56.25 34.08 94.04
CA TYR B 486 55.24 33.45 93.21
C TYR B 486 54.73 32.14 93.82
N ILE B 487 55.62 31.19 94.11
CA ILE B 487 55.22 29.91 94.67
C ILE B 487 54.59 30.03 96.05
N VAL B 488 54.79 31.17 96.73
CA VAL B 488 54.16 31.37 98.03
C VAL B 488 52.72 31.85 97.89
N GLY B 489 52.48 32.80 96.99
CA GLY B 489 51.12 33.30 96.80
C GLY B 489 50.17 32.22 96.31
N ARG B 490 50.69 31.26 95.54
CA ARG B 490 49.85 30.15 95.08
C ARG B 490 49.30 29.35 96.25
N VAL B 491 50.00 29.33 97.38
CA VAL B 491 49.50 28.60 98.54
C VAL B 491 48.23 29.24 99.06
N TRP B 492 48.23 30.58 99.19
CA TRP B 492 47.04 31.27 99.65
C TRP B 492 45.93 31.21 98.62
N ILE B 493 46.27 31.25 97.34
CA ILE B 493 45.27 31.04 96.28
C ILE B 493 44.62 29.66 96.42
N GLY B 494 45.42 28.64 96.71
CA GLY B 494 44.87 27.30 96.89
C GLY B 494 43.98 27.22 98.11
N PHE B 495 44.37 27.90 99.19
CA PHE B 495 43.54 27.95 100.39
C PHE B 495 42.18 28.57 100.08
N TRP B 496 42.20 29.71 99.37
CA TRP B 496 40.95 30.34 99.00
C TRP B 496 40.12 29.45 98.08
N LEU B 497 40.77 28.70 97.19
CA LEU B 497 40.05 27.76 96.33
C LEU B 497 39.36 26.69 97.16
N ILE B 498 40.07 26.14 98.14
CA ILE B 498 39.48 25.12 99.02
C ILE B 498 38.27 25.68 99.75
N LEU B 499 38.42 26.86 100.36
CA LEU B 499 37.32 27.46 101.09
C LEU B 499 36.13 27.71 100.18
N LEU B 500 36.39 28.21 98.97
CA LEU B 500 35.30 28.54 98.05
C LEU B 500 34.57 27.30 97.59
N VAL B 501 35.30 26.22 97.30
CA VAL B 501 34.63 25.02 96.81
C VAL B 501 33.84 24.37 97.95
N VAL B 502 34.34 24.44 99.18
CA VAL B 502 33.57 23.92 100.31
C VAL B 502 32.28 24.71 100.46
N LEU B 503 32.37 26.04 100.36
CA LEU B 503 31.17 26.87 100.49
C LEU B 503 30.17 26.58 99.37
N VAL B 504 30.66 26.36 98.16
CA VAL B 504 29.77 26.13 97.03
C VAL B 504 29.10 24.77 97.14
N VAL B 505 29.87 23.73 97.47
CA VAL B 505 29.31 22.39 97.59
C VAL B 505 28.32 22.34 98.75
N ALA B 506 28.56 23.13 99.79
CA ALA B 506 27.64 23.16 100.92
C ALA B 506 26.24 23.59 100.48
N PHE B 507 26.14 24.58 99.60
CA PHE B 507 24.86 25.09 99.14
C PHE B 507 24.44 24.51 97.79
N GLU B 508 24.97 23.34 97.40
CA GLU B 508 24.55 22.59 96.21
C GLU B 508 24.34 23.47 94.98
N GLY B 509 25.21 24.45 94.78
CA GLY B 509 25.05 25.42 93.71
C GLY B 509 25.44 24.93 92.33
N SER B 510 25.39 23.62 92.11
CA SER B 510 25.68 23.05 90.80
C SER B 510 24.44 22.88 89.92
N PHE B 511 23.24 23.08 90.48
CA PHE B 511 22.02 22.98 89.66
C PHE B 511 22.01 23.99 88.52
N LEU B 512 22.84 25.04 88.61
CA LEU B 512 22.98 25.99 87.51
C LEU B 512 23.47 25.33 86.23
N VAL B 513 24.03 24.12 86.32
CA VAL B 513 24.44 23.38 85.14
C VAL B 513 23.23 23.10 84.26
N ARG B 514 22.04 23.18 84.85
CA ARG B 514 20.82 22.91 84.10
C ARG B 514 20.62 23.95 83.01
N PHE B 515 21.06 25.18 83.25
CA PHE B 515 20.78 26.27 82.31
C PHE B 515 21.65 26.20 81.06
N ILE B 516 22.80 25.53 81.12
CA ILE B 516 23.68 25.39 79.96
C ILE B 516 23.00 24.45 78.96
N SER B 517 22.60 24.98 77.81
CA SER B 517 21.86 24.19 76.84
C SER B 517 22.84 23.52 75.87
N ARG B 518 22.29 22.95 74.79
CA ARG B 518 23.15 22.30 73.80
C ARG B 518 23.97 23.31 73.00
N TYR B 519 23.46 24.54 72.88
CA TYR B 519 24.14 25.61 72.15
C TYR B 519 25.59 25.76 72.61
N THR B 520 25.77 26.06 73.89
CA THR B 520 27.11 26.34 74.40
C THR B 520 27.98 25.10 74.38
N GLN B 521 27.39 23.93 74.65
CA GLN B 521 28.18 22.69 74.62
C GLN B 521 28.75 22.45 73.23
N GLU B 522 27.92 22.61 72.18
CA GLU B 522 28.39 22.40 70.82
C GLU B 522 29.45 23.42 70.44
N ILE B 523 29.19 24.69 70.77
CA ILE B 523 30.16 25.74 70.45
C ILE B 523 31.50 25.43 71.11
N PHE B 524 31.47 25.09 72.40
CA PHE B 524 32.70 24.85 73.14
C PHE B 524 33.47 23.67 72.57
N SER B 525 32.79 22.54 72.33
CA SER B 525 33.47 21.36 71.83
C SER B 525 34.05 21.60 70.45
N PHE B 526 33.28 22.25 69.57
CA PHE B 526 33.76 22.52 68.23
C PHE B 526 35.00 23.42 68.28
N LEU B 527 34.95 24.47 69.09
CA LEU B 527 36.08 25.38 69.21
C LEU B 527 37.31 24.64 69.75
N ILE B 528 37.12 23.78 70.75
CA ILE B 528 38.24 23.07 71.36
C ILE B 528 38.90 22.16 70.32
N SER B 529 38.09 21.39 69.59
CA SER B 529 38.66 20.48 68.59
C SER B 529 39.38 21.26 67.51
N LEU B 530 38.81 22.39 67.09
CA LEU B 530 39.44 23.19 66.05
C LEU B 530 40.77 23.74 66.52
N ILE B 531 40.83 24.23 67.76
CA ILE B 531 42.08 24.74 68.29
C ILE B 531 43.11 23.61 68.38
N PHE B 532 42.66 22.42 68.76
CA PHE B 532 43.56 21.26 68.81
C PHE B 532 44.22 21.01 67.47
N ILE B 533 43.41 20.92 66.42
CA ILE B 533 43.95 20.66 65.09
C ILE B 533 44.87 21.79 64.64
N TYR B 534 44.47 23.03 64.91
CA TYR B 534 45.29 24.18 64.51
C TYR B 534 46.66 24.14 65.18
N GLU B 535 46.68 23.87 66.49
CA GLU B 535 47.97 23.81 67.20
C GLU B 535 48.82 22.67 66.68
N THR B 536 48.20 21.52 66.36
CA THR B 536 48.98 20.41 65.80
C THR B 536 49.65 20.83 64.49
N PHE B 537 48.87 21.41 63.58
CA PHE B 537 49.45 21.88 62.33
C PHE B 537 50.50 22.97 62.57
N SER B 538 50.29 23.80 63.59
CA SER B 538 51.28 24.82 63.91
C SER B 538 52.60 24.18 64.35
N LYS B 539 52.50 23.11 65.13
CA LYS B 539 53.71 22.38 65.53
C LYS B 539 54.44 21.86 64.31
N LEU B 540 53.68 21.29 63.37
CA LEU B 540 54.31 20.77 62.15
C LEU B 540 54.99 21.89 61.36
N ILE B 541 54.31 23.03 61.21
CA ILE B 541 54.91 24.13 60.46
C ILE B 541 56.14 24.68 61.18
N LYS B 542 56.14 24.64 62.51
CA LYS B 542 57.33 25.02 63.26
C LYS B 542 58.49 24.08 62.94
N ILE B 543 58.21 22.78 62.92
CA ILE B 543 59.25 21.81 62.57
C ILE B 543 59.80 22.10 61.18
N PHE B 544 58.92 22.42 60.24
CA PHE B 544 59.38 22.77 58.89
C PHE B 544 60.19 24.06 58.89
N GLN B 545 59.87 24.99 59.78
CA GLN B 545 60.59 26.25 59.87
C GLN B 545 61.97 26.07 60.47
N ASP B 546 62.16 25.06 61.32
CA ASP B 546 63.45 24.90 61.98
C ASP B 546 64.52 24.30 61.06
N HIS B 547 64.13 23.44 60.12
CA HIS B 547 65.08 22.79 59.21
C HIS B 547 64.60 22.98 57.79
N PRO B 548 64.85 24.15 57.19
CA PRO B 548 64.31 24.42 55.86
C PRO B 548 64.95 23.55 54.78
N LEU B 549 64.46 23.66 53.56
CA LEU B 549 64.98 22.92 52.42
C LEU B 549 65.94 23.81 51.64
N GLN B 550 67.24 23.53 51.77
CA GLN B 550 68.28 24.35 51.18
C GLN B 550 69.10 23.50 50.22
N LYS B 551 70.05 24.14 49.56
CA LYS B 551 70.90 23.44 48.60
C LYS B 551 72.15 22.87 49.24
N THR B 552 72.62 23.46 50.34
CA THR B 552 73.81 22.99 51.02
C THR B 552 73.68 23.23 52.52
N TYR B 553 74.27 22.33 53.30
CA TYR B 553 74.27 22.43 54.75
C TYR B 553 75.69 22.30 55.27
N ASN B 554 75.89 22.74 56.52
CA ASN B 554 77.14 22.49 57.23
C ASN B 554 77.06 21.19 57.99
N TYR B 555 78.17 20.45 58.01
CA TYR B 555 78.18 19.09 58.56
C TYR B 555 79.16 18.85 59.70
N ASN B 556 79.91 19.86 60.12
CA ASN B 556 80.58 19.81 61.42
C ASN B 556 79.74 20.58 62.44
N VAL B 557 78.53 20.07 62.63
CA VAL B 557 77.57 20.59 63.62
C VAL B 557 77.40 19.60 64.76
N LEU B 558 77.44 20.13 65.98
CA LEU B 558 77.29 19.35 67.20
C LEU B 558 75.82 19.40 67.59
N MET B 559 75.19 18.23 67.69
CA MET B 559 73.76 18.16 67.97
C MET B 559 73.47 17.61 69.36
N VAL B 560 74.40 17.78 70.29
CA VAL B 560 74.25 17.24 71.65
C VAL B 560 73.17 17.91 72.49
N PRO B 561 73.17 19.25 72.68
CA PRO B 561 72.05 19.86 73.44
C PRO B 561 70.73 19.97 72.68
N LYS B 562 70.76 20.32 71.40
CA LYS B 562 69.56 20.53 70.59
C LYS B 562 70.05 20.72 69.17
N PRO B 563 69.30 20.30 68.16
CA PRO B 563 69.78 20.49 66.79
C PRO B 563 70.02 21.95 66.44
N GLN B 564 71.29 22.27 66.19
CA GLN B 564 71.73 23.57 65.74
C GLN B 564 71.71 23.58 64.21
N GLY B 565 71.10 24.60 63.62
CA GLY B 565 71.08 24.70 62.18
C GLY B 565 70.17 23.69 61.52
N PRO B 566 69.95 23.86 60.22
CA PRO B 566 69.06 22.96 59.49
C PRO B 566 69.68 21.58 59.35
N LEU B 567 68.83 20.61 59.05
CA LEU B 567 69.24 19.23 58.80
C LEU B 567 68.61 18.72 57.51
N PRO B 568 69.25 17.74 56.85
CA PRO B 568 68.83 17.39 55.49
C PRO B 568 67.42 16.83 55.43
N ASN B 569 67.15 15.75 56.17
CA ASN B 569 65.96 14.95 55.91
C ASN B 569 64.99 14.96 57.08
N THR B 570 65.11 15.91 58.00
CA THR B 570 64.25 15.88 59.19
C THR B 570 62.85 16.36 58.84
N ALA B 571 62.78 17.49 58.12
CA ALA B 571 61.50 18.15 57.90
C ALA B 571 60.54 17.26 57.12
N LEU B 572 61.05 16.56 56.11
CA LEU B 572 60.19 15.72 55.29
C LEU B 572 59.91 14.38 55.94
N LEU B 573 60.89 13.83 56.69
CA LEU B 573 60.65 12.57 57.38
C LEU B 573 59.59 12.72 58.45
N SER B 574 59.58 13.88 59.13
CA SER B 574 58.56 14.15 60.13
C SER B 574 57.17 14.15 59.51
N LEU B 575 57.04 14.84 58.37
CA LEU B 575 55.77 14.90 57.66
C LEU B 575 55.36 13.50 57.20
N VAL B 576 56.32 12.72 56.71
CA VAL B 576 56.02 11.36 56.25
C VAL B 576 55.48 10.54 57.42
N LEU B 577 56.13 10.64 58.57
CA LEU B 577 55.70 9.88 59.75
C LEU B 577 54.31 10.31 60.21
N MET B 578 54.04 11.61 60.23
CA MET B 578 52.72 12.06 60.62
C MET B 578 51.64 11.51 59.69
N ALA B 579 51.86 11.67 58.37
CA ALA B 579 50.88 11.18 57.40
C ALA B 579 50.72 9.68 57.51
N GLY B 580 51.83 8.98 57.73
CA GLY B 580 51.76 7.53 57.86
C GLY B 580 50.96 7.10 59.06
N THR B 581 51.17 7.73 60.21
CA THR B 581 50.38 7.35 61.38
C THR B 581 48.89 7.60 61.16
N PHE B 582 48.54 8.76 60.62
CA PHE B 582 47.14 9.06 60.35
C PHE B 582 46.52 8.09 59.35
N PHE B 583 47.24 7.80 58.26
CA PHE B 583 46.77 6.91 57.20
C PHE B 583 46.57 5.48 57.71
N PHE B 584 47.50 4.99 58.53
CA PHE B 584 47.37 3.64 59.09
C PHE B 584 46.20 3.58 60.07
N ALA B 585 46.07 4.62 60.90
CA ALA B 585 44.95 4.68 61.83
C ALA B 585 43.63 4.61 61.09
N MET B 586 43.53 5.35 59.98
CA MET B 586 42.30 5.41 59.17
C MET B 586 42.07 4.06 58.46
N MET B 587 43.15 3.31 58.21
CA MET B 587 43.05 2.00 57.51
C MET B 587 42.51 0.94 58.48
N LEU B 588 42.92 1.01 59.75
CA LEU B 588 42.48 0.05 60.76
C LEU B 588 41.12 0.39 61.35
N ARG B 589 40.82 1.67 61.55
CA ARG B 589 39.48 2.03 62.02
C ARG B 589 38.41 1.59 61.04
N LYS B 590 38.68 1.69 59.74
CA LYS B 590 37.69 1.25 58.76
C LYS B 590 37.64 -0.26 58.61
N PHE B 591 38.77 -0.95 58.76
CA PHE B 591 38.76 -2.40 58.69
C PHE B 591 38.01 -3.00 59.87
N LYS B 592 38.01 -2.30 61.00
CA LYS B 592 37.27 -2.79 62.17
C LYS B 592 35.79 -2.96 61.82
N ASN B 593 35.25 -2.05 61.00
CA ASN B 593 33.84 -2.07 60.63
C ASN B 593 33.57 -2.91 59.39
N SER B 594 34.59 -3.48 58.76
CA SER B 594 34.38 -4.25 57.55
C SER B 594 33.86 -5.64 57.90
N SER B 595 33.78 -6.52 56.91
CA SER B 595 33.30 -7.89 57.08
C SER B 595 34.28 -8.85 56.43
N TYR B 596 35.58 -8.65 56.68
CA TYR B 596 36.60 -9.35 55.92
C TYR B 596 37.21 -10.53 56.66
N PHE B 597 37.26 -10.51 57.98
CA PHE B 597 37.87 -11.63 58.69
C PHE B 597 36.84 -12.24 59.63
N PRO B 598 37.15 -13.38 60.28
CA PRO B 598 36.23 -13.88 61.31
C PRO B 598 36.01 -12.81 62.37
N GLY B 599 34.78 -12.77 62.89
CA GLY B 599 34.38 -11.65 63.73
C GLY B 599 35.27 -11.45 64.95
N LYS B 600 35.67 -12.56 65.59
CA LYS B 600 36.46 -12.46 66.80
C LYS B 600 37.80 -11.80 66.51
N LEU B 601 38.57 -12.40 65.60
CA LEU B 601 39.86 -11.84 65.24
C LEU B 601 39.74 -10.47 64.61
N ARG B 602 38.68 -10.23 63.83
CA ARG B 602 38.51 -8.92 63.22
C ARG B 602 38.35 -7.83 64.28
N ARG B 603 37.48 -8.08 65.26
CA ARG B 603 37.28 -7.07 66.31
C ARG B 603 38.51 -6.93 67.19
N VAL B 604 39.21 -8.04 67.45
CA VAL B 604 40.42 -7.97 68.26
C VAL B 604 41.49 -7.13 67.56
N ILE B 605 41.64 -7.31 66.24
CA ILE B 605 42.63 -6.52 65.50
C ILE B 605 42.19 -5.07 65.38
N GLY B 606 40.89 -4.83 65.20
CA GLY B 606 40.41 -3.47 65.05
C GLY B 606 40.48 -2.66 66.33
N ASP B 607 40.35 -3.31 67.48
CA ASP B 607 40.42 -2.57 68.74
C ASP B 607 41.83 -2.12 69.09
N PHE B 608 42.85 -2.78 68.55
CA PHE B 608 44.25 -2.44 68.80
C PHE B 608 44.89 -1.67 67.65
N GLY B 609 44.12 -0.83 66.96
CA GLY B 609 44.66 -0.17 65.76
C GLY B 609 45.78 0.80 66.06
N VAL B 610 45.59 1.66 67.05
CA VAL B 610 46.55 2.72 67.35
C VAL B 610 47.87 2.14 67.84
N PRO B 611 47.89 1.20 68.81
CA PRO B 611 49.18 0.62 69.20
C PRO B 611 49.87 -0.14 68.09
N ILE B 612 49.12 -0.83 67.22
CA ILE B 612 49.74 -1.54 66.11
C ILE B 612 50.41 -0.56 65.15
N SER B 613 49.72 0.53 64.80
CA SER B 613 50.33 1.51 63.91
C SER B 613 51.55 2.15 64.55
N ILE B 614 51.46 2.45 65.85
CA ILE B 614 52.61 3.04 66.55
C ILE B 614 53.80 2.08 66.54
N LEU B 615 53.56 0.80 66.81
CA LEU B 615 54.65 -0.17 66.81
C LEU B 615 55.27 -0.32 65.43
N ILE B 616 54.44 -0.39 64.39
CA ILE B 616 54.96 -0.54 63.04
C ILE B 616 55.85 0.64 62.68
N MET B 617 55.37 1.86 62.94
CA MET B 617 56.15 3.02 62.58
C MET B 617 57.38 3.18 63.46
N VAL B 618 57.30 2.77 64.73
CA VAL B 618 58.49 2.84 65.58
C VAL B 618 59.57 1.92 65.03
N LEU B 619 59.19 0.72 64.59
CA LEU B 619 60.18 -0.16 63.97
C LEU B 619 60.72 0.44 62.67
N VAL B 620 59.83 1.01 61.84
CA VAL B 620 60.26 1.63 60.59
C VAL B 620 61.27 2.73 60.86
N ASP B 621 61.04 3.57 61.87
CA ASP B 621 62.00 4.61 62.22
C ASP B 621 63.26 4.01 62.82
N PHE B 622 63.13 2.88 63.51
CA PHE B 622 64.27 2.26 64.14
C PHE B 622 65.22 1.69 63.10
N PHE B 623 64.69 1.27 61.95
CA PHE B 623 65.54 0.71 60.92
C PHE B 623 66.40 1.78 60.26
N ILE B 624 65.87 3.00 60.15
CA ILE B 624 66.64 4.10 59.56
C ILE B 624 67.67 4.57 60.58
N GLN B 625 68.93 4.66 60.16
CA GLN B 625 70.03 4.88 61.08
C GLN B 625 70.55 6.32 61.09
N ASP B 626 70.82 6.90 59.91
CA ASP B 626 71.61 8.12 59.84
C ASP B 626 70.79 9.38 59.96
N THR B 627 69.48 9.31 59.74
CA THR B 627 68.63 10.49 59.78
C THR B 627 68.24 10.83 61.21
N TYR B 628 68.15 12.12 61.52
CA TYR B 628 67.79 12.58 62.85
C TYR B 628 66.31 12.94 62.90
N THR B 629 65.66 12.53 63.98
CA THR B 629 64.27 12.86 64.25
C THR B 629 64.13 13.12 65.74
N GLN B 630 63.35 14.13 66.10
CA GLN B 630 63.21 14.48 67.50
C GLN B 630 62.48 13.36 68.24
N LYS B 631 62.96 13.05 69.43
CA LYS B 631 62.45 11.93 70.21
C LYS B 631 61.82 12.45 71.49
N LEU B 632 61.19 11.53 72.21
CA LEU B 632 60.63 11.84 73.52
C LEU B 632 61.72 11.76 74.58
N SER B 633 61.71 12.72 75.50
CA SER B 633 62.71 12.78 76.55
C SER B 633 62.04 13.20 77.86
N VAL B 634 62.38 12.51 78.93
CA VAL B 634 61.78 12.75 80.24
C VAL B 634 62.90 13.06 81.22
N PRO B 635 62.60 13.73 82.32
CA PRO B 635 63.62 14.03 83.32
C PRO B 635 64.27 12.75 83.85
N ASP B 636 65.43 12.92 84.48
CA ASP B 636 66.22 11.77 84.89
C ASP B 636 65.63 11.09 86.12
N GLY B 637 65.20 11.87 87.12
CA GLY B 637 64.70 11.32 88.35
C GLY B 637 63.67 12.23 88.98
N PHE B 638 63.08 11.75 90.08
CA PHE B 638 62.05 12.51 90.81
C PHE B 638 62.73 13.62 91.60
N LYS B 639 63.13 14.66 90.86
CA LYS B 639 63.79 15.82 91.43
C LYS B 639 63.02 17.08 91.09
N VAL B 640 63.19 18.11 91.92
CA VAL B 640 62.55 19.39 91.64
C VAL B 640 63.25 20.06 90.46
N SER B 641 62.51 20.96 89.81
CA SER B 641 63.01 21.61 88.59
C SER B 641 64.22 22.50 88.88
N ASN B 642 64.05 23.45 89.79
CA ASN B 642 65.11 24.40 90.15
C ASN B 642 65.39 24.25 91.64
N SER B 643 66.46 23.54 91.98
CA SER B 643 66.79 23.25 93.36
C SER B 643 67.53 24.39 94.05
N SER B 644 67.69 25.54 93.40
CA SER B 644 68.39 26.66 94.03
C SER B 644 67.46 27.42 94.98
N ALA B 645 66.21 27.66 94.57
CA ALA B 645 65.33 28.56 95.30
C ALA B 645 64.07 27.87 95.81
N ARG B 646 63.92 26.57 95.55
CA ARG B 646 62.67 25.87 95.82
C ARG B 646 62.96 24.66 96.69
N GLY B 647 61.92 24.16 97.34
CA GLY B 647 61.99 22.95 98.12
C GLY B 647 60.77 22.09 97.88
N TRP B 648 60.76 20.92 98.50
CA TRP B 648 59.61 20.04 98.31
C TRP B 648 58.38 20.60 99.03
N VAL B 649 58.58 21.30 100.14
CA VAL B 649 57.48 21.95 100.86
C VAL B 649 57.78 23.44 100.94
N ILE B 650 56.74 24.25 100.75
CA ILE B 650 56.85 25.71 100.74
C ILE B 650 56.24 26.25 102.02
N HIS B 651 57.02 27.03 102.75
CA HIS B 651 56.53 27.67 103.98
C HIS B 651 55.58 28.80 103.61
N PRO B 652 54.34 28.80 104.11
CA PRO B 652 53.37 29.80 103.66
C PRO B 652 53.72 31.22 104.11
N LEU B 653 54.39 31.36 105.24
CA LEU B 653 54.67 32.70 105.76
C LEU B 653 55.70 33.41 104.90
N GLY B 654 56.70 32.68 104.42
CA GLY B 654 57.73 33.26 103.57
C GLY B 654 58.81 32.26 103.22
N LEU B 655 59.22 32.25 101.95
CA LEU B 655 60.29 31.35 101.51
C LEU B 655 61.65 31.98 101.75
N ARG B 656 61.85 33.20 101.25
CA ARG B 656 63.07 33.96 101.49
C ARG B 656 62.80 35.24 102.25
N SER B 657 61.77 35.99 101.85
CA SER B 657 61.27 37.13 102.60
C SER B 657 59.83 36.87 102.99
N GLU B 658 59.39 37.50 104.08
CA GLU B 658 58.06 37.21 104.61
C GLU B 658 56.99 37.82 103.71
N PHE B 659 55.81 37.23 103.76
CA PHE B 659 54.73 37.59 102.84
C PHE B 659 53.85 38.68 103.46
N PRO B 660 53.41 39.66 102.67
CA PRO B 660 52.59 40.74 103.24
C PRO B 660 51.20 40.26 103.64
N ILE B 661 50.55 41.09 104.45
CA ILE B 661 49.21 40.78 104.95
C ILE B 661 48.16 41.11 103.90
N TRP B 662 48.33 42.25 103.22
CA TRP B 662 47.31 42.71 102.29
C TRP B 662 47.17 41.74 101.13
N MET B 663 48.28 41.12 100.70
CA MET B 663 48.19 40.10 99.68
C MET B 663 47.53 38.83 100.22
N MET B 664 47.79 38.49 101.48
CA MET B 664 47.09 37.37 102.11
C MET B 664 45.58 37.56 102.01
N PHE B 665 45.11 38.79 102.22
CA PHE B 665 43.67 39.03 102.22
C PHE B 665 43.11 39.30 100.84
N ALA B 666 43.94 39.75 99.90
CA ALA B 666 43.50 40.08 98.56
C ALA B 666 43.70 38.96 97.55
N SER B 667 44.33 37.86 97.95
CA SER B 667 44.51 36.71 97.05
C SER B 667 43.20 36.04 96.68
N ALA B 668 42.08 36.51 97.23
CA ALA B 668 40.78 35.91 96.92
C ALA B 668 40.34 36.26 95.51
N LEU B 669 40.79 37.38 94.96
CA LEU B 669 40.35 37.80 93.63
C LEU B 669 40.78 36.86 92.52
N PRO B 670 42.05 36.44 92.41
CA PRO B 670 42.38 35.45 91.36
C PRO B 670 41.80 34.09 91.63
N ALA B 671 41.55 33.76 92.90
CA ALA B 671 40.95 32.46 93.22
C ALA B 671 39.57 32.33 92.62
N LEU B 672 38.79 33.41 92.62
CA LEU B 672 37.45 33.36 92.03
C LEU B 672 37.53 33.08 90.53
N LEU B 673 38.50 33.70 89.83
CA LEU B 673 38.64 33.48 88.40
C LEU B 673 39.08 32.05 88.10
N VAL B 674 40.05 31.54 88.88
CA VAL B 674 40.49 30.17 88.71
C VAL B 674 39.34 29.21 88.96
N PHE B 675 38.54 29.48 89.99
CA PHE B 675 37.39 28.64 90.29
C PHE B 675 36.39 28.65 89.14
N ILE B 676 36.13 29.83 88.57
CA ILE B 676 35.20 29.91 87.45
C ILE B 676 35.72 29.08 86.28
N LEU B 677 37.00 29.23 85.96
CA LEU B 677 37.58 28.47 84.86
C LEU B 677 37.44 26.96 85.09
N ILE B 678 37.93 26.49 86.24
CA ILE B 678 37.91 25.05 86.52
C ILE B 678 36.49 24.52 86.53
N PHE B 679 35.58 25.22 87.23
CA PHE B 679 34.20 24.79 87.34
C PHE B 679 33.57 24.69 85.95
N LEU B 680 33.69 25.75 85.15
CA LEU B 680 33.08 25.77 83.83
C LEU B 680 33.60 24.61 83.00
N GLU B 681 34.93 24.45 82.93
CA GLU B 681 35.50 23.41 82.08
C GLU B 681 35.05 22.03 82.53
N SER B 682 35.14 21.74 83.84
CA SER B 682 34.81 20.42 84.33
C SER B 682 33.33 20.11 84.13
N GLN B 683 32.45 21.06 84.42
CA GLN B 683 31.02 20.80 84.33
C GLN B 683 30.60 20.66 82.87
N ILE B 684 31.15 21.47 81.97
CA ILE B 684 30.81 21.33 80.56
C ILE B 684 31.35 20.01 80.02
N THR B 685 32.52 19.58 80.49
CA THR B 685 33.05 18.29 80.07
C THR B 685 32.14 17.17 80.54
N THR B 686 31.70 17.23 81.80
CA THR B 686 30.81 16.19 82.31
C THR B 686 29.46 16.21 81.60
N LEU B 687 29.00 17.39 81.16
CA LEU B 687 27.78 17.45 80.36
C LEU B 687 27.97 16.79 79.01
N ILE B 688 29.10 17.07 78.34
CA ILE B 688 29.31 16.53 77.01
C ILE B 688 29.48 15.02 77.08
N VAL B 689 30.23 14.55 78.08
CA VAL B 689 30.58 13.14 78.18
C VAL B 689 29.34 12.29 78.47
N SER B 690 28.47 12.78 79.35
CA SER B 690 27.40 11.96 79.94
C SER B 690 26.03 12.32 79.37
N LYS B 691 25.97 12.63 78.08
CA LYS B 691 24.68 12.87 77.45
C LYS B 691 23.90 11.56 77.36
N PRO B 692 22.56 11.62 77.35
CA PRO B 692 21.76 10.38 77.33
C PRO B 692 21.94 9.56 76.07
N GLU B 693 22.42 10.15 74.98
CA GLU B 693 22.53 9.43 73.71
C GLU B 693 23.64 8.38 73.73
N ARG B 694 24.67 8.55 74.55
CA ARG B 694 25.78 7.61 74.55
C ARG B 694 25.60 6.49 75.57
N LYS B 695 24.39 5.93 75.59
CA LYS B 695 24.06 4.66 76.26
C LYS B 695 24.82 4.47 77.56
N MET B 696 24.77 5.48 78.42
CA MET B 696 25.44 5.45 79.71
C MET B 696 24.46 4.99 80.79
N VAL B 697 24.66 3.78 81.30
CA VAL B 697 23.73 3.18 82.23
C VAL B 697 23.91 3.76 83.64
N LYS B 698 25.11 3.60 84.21
CA LYS B 698 25.31 4.04 85.59
C LYS B 698 25.32 5.56 85.68
N GLY B 699 24.91 6.06 86.84
CA GLY B 699 24.77 7.49 87.04
C GLY B 699 26.10 8.20 87.11
N SER B 700 26.06 9.51 86.84
CA SER B 700 27.22 10.37 86.90
C SER B 700 26.96 11.50 87.88
N GLY B 701 27.96 11.81 88.70
CA GLY B 701 27.82 12.79 89.77
C GLY B 701 28.52 14.09 89.41
N PHE B 702 27.94 15.20 89.83
CA PHE B 702 28.51 16.52 89.60
C PHE B 702 29.19 17.10 90.84
N HIS B 703 28.49 17.14 91.97
CA HIS B 703 29.04 17.75 93.18
C HIS B 703 30.29 17.04 93.66
N LEU B 704 30.29 15.70 93.65
CA LEU B 704 31.44 14.95 94.15
C LEU B 704 32.68 15.19 93.29
N ASP B 705 32.52 15.17 91.96
CA ASP B 705 33.67 15.41 91.10
C ASP B 705 34.23 16.82 91.29
N LEU B 706 33.35 17.82 91.36
CA LEU B 706 33.79 19.19 91.58
C LEU B 706 34.55 19.31 92.89
N LEU B 707 33.98 18.78 93.98
CA LEU B 707 34.62 18.86 95.29
C LEU B 707 36.00 18.20 95.24
N LEU B 708 36.06 16.96 94.73
CA LEU B 708 37.32 16.25 94.67
C LEU B 708 38.36 17.04 93.89
N VAL B 709 38.00 17.47 92.67
CA VAL B 709 38.96 18.13 91.81
C VAL B 709 39.48 19.41 92.46
N VAL B 710 38.58 20.26 92.95
CA VAL B 710 39.05 21.56 93.44
C VAL B 710 39.79 21.42 94.76
N GLY B 711 39.30 20.57 95.67
CA GLY B 711 40.02 20.37 96.92
C GLY B 711 41.40 19.79 96.73
N MET B 712 41.50 18.75 95.88
CA MET B 712 42.81 18.17 95.59
C MET B 712 43.71 19.15 94.86
N GLY B 713 43.14 19.99 93.99
CA GLY B 713 43.94 21.02 93.36
C GLY B 713 44.51 22.00 94.36
N GLY B 714 43.70 22.38 95.35
CA GLY B 714 44.18 23.24 96.41
C GLY B 714 45.28 22.59 97.23
N VAL B 715 45.06 21.33 97.63
CA VAL B 715 46.06 20.63 98.41
C VAL B 715 47.35 20.46 97.63
N ALA B 716 47.25 20.32 96.30
CA ALA B 716 48.47 20.23 95.51
C ALA B 716 49.14 21.60 95.39
N ALA B 717 48.34 22.66 95.33
CA ALA B 717 48.85 24.02 95.36
C ALA B 717 49.55 24.33 96.68
N LEU B 718 49.20 23.60 97.74
CA LEU B 718 49.92 23.75 99.01
C LEU B 718 51.38 23.34 98.84
N PHE B 719 51.64 22.23 98.17
CA PHE B 719 53.01 21.75 98.04
C PHE B 719 53.79 22.47 96.96
N GLY B 720 53.18 23.41 96.28
CA GLY B 720 53.86 24.13 95.22
C GLY B 720 53.66 23.49 93.87
N MET B 721 53.06 22.32 93.82
CA MET B 721 52.76 21.63 92.58
C MET B 721 51.46 22.21 92.03
N PRO B 722 51.24 22.15 90.72
CA PRO B 722 50.04 22.78 90.15
C PRO B 722 48.77 21.98 90.35
N TRP B 723 47.66 22.71 90.23
CA TRP B 723 46.30 22.20 90.19
C TRP B 723 45.91 21.78 88.78
N LEU B 724 44.94 20.88 88.69
CA LEU B 724 44.53 20.33 87.41
C LEU B 724 43.03 20.49 87.24
N SER B 725 42.54 20.11 86.06
CA SER B 725 41.12 20.16 85.76
C SER B 725 40.79 19.07 84.76
N ALA B 726 39.49 18.81 84.59
CA ALA B 726 39.04 17.83 83.61
C ALA B 726 39.27 18.33 82.19
N THR B 727 39.73 17.42 81.33
CA THR B 727 40.05 17.75 79.95
C THR B 727 38.95 17.24 79.03
N THR B 728 38.69 18.01 77.97
CA THR B 728 37.57 17.68 77.09
C THR B 728 37.94 16.59 76.09
N VAL B 729 38.99 16.83 75.29
CA VAL B 729 39.34 15.92 74.22
C VAL B 729 39.81 14.58 74.76
N ARG B 730 40.60 14.59 75.83
CA ARG B 730 41.09 13.34 76.39
C ARG B 730 39.96 12.50 76.96
N SER B 731 39.01 13.15 77.66
CA SER B 731 37.88 12.42 78.22
C SER B 731 36.97 11.88 77.13
N VAL B 732 36.70 12.68 76.09
CA VAL B 732 35.85 12.20 75.00
C VAL B 732 36.51 11.04 74.27
N THR B 733 37.82 11.10 74.09
CA THR B 733 38.53 10.01 73.43
C THR B 733 38.50 8.76 74.28
N HIS B 734 38.69 8.90 75.60
CA HIS B 734 38.58 7.76 76.49
C HIS B 734 37.21 7.12 76.41
N ALA B 735 36.16 7.94 76.51
CA ALA B 735 34.80 7.42 76.46
C ALA B 735 34.49 6.74 75.13
N ASN B 736 34.99 7.31 74.02
CA ASN B 736 34.76 6.71 72.72
C ASN B 736 35.55 5.42 72.53
N ALA B 737 36.71 5.30 73.17
CA ALA B 737 37.50 4.06 73.06
C ALA B 737 36.87 2.90 73.82
N LEU B 738 36.22 3.17 74.95
CA LEU B 738 35.56 2.11 75.72
C LEU B 738 34.09 1.94 75.35
N THR B 739 33.81 1.75 74.06
CA THR B 739 32.44 1.58 73.58
C THR B 739 32.35 0.38 72.67
N VAL B 740 31.50 -0.59 73.02
CA VAL B 740 31.26 -1.76 72.19
C VAL B 740 30.00 -1.51 71.38
N MET B 741 30.16 -1.42 70.07
CA MET B 741 29.12 -1.01 69.14
C MET B 741 28.52 -2.22 68.45
N GLY B 742 27.25 -2.11 68.08
CA GLY B 742 26.55 -3.18 67.41
C GLY B 742 26.47 -2.99 65.91
N LYS B 743 26.30 -4.10 65.21
CA LYS B 743 26.23 -4.09 63.75
C LYS B 743 24.94 -3.45 63.25
N ALA B 751 25.43 2.42 62.28
CA ALA B 751 25.49 1.41 63.34
C ALA B 751 24.93 1.96 64.65
N GLN B 752 24.61 1.05 65.58
CA GLN B 752 24.05 1.39 66.87
C GLN B 752 25.09 1.21 67.97
N ILE B 753 25.12 2.15 68.90
CA ILE B 753 25.99 2.08 70.08
C ILE B 753 25.36 1.09 71.06
N GLN B 754 25.87 -0.15 71.02
CA GLN B 754 25.32 -1.21 71.84
C GLN B 754 25.51 -0.96 73.33
N GLU B 755 26.72 -0.56 73.74
CA GLU B 755 26.99 -0.38 75.17
C GLU B 755 28.36 0.25 75.33
N VAL B 756 28.65 0.66 76.55
CA VAL B 756 29.88 1.40 76.88
C VAL B 756 30.41 0.84 78.20
N LYS B 757 31.65 0.34 78.16
CA LYS B 757 32.29 -0.29 79.31
C LYS B 757 32.78 0.78 80.28
N GLU B 758 32.12 0.89 81.42
CA GLU B 758 32.50 1.85 82.45
C GLU B 758 33.19 1.11 83.60
N GLN B 759 34.39 1.56 83.95
CA GLN B 759 35.18 0.91 84.99
C GLN B 759 36.17 1.94 85.53
N ARG B 760 36.83 1.57 86.64
CA ARG B 760 37.80 2.44 87.29
C ARG B 760 39.24 1.99 87.10
N ILE B 761 39.46 0.85 86.44
CA ILE B 761 40.82 0.31 86.30
C ILE B 761 41.61 1.08 85.26
N SER B 762 40.95 1.52 84.19
CA SER B 762 41.64 2.21 83.11
C SER B 762 42.32 3.49 83.57
N GLY B 763 41.57 4.37 84.25
CA GLY B 763 42.15 5.61 84.74
C GLY B 763 43.25 5.38 85.75
N LEU B 764 43.07 4.41 86.65
CA LEU B 764 44.09 4.11 87.64
C LEU B 764 45.38 3.64 86.97
N LEU B 765 45.27 2.75 85.98
CA LEU B 765 46.44 2.26 85.28
C LEU B 765 47.12 3.37 84.48
N VAL B 766 46.33 4.23 83.84
CA VAL B 766 46.89 5.36 83.11
C VAL B 766 47.67 6.28 84.05
N ALA B 767 47.11 6.54 85.23
CA ALA B 767 47.80 7.40 86.18
C ALA B 767 49.09 6.75 86.68
N VAL B 768 49.04 5.45 86.96
CA VAL B 768 50.24 4.75 87.44
C VAL B 768 51.32 4.76 86.37
N LEU B 769 50.92 4.58 85.11
CA LEU B 769 51.89 4.60 84.02
C LEU B 769 52.50 5.99 83.85
N VAL B 770 51.67 7.03 83.93
CA VAL B 770 52.21 8.40 83.84
C VAL B 770 53.17 8.67 84.99
N GLY B 771 52.88 8.11 86.18
CA GLY B 771 53.80 8.30 87.29
C GLY B 771 55.12 7.58 87.09
N LEU B 772 55.07 6.33 86.62
CA LEU B 772 56.30 5.56 86.43
C LEU B 772 57.02 5.89 85.13
N SER B 773 56.46 6.78 84.30
CA SER B 773 57.09 7.12 83.03
C SER B 773 58.55 7.55 83.15
N ILE B 774 58.97 8.07 84.32
CA ILE B 774 60.36 8.47 84.47
C ILE B 774 61.30 7.28 84.56
N LEU B 775 60.79 6.11 84.90
CA LEU B 775 61.59 4.90 84.97
C LEU B 775 61.62 4.13 83.65
N MET B 776 61.01 4.67 82.61
CA MET B 776 60.93 3.99 81.31
C MET B 776 61.71 4.77 80.26
N GLU B 777 62.89 5.24 80.63
CA GLU B 777 63.76 5.96 79.69
C GLU B 777 64.16 5.16 78.46
N PRO B 778 64.71 3.93 78.56
CA PRO B 778 65.20 3.27 77.34
C PRO B 778 64.12 2.98 76.30
N ILE B 779 62.89 2.72 76.72
CA ILE B 779 61.82 2.43 75.76
C ILE B 779 61.26 3.71 75.19
N LEU B 780 61.08 4.74 76.02
CA LEU B 780 60.47 5.97 75.55
C LEU B 780 61.44 6.81 74.72
N SER B 781 62.73 6.66 74.93
CA SER B 781 63.71 7.48 74.22
C SER B 781 63.82 7.11 72.75
N ARG B 782 63.12 6.06 72.31
CA ARG B 782 63.17 5.56 70.95
C ARG B 782 61.90 5.84 70.16
N ILE B 783 60.95 6.58 70.73
CA ILE B 783 59.69 6.88 70.07
C ILE B 783 59.82 8.27 69.44
N PRO B 784 59.80 8.39 68.11
CA PRO B 784 59.94 9.70 67.49
C PRO B 784 58.74 10.58 67.76
N LEU B 785 58.99 11.90 67.80
CA LEU B 785 57.96 12.86 68.14
C LEU B 785 56.96 13.07 67.00
N ALA B 786 57.36 12.80 65.77
CA ALA B 786 56.49 13.04 64.62
C ALA B 786 55.41 11.98 64.46
N VAL B 787 55.56 10.81 65.08
CA VAL B 787 54.53 9.79 64.99
C VAL B 787 53.29 10.21 65.77
N LEU B 788 53.49 10.86 66.92
CA LEU B 788 52.35 11.24 67.75
C LEU B 788 51.51 12.34 67.11
N PHE B 789 52.05 13.08 66.15
CA PHE B 789 51.25 14.09 65.45
C PHE B 789 50.13 13.44 64.65
N GLY B 790 50.40 12.29 64.03
CA GLY B 790 49.35 11.57 63.32
C GLY B 790 48.26 11.10 64.26
N ILE B 791 48.64 10.65 65.45
CA ILE B 791 47.67 10.23 66.45
C ILE B 791 46.86 11.43 66.94
N PHE B 792 47.51 12.58 67.09
CA PHE B 792 46.80 13.78 67.52
C PHE B 792 45.79 14.21 66.47
N LEU B 793 46.17 14.16 65.19
CA LEU B 793 45.23 14.50 64.14
C LEU B 793 44.08 13.51 64.08
N TYR B 794 44.38 12.22 64.28
CA TYR B 794 43.34 11.20 64.31
C TYR B 794 42.36 11.47 65.45
N MET B 795 42.90 11.83 66.62
CA MET B 795 42.09 12.16 67.78
C MET B 795 41.21 13.37 67.50
N GLY B 796 41.79 14.40 66.88
CA GLY B 796 41.03 15.60 66.60
C GLY B 796 39.94 15.37 65.59
N VAL B 797 40.17 14.48 64.62
CA VAL B 797 39.16 14.17 63.62
C VAL B 797 38.07 13.29 64.21
N THR B 798 38.44 12.37 65.10
CA THR B 798 37.44 11.46 65.66
C THR B 798 36.56 12.18 66.66
N SER B 799 37.12 13.11 67.42
CA SER B 799 36.33 13.82 68.43
C SER B 799 35.30 14.75 67.81
N LEU B 800 35.28 14.86 66.48
CA LEU B 800 34.45 15.81 65.78
C LEU B 800 33.13 15.20 65.33
N SER B 801 32.84 13.96 65.73
CA SER B 801 31.74 13.22 65.16
C SER B 801 30.39 13.65 65.72
N GLY B 802 30.26 13.64 67.04
CA GLY B 802 28.96 13.85 67.66
C GLY B 802 28.46 15.28 67.60
N ILE B 803 29.32 16.24 67.24
CA ILE B 803 28.89 17.62 67.18
C ILE B 803 27.76 17.79 66.18
N GLN B 804 26.73 18.53 66.58
CA GLN B 804 25.59 18.77 65.71
C GLN B 804 25.75 20.04 64.90
N LEU B 805 26.45 21.03 65.47
CA LEU B 805 26.81 22.22 64.71
C LEU B 805 27.64 21.86 63.50
N PHE B 806 28.47 20.82 63.62
CA PHE B 806 29.25 20.37 62.47
C PHE B 806 28.35 19.83 61.37
N ASP B 807 27.32 19.06 61.74
CA ASP B 807 26.37 18.57 60.76
C ASP B 807 25.61 19.72 60.10
N ARG B 808 25.20 20.70 60.90
CA ARG B 808 24.46 21.84 60.35
C ARG B 808 25.35 22.70 59.47
N ILE B 809 26.66 22.72 59.74
CA ILE B 809 27.58 23.43 58.87
C ILE B 809 27.78 22.67 57.57
N LEU B 810 27.85 21.34 57.66
CA LEU B 810 27.97 20.53 56.45
C LEU B 810 26.74 20.70 55.56
N LEU B 811 25.57 20.84 56.18
CA LEU B 811 24.35 21.06 55.40
C LEU B 811 24.30 22.43 54.74
N LEU B 812 25.24 23.33 55.06
CA LEU B 812 25.26 24.62 54.41
C LEU B 812 25.62 24.54 52.94
N PHE B 813 26.23 23.44 52.51
CA PHE B 813 26.72 23.32 51.14
C PHE B 813 25.84 22.42 50.28
N LYS B 814 25.35 21.31 50.84
CA LYS B 814 24.49 20.43 50.08
C LYS B 814 23.23 21.17 49.62
N PRO B 815 22.71 20.84 48.45
CA PRO B 815 21.43 21.39 48.04
C PRO B 815 20.30 20.77 48.84
N PRO B 816 19.16 21.46 48.99
CA PRO B 816 18.10 20.96 49.87
C PRO B 816 17.50 19.64 49.42
N LYS B 817 18.00 19.08 48.30
CA LYS B 817 17.49 17.80 47.82
C LYS B 817 18.08 16.62 48.59
N TYR B 818 19.27 16.77 49.17
CA TYR B 818 19.97 15.67 49.81
C TYR B 818 19.98 15.80 51.33
N HIS B 819 19.19 16.72 51.88
CA HIS B 819 19.18 16.94 53.31
C HIS B 819 18.61 15.70 54.02
N PRO B 820 19.11 15.39 55.23
CA PRO B 820 18.68 14.16 55.89
C PRO B 820 17.25 14.22 56.37
N ASP B 821 16.79 13.15 57.03
CA ASP B 821 15.40 13.02 57.47
C ASP B 821 15.24 13.31 58.95
N VAL B 822 16.11 14.13 59.54
CA VAL B 822 16.01 14.48 60.94
C VAL B 822 14.93 15.54 61.13
N PRO B 823 14.38 15.71 62.34
CA PRO B 823 13.26 16.65 62.49
C PRO B 823 13.61 18.09 62.16
N TYR B 824 14.83 18.53 62.46
CA TYR B 824 15.14 19.93 62.22
C TYR B 824 15.25 20.25 60.75
N VAL B 825 15.23 19.26 59.87
CA VAL B 825 15.20 19.52 58.44
C VAL B 825 13.76 19.66 57.95
N LYS B 826 12.87 18.81 58.44
CA LYS B 826 11.51 18.78 57.93
C LYS B 826 10.65 19.86 58.57
N ARG B 827 10.89 20.17 59.85
CA ARG B 827 9.97 21.05 60.55
C ARG B 827 10.17 22.52 60.18
N VAL B 828 11.40 22.93 59.92
CA VAL B 828 11.72 24.33 59.64
C VAL B 828 12.22 24.44 58.20
N LYS B 829 12.02 25.62 57.62
CA LYS B 829 12.53 25.91 56.28
C LYS B 829 14.06 25.98 56.29
N THR B 830 14.63 25.91 55.09
CA THR B 830 16.08 25.81 54.96
C THR B 830 16.76 27.12 55.37
N TRP B 831 16.31 28.23 54.80
CA TRP B 831 16.94 29.53 55.02
C TRP B 831 16.75 30.04 56.44
N ARG B 832 16.05 29.30 57.30
CA ARG B 832 16.04 29.60 58.73
C ARG B 832 17.14 28.83 59.45
N MET B 833 17.30 27.55 59.10
CA MET B 833 18.45 26.79 59.61
C MET B 833 19.75 27.47 59.23
N HIS B 834 19.81 28.02 58.01
CA HIS B 834 21.02 28.71 57.59
C HIS B 834 21.26 29.95 58.43
N LEU B 835 20.19 30.66 58.80
CA LEU B 835 20.35 31.83 59.67
C LEU B 835 20.84 31.42 61.05
N PHE B 836 20.29 30.33 61.58
CA PHE B 836 20.76 29.79 62.86
C PHE B 836 22.25 29.44 62.79
N THR B 837 22.64 28.70 61.76
CA THR B 837 24.05 28.32 61.62
C THR B 837 24.93 29.54 61.47
N GLY B 838 24.46 30.57 60.77
CA GLY B 838 25.25 31.78 60.62
C GLY B 838 25.44 32.50 61.95
N ILE B 839 24.37 32.59 62.74
CA ILE B 839 24.49 33.18 64.07
C ILE B 839 25.51 32.42 64.91
N GLN B 840 25.43 31.08 64.87
CA GLN B 840 26.33 30.27 65.69
C GLN B 840 27.77 30.41 65.21
N ILE B 841 27.97 30.54 63.90
CA ILE B 841 29.32 30.71 63.36
C ILE B 841 29.87 32.08 63.73
N ILE B 842 29.01 33.11 63.75
CA ILE B 842 29.42 34.42 64.22
C ILE B 842 29.85 34.36 65.67
N CYS B 843 29.10 33.61 66.49
CA CYS B 843 29.50 33.43 67.89
C CYS B 843 30.87 32.76 67.99
N LEU B 844 31.08 31.72 67.19
CA LEU B 844 32.38 31.05 67.16
C LEU B 844 33.50 32.03 66.79
N ALA B 845 33.27 32.84 65.77
CA ALA B 845 34.29 33.77 65.31
C ALA B 845 34.60 34.82 66.38
N VAL B 846 33.57 35.29 67.08
CA VAL B 846 33.80 36.26 68.15
C VAL B 846 34.60 35.63 69.28
N LEU B 847 34.27 34.39 69.64
CA LEU B 847 35.06 33.70 70.66
C LEU B 847 36.52 33.57 70.23
N TRP B 848 36.76 33.21 68.97
CA TRP B 848 38.12 33.07 68.48
C TRP B 848 38.87 34.39 68.54
N VAL B 849 38.23 35.47 68.07
CA VAL B 849 38.88 36.78 68.07
C VAL B 849 39.22 37.19 69.50
N VAL B 850 38.31 36.95 70.44
CA VAL B 850 38.60 37.28 71.83
C VAL B 850 39.74 36.43 72.35
N LYS B 851 39.83 35.18 71.89
CA LYS B 851 40.93 34.31 72.31
C LYS B 851 42.27 34.82 71.78
N SER B 852 42.28 35.38 70.57
CA SER B 852 43.52 35.93 70.03
C SER B 852 43.86 37.27 70.66
N THR B 853 42.86 38.01 71.16
CA THR B 853 43.13 39.30 71.76
C THR B 853 43.90 39.12 73.06
N PRO B 854 44.82 40.02 73.39
CA PRO B 854 45.53 39.93 74.68
C PRO B 854 44.61 39.92 75.89
N ALA B 855 43.31 40.20 75.73
CA ALA B 855 42.34 40.05 76.80
C ALA B 855 41.72 38.66 76.77
N SER B 856 42.59 37.66 76.89
CA SER B 856 42.15 36.27 76.75
C SER B 856 41.48 35.74 78.01
N LEU B 857 41.91 36.22 79.18
CA LEU B 857 41.31 35.75 80.44
C LEU B 857 39.83 36.09 80.55
N ALA B 858 39.31 37.00 79.72
CA ALA B 858 37.89 37.29 79.69
C ALA B 858 37.13 36.37 78.75
N LEU B 859 37.70 35.20 78.43
CA LEU B 859 37.09 34.22 77.55
C LEU B 859 35.95 33.46 78.23
N PRO B 860 36.09 33.02 79.49
CA PRO B 860 34.96 32.29 80.11
C PRO B 860 33.70 33.16 80.24
N PHE B 861 33.85 34.38 80.75
CA PHE B 861 32.71 35.28 80.90
C PHE B 861 31.92 35.39 79.60
N VAL B 862 32.60 35.78 78.52
CA VAL B 862 31.95 35.89 77.22
C VAL B 862 31.19 34.62 76.90
N LEU B 863 31.79 33.46 77.21
CA LEU B 863 31.15 32.18 76.92
C LEU B 863 29.80 32.08 77.64
N ILE B 864 29.77 32.39 78.94
CA ILE B 864 28.50 32.28 79.65
C ILE B 864 27.54 33.35 79.17
N LEU B 865 28.05 34.43 78.57
CA LEU B 865 27.16 35.43 78.00
C LEU B 865 26.40 34.92 76.79
N THR B 866 26.78 33.77 76.24
CA THR B 866 25.97 33.14 75.21
C THR B 866 24.69 32.52 75.76
N VAL B 867 24.63 32.27 77.07
CA VAL B 867 23.43 31.67 77.65
C VAL B 867 22.26 32.64 77.65
N PRO B 868 22.40 33.91 78.09
CA PRO B 868 21.27 34.84 77.96
C PRO B 868 20.83 35.03 76.51
N LEU B 869 21.76 34.99 75.57
CA LEU B 869 21.43 35.14 74.15
C LEU B 869 20.38 34.13 73.73
N ARG B 870 20.48 32.91 74.24
CA ARG B 870 19.54 31.85 73.91
C ARG B 870 18.21 32.02 74.63
N ARG B 871 18.22 32.70 75.77
CA ARG B 871 17.01 32.78 76.58
C ARG B 871 16.11 33.93 76.17
N VAL B 872 16.67 35.01 75.62
CA VAL B 872 15.95 36.24 75.35
C VAL B 872 15.97 36.61 73.86
N LEU B 873 17.17 36.68 73.28
CA LEU B 873 17.30 37.30 71.96
C LEU B 873 16.75 36.42 70.85
N LEU B 874 16.99 35.11 70.91
CA LEU B 874 16.56 34.27 69.79
C LEU B 874 15.04 34.20 69.71
N PRO B 875 14.29 34.06 70.82
CA PRO B 875 12.84 34.08 70.70
C PRO B 875 12.29 35.40 70.14
N LEU B 876 13.14 36.43 69.95
CA LEU B 876 12.69 37.64 69.27
C LEU B 876 12.77 37.54 67.76
N ILE B 877 13.47 36.53 67.24
CA ILE B 877 13.69 36.36 65.82
C ILE B 877 12.95 35.14 65.29
N PHE B 878 13.11 34.00 65.96
CA PHE B 878 12.51 32.74 65.55
C PHE B 878 11.17 32.54 66.24
N ARG B 879 10.57 31.39 65.99
CA ARG B 879 9.32 30.98 66.62
C ARG B 879 9.57 29.77 67.52
N ASN B 880 8.59 29.48 68.37
CA ASN B 880 8.81 28.56 69.48
C ASN B 880 9.04 27.14 68.99
N VAL B 881 8.29 26.72 67.95
CA VAL B 881 8.44 25.36 67.46
C VAL B 881 9.79 25.19 66.77
N GLU B 882 10.23 26.22 66.03
CA GLU B 882 11.55 26.18 65.42
C GLU B 882 12.63 26.07 66.49
N LEU B 883 12.49 26.84 67.57
CA LEU B 883 13.50 26.84 68.62
C LEU B 883 13.52 25.53 69.39
N GLN B 884 12.35 24.91 69.59
CA GLN B 884 12.32 23.61 70.24
C GLN B 884 12.87 22.51 69.35
N CYS B 885 12.62 22.59 68.04
CA CYS B 885 13.09 21.53 67.15
C CYS B 885 14.58 21.64 66.89
N LEU B 886 15.10 22.86 66.77
CA LEU B 886 16.52 23.06 66.51
C LEU B 886 17.35 22.82 67.77
N ASP B 887 17.09 23.58 68.83
CA ASP B 887 17.85 23.46 70.07
C ASP B 887 17.15 22.43 70.94
N ALA B 888 17.35 21.17 70.59
CA ALA B 888 16.73 20.06 71.30
C ALA B 888 17.63 19.57 72.42
N ASP B 889 17.05 19.33 73.59
CA ASP B 889 17.83 18.93 74.75
C ASP B 889 18.21 17.47 74.70
N ASP B 890 17.36 16.63 74.09
CA ASP B 890 17.64 15.21 73.91
C ASP B 890 17.84 14.95 72.43
N ALA B 891 18.74 14.02 72.10
CA ALA B 891 19.06 13.74 70.71
C ALA B 891 18.00 12.86 70.07
N LYS B 892 17.64 11.76 70.74
CA LYS B 892 16.69 10.81 70.14
C LYS B 892 15.29 11.39 70.09
N ALA B 893 14.87 12.07 71.15
CA ALA B 893 13.54 12.65 71.24
C ALA B 893 13.60 14.14 70.89
N THR B 894 12.87 14.53 69.86
CA THR B 894 12.86 15.92 69.40
C THR B 894 11.45 16.38 69.07
N ALA C 4 14.45 31.05 38.18
CA ALA C 4 14.08 32.45 38.20
C ALA C 4 13.63 32.88 39.59
N LEU C 5 12.58 33.71 39.64
CA LEU C 5 12.01 34.09 40.92
C LEU C 5 11.33 32.92 41.61
N GLY C 6 10.58 32.12 40.85
CA GLY C 6 9.98 30.92 41.40
C GLY C 6 9.13 30.22 40.37
N ILE C 7 8.95 28.92 40.58
CA ILE C 7 8.07 28.09 39.78
C ILE C 7 7.68 26.88 40.62
N LYS C 8 6.39 26.53 40.64
CA LYS C 8 5.89 25.47 41.49
C LYS C 8 5.38 24.28 40.70
N SER C 9 4.44 24.48 39.78
CA SER C 9 3.79 23.37 39.12
C SER C 9 3.22 23.82 37.79
N CYS C 10 3.26 22.92 36.81
CA CYS C 10 2.71 23.16 35.49
C CYS C 10 1.46 22.29 35.38
N ASP C 11 0.31 22.92 35.16
CA ASP C 11 -0.97 22.25 35.09
C ASP C 11 -1.40 22.08 33.63
N PHE C 12 -1.37 20.84 33.16
CA PHE C 12 -2.00 20.40 31.91
C PHE C 12 -3.46 20.05 32.15
N GLN C 13 -4.37 21.02 32.06
CA GLN C 13 -5.77 20.67 32.29
C GLN C 13 -6.25 19.73 31.19
N ALA C 14 -6.57 18.49 31.58
CA ALA C 14 -6.98 17.48 30.62
C ALA C 14 -8.48 17.37 30.53
N ALA C 15 -9.18 17.85 31.56
CA ALA C 15 -10.64 17.82 31.60
C ALA C 15 -11.23 18.86 30.66
N ARG C 16 -10.52 19.94 30.40
CA ARG C 16 -11.08 21.07 29.67
C ARG C 16 -10.91 20.91 28.17
N ASN C 17 -9.68 20.74 27.71
CA ASN C 17 -9.35 20.85 26.29
C ASN C 17 -9.63 19.58 25.52
N ASN C 18 -9.73 18.44 26.21
CA ASN C 18 -10.10 17.18 25.57
C ASN C 18 -11.53 17.22 25.03
N GLU C 19 -12.38 18.06 25.62
CA GLU C 19 -13.72 18.23 25.07
C GLU C 19 -13.70 18.90 23.70
N GLU C 20 -12.82 19.88 23.49
CA GLU C 20 -12.74 20.51 22.18
C GLU C 20 -12.18 19.56 21.14
N HIS C 21 -11.11 18.86 21.48
CA HIS C 21 -10.44 18.01 20.50
C HIS C 21 -11.11 16.66 20.34
N HIS C 22 -12.31 16.49 20.89
CA HIS C 22 -13.09 15.27 20.70
C HIS C 22 -12.36 14.02 21.19
N THR C 23 -11.48 14.17 22.17
CA THR C 23 -10.82 13.02 22.77
C THR C 23 -11.37 12.73 24.17
N LYS C 24 -12.63 13.03 24.39
CA LYS C 24 -13.21 12.84 25.71
C LYS C 24 -13.27 11.37 26.08
N ALA C 25 -13.56 10.50 25.11
CA ALA C 25 -13.61 9.08 25.36
C ALA C 25 -12.25 8.44 25.58
N LEU C 26 -11.18 9.09 25.16
CA LEU C 26 -9.87 8.44 25.25
C LEU C 26 -9.30 8.46 26.66
N SER C 27 -9.36 9.61 27.33
CA SER C 27 -8.83 9.74 28.68
C SER C 27 -9.45 10.97 29.32
N SER C 28 -9.15 11.15 30.60
CA SER C 28 -9.57 12.36 31.29
C SER C 28 -8.46 12.91 32.18
N ARG C 29 -7.25 12.37 32.09
CA ARG C 29 -6.09 12.84 32.83
C ARG C 29 -4.90 13.09 31.93
N ARG C 30 -4.71 12.29 30.90
CA ARG C 30 -3.63 12.50 29.96
C ARG C 30 -4.07 13.49 28.90
N LEU C 31 -3.09 14.14 28.28
CA LEU C 31 -3.37 15.24 27.35
C LEU C 31 -3.21 14.76 25.91
N PHE C 32 -4.32 14.61 25.20
CA PHE C 32 -4.34 14.27 23.78
C PHE C 32 -4.96 15.41 23.00
N VAL C 33 -4.16 16.13 22.22
CA VAL C 33 -4.65 17.26 21.44
C VAL C 33 -4.47 16.93 19.95
N ARG C 34 -5.14 17.72 19.12
CA ARG C 34 -5.04 17.64 17.68
C ARG C 34 -4.33 18.87 17.13
N ARG C 35 -3.64 18.69 16.01
CA ARG C 35 -2.87 19.78 15.44
C ARG C 35 -3.80 20.83 14.84
N GLY C 36 -3.36 22.08 14.89
CA GLY C 36 -4.13 23.17 14.35
C GLY C 36 -5.16 23.76 15.29
N GLN C 37 -5.25 23.28 16.52
CA GLN C 37 -6.24 23.78 17.45
C GLN C 37 -5.57 24.19 18.75
N PRO C 38 -5.86 25.39 19.26
CA PRO C 38 -5.16 25.87 20.46
C PRO C 38 -5.65 25.11 21.69
N PHE C 39 -4.77 25.02 22.68
CA PHE C 39 -5.13 24.46 23.96
C PHE C 39 -4.47 25.29 25.06
N THR C 40 -5.01 25.21 26.26
CA THR C 40 -4.59 26.07 27.35
C THR C 40 -4.01 25.25 28.49
N ILE C 41 -2.89 25.74 29.03
CA ILE C 41 -2.25 25.18 30.22
C ILE C 41 -2.08 26.30 31.22
N ILE C 42 -1.79 25.90 32.46
CA ILE C 42 -1.68 26.84 33.58
C ILE C 42 -0.32 26.67 34.24
N LEU C 43 0.36 27.80 34.45
CA LEU C 43 1.61 27.88 35.17
C LEU C 43 1.36 28.48 36.55
N TYR C 44 1.97 27.87 37.56
CA TYR C 44 1.80 28.26 38.95
C TYR C 44 3.15 28.68 39.50
N PHE C 45 3.26 29.95 39.88
CA PHE C 45 4.47 30.40 40.53
C PHE C 45 4.38 30.12 42.02
N ARG C 46 5.52 30.16 42.68
CA ARG C 46 5.59 30.04 44.12
C ARG C 46 5.95 31.35 44.80
N ALA C 47 6.11 32.42 44.03
CA ALA C 47 6.45 33.74 44.53
C ALA C 47 5.76 34.75 43.64
N PRO C 48 5.34 35.89 44.19
CA PRO C 48 4.63 36.87 43.37
C PRO C 48 5.58 37.59 42.44
N VAL C 49 5.00 38.17 41.39
CA VAL C 49 5.76 38.92 40.40
C VAL C 49 5.07 40.26 40.21
N ARG C 50 5.87 41.33 40.11
CA ARG C 50 5.35 42.68 40.12
C ARG C 50 5.30 43.30 38.73
N ALA C 51 6.32 43.07 37.90
CA ALA C 51 6.39 43.63 36.56
C ALA C 51 6.11 42.54 35.55
N PHE C 52 5.37 42.89 34.50
CA PHE C 52 5.09 41.94 33.44
C PHE C 52 5.97 42.14 32.22
N LEU C 53 6.11 43.38 31.76
CA LEU C 53 6.69 43.62 30.44
C LEU C 53 8.18 43.29 30.37
N PRO C 54 9.03 43.76 31.30
CA PRO C 54 10.42 43.29 31.28
C PRO C 54 10.59 41.87 31.78
N ALA C 55 9.66 41.35 32.58
CA ALA C 55 9.81 39.98 33.06
C ALA C 55 9.62 38.97 31.95
N LEU C 56 8.86 39.34 30.92
CA LEU C 56 8.64 38.48 29.76
C LEU C 56 9.90 38.23 28.95
N LYS C 57 10.99 38.97 29.21
CA LYS C 57 12.20 38.79 28.42
C LYS C 57 12.84 37.44 28.65
N LYS C 58 12.65 36.86 29.82
CA LYS C 58 13.44 35.71 30.23
C LYS C 58 12.91 34.39 29.67
N VAL C 59 11.63 34.32 29.35
CA VAL C 59 10.94 33.05 29.17
C VAL C 59 10.88 32.69 27.69
N ALA C 60 11.12 31.41 27.40
CA ALA C 60 10.98 30.81 26.08
C ALA C 60 10.86 29.30 26.25
N LEU C 61 10.24 28.63 25.27
CA LEU C 61 10.01 27.21 25.46
C LEU C 61 10.07 26.49 24.12
N THR C 62 10.31 25.19 24.22
CA THR C 62 10.49 24.30 23.08
C THR C 62 9.63 23.06 23.24
N ALA C 63 9.50 22.32 22.15
CA ALA C 63 8.84 21.03 22.13
C ALA C 63 9.72 20.04 21.40
N GLN C 64 10.01 18.93 22.06
CA GLN C 64 10.92 17.90 21.56
C GLN C 64 10.15 16.60 21.39
N THR C 65 10.36 15.94 20.24
CA THR C 65 9.63 14.72 19.92
C THR C 65 10.59 13.65 19.44
N GLY C 66 10.10 12.41 19.47
CA GLY C 66 10.82 11.26 18.96
C GLY C 66 12.13 11.02 19.67
N GLU C 67 13.08 10.44 18.94
CA GLU C 67 14.42 10.21 19.47
C GLU C 67 15.21 11.50 19.53
N GLN C 68 15.43 12.14 18.38
CA GLN C 68 16.34 13.27 18.31
C GLN C 68 15.59 14.50 17.86
N PRO C 69 15.59 15.58 18.64
CA PRO C 69 15.03 16.87 18.21
C PRO C 69 16.03 17.66 17.38
N SER C 70 15.67 17.95 16.12
CA SER C 70 16.57 18.67 15.22
C SER C 70 15.73 19.49 14.26
N LYS C 71 16.18 20.72 13.99
CA LYS C 71 15.40 21.62 13.16
C LYS C 71 15.42 21.22 11.70
N ILE C 72 16.45 20.49 11.26
CA ILE C 72 16.51 20.06 9.86
C ILE C 72 15.49 18.96 9.61
N ASN C 73 15.27 18.10 10.60
CA ASN C 73 14.21 17.10 10.54
C ASN C 73 12.84 17.69 10.80
N ARG C 74 12.79 18.96 11.23
CA ARG C 74 11.55 19.64 11.61
C ARG C 74 10.81 18.86 12.69
N THR C 75 11.57 18.43 13.70
CA THR C 75 10.99 17.77 14.87
C THR C 75 10.92 18.72 16.06
N GLN C 76 12.06 19.29 16.44
CA GLN C 76 12.10 20.23 17.54
C GLN C 76 11.39 21.52 17.16
N ALA C 77 10.98 22.26 18.19
CA ALA C 77 10.54 23.64 17.98
C ALA C 77 11.24 24.53 19.00
N THR C 78 11.16 25.84 18.77
CA THR C 78 11.71 26.81 19.70
C THR C 78 10.95 28.11 19.55
N PHE C 79 10.28 28.56 20.61
CA PHE C 79 9.44 29.72 20.45
C PHE C 79 9.29 30.55 21.72
N PRO C 80 9.23 31.87 21.59
CA PRO C 80 9.07 32.76 22.73
C PRO C 80 7.62 33.13 23.01
N ILE C 81 7.36 33.38 24.30
CA ILE C 81 6.03 33.79 24.75
C ILE C 81 5.89 35.28 24.52
N SER C 82 4.96 35.66 23.66
CA SER C 82 4.65 37.07 23.48
C SER C 82 3.15 37.23 23.30
N SER C 83 2.71 38.49 23.35
CA SER C 83 1.32 38.80 23.06
C SER C 83 1.04 38.70 21.56
N LEU C 84 2.05 38.93 20.74
CA LEU C 84 1.94 38.90 19.29
C LEU C 84 2.74 37.73 18.75
N GLY C 85 2.08 36.85 18.00
CA GLY C 85 2.78 35.73 17.40
C GLY C 85 2.18 35.32 16.07
N ASP C 86 2.88 34.42 15.40
CA ASP C 86 2.45 33.88 14.12
C ASP C 86 1.57 32.65 14.31
N ARG C 87 0.32 32.75 13.86
CA ARG C 87 -0.67 31.71 14.14
C ARG C 87 -0.40 30.44 13.38
N LYS C 88 0.27 30.53 12.23
CA LYS C 88 0.51 29.35 11.42
C LYS C 88 1.62 28.48 12.02
N TRP C 89 2.74 29.10 12.38
CA TRP C 89 3.85 28.38 13.00
C TRP C 89 3.55 28.20 14.49
N TRP C 90 4.45 27.51 15.20
CA TRP C 90 4.26 27.26 16.62
C TRP C 90 4.16 28.57 17.40
N SER C 91 3.12 28.71 18.21
CA SER C 91 2.93 29.97 18.91
C SER C 91 2.33 29.74 20.29
N ALA C 92 2.46 30.75 21.14
CA ALA C 92 1.93 30.73 22.50
C ALA C 92 1.67 32.16 22.95
N VAL C 93 0.47 32.40 23.49
CA VAL C 93 0.05 33.69 24.00
C VAL C 93 -0.24 33.57 25.49
N VAL C 94 0.13 34.60 26.26
CA VAL C 94 -0.21 34.69 27.69
C VAL C 94 -1.48 35.54 27.82
N GLU C 95 -2.62 34.87 27.86
CA GLU C 95 -3.88 35.58 27.76
C GLU C 95 -4.35 36.12 29.11
N GLU C 96 -4.36 35.28 30.15
CA GLU C 96 -4.88 35.63 31.47
C GLU C 96 -3.78 35.53 32.51
N ARG C 97 -3.72 36.52 33.40
CA ARG C 97 -2.59 36.73 34.28
C ARG C 97 -3.08 36.88 35.71
N ASP C 98 -2.52 36.08 36.61
CA ASP C 98 -2.78 36.21 38.04
C ASP C 98 -1.44 36.34 38.76
N ALA C 99 -1.49 36.91 39.97
CA ALA C 99 -0.26 37.19 40.70
C ALA C 99 0.53 35.92 40.96
N GLN C 100 -0.13 34.77 41.03
CA GLN C 100 0.56 33.50 41.19
C GLN C 100 0.31 32.53 40.04
N SER C 101 -0.21 33.01 38.91
CA SER C 101 -0.61 32.08 37.86
C SER C 101 -0.58 32.77 36.51
N TRP C 102 -0.25 31.97 35.49
CA TRP C 102 -0.36 32.33 34.09
C TRP C 102 -1.23 31.31 33.37
N THR C 103 -2.01 31.77 32.38
CA THR C 103 -2.78 30.88 31.50
C THR C 103 -2.22 31.01 30.10
N ILE C 104 -1.46 30.01 29.66
CA ILE C 104 -0.74 30.07 28.39
C ILE C 104 -1.45 29.19 27.38
N SER C 105 -1.66 29.72 26.19
CA SER C 105 -2.43 29.05 25.14
C SER C 105 -1.44 28.64 24.05
N VAL C 106 -1.13 27.37 23.99
CA VAL C 106 -0.26 26.84 22.96
C VAL C 106 -1.07 26.57 21.70
N THR C 107 -0.49 26.94 20.57
CA THR C 107 -1.12 26.74 19.26
C THR C 107 -0.19 25.88 18.41
N THR C 108 -0.75 25.27 17.38
CA THR C 108 -0.04 24.24 16.64
C THR C 108 -0.03 24.57 15.16
N PRO C 109 0.99 24.11 14.44
CA PRO C 109 0.97 24.25 12.98
C PRO C 109 0.19 23.12 12.34
N ALA C 110 -0.26 23.39 11.12
CA ALA C 110 -1.16 22.45 10.45
C ALA C 110 -0.43 21.20 10.00
N ASP C 111 0.86 21.30 9.74
CA ASP C 111 1.65 20.17 9.26
C ASP C 111 2.77 19.87 10.25
N ALA C 112 2.53 18.92 11.16
CA ALA C 112 3.51 18.61 12.18
C ALA C 112 3.52 17.10 12.40
N VAL C 113 4.65 16.61 12.87
CA VAL C 113 4.82 15.17 13.11
C VAL C 113 4.02 14.77 14.34
N ILE C 114 3.34 13.63 14.26
CA ILE C 114 2.58 13.11 15.38
C ILE C 114 3.46 12.17 16.20
N GLY C 115 3.09 12.00 17.47
CA GLY C 115 3.81 11.12 18.37
C GLY C 115 3.85 11.71 19.76
N HIS C 116 4.60 11.05 20.64
CA HIS C 116 4.75 11.52 22.00
C HIS C 116 5.69 12.71 22.03
N TYR C 117 5.19 13.87 22.45
CA TYR C 117 6.00 15.07 22.55
C TYR C 117 6.38 15.33 24.00
N SER C 118 7.27 16.30 24.19
CA SER C 118 7.61 16.76 25.53
C SER C 118 7.92 18.26 25.50
N LEU C 119 7.38 18.97 26.49
CA LEU C 119 7.50 20.41 26.59
C LEU C 119 8.64 20.79 27.53
N LEU C 120 9.48 21.73 27.08
CA LEU C 120 10.62 22.17 27.85
C LEU C 120 10.61 23.69 27.94
N LEU C 121 10.91 24.21 29.12
CA LEU C 121 10.93 25.65 29.36
C LEU C 121 12.36 26.06 29.72
N GLN C 122 12.91 27.02 28.98
CA GLN C 122 14.30 27.43 29.19
C GLN C 122 14.37 28.94 29.34
N VAL C 123 14.53 29.39 30.58
CA VAL C 123 14.81 30.80 30.85
C VAL C 123 16.28 31.04 30.55
N SER C 124 16.70 32.30 30.51
CA SER C 124 18.09 32.60 30.19
C SER C 124 19.04 32.06 31.26
N GLY C 125 18.58 31.99 32.50
CA GLY C 125 19.44 31.58 33.61
C GLY C 125 19.50 30.08 33.85
N ARG C 126 18.35 29.47 34.08
CA ARG C 126 18.32 28.11 34.60
C ARG C 126 18.48 27.08 33.49
N LYS C 127 18.72 25.84 33.90
CA LYS C 127 18.65 24.71 32.98
C LYS C 127 17.22 24.52 32.47
N GLN C 128 17.10 23.87 31.32
CA GLN C 128 15.81 23.63 30.71
C GLN C 128 15.00 22.64 31.55
N LEU C 129 13.72 22.95 31.73
CA LEU C 129 12.86 22.25 32.67
C LEU C 129 11.78 21.49 31.91
N LEU C 130 11.56 20.25 32.32
CA LEU C 130 10.52 19.41 31.72
C LEU C 130 9.19 19.79 32.33
N LEU C 131 8.18 20.01 31.48
CA LEU C 131 6.89 20.44 31.96
C LEU C 131 5.83 19.35 31.89
N GLY C 132 5.96 18.41 30.97
CA GLY C 132 5.02 17.28 30.92
C GLY C 132 5.17 16.52 29.63
N GLN C 133 4.10 15.82 29.28
CA GLN C 133 4.05 15.08 28.03
C GLN C 133 2.67 15.24 27.44
N PHE C 134 2.58 15.09 26.12
CA PHE C 134 1.30 15.08 25.46
C PHE C 134 1.43 14.29 24.16
N THR C 135 0.33 14.25 23.41
CA THR C 135 0.31 13.60 22.12
C THR C 135 -0.45 14.49 21.15
N LEU C 136 -0.04 14.44 19.89
CA LEU C 136 -0.61 15.30 18.86
C LEU C 136 -1.10 14.43 17.71
N LEU C 137 -2.37 14.62 17.33
CA LEU C 137 -2.99 13.78 16.32
C LEU C 137 -3.58 14.64 15.23
N PHE C 138 -4.15 13.98 14.23
CA PHE C 138 -4.82 14.67 13.14
C PHE C 138 -6.23 15.06 13.54
N ASN C 139 -6.74 16.12 12.92
CA ASN C 139 -8.09 16.58 13.18
C ASN C 139 -8.76 16.78 11.83
N PRO C 140 -9.79 16.00 11.52
CA PRO C 140 -10.62 16.29 10.35
C PRO C 140 -11.52 17.48 10.55
N TRP C 141 -11.42 18.18 11.68
CA TRP C 141 -12.24 19.37 11.88
C TRP C 141 -11.57 20.64 11.36
N ASN C 142 -10.27 20.62 11.10
CA ASN C 142 -9.59 21.83 10.66
C ASN C 142 -9.63 21.93 9.14
N ARG C 143 -9.89 23.14 8.66
CA ARG C 143 -10.07 23.34 7.23
C ARG C 143 -8.77 23.23 6.46
N GLU C 144 -7.67 23.73 7.01
CA GLU C 144 -6.44 23.77 6.24
C GLU C 144 -5.65 22.48 6.29
N ASP C 145 -5.97 21.57 7.21
CA ASP C 145 -5.28 20.29 7.20
C ASP C 145 -5.73 19.45 6.02
N ALA C 146 -4.86 18.52 5.63
CA ALA C 146 -5.12 17.73 4.44
C ALA C 146 -6.30 16.81 4.65
N VAL C 147 -6.27 16.01 5.70
CA VAL C 147 -7.36 15.05 5.90
C VAL C 147 -8.50 15.76 6.61
N PHE C 148 -9.41 16.34 5.82
CA PHE C 148 -10.45 17.20 6.35
C PHE C 148 -11.79 16.75 5.80
N LEU C 149 -12.76 16.59 6.69
CA LEU C 149 -14.11 16.20 6.31
C LEU C 149 -15.03 17.40 6.47
N LYS C 150 -15.81 17.70 5.44
CA LYS C 150 -16.68 18.87 5.52
C LYS C 150 -17.89 18.60 6.40
N ASN C 151 -18.62 17.53 6.12
CA ASN C 151 -19.85 17.25 6.85
C ASN C 151 -19.54 16.76 8.27
N GLU C 152 -20.42 17.13 9.20
CA GLU C 152 -20.20 16.77 10.60
C GLU C 152 -20.69 15.36 10.92
N ALA C 153 -21.87 14.99 10.44
CA ALA C 153 -22.38 13.67 10.77
C ALA C 153 -21.51 12.57 10.19
N GLN C 154 -20.87 12.83 9.06
CA GLN C 154 -19.93 11.85 8.54
C GLN C 154 -18.75 11.70 9.47
N ARG C 155 -18.29 12.80 10.06
CA ARG C 155 -17.23 12.73 11.06
C ARG C 155 -17.69 11.92 12.26
N MET C 156 -18.89 12.22 12.76
CA MET C 156 -19.34 11.56 13.99
C MET C 156 -19.55 10.08 13.75
N GLU C 157 -19.86 9.68 12.53
CA GLU C 157 -20.05 8.26 12.29
C GLU C 157 -18.72 7.56 12.03
N TYR C 158 -17.84 8.18 11.26
CA TYR C 158 -16.65 7.52 10.79
C TYR C 158 -15.45 7.69 11.72
N LEU C 159 -15.52 8.61 12.67
CA LEU C 159 -14.38 8.86 13.53
C LEU C 159 -14.68 8.66 15.00
N LEU C 160 -15.84 9.10 15.48
CA LEU C 160 -16.14 9.02 16.90
C LEU C 160 -16.85 7.74 17.30
N ASN C 161 -17.37 6.97 16.35
CA ASN C 161 -18.11 5.78 16.68
C ASN C 161 -17.20 4.60 16.99
N GLN C 162 -17.72 3.66 17.78
CA GLN C 162 -16.98 2.47 18.15
C GLN C 162 -17.72 1.18 17.85
N ASN C 163 -19.04 1.21 17.69
CA ASN C 163 -19.87 0.01 17.58
C ASN C 163 -20.27 -0.18 16.13
N GLY C 164 -19.52 -1.00 15.40
CA GLY C 164 -19.70 -1.15 13.98
C GLY C 164 -20.36 -2.46 13.56
N LEU C 165 -20.58 -2.57 12.26
CA LEU C 165 -21.13 -3.77 11.67
C LEU C 165 -20.22 -4.25 10.55
N ILE C 166 -20.17 -5.57 10.38
CA ILE C 166 -19.48 -6.18 9.24
C ILE C 166 -20.43 -7.15 8.56
N TYR C 167 -20.57 -7.03 7.24
CA TYR C 167 -21.57 -7.81 6.52
C TYR C 167 -20.97 -9.07 5.93
N LEU C 168 -21.59 -10.21 6.22
CA LEU C 168 -21.15 -11.48 5.68
C LEU C 168 -22.31 -12.16 4.97
N GLY C 169 -22.03 -13.36 4.45
CA GLY C 169 -23.01 -14.12 3.72
C GLY C 169 -22.86 -13.96 2.22
N THR C 170 -23.73 -14.65 1.50
CA THR C 170 -23.74 -14.53 0.05
C THR C 170 -24.40 -13.22 -0.34
N ALA C 171 -24.20 -12.82 -1.59
CA ALA C 171 -24.81 -11.60 -2.09
C ALA C 171 -26.33 -11.68 -2.18
N ASP C 172 -26.91 -12.87 -2.10
CA ASP C 172 -28.36 -12.99 -2.19
C ASP C 172 -29.05 -12.75 -0.85
N CYS C 173 -28.42 -13.13 0.25
CA CYS C 173 -28.91 -12.78 1.58
C CYS C 173 -27.74 -12.33 2.44
N ILE C 174 -27.81 -11.10 2.91
CA ILE C 174 -26.72 -10.46 3.63
C ILE C 174 -27.04 -10.46 5.11
N GLN C 175 -26.11 -10.98 5.93
CA GLN C 175 -26.31 -11.06 7.37
C GLN C 175 -25.31 -10.14 8.04
N ALA C 176 -25.80 -9.22 8.85
CA ALA C 176 -24.91 -8.36 9.60
C ALA C 176 -24.33 -9.10 10.79
N GLU C 177 -23.11 -8.72 11.17
CA GLU C 177 -22.51 -9.21 12.40
C GLU C 177 -22.01 -8.01 13.18
N SER C 178 -22.40 -7.94 14.45
CA SER C 178 -21.96 -6.85 15.31
C SER C 178 -20.48 -6.97 15.63
N TRP C 179 -19.76 -5.85 15.56
CA TRP C 179 -18.34 -5.86 15.82
C TRP C 179 -18.02 -4.63 16.65
N ASP C 180 -16.97 -4.75 17.45
CA ASP C 180 -16.54 -3.68 18.35
C ASP C 180 -15.09 -3.32 18.05
N PHE C 181 -14.89 -2.16 17.42
CA PHE C 181 -13.52 -1.72 17.14
C PHE C 181 -12.82 -1.35 18.43
N GLY C 182 -13.44 -0.50 19.23
CA GLY C 182 -12.84 -0.11 20.50
C GLY C 182 -11.57 0.68 20.32
N GLN C 183 -11.59 1.66 19.43
CA GLN C 183 -10.38 2.40 19.14
C GLN C 183 -9.98 3.30 20.29
N PHE C 184 -10.92 3.71 21.14
CA PHE C 184 -10.64 4.63 22.22
C PHE C 184 -10.36 3.94 23.53
N GLU C 185 -9.82 2.72 23.48
CA GLU C 185 -9.35 2.10 24.70
C GLU C 185 -8.05 2.79 25.15
N GLY C 186 -7.52 2.37 26.29
CA GLY C 186 -6.33 3.03 26.84
C GLY C 186 -5.06 2.75 26.07
N ASP C 187 -4.85 1.49 25.70
CA ASP C 187 -3.55 1.04 25.21
C ASP C 187 -3.40 1.10 23.70
N VAL C 188 -4.45 1.46 22.96
CA VAL C 188 -4.38 1.39 21.51
C VAL C 188 -3.39 2.41 20.95
N ILE C 189 -3.40 3.63 21.48
CA ILE C 189 -2.51 4.67 20.94
C ILE C 189 -1.03 4.34 21.13
N ASP C 190 -0.63 3.85 22.30
CA ASP C 190 0.80 3.58 22.49
C ASP C 190 1.24 2.35 21.72
N LEU C 191 0.38 1.34 21.63
CA LEU C 191 0.69 0.17 20.83
C LEU C 191 0.83 0.53 19.36
N SER C 192 -0.07 1.37 18.85
CA SER C 192 0.00 1.76 17.46
C SER C 192 1.25 2.58 17.18
N LEU C 193 1.61 3.48 18.10
CA LEU C 193 2.83 4.25 17.88
C LEU C 193 4.08 3.38 17.99
N ARG C 194 4.07 2.39 18.88
CA ARG C 194 5.21 1.48 18.93
C ARG C 194 5.32 0.64 17.68
N LEU C 195 4.19 0.27 17.08
CA LEU C 195 4.26 -0.43 15.80
C LEU C 195 4.79 0.49 14.72
N LEU C 196 4.38 1.76 14.75
CA LEU C 196 4.82 2.70 13.72
C LEU C 196 6.31 2.97 13.82
N SER C 197 6.84 3.04 15.03
CA SER C 197 8.18 3.56 15.18
C SER C 197 9.26 2.62 14.66
N LYS C 198 8.94 1.51 13.99
CA LYS C 198 9.96 0.65 13.40
C LYS C 198 10.32 1.06 11.98
N ASP C 199 10.11 2.32 11.62
CA ASP C 199 10.31 2.77 10.25
C ASP C 199 11.62 3.52 10.04
N LYS C 200 12.06 4.29 11.03
CA LYS C 200 13.32 5.04 11.02
C LYS C 200 13.35 6.16 9.99
N GLN C 201 12.23 6.47 9.33
CA GLN C 201 12.15 7.66 8.48
C GLN C 201 11.22 8.66 9.16
N VAL C 202 11.81 9.58 9.92
CA VAL C 202 11.04 10.37 10.86
C VAL C 202 10.26 11.47 10.16
N GLU C 203 10.94 12.27 9.33
CA GLU C 203 10.34 13.48 8.80
C GLU C 203 9.15 13.19 7.90
N LYS C 204 9.10 12.02 7.27
CA LYS C 204 7.95 11.67 6.46
C LYS C 204 6.79 11.16 7.29
N TRP C 205 6.77 11.39 8.60
CA TRP C 205 5.58 11.11 9.38
C TRP C 205 4.59 12.26 9.41
N SER C 206 4.92 13.41 8.82
CA SER C 206 3.99 14.52 8.90
C SER C 206 2.78 14.30 8.00
N GLN C 207 2.90 13.38 7.02
CA GLN C 207 1.91 13.17 6.00
C GLN C 207 1.18 11.85 6.21
N PRO C 208 -0.13 11.83 6.01
CA PRO C 208 -0.90 10.59 6.20
C PRO C 208 -0.66 9.52 5.15
N VAL C 209 -0.21 9.89 3.95
CA VAL C 209 0.03 8.88 2.92
C VAL C 209 1.07 7.87 3.35
N HIS C 210 2.20 8.37 3.86
CA HIS C 210 3.29 7.49 4.25
C HIS C 210 2.89 6.60 5.42
N VAL C 211 2.19 7.18 6.40
CA VAL C 211 1.76 6.42 7.55
C VAL C 211 0.80 5.31 7.13
N ALA C 212 -0.16 5.64 6.28
CA ALA C 212 -1.13 4.65 5.84
C ALA C 212 -0.46 3.52 5.09
N ARG C 213 0.46 3.84 4.19
CA ARG C 213 1.11 2.79 3.42
C ARG C 213 1.93 1.88 4.33
N VAL C 214 2.67 2.48 5.26
CA VAL C 214 3.53 1.69 6.15
C VAL C 214 2.68 0.78 7.03
N LEU C 215 1.60 1.32 7.60
CA LEU C 215 0.77 0.52 8.48
C LEU C 215 0.07 -0.59 7.74
N GLY C 216 -0.34 -0.35 6.49
CA GLY C 216 -0.93 -1.42 5.73
C GLY C 216 0.05 -2.55 5.49
N ALA C 217 1.28 -2.20 5.14
CA ALA C 217 2.30 -3.23 4.90
C ALA C 217 2.58 -4.01 6.17
N LEU C 218 2.74 -3.32 7.29
CA LEU C 218 3.08 -4.00 8.53
C LEU C 218 1.95 -4.90 9.00
N LEU C 219 0.70 -4.46 8.87
CA LEU C 219 -0.38 -5.32 9.32
C LEU C 219 -0.58 -6.52 8.42
N HIS C 220 -0.34 -6.38 7.11
CA HIS C 220 -0.42 -7.56 6.28
C HIS C 220 0.70 -8.54 6.60
N PHE C 221 1.90 -8.02 6.89
CA PHE C 221 2.99 -8.92 7.28
C PHE C 221 2.68 -9.62 8.60
N LEU C 222 2.09 -8.91 9.55
CA LEU C 222 1.78 -9.55 10.82
C LEU C 222 0.70 -10.61 10.65
N LYS C 223 -0.27 -10.35 9.77
CA LYS C 223 -1.28 -11.37 9.51
C LYS C 223 -0.66 -12.59 8.86
N GLU C 224 0.29 -12.39 7.96
CA GLU C 224 0.97 -13.53 7.38
C GLU C 224 1.84 -14.24 8.41
N GLN C 225 2.22 -13.55 9.47
CA GLN C 225 3.04 -14.16 10.51
C GLN C 225 2.24 -15.01 11.49
N ARG C 226 1.21 -14.45 12.11
CA ARG C 226 0.64 -15.01 13.32
C ARG C 226 -0.68 -15.76 13.13
N VAL C 227 -1.10 -16.00 11.88
CA VAL C 227 -2.33 -16.71 11.63
C VAL C 227 -2.02 -18.17 11.37
N LEU C 228 -2.60 -19.05 12.19
CA LEU C 228 -2.38 -20.49 12.15
C LEU C 228 -3.43 -21.16 11.26
N PRO C 229 -3.03 -22.18 10.51
CA PRO C 229 -4.01 -22.93 9.72
C PRO C 229 -4.95 -23.73 10.60
N THR C 230 -6.06 -24.15 9.99
CA THR C 230 -7.10 -24.83 10.73
C THR C 230 -6.66 -26.23 11.14
N PRO C 231 -7.14 -26.71 12.29
CA PRO C 231 -6.88 -28.12 12.66
C PRO C 231 -7.64 -29.05 11.74
N GLN C 232 -6.93 -30.01 11.16
CA GLN C 232 -7.56 -30.92 10.21
C GLN C 232 -8.51 -31.88 10.91
N THR C 233 -8.19 -32.27 12.14
CA THR C 233 -9.06 -33.14 12.92
C THR C 233 -10.32 -32.39 13.32
N GLN C 234 -11.41 -33.14 13.48
CA GLN C 234 -12.70 -32.58 13.84
C GLN C 234 -12.81 -32.47 15.35
N ALA C 235 -13.05 -31.26 15.85
CA ALA C 235 -13.19 -30.98 17.28
C ALA C 235 -14.45 -30.13 17.43
N THR C 236 -15.58 -30.79 17.61
CA THR C 236 -16.85 -30.09 17.78
C THR C 236 -16.99 -29.55 19.19
N GLN C 237 -16.41 -30.23 20.16
CA GLN C 237 -16.51 -29.81 21.56
C GLN C 237 -15.75 -28.50 21.79
N GLU C 238 -14.73 -28.23 20.99
CA GLU C 238 -13.99 -26.98 21.08
C GLU C 238 -14.34 -26.01 19.96
N GLY C 239 -15.30 -26.36 19.11
CA GLY C 239 -15.76 -25.43 18.11
C GLY C 239 -16.49 -24.24 18.69
N ALA C 240 -16.94 -24.34 19.94
CA ALA C 240 -17.53 -23.19 20.60
C ALA C 240 -16.49 -22.14 20.96
N LEU C 241 -15.21 -22.52 21.01
CA LEU C 241 -14.16 -21.59 21.39
C LEU C 241 -13.31 -21.16 20.21
N LEU C 242 -13.25 -21.96 19.15
CA LEU C 242 -12.41 -21.63 18.01
C LEU C 242 -12.93 -20.42 17.24
N ASN C 243 -14.24 -20.26 17.15
CA ASN C 243 -14.80 -19.33 16.18
C ASN C 243 -15.68 -18.25 16.80
N LYS C 244 -15.43 -17.86 18.04
CA LYS C 244 -16.11 -16.70 18.62
C LYS C 244 -15.17 -15.51 18.67
N ARG C 245 -15.67 -14.36 18.24
CA ARG C 245 -14.87 -13.14 18.19
C ARG C 245 -15.44 -12.10 19.14
N ARG C 246 -14.55 -11.42 19.85
CA ARG C 246 -14.94 -10.41 20.83
C ARG C 246 -14.71 -8.99 20.36
N GLY C 247 -13.84 -8.79 19.38
CA GLY C 247 -13.62 -7.45 18.88
C GLY C 247 -12.34 -7.39 18.08
N SER C 248 -11.70 -6.24 18.12
CA SER C 248 -10.47 -5.99 17.39
C SER C 248 -9.26 -5.90 18.29
N VAL C 249 -9.41 -5.33 19.48
CA VAL C 249 -8.28 -5.09 20.36
C VAL C 249 -7.65 -6.37 20.89
N PRO C 250 -8.40 -7.40 21.29
CA PRO C 250 -7.72 -8.65 21.65
C PRO C 250 -6.92 -9.25 20.52
N ILE C 251 -7.39 -9.13 19.29
CA ILE C 251 -6.62 -9.65 18.16
C ILE C 251 -5.36 -8.82 17.95
N LEU C 252 -5.44 -7.51 18.14
CA LEU C 252 -4.24 -6.70 18.03
C LEU C 252 -3.20 -7.09 19.08
N ARG C 253 -3.66 -7.30 20.32
CA ARG C 253 -2.73 -7.71 21.37
C ARG C 253 -2.12 -9.07 21.07
N GLN C 254 -2.94 -10.01 20.61
CA GLN C 254 -2.41 -11.34 20.33
C GLN C 254 -1.49 -11.34 19.12
N TRP C 255 -1.65 -10.39 18.22
CA TRP C 255 -0.73 -10.34 17.09
C TRP C 255 0.59 -9.72 17.48
N LEU C 256 0.57 -8.71 18.35
CA LEU C 256 1.84 -8.10 18.70
C LEU C 256 2.62 -8.91 19.73
N THR C 257 1.96 -9.48 20.73
CA THR C 257 2.68 -10.14 21.79
C THR C 257 2.50 -11.65 21.81
N GLY C 258 1.37 -12.15 21.34
CA GLY C 258 1.14 -13.58 21.31
C GLY C 258 0.88 -14.17 22.67
N ARG C 259 -0.09 -13.60 23.38
CA ARG C 259 -0.44 -14.05 24.73
C ARG C 259 -1.95 -14.14 24.86
N GLY C 260 -2.58 -14.79 23.90
CA GLY C 260 -4.01 -14.98 23.94
C GLY C 260 -4.44 -16.09 23.02
N ARG C 261 -5.64 -15.98 22.49
CA ARG C 261 -6.15 -16.97 21.56
C ARG C 261 -5.74 -16.63 20.13
N PRO C 262 -5.33 -17.62 19.35
CA PRO C 262 -4.96 -17.35 17.96
C PRO C 262 -6.21 -17.24 17.09
N VAL C 263 -6.00 -16.80 15.86
CA VAL C 263 -7.07 -16.65 14.87
C VAL C 263 -6.84 -17.59 13.71
N TYR C 264 -7.74 -18.55 13.53
CA TYR C 264 -7.50 -19.58 12.53
C TYR C 264 -7.87 -19.07 11.15
N ASP C 265 -7.56 -19.89 10.14
CA ASP C 265 -7.82 -19.50 8.76
C ASP C 265 -9.30 -19.41 8.42
N GLY C 266 -10.17 -19.96 9.27
CA GLY C 266 -11.59 -19.81 9.04
C GLY C 266 -12.05 -18.36 9.04
N GLN C 267 -11.45 -17.55 9.91
CA GLN C 267 -11.70 -16.11 9.93
C GLN C 267 -10.37 -15.40 9.72
N ALA C 268 -9.97 -15.22 8.47
CA ALA C 268 -8.81 -14.39 8.14
C ALA C 268 -9.19 -12.99 7.67
N TRP C 269 -10.47 -12.72 7.51
CA TRP C 269 -10.95 -11.43 7.01
C TRP C 269 -10.99 -10.34 8.07
N VAL C 270 -10.54 -10.61 9.29
CA VAL C 270 -10.56 -9.60 10.32
C VAL C 270 -9.59 -8.45 10.01
N LEU C 271 -8.61 -8.71 9.15
CA LEU C 271 -7.49 -7.79 8.96
C LEU C 271 -7.97 -6.38 8.63
N ALA C 272 -8.91 -6.27 7.68
CA ALA C 272 -9.42 -4.97 7.29
C ALA C 272 -9.94 -4.20 8.50
N ALA C 273 -10.77 -4.86 9.31
CA ALA C 273 -11.30 -4.21 10.50
C ALA C 273 -10.18 -3.76 11.42
N VAL C 274 -9.16 -4.60 11.58
CA VAL C 274 -8.03 -4.23 12.43
C VAL C 274 -7.36 -2.95 11.91
N ALA C 275 -7.11 -2.90 10.60
CA ALA C 275 -6.50 -1.71 10.03
C ALA C 275 -7.38 -0.50 10.25
N CYS C 276 -8.69 -0.68 10.12
CA CYS C 276 -9.59 0.43 10.35
C CYS C 276 -9.43 0.92 11.78
N THR C 277 -9.27 -0.03 12.70
CA THR C 277 -9.07 0.33 14.09
C THR C 277 -7.85 1.21 14.24
N VAL C 278 -6.74 0.82 13.61
CA VAL C 278 -5.52 1.60 13.76
C VAL C 278 -5.70 3.00 13.18
N LEU C 279 -6.39 3.10 12.04
CA LEU C 279 -6.56 4.41 11.46
C LEU C 279 -7.49 5.28 12.30
N ARG C 280 -8.54 4.69 12.87
CA ARG C 280 -9.40 5.49 13.72
C ARG C 280 -8.67 5.89 14.97
N CYS C 281 -7.63 5.15 15.35
CA CYS C 281 -6.84 5.56 16.50
C CYS C 281 -6.01 6.77 16.14
N LEU C 282 -5.51 6.81 14.92
CA LEU C 282 -4.51 7.82 14.60
C LEU C 282 -5.11 9.12 14.09
N GLY C 283 -6.37 9.10 13.66
CA GLY C 283 -7.03 10.30 13.16
C GLY C 283 -7.46 10.23 11.71
N ILE C 284 -7.14 9.16 10.99
CA ILE C 284 -7.56 9.00 9.61
C ILE C 284 -8.93 8.36 9.59
N PRO C 285 -9.96 9.01 9.05
CA PRO C 285 -11.26 8.36 8.93
C PRO C 285 -11.17 7.15 8.02
N ALA C 286 -11.91 6.11 8.37
CA ALA C 286 -11.84 4.86 7.64
C ALA C 286 -13.13 4.08 7.86
N ARG C 287 -13.38 3.17 6.95
CA ARG C 287 -14.52 2.28 7.08
C ARG C 287 -14.19 0.96 6.39
N VAL C 288 -15.04 -0.04 6.64
CA VAL C 288 -14.81 -1.41 6.19
C VAL C 288 -15.87 -1.84 5.21
N VAL C 289 -15.47 -2.07 3.96
CA VAL C 289 -16.39 -2.45 2.92
C VAL C 289 -16.24 -3.94 2.64
N THR C 290 -17.28 -4.51 2.04
CA THR C 290 -17.34 -5.92 1.69
C THR C 290 -17.69 -6.04 0.22
N THR C 291 -16.86 -6.74 -0.54
CA THR C 291 -17.16 -7.03 -1.93
C THR C 291 -17.53 -8.50 -2.05
N PHE C 292 -18.76 -8.77 -2.46
CA PHE C 292 -19.21 -10.13 -2.69
C PHE C 292 -18.80 -10.57 -4.08
N ALA C 293 -18.37 -11.82 -4.20
CA ALA C 293 -17.99 -12.38 -5.49
C ALA C 293 -16.89 -11.54 -6.14
N SER C 294 -15.76 -11.49 -5.45
CA SER C 294 -14.57 -10.80 -5.95
C SER C 294 -13.58 -11.80 -6.50
N ALA C 295 -12.81 -11.34 -7.47
CA ALA C 295 -11.84 -12.17 -8.17
C ALA C 295 -10.47 -12.22 -7.52
N GLN C 296 -10.34 -12.26 -6.19
CA GLN C 296 -9.00 -12.26 -5.62
C GLN C 296 -8.27 -13.49 -6.13
N GLY C 297 -7.02 -13.28 -6.46
CA GLY C 297 -6.26 -14.32 -7.10
C GLY C 297 -5.24 -13.63 -7.99
N THR C 298 -4.84 -14.31 -9.04
CA THR C 298 -3.93 -13.69 -9.98
C THR C 298 -4.67 -12.57 -10.68
N GLY C 299 -3.90 -11.53 -11.04
CA GLY C 299 -4.41 -10.33 -11.73
C GLY C 299 -3.64 -10.06 -13.01
N GLY C 300 -4.11 -9.08 -13.80
CA GLY C 300 -3.48 -8.71 -15.08
C GLY C 300 -4.09 -9.48 -16.24
N ARG C 301 -4.97 -10.44 -15.94
CA ARG C 301 -5.68 -11.27 -16.95
C ARG C 301 -7.18 -11.16 -16.65
N LEU C 302 -8.00 -10.87 -17.67
CA LEU C 302 -9.46 -10.73 -17.46
C LEU C 302 -10.16 -12.06 -17.77
N LEU C 303 -9.68 -13.17 -17.20
CA LEU C 303 -10.30 -14.45 -17.48
C LEU C 303 -9.90 -15.43 -16.39
N ILE C 304 -10.88 -16.22 -15.94
CA ILE C 304 -10.72 -17.17 -14.86
C ILE C 304 -11.21 -18.53 -15.33
N ASP C 305 -10.39 -19.55 -15.12
CA ASP C 305 -10.71 -20.91 -15.52
C ASP C 305 -11.12 -21.69 -14.28
N GLU C 306 -12.08 -22.59 -14.46
CA GLU C 306 -12.53 -23.46 -13.39
C GLU C 306 -12.78 -24.85 -13.95
N TYR C 307 -12.36 -25.86 -13.21
CA TYR C 307 -12.42 -27.24 -13.66
C TYR C 307 -13.43 -27.99 -12.81
N TYR C 308 -14.25 -28.80 -13.47
CA TYR C 308 -15.32 -29.52 -12.81
C TYR C 308 -15.31 -30.98 -13.22
N ASN C 309 -15.76 -31.82 -12.31
CA ASN C 309 -15.74 -33.26 -12.50
C ASN C 309 -16.84 -33.69 -13.46
N GLU C 310 -16.69 -34.92 -13.95
CA GLU C 310 -17.75 -35.56 -14.71
C GLU C 310 -19.03 -35.65 -13.90
N GLU C 311 -18.91 -35.93 -12.61
CA GLU C 311 -20.08 -36.07 -11.76
C GLU C 311 -20.69 -34.75 -11.33
N GLY C 312 -19.98 -33.64 -11.49
CA GLY C 312 -20.50 -32.34 -11.13
C GLY C 312 -19.82 -31.69 -9.94
N LEU C 313 -18.66 -32.18 -9.54
CA LEU C 313 -17.86 -31.58 -8.48
C LEU C 313 -16.62 -30.96 -9.11
N GLN C 314 -15.70 -30.51 -8.27
CA GLN C 314 -14.44 -29.93 -8.72
C GLN C 314 -13.33 -30.93 -8.44
N ASN C 315 -12.82 -31.56 -9.50
CA ASN C 315 -11.69 -32.45 -9.37
C ASN C 315 -10.44 -31.67 -8.95
N GLY C 316 -9.76 -32.18 -7.93
CA GLY C 316 -8.61 -31.52 -7.38
C GLY C 316 -9.01 -30.36 -6.50
N GLU C 317 -7.99 -29.68 -5.97
CA GLU C 317 -8.22 -28.56 -5.07
C GLU C 317 -7.39 -27.37 -5.50
N GLY C 318 -8.00 -26.19 -5.44
CA GLY C 318 -7.29 -24.94 -5.60
C GLY C 318 -7.11 -24.54 -7.05
N GLN C 319 -6.70 -23.30 -7.22
CA GLN C 319 -6.47 -22.66 -8.51
C GLN C 319 -5.74 -21.37 -8.24
N ARG C 320 -4.98 -20.91 -9.23
CA ARG C 320 -4.25 -19.65 -9.07
C ARG C 320 -5.22 -18.49 -8.90
N GLY C 321 -6.27 -18.45 -9.72
CA GLY C 321 -7.30 -17.44 -9.58
C GLY C 321 -8.69 -18.02 -9.48
N ARG C 322 -9.36 -17.82 -8.35
CA ARG C 322 -10.69 -18.36 -8.13
C ARG C 322 -11.61 -17.24 -7.66
N ILE C 323 -12.90 -17.49 -7.74
CA ILE C 323 -13.90 -16.50 -7.33
C ILE C 323 -14.30 -16.77 -5.88
N TRP C 324 -13.90 -15.87 -5.00
CA TRP C 324 -14.23 -16.02 -3.59
C TRP C 324 -15.69 -15.65 -3.34
N ILE C 325 -16.21 -16.12 -2.22
CA ILE C 325 -17.60 -15.81 -1.90
C ILE C 325 -17.71 -14.35 -1.44
N PHE C 326 -16.80 -13.91 -0.60
CA PHE C 326 -16.73 -12.49 -0.27
C PHE C 326 -15.32 -12.14 0.14
N GLN C 327 -15.08 -10.83 0.24
CA GLN C 327 -13.76 -10.30 0.56
C GLN C 327 -13.89 -8.92 1.19
N THR C 328 -13.21 -8.71 2.30
CA THR C 328 -13.28 -7.42 2.97
C THR C 328 -12.10 -6.55 2.59
N SER C 329 -12.34 -5.24 2.57
CA SER C 329 -11.29 -4.28 2.27
C SER C 329 -11.54 -3.01 3.05
N THR C 330 -10.55 -2.12 3.03
CA THR C 330 -10.57 -0.92 3.87
C THR C 330 -10.48 0.33 3.02
N GLU C 331 -11.35 1.30 3.33
CA GLU C 331 -11.33 2.58 2.66
C GLU C 331 -10.96 3.67 3.66
N CYS C 332 -10.10 4.59 3.25
CA CYS C 332 -9.70 5.71 4.07
C CYS C 332 -9.86 7.01 3.29
N TRP C 333 -10.19 8.08 3.99
CA TRP C 333 -10.54 9.36 3.36
C TRP C 333 -9.36 10.31 3.50
N MET C 334 -8.79 10.72 2.37
CA MET C 334 -7.75 11.73 2.43
C MET C 334 -7.61 12.41 1.07
N THR C 335 -6.68 13.35 0.99
CA THR C 335 -6.42 14.13 -0.21
C THR C 335 -5.05 13.78 -0.78
N ARG C 336 -4.96 13.77 -2.11
CA ARG C 336 -3.75 13.32 -2.79
C ARG C 336 -3.04 14.53 -3.38
N PRO C 337 -1.99 15.04 -2.76
CA PRO C 337 -1.27 16.18 -3.33
C PRO C 337 -0.25 15.75 -4.37
N ALA C 338 0.28 14.54 -4.22
CA ALA C 338 1.31 14.09 -5.15
C ALA C 338 0.75 13.78 -6.52
N LEU C 339 -0.51 13.37 -6.59
CA LEU C 339 -1.15 13.10 -7.87
C LEU C 339 -1.53 14.38 -8.58
N PRO C 340 -1.86 14.29 -9.86
CA PRO C 340 -2.52 15.41 -10.54
C PRO C 340 -3.84 15.76 -9.87
N GLN C 341 -4.33 16.95 -10.19
CA GLN C 341 -5.49 17.48 -9.50
C GLN C 341 -6.77 16.77 -9.93
N GLY C 342 -7.61 16.44 -8.94
CA GLY C 342 -8.88 15.78 -9.20
C GLY C 342 -9.07 14.38 -8.65
N TYR C 343 -8.39 14.04 -7.54
CA TYR C 343 -8.46 12.69 -7.01
C TYR C 343 -8.64 12.64 -5.49
N ASP C 344 -9.16 13.69 -4.88
CA ASP C 344 -9.34 13.67 -3.43
C ASP C 344 -10.51 12.76 -3.07
N GLY C 345 -10.49 12.29 -1.81
CA GLY C 345 -11.64 11.58 -1.30
C GLY C 345 -11.35 10.20 -0.76
N TRP C 346 -12.20 9.24 -1.13
CA TRP C 346 -12.02 7.86 -0.71
C TRP C 346 -10.86 7.20 -1.44
N GLN C 347 -10.10 6.38 -0.72
CA GLN C 347 -9.07 5.55 -1.31
C GLN C 347 -9.13 4.15 -0.73
N ILE C 348 -8.86 3.16 -1.57
CA ILE C 348 -8.76 1.77 -1.15
C ILE C 348 -7.32 1.49 -0.75
N LEU C 349 -7.14 0.85 0.41
CA LEU C 349 -5.81 0.43 0.84
C LEU C 349 -5.53 -0.99 0.34
N HIS C 350 -4.48 -1.16 -0.45
CA HIS C 350 -4.20 -2.45 -1.06
C HIS C 350 -2.77 -2.91 -0.76
N PRO C 351 -2.61 -3.92 0.07
CA PRO C 351 -1.30 -4.52 0.30
C PRO C 351 -1.00 -5.51 -0.81
N SER C 352 0.29 -5.67 -1.11
CA SER C 352 0.71 -6.60 -2.15
C SER C 352 1.71 -7.60 -1.59
N ALA C 353 1.68 -8.80 -2.16
CA ALA C 353 2.57 -9.87 -1.74
C ALA C 353 3.98 -9.64 -2.23
N GLY C 361 7.30 -6.65 2.02
CA GLY C 361 6.10 -6.37 1.26
C GLY C 361 5.76 -4.89 1.21
N SER C 362 5.29 -4.43 0.06
CA SER C 362 4.97 -3.03 -0.17
C SER C 362 3.48 -2.86 -0.37
N CYS C 363 2.88 -1.95 0.39
CA CYS C 363 1.48 -1.57 0.26
C CYS C 363 1.37 -0.31 -0.58
N ASP C 364 0.15 0.02 -0.96
CA ASP C 364 -0.12 1.34 -1.53
C ASP C 364 -1.61 1.58 -1.48
N LEU C 365 -2.00 2.81 -1.78
CA LEU C 365 -3.42 3.14 -1.77
C LEU C 365 -3.77 3.78 -3.10
N VAL C 366 -4.98 3.48 -3.56
CA VAL C 366 -5.44 3.92 -4.87
C VAL C 366 -6.78 4.63 -4.74
N PRO C 367 -6.99 5.76 -5.40
CA PRO C 367 -8.29 6.43 -5.30
C PRO C 367 -9.35 5.69 -6.11
N VAL C 368 -10.59 5.79 -5.63
CA VAL C 368 -11.68 5.00 -6.18
C VAL C 368 -12.04 5.48 -7.57
N ARG C 369 -11.92 6.79 -7.80
CA ARG C 369 -12.22 7.34 -9.11
C ARG C 369 -11.28 6.80 -10.16
N ALA C 370 -10.05 6.46 -9.75
CA ALA C 370 -9.14 5.80 -10.66
C ALA C 370 -9.65 4.43 -11.03
N VAL C 371 -10.32 3.74 -10.10
CA VAL C 371 -10.86 2.43 -10.43
C VAL C 371 -12.06 2.58 -11.34
N LYS C 372 -12.85 3.64 -11.16
CA LYS C 372 -14.02 3.80 -12.01
C LYS C 372 -13.64 4.22 -13.42
N GLU C 373 -12.74 5.20 -13.54
CA GLU C 373 -12.33 5.66 -14.87
C GLU C 373 -11.49 4.63 -15.60
N GLY C 374 -10.66 3.89 -14.87
CA GLY C 374 -9.89 2.81 -15.45
C GLY C 374 -8.46 3.13 -15.81
N THR C 375 -7.92 4.24 -15.30
CA THR C 375 -6.57 4.65 -15.64
C THR C 375 -5.58 3.68 -14.99
N LEU C 376 -5.00 2.80 -15.79
CA LEU C 376 -4.10 1.78 -15.26
C LEU C 376 -2.75 2.38 -14.88
N GLY C 377 -2.20 3.22 -15.73
CA GLY C 377 -0.85 3.69 -15.54
C GLY C 377 -0.64 4.73 -14.48
N LEU C 378 -1.66 5.05 -13.68
CA LEU C 378 -1.47 6.08 -12.66
C LEU C 378 -0.72 5.51 -11.46
N THR C 379 -0.97 4.24 -11.12
CA THR C 379 -0.33 3.56 -10.00
C THR C 379 -0.25 2.11 -10.41
N PRO C 380 0.86 1.41 -10.09
CA PRO C 380 0.99 0.01 -10.51
C PRO C 380 -0.09 -0.91 -9.98
N ALA C 381 -0.86 -0.50 -8.97
CA ALA C 381 -1.83 -1.39 -8.37
C ALA C 381 -3.23 -1.22 -8.94
N VAL C 382 -3.44 -0.24 -9.82
CA VAL C 382 -4.80 0.02 -10.27
C VAL C 382 -5.27 -1.08 -11.19
N SER C 383 -4.36 -1.67 -11.96
CA SER C 383 -4.77 -2.64 -12.96
C SER C 383 -5.30 -3.91 -12.30
N ASP C 384 -4.65 -4.36 -11.24
CA ASP C 384 -5.08 -5.57 -10.58
C ASP C 384 -6.40 -5.36 -9.84
N LEU C 385 -6.56 -4.19 -9.21
CA LEU C 385 -7.82 -3.91 -8.53
C LEU C 385 -8.96 -3.76 -9.51
N PHE C 386 -8.71 -3.16 -10.68
CA PHE C 386 -9.77 -3.07 -11.66
C PHE C 386 -10.06 -4.43 -12.27
N ALA C 387 -9.05 -5.28 -12.34
CA ALA C 387 -9.28 -6.66 -12.75
C ALA C 387 -10.03 -7.42 -11.66
N ALA C 388 -9.93 -6.98 -10.41
CA ALA C 388 -10.56 -7.69 -9.32
C ALA C 388 -12.07 -7.49 -9.28
N ILE C 389 -12.60 -6.48 -9.95
CA ILE C 389 -14.01 -6.13 -9.84
C ILE C 389 -14.82 -6.69 -10.99
N ASN C 390 -14.40 -6.45 -12.22
CA ASN C 390 -15.14 -6.87 -13.41
C ASN C 390 -14.24 -7.70 -14.31
N ALA C 391 -14.22 -9.00 -14.06
CA ALA C 391 -13.63 -9.98 -14.94
C ALA C 391 -14.58 -11.14 -15.09
N SER C 392 -14.49 -11.85 -16.21
CA SER C 392 -15.41 -12.93 -16.50
C SER C 392 -14.70 -14.27 -16.48
N CYS C 393 -15.46 -15.31 -16.20
CA CYS C 393 -14.93 -16.66 -16.06
C CYS C 393 -15.41 -17.55 -17.20
N VAL C 394 -14.59 -18.54 -17.53
CA VAL C 394 -14.98 -19.64 -18.40
C VAL C 394 -14.77 -20.94 -17.65
N VAL C 395 -15.58 -21.94 -18.00
CA VAL C 395 -15.59 -23.20 -17.27
C VAL C 395 -15.16 -24.33 -18.20
N TRP C 396 -14.31 -25.21 -17.68
CA TRP C 396 -13.80 -26.36 -18.40
C TRP C 396 -14.37 -27.64 -17.82
N LYS C 397 -14.51 -28.66 -18.66
CA LYS C 397 -15.00 -29.96 -18.23
C LYS C 397 -13.87 -30.97 -18.34
N CYS C 398 -13.47 -31.53 -17.19
CA CYS C 398 -12.50 -32.61 -17.20
C CYS C 398 -13.20 -33.92 -17.56
N CYS C 399 -12.43 -34.87 -18.06
CA CYS C 399 -12.98 -36.14 -18.52
C CYS C 399 -12.07 -37.27 -18.06
N GLU C 400 -12.47 -38.50 -18.38
CA GLU C 400 -11.70 -39.67 -17.98
C GLU C 400 -10.40 -39.76 -18.77
N ASP C 401 -10.43 -39.35 -20.04
CA ASP C 401 -9.25 -39.41 -20.88
C ASP C 401 -8.20 -38.38 -20.51
N GLY C 402 -8.57 -37.35 -19.74
CA GLY C 402 -7.68 -36.26 -19.45
C GLY C 402 -7.83 -35.07 -20.36
N THR C 403 -8.62 -35.19 -21.43
CA THR C 403 -8.84 -34.08 -22.35
C THR C 403 -9.87 -33.12 -21.76
N LEU C 404 -9.52 -31.83 -21.74
CA LEU C 404 -10.39 -30.82 -21.17
C LEU C 404 -11.32 -30.29 -22.24
N GLU C 405 -12.54 -29.97 -21.82
CA GLU C 405 -13.57 -29.51 -22.75
C GLU C 405 -14.20 -28.22 -22.27
N LEU C 406 -14.42 -27.31 -23.21
CA LEU C 406 -15.20 -26.12 -22.93
C LEU C 406 -16.68 -26.47 -22.91
N THR C 407 -17.42 -25.85 -22.01
CA THR C 407 -18.84 -26.10 -21.86
C THR C 407 -19.57 -24.77 -21.94
N ASP C 408 -20.78 -24.81 -22.47
CA ASP C 408 -21.61 -23.61 -22.57
C ASP C 408 -22.44 -23.50 -21.31
N SER C 409 -22.23 -22.43 -20.56
CA SER C 409 -22.92 -22.20 -19.30
C SER C 409 -23.49 -20.80 -19.29
N ASN C 410 -24.33 -20.53 -18.30
CA ASN C 410 -24.82 -19.18 -18.08
C ASN C 410 -23.73 -18.32 -17.46
N THR C 411 -23.67 -17.06 -17.89
CA THR C 411 -22.68 -16.13 -17.37
C THR C 411 -23.03 -15.68 -15.96
N LYS C 412 -22.02 -15.64 -15.10
CA LYS C 412 -22.17 -15.17 -13.74
C LYS C 412 -21.48 -13.83 -13.58
N TYR C 413 -22.01 -13.02 -12.67
CA TYR C 413 -21.49 -11.68 -12.47
C TYR C 413 -20.42 -11.69 -11.41
N VAL C 414 -19.57 -10.68 -11.46
CA VAL C 414 -18.45 -10.54 -10.54
C VAL C 414 -18.48 -9.14 -9.97
N GLY C 415 -18.36 -9.02 -8.65
CA GLY C 415 -18.28 -7.72 -8.04
C GLY C 415 -19.61 -6.99 -8.04
N ASN C 416 -20.57 -7.58 -7.35
CA ASN C 416 -21.93 -7.06 -7.26
C ASN C 416 -22.31 -6.81 -5.81
N ASN C 417 -23.21 -5.86 -5.62
CA ASN C 417 -23.82 -5.62 -4.31
C ASN C 417 -22.78 -5.16 -3.29
N ILE C 418 -21.93 -4.22 -3.71
CA ILE C 418 -21.00 -3.59 -2.78
C ILE C 418 -21.77 -2.86 -1.70
N SER C 419 -21.46 -3.15 -0.43
CA SER C 419 -22.24 -2.58 0.65
C SER C 419 -21.33 -2.21 1.82
N THR C 420 -21.82 -1.32 2.67
CA THR C 420 -21.12 -0.95 3.90
C THR C 420 -22.12 -0.42 4.91
N LYS C 421 -21.61 0.02 6.06
CA LYS C 421 -22.48 0.53 7.11
C LYS C 421 -22.94 1.93 6.76
N GLY C 422 -24.25 2.18 6.86
CA GLY C 422 -24.76 3.51 6.67
C GLY C 422 -24.40 4.44 7.82
N VAL C 423 -24.52 5.73 7.57
CA VAL C 423 -24.16 6.75 8.56
C VAL C 423 -25.36 7.06 9.43
N GLY C 424 -25.10 7.28 10.72
CA GLY C 424 -26.14 7.73 11.63
C GLY C 424 -27.28 6.77 11.90
N SER C 425 -27.12 5.50 11.57
CA SER C 425 -28.23 4.56 11.72
C SER C 425 -27.66 3.16 11.86
N ASP C 426 -28.53 2.16 11.76
CA ASP C 426 -28.13 0.77 11.87
C ASP C 426 -28.64 -0.03 10.68
N ARG C 427 -28.50 0.52 9.48
CA ARG C 427 -28.92 -0.13 8.26
C ARG C 427 -27.78 -0.10 7.25
N CYS C 428 -27.86 -0.99 6.27
CA CYS C 428 -26.82 -1.08 5.25
C CYS C 428 -27.07 -0.09 4.14
N GLU C 429 -25.99 0.41 3.53
CA GLU C 429 -26.12 1.21 2.34
C GLU C 429 -25.09 0.77 1.32
N ASP C 430 -25.47 0.76 0.05
CA ASP C 430 -24.58 0.32 -1.01
C ASP C 430 -23.96 1.53 -1.71
N ILE C 431 -22.64 1.56 -1.73
CA ILE C 431 -21.88 2.63 -2.37
C ILE C 431 -21.35 2.06 -3.68
N THR C 432 -22.05 1.07 -4.21
CA THR C 432 -21.59 0.36 -5.40
C THR C 432 -21.61 1.23 -6.64
N GLN C 433 -22.33 2.33 -6.62
CA GLN C 433 -22.30 3.24 -7.74
C GLN C 433 -20.97 3.97 -7.85
N ASN C 434 -20.18 3.98 -6.79
CA ASN C 434 -18.85 4.58 -6.85
C ASN C 434 -17.79 3.67 -7.45
N TYR C 435 -18.12 2.42 -7.77
CA TYR C 435 -17.11 1.50 -8.26
C TYR C 435 -17.30 1.08 -9.70
N LYS C 436 -18.53 0.97 -10.16
CA LYS C 436 -18.77 0.56 -11.54
C LYS C 436 -19.83 1.45 -12.16
N TYR C 437 -19.76 1.57 -13.48
CA TYR C 437 -20.88 2.13 -14.20
C TYR C 437 -21.99 1.09 -14.25
N PRO C 438 -23.22 1.50 -14.51
CA PRO C 438 -24.27 0.51 -14.77
C PRO C 438 -23.89 -0.32 -15.98
N GLU C 439 -24.07 -1.63 -15.85
CA GLU C 439 -23.64 -2.55 -16.89
C GLU C 439 -24.48 -2.35 -18.15
N GLY C 440 -23.80 -2.30 -19.29
CA GLY C 440 -24.47 -2.11 -20.56
C GLY C 440 -24.75 -0.69 -20.97
N SER C 441 -24.04 0.28 -20.41
CA SER C 441 -24.15 1.66 -20.85
C SER C 441 -23.11 1.91 -21.94
N LEU C 442 -23.24 3.06 -22.60
CA LEU C 442 -22.22 3.46 -23.55
C LEU C 442 -20.90 3.70 -22.83
N GLN C 443 -20.96 4.24 -21.62
CA GLN C 443 -19.74 4.60 -20.93
C GLN C 443 -18.96 3.37 -20.49
N GLU C 444 -19.65 2.37 -19.96
CA GLU C 444 -18.94 1.17 -19.52
C GLU C 444 -18.42 0.38 -20.70
N LYS C 445 -19.12 0.40 -21.82
CA LYS C 445 -18.61 -0.24 -23.02
C LYS C 445 -17.38 0.50 -23.52
N GLU C 446 -17.39 1.82 -23.41
CA GLU C 446 -16.24 2.62 -23.80
C GLU C 446 -15.02 2.28 -22.96
N VAL C 447 -15.20 2.23 -21.64
CA VAL C 447 -14.06 1.97 -20.78
C VAL C 447 -13.56 0.54 -20.94
N LEU C 448 -14.47 -0.41 -21.18
CA LEU C 448 -14.03 -1.78 -21.42
C LEU C 448 -13.25 -1.90 -22.72
N GLU C 449 -13.71 -1.22 -23.77
CA GLU C 449 -12.97 -1.27 -25.03
C GLU C 449 -11.62 -0.60 -24.89
N ARG C 450 -11.55 0.50 -24.15
CA ARG C 450 -10.27 1.18 -23.99
C ARG C 450 -9.28 0.33 -23.20
N VAL C 451 -9.74 -0.29 -22.11
CA VAL C 451 -8.81 -1.10 -21.34
C VAL C 451 -8.42 -2.36 -22.08
N GLU C 452 -9.31 -2.89 -22.93
CA GLU C 452 -8.93 -4.06 -23.72
C GLU C 452 -7.95 -3.68 -24.81
N LYS C 453 -8.10 -2.50 -25.40
CA LYS C 453 -7.15 -2.04 -26.39
C LYS C 453 -5.79 -1.79 -25.77
N GLU C 454 -5.77 -1.32 -24.52
CA GLU C 454 -4.50 -1.12 -23.84
C GLU C 454 -3.87 -2.46 -23.46
N LYS C 455 -4.70 -3.44 -23.09
CA LYS C 455 -4.17 -4.76 -22.78
C LYS C 455 -3.68 -5.50 -24.02
N MET C 456 -4.19 -5.15 -25.21
CA MET C 456 -3.74 -5.84 -26.42
C MET C 456 -2.25 -5.59 -26.67
N GLU C 457 -1.75 -4.42 -26.27
CA GLU C 457 -0.33 -4.14 -26.40
C GLU C 457 0.51 -5.02 -25.49
N ARG C 458 0.01 -5.34 -24.30
CA ARG C 458 0.74 -6.19 -23.37
C ARG C 458 0.56 -7.66 -23.71
N SER C 473 -25.97 -24.51 -30.31
CA SER C 473 -26.52 -25.10 -29.09
C SER C 473 -27.99 -25.43 -29.28
N PRO C 474 -28.30 -26.69 -29.56
CA PRO C 474 -29.70 -27.09 -29.75
C PRO C 474 -30.50 -27.10 -28.46
N LEU C 475 -29.84 -27.27 -27.31
CA LEU C 475 -30.53 -27.32 -26.04
C LEU C 475 -29.79 -26.46 -25.02
N TYR C 476 -30.52 -26.04 -24.00
CA TYR C 476 -29.94 -25.37 -22.85
C TYR C 476 -30.85 -25.60 -21.64
N LEU C 477 -30.36 -25.17 -20.47
CA LEU C 477 -31.09 -25.30 -19.23
C LEU C 477 -31.05 -23.97 -18.48
N LEU C 478 -31.88 -23.86 -17.45
CA LEU C 478 -31.61 -22.85 -16.42
C LEU C 478 -32.21 -23.28 -15.10
N LEU C 479 -31.66 -22.72 -14.02
CA LEU C 479 -31.87 -23.21 -12.67
C LEU C 479 -32.49 -22.15 -11.78
N LYS C 480 -33.50 -22.55 -11.00
CA LYS C 480 -34.11 -21.74 -9.96
C LYS C 480 -33.87 -22.40 -8.62
N ALA C 481 -33.21 -21.68 -7.72
CA ALA C 481 -32.86 -22.15 -6.39
C ALA C 481 -33.13 -21.05 -5.38
N PRO C 482 -33.54 -21.39 -4.17
CA PRO C 482 -33.83 -20.37 -3.17
C PRO C 482 -32.56 -19.70 -2.68
N SER C 483 -32.73 -18.48 -2.16
CA SER C 483 -31.60 -17.70 -1.68
C SER C 483 -31.15 -18.11 -0.30
N SER C 484 -31.99 -18.79 0.47
CA SER C 484 -31.63 -19.18 1.82
C SER C 484 -32.24 -20.54 2.14
N LEU C 485 -31.51 -21.32 2.92
CA LEU C 485 -31.89 -22.69 3.23
C LEU C 485 -31.87 -22.87 4.74
N PRO C 486 -32.93 -23.40 5.33
CA PRO C 486 -32.98 -23.55 6.78
C PRO C 486 -32.13 -24.71 7.26
N LEU C 487 -31.57 -24.55 8.45
CA LEU C 487 -30.79 -25.59 9.09
C LEU C 487 -31.70 -26.72 9.53
N ARG C 488 -31.23 -27.96 9.35
CA ARG C 488 -32.01 -29.15 9.68
C ARG C 488 -33.36 -29.15 8.97
N GLY C 489 -33.40 -28.60 7.76
CA GLY C 489 -34.64 -28.49 7.03
C GLY C 489 -34.54 -29.06 5.63
N ASP C 490 -35.20 -28.39 4.70
CA ASP C 490 -35.29 -28.82 3.32
C ASP C 490 -35.74 -27.65 2.47
N ALA C 491 -35.67 -27.84 1.16
CA ALA C 491 -36.14 -26.84 0.20
C ALA C 491 -36.46 -27.55 -1.11
N GLN C 492 -36.88 -26.76 -2.09
CA GLN C 492 -37.16 -27.23 -3.44
C GLN C 492 -36.33 -26.44 -4.44
N ILE C 493 -35.89 -27.11 -5.51
CA ILE C 493 -35.20 -26.46 -6.60
C ILE C 493 -35.79 -26.94 -7.92
N SER C 494 -35.59 -26.15 -8.97
CA SER C 494 -36.15 -26.51 -10.26
C SER C 494 -35.14 -26.26 -11.36
N VAL C 495 -35.05 -27.20 -12.29
CA VAL C 495 -34.21 -27.08 -13.47
C VAL C 495 -35.10 -27.19 -14.70
N THR C 496 -35.03 -26.20 -15.58
CA THR C 496 -35.77 -26.32 -16.82
C THR C 496 -34.78 -26.64 -17.93
N LEU C 497 -35.32 -27.24 -18.99
CA LEU C 497 -34.56 -27.67 -20.15
C LEU C 497 -35.36 -27.37 -21.40
N VAL C 498 -34.75 -26.62 -22.33
CA VAL C 498 -35.39 -26.29 -23.59
C VAL C 498 -34.47 -26.73 -24.71
N ASN C 499 -35.02 -27.50 -25.64
CA ASN C 499 -34.27 -27.98 -26.79
C ASN C 499 -34.80 -27.28 -28.04
N HIS C 500 -33.93 -27.14 -29.03
CA HIS C 500 -34.31 -26.57 -30.32
C HIS C 500 -33.81 -27.51 -31.41
N SER C 501 -34.59 -28.55 -31.68
CA SER C 501 -34.29 -29.50 -32.74
C SER C 501 -35.50 -30.38 -32.98
N GLU C 502 -35.77 -30.65 -34.26
CA GLU C 502 -36.98 -31.37 -34.66
C GLU C 502 -36.93 -32.83 -34.20
N GLN C 503 -35.74 -33.36 -33.99
CA GLN C 503 -35.54 -34.74 -33.57
C GLN C 503 -35.49 -34.84 -32.05
N GLU C 504 -35.86 -36.02 -31.56
CA GLU C 504 -35.80 -36.28 -30.13
C GLU C 504 -34.35 -36.47 -29.70
N LYS C 505 -34.11 -36.34 -28.41
CA LYS C 505 -32.74 -36.42 -27.92
C LYS C 505 -32.74 -36.99 -26.51
N ALA C 506 -31.70 -37.76 -26.21
CA ALA C 506 -31.45 -38.26 -24.87
C ALA C 506 -30.41 -37.37 -24.19
N VAL C 507 -30.58 -37.20 -22.89
CA VAL C 507 -29.72 -36.31 -22.10
C VAL C 507 -29.49 -36.95 -20.75
N GLN C 508 -28.30 -36.71 -20.18
CA GLN C 508 -27.98 -37.15 -18.84
C GLN C 508 -27.78 -35.93 -17.96
N LEU C 509 -28.55 -35.85 -16.87
CA LEU C 509 -28.53 -34.71 -15.98
C LEU C 509 -27.92 -35.10 -14.64
N ALA C 510 -26.97 -34.31 -14.18
CA ALA C 510 -26.33 -34.53 -12.91
C ALA C 510 -26.44 -33.29 -12.04
N ILE C 511 -26.55 -33.51 -10.74
CA ILE C 511 -26.72 -32.45 -9.76
C ILE C 511 -25.76 -32.72 -8.62
N GLY C 512 -25.01 -31.71 -8.23
CA GLY C 512 -24.03 -31.84 -7.16
C GLY C 512 -24.18 -30.74 -6.13
N VAL C 513 -24.03 -31.11 -4.87
CA VAL C 513 -24.13 -30.18 -3.75
C VAL C 513 -22.89 -30.39 -2.89
N GLN C 514 -22.20 -29.28 -2.55
CA GLN C 514 -21.05 -29.44 -1.68
C GLN C 514 -20.77 -28.14 -0.95
N ALA C 515 -20.26 -28.26 0.28
CA ALA C 515 -19.91 -27.09 1.06
C ALA C 515 -18.51 -26.57 0.72
N VAL C 516 -18.35 -25.25 0.84
CA VAL C 516 -17.11 -24.57 0.47
C VAL C 516 -16.81 -23.50 1.51
N HIS C 517 -15.54 -23.32 1.83
CA HIS C 517 -15.13 -22.24 2.73
C HIS C 517 -15.34 -20.89 2.06
N TYR C 518 -14.96 -19.82 2.74
CA TYR C 518 -15.24 -18.52 2.14
C TYR C 518 -14.18 -18.08 1.14
N ASN C 519 -13.11 -18.84 0.97
CA ASN C 519 -12.07 -18.49 0.01
C ASN C 519 -11.96 -19.54 -1.09
N GLY C 520 -13.08 -20.17 -1.43
CA GLY C 520 -13.11 -21.14 -2.49
C GLY C 520 -12.53 -22.49 -2.13
N VAL C 521 -12.03 -22.66 -0.91
CA VAL C 521 -11.45 -23.94 -0.54
C VAL C 521 -12.57 -24.95 -0.36
N LEU C 522 -12.43 -26.09 -1.02
CA LEU C 522 -13.40 -27.17 -0.88
C LEU C 522 -13.33 -27.73 0.53
N ALA C 523 -14.49 -28.09 1.07
CA ALA C 523 -14.58 -28.59 2.44
C ALA C 523 -15.04 -30.04 2.47
N ALA C 524 -16.18 -30.36 1.86
CA ALA C 524 -16.68 -31.72 1.92
C ALA C 524 -17.60 -31.96 0.75
N LYS C 525 -17.61 -33.21 0.29
CA LYS C 525 -18.51 -33.66 -0.74
C LYS C 525 -19.80 -34.09 -0.06
N LEU C 526 -20.93 -33.56 -0.52
CA LEU C 526 -22.18 -33.77 0.19
C LEU C 526 -23.18 -34.62 -0.57
N TRP C 527 -23.50 -34.26 -1.82
CA TRP C 527 -24.56 -35.00 -2.49
C TRP C 527 -24.39 -34.93 -3.99
N ARG C 528 -24.86 -35.98 -4.67
CA ARG C 528 -24.87 -36.01 -6.12
C ARG C 528 -26.01 -36.91 -6.57
N LYS C 529 -26.51 -36.63 -7.77
CA LYS C 529 -27.64 -37.36 -8.31
C LYS C 529 -27.61 -37.31 -9.82
N LYS C 530 -27.77 -38.47 -10.46
CA LYS C 530 -27.67 -38.58 -11.91
C LYS C 530 -28.91 -39.28 -12.45
N LEU C 531 -29.45 -38.74 -13.53
CA LEU C 531 -30.66 -39.31 -14.13
C LEU C 531 -30.64 -39.09 -15.63
N HIS C 532 -31.51 -39.81 -16.32
CA HIS C 532 -31.61 -39.80 -17.77
C HIS C 532 -32.97 -39.27 -18.19
N LEU C 533 -32.98 -38.43 -19.22
CA LEU C 533 -34.22 -37.85 -19.74
C LEU C 533 -34.21 -37.89 -21.25
N THR C 534 -35.41 -37.82 -21.82
CA THR C 534 -35.61 -37.84 -23.27
C THR C 534 -36.52 -36.68 -23.65
N LEU C 535 -35.94 -35.65 -24.26
CA LEU C 535 -36.70 -34.50 -24.71
C LEU C 535 -37.18 -34.71 -26.14
N SER C 536 -38.37 -34.22 -26.45
CA SER C 536 -39.01 -34.46 -27.73
C SER C 536 -39.74 -33.22 -28.18
N ALA C 537 -39.86 -33.08 -29.50
CA ALA C 537 -40.81 -32.17 -30.14
C ALA C 537 -40.57 -30.72 -29.74
N ASN C 538 -39.34 -30.39 -29.35
CA ASN C 538 -38.93 -29.02 -29.06
C ASN C 538 -39.81 -28.39 -27.99
N LEU C 539 -40.18 -29.17 -26.99
CA LEU C 539 -40.97 -28.68 -25.88
C LEU C 539 -40.09 -28.56 -24.64
N GLU C 540 -40.24 -27.45 -23.92
CA GLU C 540 -39.53 -27.27 -22.67
C GLU C 540 -40.03 -28.28 -21.63
N LYS C 541 -39.16 -28.60 -20.68
CA LYS C 541 -39.50 -29.55 -19.62
C LYS C 541 -38.86 -29.09 -18.33
N ILE C 542 -39.67 -29.01 -17.26
CA ILE C 542 -39.23 -28.55 -15.96
C ILE C 542 -39.17 -29.73 -15.01
N ILE C 543 -38.11 -29.81 -14.22
CA ILE C 543 -37.94 -30.86 -13.22
C ILE C 543 -37.76 -30.17 -11.87
N THR C 544 -38.68 -30.44 -10.95
CA THR C 544 -38.61 -29.91 -9.60
C THR C 544 -38.21 -31.04 -8.66
N ILE C 545 -37.19 -30.79 -7.85
CA ILE C 545 -36.65 -31.81 -6.96
C ILE C 545 -36.41 -31.20 -5.59
N GLY C 546 -36.73 -31.97 -4.55
CA GLY C 546 -36.49 -31.51 -3.21
C GLY C 546 -35.05 -31.74 -2.78
N LEU C 547 -34.69 -31.04 -1.71
CA LEU C 547 -33.36 -31.12 -1.12
C LEU C 547 -33.55 -31.16 0.38
N PHE C 548 -33.31 -32.32 0.99
CA PHE C 548 -33.46 -32.48 2.42
C PHE C 548 -32.11 -32.68 3.06
N PHE C 549 -31.94 -32.10 4.24
CA PHE C 549 -30.67 -32.21 4.94
C PHE C 549 -30.46 -33.62 5.47
N SER C 550 -31.55 -34.34 5.75
CA SER C 550 -31.44 -35.71 6.24
C SER C 550 -30.87 -36.62 5.17
N ASN C 551 -31.06 -36.28 3.89
CA ASN C 551 -30.52 -37.06 2.79
C ASN C 551 -29.04 -36.82 2.57
N PHE C 552 -28.45 -35.87 3.30
CA PHE C 552 -27.04 -35.57 3.11
C PHE C 552 -26.18 -36.71 3.64
N GLU C 553 -24.89 -36.63 3.34
CA GLU C 553 -23.93 -37.64 3.74
C GLU C 553 -23.09 -37.23 4.95
N ARG C 554 -22.97 -35.94 5.23
CA ARG C 554 -22.08 -35.48 6.27
C ARG C 554 -22.65 -34.21 6.89
N ASN C 555 -22.18 -33.88 8.08
CA ASN C 555 -22.54 -32.63 8.69
C ASN C 555 -21.63 -31.52 8.18
N PRO C 556 -22.18 -30.36 7.82
CA PRO C 556 -21.35 -29.26 7.30
C PRO C 556 -20.51 -28.64 8.41
N PRO C 557 -19.41 -28.00 8.04
CA PRO C 557 -18.56 -27.35 9.06
C PRO C 557 -19.20 -26.10 9.62
N GLU C 558 -18.43 -25.35 10.41
CA GLU C 558 -18.98 -24.22 11.15
C GLU C 558 -19.35 -23.08 10.22
N ASN C 559 -18.43 -22.67 9.34
CA ASN C 559 -18.67 -21.56 8.43
C ASN C 559 -18.42 -22.03 7.01
N THR C 560 -19.49 -22.35 6.30
CA THR C 560 -19.41 -22.83 4.94
C THR C 560 -20.59 -22.27 4.16
N PHE C 561 -20.52 -22.43 2.85
CA PHE C 561 -21.64 -22.05 1.99
C PHE C 561 -21.78 -23.14 0.94
N LEU C 562 -23.01 -23.50 0.63
CA LEU C 562 -23.19 -24.64 -0.26
C LEU C 562 -23.15 -24.14 -1.70
N ARG C 563 -22.52 -24.92 -2.57
CA ARG C 563 -22.44 -24.67 -3.99
C ARG C 563 -23.20 -25.79 -4.68
N LEU C 564 -24.25 -25.41 -5.40
CA LEU C 564 -25.13 -26.33 -6.11
C LEU C 564 -24.84 -26.21 -7.61
N THR C 565 -24.40 -27.31 -8.21
CA THR C 565 -24.03 -27.33 -9.62
C THR C 565 -24.92 -28.32 -10.37
N ALA C 566 -25.22 -27.99 -11.62
CA ALA C 566 -26.03 -28.84 -12.48
C ALA C 566 -25.35 -28.93 -13.84
N MET C 567 -25.22 -30.14 -14.35
CA MET C 567 -24.54 -30.38 -15.62
C MET C 567 -25.38 -31.32 -16.46
N ALA C 568 -25.79 -30.86 -17.64
CA ALA C 568 -26.58 -31.64 -18.58
C ALA C 568 -25.69 -32.00 -19.76
N THR C 569 -25.39 -33.29 -19.90
CA THR C 569 -24.60 -33.82 -21.00
C THR C 569 -25.53 -34.37 -22.08
N HIS C 570 -25.42 -33.82 -23.28
CA HIS C 570 -26.09 -34.39 -24.43
C HIS C 570 -25.46 -35.74 -24.76
N SER C 571 -26.31 -36.73 -25.03
CA SER C 571 -25.82 -38.06 -25.33
C SER C 571 -25.10 -38.07 -26.67
N GLU C 572 -25.61 -37.34 -27.65
CA GLU C 572 -24.99 -37.37 -28.98
C GLU C 572 -23.76 -36.48 -29.02
N SER C 573 -23.90 -35.23 -28.59
CA SER C 573 -22.83 -34.25 -28.66
C SER C 573 -22.17 -34.11 -27.30
N ASN C 574 -20.83 -34.04 -27.30
CA ASN C 574 -20.09 -33.94 -26.06
C ASN C 574 -20.16 -32.55 -25.45
N LEU C 575 -20.60 -31.55 -26.22
CA LEU C 575 -20.82 -30.22 -25.68
C LEU C 575 -22.01 -30.22 -24.72
N SER C 576 -21.76 -29.84 -23.47
CA SER C 576 -22.72 -29.98 -22.40
C SER C 576 -23.00 -28.61 -21.78
N CYS C 577 -24.16 -28.49 -21.14
CA CYS C 577 -24.57 -27.25 -20.50
C CYS C 577 -24.39 -27.34 -18.98
N PHE C 578 -24.20 -26.18 -18.37
CA PHE C 578 -23.76 -26.13 -16.98
C PHE C 578 -24.34 -24.91 -16.29
N ALA C 579 -24.61 -25.06 -14.99
CA ALA C 579 -25.08 -23.95 -14.18
C ALA C 579 -24.64 -24.17 -12.75
N GLN C 580 -24.43 -23.07 -12.03
CA GLN C 580 -24.03 -23.13 -10.63
C GLN C 580 -24.70 -22.02 -9.85
N GLU C 581 -24.94 -22.29 -8.57
CA GLU C 581 -25.54 -21.31 -7.68
C GLU C 581 -24.93 -21.47 -6.30
N ASP C 582 -25.00 -20.39 -5.54
CA ASP C 582 -24.48 -20.35 -4.19
C ASP C 582 -25.63 -20.13 -3.23
N ILE C 583 -25.63 -20.85 -2.12
CA ILE C 583 -26.69 -20.74 -1.12
C ILE C 583 -26.05 -20.64 0.25
N ALA C 584 -26.51 -19.66 1.02
CA ALA C 584 -26.09 -19.52 2.41
C ALA C 584 -27.11 -20.21 3.30
N ILE C 585 -26.66 -20.63 4.46
CA ILE C 585 -27.45 -21.41 5.41
C ILE C 585 -27.97 -20.47 6.47
N CYS C 586 -29.28 -20.52 6.71
CA CYS C 586 -29.91 -19.62 7.66
C CYS C 586 -30.24 -20.36 8.94
N ARG C 587 -30.09 -19.66 10.05
CA ARG C 587 -30.31 -20.15 11.38
C ARG C 587 -31.53 -19.48 12.02
N PRO C 588 -32.12 -20.12 13.03
CA PRO C 588 -33.35 -19.58 13.62
C PRO C 588 -33.17 -18.23 14.27
N HIS C 589 -34.25 -17.47 14.32
CA HIS C 589 -34.22 -16.06 14.67
C HIS C 589 -34.26 -15.89 16.17
N LEU C 590 -33.61 -14.82 16.63
CA LEU C 590 -33.38 -14.57 18.04
C LEU C 590 -34.01 -13.23 18.39
N ALA C 591 -35.13 -13.25 19.11
CA ALA C 591 -35.90 -12.04 19.34
C ALA C 591 -35.42 -11.35 20.60
N ILE C 592 -35.23 -10.03 20.51
CA ILE C 592 -34.78 -9.21 21.62
C ILE C 592 -35.83 -8.13 21.85
N LYS C 593 -36.40 -8.10 23.05
CA LYS C 593 -37.43 -7.12 23.37
C LYS C 593 -36.90 -6.19 24.44
N MET C 594 -36.93 -4.89 24.17
CA MET C 594 -36.30 -3.99 25.12
C MET C 594 -36.83 -2.60 24.78
N PRO C 595 -37.14 -1.76 25.76
CA PRO C 595 -37.63 -0.41 25.45
C PRO C 595 -36.61 0.50 24.81
N GLU C 596 -37.12 1.54 24.16
CA GLU C 596 -36.26 2.39 23.34
C GLU C 596 -35.44 3.35 24.18
N LYS C 597 -36.06 4.00 25.15
CA LYS C 597 -35.38 4.95 26.02
C LYS C 597 -35.35 4.44 27.45
N ALA C 598 -34.24 4.71 28.13
CA ALA C 598 -34.07 4.34 29.54
C ALA C 598 -33.48 5.52 30.29
N GLU C 599 -33.73 5.54 31.59
CA GLU C 599 -33.20 6.59 32.46
C GLU C 599 -31.90 6.14 33.11
N GLN C 600 -30.96 7.07 33.24
CA GLN C 600 -29.69 6.73 33.85
C GLN C 600 -29.84 6.33 35.31
N TYR C 601 -28.96 5.45 35.75
CA TYR C 601 -28.97 4.94 37.12
C TYR C 601 -30.32 4.32 37.47
N GLN C 602 -30.90 3.60 36.51
CA GLN C 602 -32.17 2.97 36.76
C GLN C 602 -32.15 1.54 36.27
N PRO C 603 -32.94 0.66 36.89
CA PRO C 603 -33.02 -0.71 36.41
C PRO C 603 -33.68 -0.76 35.04
N LEU C 604 -33.22 -1.73 34.25
CA LEU C 604 -33.70 -1.94 32.89
C LEU C 604 -33.80 -3.43 32.64
N THR C 605 -34.95 -3.85 32.12
CA THR C 605 -35.28 -5.26 31.97
C THR C 605 -35.38 -5.61 30.49
N ALA C 606 -34.49 -6.48 30.03
CA ALA C 606 -34.51 -6.96 28.66
C ALA C 606 -35.09 -8.37 28.61
N SER C 607 -35.71 -8.69 27.49
CA SER C 607 -36.30 -10.01 27.29
C SER C 607 -35.69 -10.67 26.06
N VAL C 608 -35.49 -11.98 26.13
CA VAL C 608 -34.89 -12.73 25.04
C VAL C 608 -35.75 -13.94 24.75
N SER C 609 -36.11 -14.11 23.48
CA SER C 609 -36.99 -15.19 23.07
C SER C 609 -36.35 -15.97 21.92
N LEU C 610 -36.50 -17.29 21.99
CA LEU C 610 -35.94 -18.18 20.99
C LEU C 610 -36.92 -19.31 20.73
N GLN C 611 -37.15 -19.64 19.45
CA GLN C 611 -38.01 -20.76 19.12
C GLN C 611 -37.18 -21.86 18.48
N ASN C 612 -37.37 -23.09 18.96
CA ASN C 612 -36.63 -24.21 18.41
C ASN C 612 -37.32 -24.64 17.13
N SER C 613 -36.93 -24.03 16.02
CA SER C 613 -37.47 -24.45 14.74
C SER C 613 -36.89 -25.78 14.30
N LEU C 614 -35.72 -26.13 14.83
CA LEU C 614 -35.00 -27.33 14.44
C LEU C 614 -35.70 -28.60 14.94
N ASP C 615 -35.41 -29.71 14.28
CA ASP C 615 -36.01 -31.00 14.63
C ASP C 615 -35.30 -31.71 15.78
N ALA C 616 -34.30 -31.11 16.38
CA ALA C 616 -33.61 -31.79 17.46
C ALA C 616 -33.73 -30.98 18.75
N PRO C 617 -33.78 -31.65 19.90
CA PRO C 617 -33.81 -30.90 21.16
C PRO C 617 -32.43 -30.35 21.44
N MET C 618 -32.39 -29.10 21.90
CA MET C 618 -31.14 -28.47 22.25
C MET C 618 -30.77 -28.83 23.68
N GLU C 619 -29.51 -29.16 23.89
CA GLU C 619 -28.99 -29.40 25.22
C GLU C 619 -27.78 -28.51 25.48
N ASP C 620 -27.50 -28.30 26.77
CA ASP C 620 -26.40 -27.46 27.21
C ASP C 620 -26.53 -26.06 26.63
N CYS C 621 -27.74 -25.51 26.74
CA CYS C 621 -28.00 -24.18 26.23
C CYS C 621 -27.32 -23.16 27.13
N VAL C 622 -26.34 -22.44 26.58
CA VAL C 622 -25.56 -21.48 27.34
C VAL C 622 -25.61 -20.16 26.60
N ILE C 623 -26.14 -19.12 27.24
CA ILE C 623 -26.21 -17.83 26.57
C ILE C 623 -25.42 -16.82 27.36
N SER C 624 -25.05 -15.76 26.68
CA SER C 624 -24.18 -14.75 27.23
C SER C 624 -24.57 -13.37 26.73
N ILE C 625 -24.55 -12.39 27.62
CA ILE C 625 -24.84 -11.02 27.26
C ILE C 625 -23.59 -10.19 27.52
N LEU C 626 -23.37 -9.21 26.63
CA LEU C 626 -22.28 -8.26 26.82
C LEU C 626 -22.59 -6.98 26.06
N GLY C 627 -21.77 -5.96 26.30
CA GLY C 627 -21.97 -4.67 25.68
C GLY C 627 -21.08 -3.59 26.27
N ARG C 628 -20.65 -2.62 25.47
CA ARG C 628 -19.73 -1.59 25.93
C ARG C 628 -20.47 -0.47 26.63
N GLY C 629 -20.14 -0.23 27.89
CA GLY C 629 -20.76 0.84 28.64
C GLY C 629 -22.06 0.48 29.31
N LEU C 630 -22.57 -0.73 29.09
CA LEU C 630 -23.78 -1.21 29.74
C LEU C 630 -23.44 -2.20 30.84
N ILE C 631 -22.84 -3.32 30.50
CA ILE C 631 -22.43 -4.31 31.47
C ILE C 631 -20.91 -4.31 31.47
N HIS C 632 -20.32 -4.63 32.63
CA HIS C 632 -18.88 -4.45 32.78
C HIS C 632 -18.05 -5.31 31.84
N ARG C 633 -18.26 -6.62 31.84
CA ARG C 633 -17.41 -7.44 30.98
C ARG C 633 -18.16 -8.42 30.12
N GLU C 634 -18.67 -9.48 30.78
CA GLU C 634 -19.44 -10.55 30.10
C GLU C 634 -20.20 -11.36 31.14
N ARG C 635 -21.43 -11.76 30.83
CA ARG C 635 -22.27 -12.57 31.77
C ARG C 635 -22.68 -13.87 31.08
N SER C 636 -22.92 -14.93 31.86
CA SER C 636 -23.31 -16.21 31.31
C SER C 636 -24.48 -16.76 32.10
N TYR C 637 -25.33 -17.49 31.41
CA TYR C 637 -26.49 -18.09 32.03
C TYR C 637 -26.73 -19.43 31.36
N ARG C 638 -27.32 -20.34 32.12
CA ARG C 638 -27.56 -21.71 31.70
C ARG C 638 -29.05 -21.98 31.66
N PHE C 639 -29.44 -23.01 30.91
CA PHE C 639 -30.84 -23.33 30.70
C PHE C 639 -31.08 -24.82 30.69
N ARG C 640 -32.36 -25.17 30.64
CA ARG C 640 -32.80 -26.56 30.55
C ARG C 640 -32.83 -27.00 29.10
N SER C 641 -33.33 -28.21 28.87
CA SER C 641 -33.47 -28.72 27.51
C SER C 641 -34.60 -27.99 26.81
N VAL C 642 -34.42 -27.74 25.52
CA VAL C 642 -35.43 -27.11 24.68
C VAL C 642 -35.88 -28.11 23.64
N TRP C 643 -37.15 -28.49 23.70
CA TRP C 643 -37.68 -29.46 22.76
C TRP C 643 -37.98 -28.81 21.41
N PRO C 644 -37.99 -29.59 20.33
CA PRO C 644 -38.18 -29.00 19.00
C PRO C 644 -39.51 -28.31 18.82
N GLU C 645 -40.54 -28.65 19.60
CA GLU C 645 -41.82 -27.97 19.50
C GLU C 645 -41.88 -26.71 20.34
N ASN C 646 -41.31 -26.73 21.53
CA ASN C 646 -41.43 -25.64 22.48
C ASN C 646 -40.44 -24.53 22.14
N THR C 647 -40.52 -23.44 22.89
CA THR C 647 -39.63 -22.31 22.77
C THR C 647 -38.93 -22.09 24.11
N MET C 648 -38.14 -21.02 24.17
CA MET C 648 -37.56 -20.55 25.41
C MET C 648 -37.71 -19.04 25.52
N CYS C 649 -37.94 -18.57 26.75
CA CYS C 649 -38.11 -17.16 27.04
C CYS C 649 -37.42 -16.82 28.35
N ALA C 650 -36.57 -15.80 28.34
CA ALA C 650 -35.75 -15.45 29.49
C ALA C 650 -35.72 -13.93 29.67
N LYS C 651 -35.28 -13.50 30.85
CA LYS C 651 -35.33 -12.09 31.22
C LYS C 651 -34.09 -11.71 32.02
N PHE C 652 -33.51 -10.56 31.72
CA PHE C 652 -32.34 -10.08 32.44
C PHE C 652 -32.55 -8.65 32.90
N GLN C 653 -31.84 -8.27 33.95
CA GLN C 653 -31.95 -6.93 34.51
C GLN C 653 -30.55 -6.34 34.66
N PHE C 654 -30.37 -5.11 34.20
CA PHE C 654 -29.10 -4.43 34.42
C PHE C 654 -29.38 -2.94 34.63
N THR C 655 -28.33 -2.14 34.56
CA THR C 655 -28.55 -0.71 34.69
C THR C 655 -27.56 0.11 33.88
N PRO C 656 -28.02 0.96 32.98
CA PRO C 656 -27.09 1.77 32.20
C PRO C 656 -26.41 2.81 33.07
N THR C 657 -25.22 3.21 32.67
CA THR C 657 -24.43 4.16 33.43
C THR C 657 -23.93 5.34 32.59
N HIS C 658 -23.54 5.10 31.35
CA HIS C 658 -22.96 6.14 30.51
C HIS C 658 -24.01 6.65 29.53
N VAL C 659 -24.22 7.97 29.55
CA VAL C 659 -25.30 8.58 28.80
C VAL C 659 -24.97 8.57 27.31
N GLY C 660 -26.02 8.56 26.49
CA GLY C 660 -25.83 8.63 25.06
C GLY C 660 -26.50 7.52 24.28
N LEU C 661 -25.77 6.92 23.33
CA LEU C 661 -26.29 5.88 22.47
C LEU C 661 -25.47 4.62 22.66
N GLN C 662 -26.10 3.56 23.17
CA GLN C 662 -25.40 2.30 23.35
C GLN C 662 -26.13 1.20 22.59
N ARG C 663 -25.51 0.03 22.57
CA ARG C 663 -26.22 -1.15 22.09
C ARG C 663 -25.66 -2.36 22.81
N LEU C 664 -26.52 -3.34 23.04
CA LEU C 664 -26.11 -4.57 23.69
C LEU C 664 -26.22 -5.73 22.72
N THR C 665 -25.44 -6.76 22.99
CA THR C 665 -25.42 -7.95 22.16
C THR C 665 -25.66 -9.19 23.02
N VAL C 666 -26.39 -10.12 22.44
CA VAL C 666 -26.59 -11.43 23.04
C VAL C 666 -25.99 -12.47 22.12
N GLU C 667 -25.59 -13.58 22.73
CA GLU C 667 -24.88 -14.65 22.05
C GLU C 667 -25.31 -16.00 22.61
N VAL C 668 -25.75 -16.89 21.74
CA VAL C 668 -26.32 -18.16 22.16
C VAL C 668 -25.43 -19.29 21.65
N ASP C 669 -25.20 -20.27 22.52
CA ASP C 669 -24.46 -21.49 22.19
C ASP C 669 -25.24 -22.71 22.67
N CYS C 670 -25.13 -23.79 21.90
CA CYS C 670 -25.75 -25.06 22.26
C CYS C 670 -24.97 -26.16 21.56
N ASN C 671 -25.54 -27.37 21.55
CA ASN C 671 -24.85 -28.48 20.90
C ASN C 671 -25.07 -28.50 19.39
N MET C 672 -26.19 -27.94 18.91
CA MET C 672 -26.45 -27.93 17.48
C MET C 672 -25.66 -26.84 16.76
N PHE C 673 -25.42 -25.72 17.41
CA PHE C 673 -24.76 -24.60 16.75
C PHE C 673 -24.11 -23.74 17.82
N GLN C 674 -23.17 -22.90 17.37
CA GLN C 674 -22.45 -22.02 18.27
C GLN C 674 -22.37 -20.61 17.70
N ASN C 675 -22.21 -19.66 18.60
CA ASN C 675 -21.98 -18.26 18.25
C ASN C 675 -23.10 -17.68 17.41
N LEU C 676 -24.33 -17.81 17.90
CA LEU C 676 -25.45 -17.15 17.23
C LEU C 676 -25.59 -15.78 17.89
N THR C 677 -25.30 -14.72 17.14
CA THR C 677 -25.21 -13.38 17.72
C THR C 677 -26.37 -12.51 17.26
N ASN C 678 -26.73 -11.55 18.11
CA ASN C 678 -27.68 -10.53 17.72
C ASN C 678 -27.47 -9.30 18.61
N TYR C 679 -28.09 -8.19 18.21
CA TYR C 679 -27.83 -6.94 18.89
C TYR C 679 -29.10 -6.09 18.88
N LYS C 680 -29.08 -5.06 19.71
CA LYS C 680 -30.18 -4.10 19.81
C LYS C 680 -29.66 -2.82 20.43
N SER C 681 -30.13 -1.70 19.91
CA SER C 681 -29.66 -0.38 20.30
C SER C 681 -30.61 0.25 21.32
N VAL C 682 -30.09 1.27 21.99
CA VAL C 682 -30.86 1.98 23.01
C VAL C 682 -30.25 3.37 23.15
N THR C 683 -31.09 4.34 23.51
CA THR C 683 -30.67 5.70 23.77
C THR C 683 -30.99 6.05 25.21
N VAL C 684 -29.97 6.35 26.00
CA VAL C 684 -30.13 6.70 27.39
C VAL C 684 -29.82 8.17 27.57
N VAL C 685 -30.64 8.83 28.39
CA VAL C 685 -30.58 10.28 28.52
C VAL C 685 -30.22 10.60 29.97
N ALA C 686 -29.72 11.81 30.18
CA ALA C 686 -29.39 12.23 31.53
C ALA C 686 -30.65 12.35 32.37
N PRO C 687 -30.55 12.10 33.67
CA PRO C 687 -31.72 12.23 34.53
C PRO C 687 -32.11 13.68 34.72
N GLU C 688 -33.39 13.88 35.01
CA GLU C 688 -33.91 15.23 35.18
C GLU C 688 -33.47 15.81 36.52
N LEU C 689 -33.09 17.09 36.51
CA LEU C 689 -32.60 17.72 37.72
C LEU C 689 -33.75 18.07 38.64
N LEU D 174 -20.33 43.35 3.68
CA LEU D 174 -21.61 42.77 3.29
C LEU D 174 -21.47 41.88 2.06
N PRO D 175 -20.58 42.23 1.13
CA PRO D 175 -19.93 41.19 0.33
C PRO D 175 -18.84 40.48 1.09
N ALA D 176 -18.55 40.94 2.31
CA ALA D 176 -17.61 40.28 3.19
C ALA D 176 -18.29 39.70 4.42
N LEU D 177 -19.55 40.07 4.68
CA LEU D 177 -20.30 39.40 5.73
C LEU D 177 -20.47 37.93 5.38
N HIS D 178 -20.69 37.64 4.11
CA HIS D 178 -20.74 36.25 3.66
C HIS D 178 -19.39 35.58 3.70
N ILE D 179 -18.29 36.34 3.55
CA ILE D 179 -16.98 35.73 3.75
C ILE D 179 -16.77 35.39 5.21
N ALA D 180 -17.28 36.23 6.12
CA ALA D 180 -17.23 35.92 7.54
C ALA D 180 -18.10 34.71 7.86
N ALA D 181 -19.19 34.55 7.13
CA ALA D 181 -20.00 33.35 7.27
C ALA D 181 -19.26 32.12 6.75
N ARG D 182 -18.50 32.28 5.67
CA ARG D 182 -17.80 31.13 5.10
C ARG D 182 -16.69 30.64 6.01
N ASN D 183 -16.02 31.56 6.70
CA ASN D 183 -14.91 31.21 7.58
C ASN D 183 -15.33 31.11 9.03
N ASP D 184 -16.62 31.25 9.32
CA ASP D 184 -17.14 31.16 10.69
C ASP D 184 -16.43 32.16 11.61
N ASP D 185 -16.19 33.36 11.09
CA ASP D 185 -15.51 34.40 11.87
C ASP D 185 -16.54 34.98 12.82
N THR D 186 -16.44 34.59 14.10
CA THR D 186 -17.48 34.94 15.06
C THR D 186 -17.38 36.40 15.47
N ARG D 187 -16.18 36.85 15.80
CA ARG D 187 -16.03 38.18 16.39
C ARG D 187 -16.29 39.26 15.35
N THR D 188 -15.87 39.04 14.11
CA THR D 188 -16.07 40.04 13.07
C THR D 188 -17.55 40.26 12.82
N ALA D 189 -18.30 39.17 12.61
CA ALA D 189 -19.74 39.28 12.45
C ALA D 189 -20.40 39.82 13.71
N ALA D 190 -19.83 39.51 14.88
CA ALA D 190 -20.38 40.03 16.12
C ALA D 190 -20.30 41.55 16.15
N VAL D 191 -19.15 42.11 15.78
CA VAL D 191 -19.04 43.56 15.67
C VAL D 191 -19.96 44.09 14.58
N LEU D 192 -20.05 43.39 13.47
CA LEU D 192 -20.85 43.87 12.34
C LEU D 192 -22.33 43.96 12.69
N LEU D 193 -22.82 43.07 13.54
CA LEU D 193 -24.19 43.17 14.00
C LEU D 193 -24.34 43.97 15.30
N GLN D 194 -23.24 44.22 16.00
CA GLN D 194 -23.28 45.18 17.10
C GLN D 194 -23.49 46.59 16.56
N ASN D 195 -22.75 46.94 15.52
CA ASN D 195 -22.90 48.27 14.92
C ASN D 195 -24.14 48.30 14.02
N ASP D 196 -24.16 47.48 12.98
CA ASP D 196 -25.22 47.58 12.01
C ASP D 196 -26.48 46.84 12.48
N PRO D 197 -27.66 47.35 12.14
CA PRO D 197 -28.91 46.67 12.50
C PRO D 197 -29.48 45.76 11.41
N ASN D 198 -28.73 45.51 10.34
CA ASN D 198 -29.22 44.75 9.20
C ASN D 198 -28.89 43.28 9.38
N PRO D 199 -29.87 42.42 9.64
CA PRO D 199 -29.56 40.99 9.83
C PRO D 199 -29.58 40.19 8.55
N ASP D 200 -30.06 40.75 7.44
CA ASP D 200 -30.14 40.00 6.20
C ASP D 200 -30.04 40.98 5.04
N VAL D 201 -29.02 40.80 4.20
CA VAL D 201 -28.88 41.55 2.96
C VAL D 201 -28.72 40.56 1.82
N LEU D 202 -29.03 41.01 0.62
CA LEU D 202 -29.00 40.16 -0.56
C LEU D 202 -27.75 40.43 -1.36
N SER D 203 -27.17 39.38 -1.92
CA SER D 203 -26.08 39.51 -2.87
C SER D 203 -26.64 39.82 -4.25
N LYS D 204 -25.76 39.83 -5.26
CA LYS D 204 -26.22 40.02 -6.63
C LYS D 204 -27.06 38.82 -7.07
N THR D 205 -26.69 37.63 -6.59
CA THR D 205 -27.54 36.47 -6.81
C THR D 205 -28.81 36.60 -5.99
N GLY D 206 -28.72 37.10 -4.77
CA GLY D 206 -29.89 37.29 -3.93
C GLY D 206 -29.93 36.38 -2.73
N PHE D 207 -28.90 35.56 -2.52
CA PHE D 207 -28.90 34.65 -1.37
C PHE D 207 -28.52 35.41 -0.11
N THR D 208 -29.21 35.09 0.98
CA THR D 208 -28.96 35.73 2.25
C THR D 208 -27.71 35.14 2.90
N PRO D 209 -27.16 35.82 3.91
CA PRO D 209 -26.05 35.21 4.65
C PRO D 209 -26.43 33.89 5.28
N LEU D 210 -27.70 33.71 5.65
CA LEU D 210 -28.12 32.42 6.20
C LEU D 210 -28.06 31.32 5.17
N HIS D 211 -28.31 31.65 3.90
CA HIS D 211 -28.19 30.63 2.87
C HIS D 211 -26.74 30.18 2.72
N ILE D 212 -25.80 31.11 2.78
CA ILE D 212 -24.42 30.69 2.64
C ILE D 212 -23.91 30.08 3.93
N ALA D 213 -24.56 30.37 5.05
CA ALA D 213 -24.21 29.72 6.30
C ALA D 213 -24.68 28.27 6.29
N ALA D 214 -25.78 28.01 5.61
CA ALA D 214 -26.28 26.65 5.55
C ALA D 214 -25.41 25.78 4.67
N HIS D 215 -24.69 26.38 3.73
CA HIS D 215 -23.87 25.59 2.82
C HIS D 215 -22.65 25.06 3.53
N TYR D 216 -21.80 25.95 4.02
CA TYR D 216 -20.55 25.49 4.59
C TYR D 216 -20.71 24.98 6.02
N GLU D 217 -21.95 24.82 6.48
CA GLU D 217 -22.29 24.22 7.76
C GLU D 217 -21.71 24.97 8.98
N ASN D 218 -21.22 26.19 8.81
CA ASN D 218 -20.76 26.97 9.97
C ASN D 218 -21.96 27.35 10.83
N LEU D 219 -22.06 26.73 12.01
CA LEU D 219 -23.25 26.86 12.85
C LEU D 219 -23.13 27.82 14.02
N ASN D 220 -21.92 28.25 14.40
CA ASN D 220 -21.86 29.27 15.44
C ASN D 220 -22.44 30.58 14.92
N VAL D 221 -22.13 30.91 13.67
CA VAL D 221 -22.73 32.09 13.08
C VAL D 221 -24.18 31.80 12.77
N ALA D 222 -24.55 30.53 12.58
CA ALA D 222 -25.95 30.23 12.34
C ALA D 222 -26.76 30.54 13.58
N GLN D 223 -26.20 30.24 14.76
CA GLN D 223 -26.84 30.59 16.02
C GLN D 223 -26.92 32.10 16.16
N LEU D 224 -25.83 32.78 15.79
CA LEU D 224 -25.79 34.24 15.91
C LEU D 224 -26.85 34.88 15.03
N LEU D 225 -27.00 34.40 13.80
CA LEU D 225 -28.04 34.92 12.92
C LEU D 225 -29.43 34.58 13.44
N LEU D 226 -29.63 33.33 13.88
CA LEU D 226 -30.96 32.93 14.30
C LEU D 226 -31.36 33.61 15.59
N ASN D 227 -30.40 34.19 16.30
CA ASN D 227 -30.74 34.93 17.49
C ASN D 227 -31.47 36.22 17.15
N ARG D 228 -31.31 36.72 15.92
CA ARG D 228 -31.89 38.01 15.54
C ARG D 228 -32.31 37.96 14.08
N GLY D 229 -33.63 37.95 13.84
CA GLY D 229 -34.16 38.37 12.55
C GLY D 229 -33.95 37.43 11.39
N ALA D 230 -33.15 36.38 11.54
CA ALA D 230 -32.88 35.51 10.40
C ALA D 230 -34.10 34.66 10.06
N SER D 231 -34.96 35.18 9.18
CA SER D 231 -36.21 34.51 8.85
C SER D 231 -35.90 33.20 8.15
N VAL D 232 -36.36 32.09 8.73
CA VAL D 232 -36.14 30.80 8.10
C VAL D 232 -36.91 30.70 6.81
N ASN D 233 -38.09 31.30 6.74
CA ASN D 233 -38.88 31.34 5.52
C ASN D 233 -38.73 32.71 4.88
N PHE D 234 -37.55 32.92 4.31
CA PHE D 234 -37.22 34.17 3.62
C PHE D 234 -36.80 33.82 2.20
N THR D 235 -37.77 33.75 1.32
CA THR D 235 -37.56 33.24 -0.02
C THR D 235 -37.30 34.40 -0.98
N PRO D 236 -36.25 34.32 -1.76
CA PRO D 236 -36.11 35.24 -2.90
C PRO D 236 -36.98 34.80 -4.08
N GLN D 237 -36.78 35.43 -5.23
CA GLN D 237 -37.58 35.09 -6.41
C GLN D 237 -37.41 33.64 -6.81
N ASN D 238 -36.25 33.05 -6.52
CA ASN D 238 -36.10 31.61 -6.71
C ASN D 238 -36.97 30.84 -5.74
N GLY D 239 -37.08 31.32 -4.50
CA GLY D 239 -37.87 30.64 -3.51
C GLY D 239 -37.10 29.59 -2.74
N ILE D 240 -35.78 29.53 -2.90
CA ILE D 240 -34.96 28.50 -2.30
C ILE D 240 -34.78 28.83 -0.83
N THR D 241 -35.42 28.05 0.03
CA THR D 241 -35.23 28.21 1.46
C THR D 241 -33.83 27.76 1.86
N PRO D 242 -33.33 28.25 2.99
CA PRO D 242 -32.07 27.71 3.48
C PRO D 242 -32.20 26.26 3.88
N LEU D 243 -33.40 25.86 4.30
CA LEU D 243 -33.64 24.46 4.61
C LEU D 243 -33.45 23.59 3.37
N HIS D 244 -33.77 24.12 2.19
CA HIS D 244 -33.58 23.34 0.98
C HIS D 244 -32.10 23.06 0.74
N ILE D 245 -31.25 24.08 0.88
CA ILE D 245 -29.82 23.86 0.67
C ILE D 245 -29.24 22.97 1.74
N ALA D 246 -29.66 23.13 3.00
CA ALA D 246 -29.13 22.29 4.05
C ALA D 246 -29.53 20.84 3.85
N SER D 247 -30.74 20.59 3.36
CA SER D 247 -31.11 19.22 3.02
C SER D 247 -30.41 18.75 1.76
N ARG D 248 -30.02 19.68 0.90
CA ARG D 248 -29.33 19.30 -0.33
C ARG D 248 -27.93 18.78 -0.03
N ARG D 249 -27.13 19.56 0.67
CA ARG D 249 -25.76 19.12 0.90
C ARG D 249 -25.72 18.02 1.95
N GLY D 250 -26.71 17.95 2.82
CA GLY D 250 -26.88 16.82 3.72
C GLY D 250 -26.53 17.02 5.17
N ASN D 251 -26.45 18.26 5.63
CA ASN D 251 -26.01 18.52 7.00
C ASN D 251 -27.15 18.24 7.97
N VAL D 252 -26.92 17.29 8.87
CA VAL D 252 -27.97 16.82 9.77
C VAL D 252 -28.27 17.84 10.85
N ILE D 253 -27.24 18.32 11.54
CA ILE D 253 -27.45 19.19 12.68
C ILE D 253 -28.07 20.48 12.21
N MET D 254 -27.78 20.91 10.98
CA MET D 254 -28.45 22.09 10.46
C MET D 254 -29.93 21.85 10.27
N VAL D 255 -30.31 20.64 9.85
CA VAL D 255 -31.74 20.35 9.75
C VAL D 255 -32.38 20.40 11.11
N ARG D 256 -31.74 19.83 12.13
CA ARG D 256 -32.35 19.85 13.46
C ARG D 256 -32.44 21.27 14.01
N LEU D 257 -31.40 22.08 13.81
CA LEU D 257 -31.43 23.46 14.30
C LEU D 257 -32.50 24.27 13.59
N LEU D 258 -32.53 24.19 12.27
CA LEU D 258 -33.48 25.00 11.51
C LEU D 258 -34.91 24.56 11.76
N LEU D 259 -35.12 23.30 12.11
CA LEU D 259 -36.47 22.84 12.38
C LEU D 259 -36.86 23.17 13.82
N ASP D 260 -35.88 23.21 14.73
CA ASP D 260 -36.18 23.57 16.10
C ASP D 260 -36.56 25.04 16.22
N ARG D 261 -35.86 25.92 15.51
CA ARG D 261 -36.21 27.33 15.59
C ARG D 261 -37.50 27.64 14.86
N GLY D 262 -38.03 26.70 14.10
CA GLY D 262 -39.27 26.94 13.37
C GLY D 262 -38.95 26.82 11.89
N ALA D 263 -39.75 26.01 11.20
CA ALA D 263 -39.63 25.91 9.76
C ALA D 263 -40.94 25.44 9.17
N GLN D 264 -41.33 26.03 8.06
CA GLN D 264 -42.43 25.53 7.26
C GLN D 264 -41.88 24.50 6.26
N ILE D 265 -42.19 23.23 6.49
CA ILE D 265 -41.65 22.18 5.64
C ILE D 265 -42.29 22.24 4.26
N GLU D 266 -43.61 22.37 4.23
CA GLU D 266 -44.34 22.32 2.96
C GLU D 266 -44.24 23.67 2.28
N THR D 267 -43.20 23.82 1.46
CA THR D 267 -43.04 24.98 0.60
C THR D 267 -42.68 24.51 -0.79
N LYS D 268 -42.59 25.47 -1.71
CA LYS D 268 -42.30 25.20 -3.11
C LYS D 268 -41.17 26.09 -3.57
N THR D 269 -40.39 25.58 -4.50
CA THR D 269 -39.39 26.36 -5.21
C THR D 269 -40.01 26.95 -6.47
N LYS D 270 -39.17 27.45 -7.37
CA LYS D 270 -39.68 27.82 -8.69
C LYS D 270 -40.22 26.59 -9.41
N ASP D 271 -39.55 25.46 -9.22
CA ASP D 271 -40.00 24.20 -9.78
C ASP D 271 -40.84 23.40 -8.77
N GLU D 272 -41.28 24.05 -7.69
CA GLU D 272 -42.20 23.44 -6.72
C GLU D 272 -41.58 22.23 -6.05
N LEU D 273 -40.28 22.29 -5.78
CA LEU D 273 -39.59 21.18 -5.14
C LEU D 273 -39.72 21.30 -3.63
N THR D 274 -40.19 20.23 -3.00
CA THR D 274 -40.23 20.16 -1.56
C THR D 274 -38.87 19.79 -0.99
N PRO D 275 -38.63 20.08 0.30
CA PRO D 275 -37.39 19.63 0.93
C PRO D 275 -37.19 18.13 0.84
N LEU D 276 -38.28 17.37 0.85
CA LEU D 276 -38.14 15.94 0.68
C LEU D 276 -37.65 15.59 -0.71
N HIS D 277 -38.02 16.38 -1.70
CA HIS D 277 -37.54 16.15 -3.06
C HIS D 277 -36.02 16.27 -3.13
N CYS D 278 -35.48 17.37 -2.58
CA CYS D 278 -34.04 17.56 -2.61
C CYS D 278 -33.34 16.57 -1.71
N ALA D 279 -34.03 16.09 -0.68
CA ALA D 279 -33.38 15.13 0.20
C ALA D 279 -33.29 13.78 -0.51
N ALA D 280 -34.33 13.44 -1.25
CA ALA D 280 -34.40 12.12 -1.88
C ALA D 280 -33.45 12.06 -3.05
N ARG D 281 -33.18 13.20 -3.69
CA ARG D 281 -32.38 13.14 -4.90
C ARG D 281 -30.91 12.89 -4.59
N ASN D 282 -30.42 13.51 -3.52
CA ASN D 282 -29.01 13.37 -3.21
C ASN D 282 -28.69 12.03 -2.56
N GLY D 283 -29.61 11.47 -1.77
CA GLY D 283 -29.40 10.16 -1.17
C GLY D 283 -29.27 10.18 0.34
N HIS D 284 -29.40 11.34 0.98
CA HIS D 284 -29.29 11.43 2.43
C HIS D 284 -30.50 10.81 3.10
N VAL D 285 -30.34 9.63 3.70
CA VAL D 285 -31.50 8.87 4.17
C VAL D 285 -31.96 9.37 5.54
N ARG D 286 -31.04 9.91 6.34
CA ARG D 286 -31.40 10.28 7.70
C ARG D 286 -32.22 11.55 7.72
N ILE D 287 -31.92 12.47 6.80
CA ILE D 287 -32.70 13.69 6.73
C ILE D 287 -34.12 13.36 6.32
N SER D 288 -34.28 12.37 5.43
CA SER D 288 -35.61 11.95 5.03
C SER D 288 -36.35 11.34 6.21
N GLU D 289 -35.66 10.56 7.04
CA GLU D 289 -36.31 9.99 8.20
C GLU D 289 -36.78 11.08 9.15
N ILE D 290 -35.92 12.06 9.43
CA ILE D 290 -36.29 13.13 10.35
C ILE D 290 -37.44 13.95 9.79
N LEU D 291 -37.39 14.27 8.50
CA LEU D 291 -38.44 15.11 7.93
C LEU D 291 -39.78 14.39 7.88
N LEU D 292 -39.79 13.12 7.47
CA LEU D 292 -41.05 12.38 7.46
C LEU D 292 -41.56 12.17 8.88
N ASP D 293 -40.67 12.14 9.86
CA ASP D 293 -41.13 12.15 11.24
C ASP D 293 -41.78 13.48 11.60
N HIS D 294 -41.33 14.58 11.02
CA HIS D 294 -41.88 15.89 11.33
C HIS D 294 -43.00 16.30 10.40
N GLY D 295 -43.66 15.36 9.74
CA GLY D 295 -44.93 15.64 9.12
C GLY D 295 -44.89 16.15 7.69
N ALA D 296 -43.79 15.95 6.98
CA ALA D 296 -43.77 16.27 5.56
C ALA D 296 -44.61 15.24 4.81
N PRO D 297 -45.46 15.66 3.88
CA PRO D 297 -46.31 14.69 3.17
C PRO D 297 -45.49 13.84 2.22
N ILE D 298 -45.59 12.53 2.38
CA ILE D 298 -44.81 11.62 1.57
C ILE D 298 -45.27 11.67 0.12
N GLN D 299 -46.57 11.58 -0.11
CA GLN D 299 -47.11 11.69 -1.45
C GLN D 299 -47.12 13.16 -1.87
N ALA D 300 -46.56 13.43 -3.03
CA ALA D 300 -46.46 14.79 -3.54
C ALA D 300 -46.26 14.72 -5.05
N LYS D 301 -46.39 15.88 -5.69
CA LYS D 301 -46.27 15.96 -7.14
C LYS D 301 -45.65 17.30 -7.49
N THR D 302 -44.45 17.27 -8.06
CA THR D 302 -43.81 18.47 -8.58
C THR D 302 -44.48 18.90 -9.88
N LYS D 303 -43.83 19.88 -10.53
CA LYS D 303 -44.36 20.45 -11.77
C LYS D 303 -44.77 19.36 -12.75
N ASN D 304 -43.91 18.35 -12.92
CA ASN D 304 -44.32 17.19 -13.70
C ASN D 304 -45.28 16.32 -12.89
N GLY D 305 -44.94 16.03 -11.64
CA GLY D 305 -45.78 15.20 -10.81
C GLY D 305 -45.04 14.03 -10.21
N LEU D 306 -43.71 14.07 -10.27
CA LEU D 306 -42.90 12.97 -9.79
C LEU D 306 -42.92 12.91 -8.26
N SER D 307 -43.16 11.73 -7.73
CA SER D 307 -43.07 11.55 -6.29
C SER D 307 -41.62 11.45 -5.84
N PRO D 308 -41.35 11.74 -4.57
CA PRO D 308 -39.98 11.58 -4.06
C PRO D 308 -39.44 10.19 -4.23
N ILE D 309 -40.31 9.17 -4.22
CA ILE D 309 -39.80 7.83 -4.47
C ILE D 309 -39.35 7.67 -5.91
N HIS D 310 -40.01 8.34 -6.85
CA HIS D 310 -39.53 8.27 -8.23
C HIS D 310 -38.16 8.92 -8.37
N MET D 311 -37.96 10.07 -7.76
CA MET D 311 -36.67 10.72 -7.90
C MET D 311 -35.59 9.96 -7.15
N ALA D 312 -35.92 9.38 -5.99
CA ALA D 312 -34.90 8.63 -5.30
C ALA D 312 -34.62 7.32 -6.02
N ALA D 313 -35.59 6.82 -6.78
CA ALA D 313 -35.34 5.64 -7.59
C ALA D 313 -34.49 5.98 -8.79
N GLN D 314 -34.43 7.26 -9.15
CA GLN D 314 -33.58 7.64 -10.27
C GLN D 314 -32.11 7.57 -9.89
N GLY D 315 -31.75 8.12 -8.73
CA GLY D 315 -30.37 8.26 -8.35
C GLY D 315 -29.76 7.04 -7.69
N ASP D 316 -30.42 5.90 -7.84
CA ASP D 316 -29.90 4.61 -7.40
C ASP D 316 -29.60 4.60 -5.90
N HIS D 317 -30.50 5.17 -5.12
CA HIS D 317 -30.38 5.21 -3.66
C HIS D 317 -31.27 4.10 -3.12
N LEU D 318 -30.66 2.98 -2.73
CA LEU D 318 -31.43 1.78 -2.37
C LEU D 318 -32.11 1.93 -1.03
N ASP D 319 -31.35 2.25 0.01
CA ASP D 319 -31.93 2.26 1.34
C ASP D 319 -32.94 3.37 1.51
N CYS D 320 -32.82 4.42 0.71
CA CYS D 320 -33.87 5.43 0.73
C CYS D 320 -35.17 4.87 0.18
N VAL D 321 -35.09 4.02 -0.84
CA VAL D 321 -36.29 3.33 -1.30
C VAL D 321 -36.86 2.45 -0.21
N ARG D 322 -35.99 1.75 0.52
CA ARG D 322 -36.50 0.94 1.62
C ARG D 322 -37.17 1.78 2.70
N LEU D 323 -36.59 2.94 3.02
CA LEU D 323 -37.17 3.77 4.07
C LEU D 323 -38.50 4.36 3.64
N LEU D 324 -38.58 4.85 2.41
CA LEU D 324 -39.85 5.39 1.95
C LEU D 324 -40.91 4.32 1.87
N LEU D 325 -40.52 3.08 1.56
CA LEU D 325 -41.51 2.02 1.59
C LEU D 325 -41.92 1.66 3.01
N GLN D 326 -40.98 1.72 3.95
CA GLN D 326 -41.33 1.26 5.30
C GLN D 326 -42.24 2.26 6.01
N TYR D 327 -41.94 3.56 5.93
CA TYR D 327 -42.84 4.49 6.58
C TYR D 327 -44.16 4.52 5.85
N ASP D 328 -44.15 5.01 4.62
CA ASP D 328 -45.36 5.05 3.82
C ASP D 328 -45.02 5.36 2.37
N ALA D 329 -45.60 4.59 1.45
CA ALA D 329 -45.39 4.78 0.03
C ALA D 329 -46.50 4.07 -0.73
N GLU D 330 -47.05 4.74 -1.72
CA GLU D 330 -47.91 4.10 -2.71
C GLU D 330 -47.04 3.75 -3.91
N ILE D 331 -46.86 2.45 -4.13
CA ILE D 331 -45.82 2.00 -5.05
C ILE D 331 -46.19 2.30 -6.49
N ASP D 332 -47.39 1.89 -6.90
CA ASP D 332 -47.78 2.02 -8.30
C ASP D 332 -48.36 3.42 -8.56
N ASP D 333 -47.50 4.41 -8.37
CA ASP D 333 -47.85 5.79 -8.68
C ASP D 333 -47.37 6.16 -10.08
N ILE D 334 -48.11 7.03 -10.73
CA ILE D 334 -47.83 7.45 -12.09
C ILE D 334 -47.57 8.96 -12.08
N THR D 335 -47.23 9.50 -13.25
CA THR D 335 -47.13 10.94 -13.42
C THR D 335 -47.72 11.29 -14.78
N LEU D 336 -47.43 12.49 -15.26
CA LEU D 336 -48.09 13.00 -16.46
C LEU D 336 -47.83 12.10 -17.66
N ASP D 337 -46.60 11.62 -17.79
CA ASP D 337 -46.30 10.48 -18.64
C ASP D 337 -46.32 9.29 -17.70
N HIS D 338 -47.27 8.38 -17.91
CA HIS D 338 -47.51 7.35 -16.89
C HIS D 338 -46.27 6.49 -16.68
N LEU D 339 -45.60 6.70 -15.56
CA LEU D 339 -44.32 6.07 -15.26
C LEU D 339 -44.39 5.41 -13.89
N THR D 340 -44.42 4.09 -13.88
CA THR D 340 -44.16 3.37 -12.64
C THR D 340 -42.69 3.48 -12.28
N PRO D 341 -42.34 3.36 -10.99
CA PRO D 341 -40.93 3.40 -10.62
C PRO D 341 -40.16 2.28 -11.26
N LEU D 342 -40.82 1.21 -11.67
CA LEU D 342 -40.16 0.22 -12.49
C LEU D 342 -39.74 0.81 -13.83
N HIS D 343 -40.53 1.72 -14.37
CA HIS D 343 -40.18 2.32 -15.65
C HIS D 343 -38.92 3.16 -15.55
N VAL D 344 -38.82 3.99 -14.50
CA VAL D 344 -37.62 4.80 -14.36
C VAL D 344 -36.45 3.94 -13.94
N ALA D 345 -36.72 2.84 -13.24
CA ALA D 345 -35.62 1.95 -12.88
C ALA D 345 -35.07 1.28 -14.13
N ALA D 346 -35.93 0.91 -15.07
CA ALA D 346 -35.41 0.27 -16.26
C ALA D 346 -34.87 1.29 -17.23
N HIS D 347 -35.28 2.55 -17.12
CA HIS D 347 -34.74 3.56 -18.02
C HIS D 347 -33.37 4.04 -17.57
N CYS D 348 -33.08 3.96 -16.28
CA CYS D 348 -31.79 4.43 -15.77
C CYS D 348 -30.84 3.30 -15.43
N GLY D 349 -31.23 2.05 -15.66
CA GLY D 349 -30.33 0.93 -15.49
C GLY D 349 -29.89 0.67 -14.06
N HIS D 350 -30.81 0.36 -13.18
CA HIS D 350 -30.48 -0.04 -11.82
C HIS D 350 -31.27 -1.28 -11.45
N HIS D 351 -30.60 -2.42 -11.37
CA HIS D 351 -31.30 -3.65 -11.05
C HIS D 351 -31.50 -3.81 -9.55
N ARG D 352 -30.72 -3.07 -8.75
CA ARG D 352 -30.76 -3.27 -7.32
C ARG D 352 -32.08 -2.77 -6.75
N VAL D 353 -32.51 -1.58 -7.18
CA VAL D 353 -33.80 -1.11 -6.68
C VAL D 353 -34.93 -1.87 -7.36
N ALA D 354 -34.65 -2.47 -8.52
CA ALA D 354 -35.65 -3.29 -9.18
C ALA D 354 -35.98 -4.51 -8.35
N LYS D 355 -34.97 -5.10 -7.71
CA LYS D 355 -35.23 -6.24 -6.83
C LYS D 355 -36.18 -5.86 -5.70
N VAL D 356 -35.92 -4.74 -5.04
CA VAL D 356 -36.77 -4.34 -3.91
C VAL D 356 -38.17 -4.02 -4.39
N LEU D 357 -38.29 -3.30 -5.51
CA LEU D 357 -39.62 -2.96 -5.99
C LEU D 357 -40.38 -4.20 -6.46
N LEU D 358 -39.66 -5.22 -6.90
CA LEU D 358 -40.33 -6.47 -7.27
C LEU D 358 -40.82 -7.22 -6.06
N ASP D 359 -39.93 -7.48 -5.10
CA ASP D 359 -40.33 -8.36 -4.01
C ASP D 359 -41.27 -7.68 -3.01
N LYS D 360 -41.19 -6.36 -2.87
CA LYS D 360 -42.15 -5.69 -1.99
C LYS D 360 -43.53 -5.61 -2.62
N GLY D 361 -43.63 -5.03 -3.81
CA GLY D 361 -44.85 -5.07 -4.59
C GLY D 361 -44.77 -4.24 -5.86
N ALA D 362 -45.18 -4.81 -6.98
CA ALA D 362 -45.20 -4.10 -8.26
C ALA D 362 -46.02 -4.94 -9.23
N LYS D 363 -46.22 -4.39 -10.43
CA LYS D 363 -46.88 -5.13 -11.51
C LYS D 363 -46.05 -4.97 -12.78
N PRO D 364 -45.51 -6.05 -13.33
CA PRO D 364 -44.83 -5.93 -14.62
C PRO D 364 -45.77 -5.61 -15.76
N ASN D 365 -47.07 -5.88 -15.60
CA ASN D 365 -48.01 -5.65 -16.68
C ASN D 365 -48.34 -4.17 -16.86
N SER D 366 -47.94 -3.33 -15.93
CA SER D 366 -48.27 -1.91 -16.02
C SER D 366 -47.59 -1.27 -17.21
N ARG D 367 -48.36 -0.52 -17.99
CA ARG D 367 -47.92 0.03 -19.26
C ARG D 367 -47.95 1.55 -19.18
N ALA D 368 -47.05 2.18 -19.92
CA ALA D 368 -46.92 3.62 -19.91
C ALA D 368 -47.90 4.25 -20.90
N LEU D 369 -47.70 5.55 -21.17
CA LEU D 369 -48.55 6.23 -22.14
C LEU D 369 -48.31 5.70 -23.54
N ASN D 370 -47.07 5.32 -23.85
CA ASN D 370 -46.80 4.70 -25.13
C ASN D 370 -47.38 3.31 -25.21
N GLY D 371 -47.73 2.72 -24.07
CA GLY D 371 -48.10 1.32 -24.00
C GLY D 371 -46.95 0.39 -23.75
N PHE D 372 -45.86 0.88 -23.18
CA PHE D 372 -44.63 0.11 -23.06
C PHE D 372 -44.56 -0.62 -21.73
N THR D 373 -44.15 -1.88 -21.78
CA THR D 373 -43.78 -2.58 -20.58
C THR D 373 -42.40 -2.13 -20.14
N PRO D 374 -42.02 -2.40 -18.90
CA PRO D 374 -40.62 -2.19 -18.52
C PRO D 374 -39.69 -3.08 -19.30
N LEU D 375 -40.16 -4.21 -19.79
CA LEU D 375 -39.35 -5.04 -20.66
C LEU D 375 -39.01 -4.31 -21.95
N HIS D 376 -39.92 -3.49 -22.47
CA HIS D 376 -39.63 -2.72 -23.67
C HIS D 376 -38.51 -1.71 -23.42
N ILE D 377 -38.56 -1.02 -22.27
CA ILE D 377 -37.52 -0.06 -21.95
C ILE D 377 -36.19 -0.77 -21.75
N ALA D 378 -36.23 -1.94 -21.12
CA ALA D 378 -34.99 -2.68 -20.93
C ALA D 378 -34.43 -3.16 -22.26
N CYS D 379 -35.31 -3.46 -23.22
CA CYS D 379 -34.84 -3.83 -24.54
C CYS D 379 -34.27 -2.62 -25.28
N LYS D 380 -34.78 -1.43 -24.98
CA LYS D 380 -34.27 -0.24 -25.64
C LYS D 380 -32.90 0.14 -25.11
N LYS D 381 -32.77 0.27 -23.78
CA LYS D 381 -31.55 0.81 -23.19
C LYS D 381 -30.55 -0.26 -22.78
N ASN D 382 -30.71 -1.50 -23.28
CA ASN D 382 -29.70 -2.55 -23.24
C ASN D 382 -29.26 -2.97 -21.83
N HIS D 383 -30.06 -2.73 -20.80
CA HIS D 383 -29.74 -3.33 -19.51
C HIS D 383 -30.19 -4.79 -19.51
N VAL D 384 -29.32 -5.68 -19.06
CA VAL D 384 -29.57 -7.12 -19.16
C VAL D 384 -30.06 -7.69 -17.84
N ARG D 385 -29.44 -7.30 -16.74
CA ARG D 385 -29.80 -7.87 -15.45
C ARG D 385 -31.22 -7.50 -15.06
N VAL D 386 -31.67 -6.31 -15.47
CA VAL D 386 -33.04 -5.94 -15.20
C VAL D 386 -33.96 -6.83 -16.00
N MET D 387 -33.58 -7.15 -17.24
CA MET D 387 -34.40 -8.02 -18.05
C MET D 387 -34.50 -9.39 -17.42
N GLU D 388 -33.40 -9.88 -16.87
CA GLU D 388 -33.41 -11.19 -16.23
C GLU D 388 -34.31 -11.20 -15.00
N LEU D 389 -34.24 -10.15 -14.18
CA LEU D 389 -35.12 -10.11 -13.01
C LEU D 389 -36.58 -10.01 -13.41
N LEU D 390 -36.90 -9.20 -14.43
CA LEU D 390 -38.28 -9.07 -14.85
C LEU D 390 -38.83 -10.38 -15.41
N LEU D 391 -38.01 -11.12 -16.17
CA LEU D 391 -38.54 -12.34 -16.74
C LEU D 391 -38.56 -13.46 -15.71
N LYS D 392 -37.66 -13.43 -14.73
CA LYS D 392 -37.77 -14.40 -13.65
C LYS D 392 -39.00 -14.13 -12.80
N THR D 393 -39.42 -12.87 -12.72
CA THR D 393 -40.69 -12.56 -12.08
C THR D 393 -41.86 -13.12 -12.88
N GLY D 394 -41.84 -12.93 -14.20
CA GLY D 394 -42.91 -13.44 -15.03
C GLY D 394 -43.62 -12.41 -15.88
N ALA D 395 -42.91 -11.36 -16.26
CA ALA D 395 -43.41 -10.46 -17.29
C ALA D 395 -43.48 -11.22 -18.61
N SER D 396 -44.60 -11.09 -19.32
CA SER D 396 -44.84 -11.95 -20.47
C SER D 396 -43.89 -11.63 -21.61
N ILE D 397 -43.44 -12.69 -22.29
CA ILE D 397 -42.63 -12.51 -23.49
C ILE D 397 -43.44 -11.82 -24.58
N ASP D 398 -44.61 -12.38 -24.88
CA ASP D 398 -45.51 -11.73 -25.83
C ASP D 398 -46.09 -10.47 -25.23
N ALA D 399 -46.02 -9.38 -26.00
CA ALA D 399 -46.56 -8.10 -25.58
C ALA D 399 -46.72 -7.25 -26.83
N VAL D 400 -47.72 -6.37 -26.80
CA VAL D 400 -48.09 -5.55 -27.95
C VAL D 400 -47.99 -4.10 -27.53
N THR D 401 -47.08 -3.37 -28.15
CA THR D 401 -47.04 -1.93 -27.96
C THR D 401 -48.20 -1.28 -28.70
N GLU D 402 -48.49 -0.05 -28.32
CA GLU D 402 -49.60 0.66 -28.96
C GLU D 402 -49.26 0.96 -30.41
N SER D 403 -47.98 1.08 -30.74
CA SER D 403 -47.58 1.12 -32.13
C SER D 403 -47.85 -0.23 -32.79
N GLY D 404 -47.52 -1.32 -32.12
CA GLY D 404 -47.76 -2.64 -32.66
C GLY D 404 -46.53 -3.50 -32.58
N LEU D 405 -45.52 -3.02 -31.86
CA LEU D 405 -44.22 -3.66 -31.83
C LEU D 405 -44.14 -4.73 -30.74
N THR D 406 -43.02 -5.42 -30.70
CA THR D 406 -42.70 -6.43 -29.72
C THR D 406 -41.33 -6.12 -29.16
N PRO D 407 -40.98 -6.68 -28.00
CA PRO D 407 -39.64 -6.43 -27.46
C PRO D 407 -38.54 -6.99 -28.35
N LEU D 408 -38.83 -8.09 -29.06
CA LEU D 408 -37.90 -8.56 -30.07
C LEU D 408 -37.69 -7.53 -31.16
N HIS D 409 -38.75 -6.80 -31.50
CA HIS D 409 -38.62 -5.78 -32.53
C HIS D 409 -37.82 -4.59 -32.03
N VAL D 410 -37.95 -4.25 -30.74
CA VAL D 410 -37.18 -3.14 -30.21
C VAL D 410 -35.71 -3.51 -30.13
N ALA D 411 -35.44 -4.73 -29.68
CA ALA D 411 -34.06 -5.17 -29.59
C ALA D 411 -33.42 -5.25 -30.96
N SER D 412 -34.18 -5.65 -31.97
CA SER D 412 -33.64 -5.69 -33.32
C SER D 412 -33.40 -4.29 -33.86
N PHE D 413 -34.29 -3.35 -33.56
CA PHE D 413 -34.10 -2.01 -34.10
C PHE D 413 -33.03 -1.23 -33.36
N MET D 414 -32.66 -1.60 -32.14
CA MET D 414 -31.63 -0.83 -31.48
C MET D 414 -30.23 -1.41 -31.68
N GLY D 415 -30.14 -2.68 -32.06
CA GLY D 415 -28.84 -3.23 -32.33
C GLY D 415 -28.12 -3.84 -31.16
N HIS D 416 -28.85 -4.44 -30.23
CA HIS D 416 -28.25 -5.06 -29.06
C HIS D 416 -28.30 -6.57 -29.26
N LEU D 417 -27.13 -7.18 -29.32
CA LEU D 417 -27.04 -8.60 -29.62
C LEU D 417 -27.34 -9.50 -28.42
N PRO D 418 -26.76 -9.25 -27.24
CA PRO D 418 -26.99 -10.19 -26.13
C PRO D 418 -28.42 -10.20 -25.64
N ILE D 419 -29.13 -9.07 -25.77
CA ILE D 419 -30.55 -9.07 -25.42
C ILE D 419 -31.32 -9.97 -26.36
N VAL D 420 -31.00 -9.91 -27.66
CA VAL D 420 -31.60 -10.81 -28.62
C VAL D 420 -31.28 -12.25 -28.29
N LYS D 421 -30.03 -12.51 -27.91
CA LYS D 421 -29.62 -13.87 -27.59
C LYS D 421 -30.43 -14.41 -26.42
N ASN D 422 -30.49 -13.66 -25.33
CA ASN D 422 -31.22 -14.14 -24.15
C ASN D 422 -32.71 -14.27 -24.44
N LEU D 423 -33.30 -13.30 -25.12
CA LEU D 423 -34.73 -13.35 -25.37
C LEU D 423 -35.09 -14.49 -26.32
N LEU D 424 -34.19 -14.84 -27.23
CA LEU D 424 -34.49 -15.90 -28.18
C LEU D 424 -34.18 -17.26 -27.58
N GLN D 425 -33.25 -17.32 -26.63
CA GLN D 425 -33.04 -18.55 -25.89
C GLN D 425 -34.26 -18.85 -25.02
N ARG D 426 -34.72 -17.86 -24.27
CA ARG D 426 -35.73 -18.11 -23.25
C ARG D 426 -37.12 -18.34 -23.84
N GLY D 427 -37.25 -18.36 -25.16
CA GLY D 427 -38.54 -18.68 -25.75
C GLY D 427 -39.14 -17.47 -26.44
N ALA D 428 -39.06 -17.44 -27.76
CA ALA D 428 -39.57 -16.31 -28.52
C ALA D 428 -39.89 -16.80 -29.93
N SER D 429 -40.64 -15.97 -30.66
CA SER D 429 -40.99 -16.25 -32.05
C SER D 429 -40.56 -15.10 -32.94
N PRO D 430 -39.58 -15.30 -33.81
CA PRO D 430 -39.31 -14.28 -34.83
C PRO D 430 -40.48 -14.08 -35.77
N ASN D 431 -41.25 -15.14 -36.03
CA ASN D 431 -42.46 -14.99 -36.82
C ASN D 431 -43.55 -14.34 -35.98
N VAL D 432 -43.59 -13.00 -36.01
CA VAL D 432 -44.63 -12.20 -35.38
C VAL D 432 -44.90 -11.00 -36.26
N SER D 433 -46.15 -10.56 -36.28
CA SER D 433 -46.58 -9.50 -37.19
C SER D 433 -47.03 -8.28 -36.39
N ASN D 434 -46.63 -7.11 -36.87
CA ASN D 434 -47.02 -5.85 -36.25
C ASN D 434 -48.28 -5.32 -36.94
N VAL D 435 -48.62 -4.06 -36.66
CA VAL D 435 -49.79 -3.48 -37.32
C VAL D 435 -49.49 -3.24 -38.79
N LYS D 436 -48.24 -3.01 -39.12
CA LYS D 436 -47.72 -3.23 -40.47
C LYS D 436 -46.91 -4.51 -40.41
N VAL D 437 -47.25 -5.47 -41.27
CA VAL D 437 -46.69 -6.81 -41.14
C VAL D 437 -45.19 -6.74 -41.45
N GLU D 438 -44.39 -6.86 -40.39
CA GLU D 438 -42.95 -6.71 -40.48
C GLU D 438 -42.32 -7.73 -39.55
N THR D 439 -41.40 -8.52 -40.06
CA THR D 439 -40.63 -9.39 -39.19
C THR D 439 -39.48 -8.61 -38.61
N PRO D 440 -38.81 -9.15 -37.59
CA PRO D 440 -37.56 -8.53 -37.15
C PRO D 440 -36.48 -8.56 -38.21
N LEU D 441 -36.62 -9.36 -39.26
CA LEU D 441 -35.69 -9.18 -40.38
C LEU D 441 -35.98 -7.88 -41.12
N HIS D 442 -37.26 -7.61 -41.37
CA HIS D 442 -37.67 -6.31 -41.87
C HIS D 442 -37.37 -5.19 -40.88
N MET D 443 -37.50 -5.47 -39.60
CA MET D 443 -37.28 -4.45 -38.60
C MET D 443 -35.80 -4.21 -38.37
N ALA D 444 -34.96 -5.15 -38.82
CA ALA D 444 -33.50 -5.09 -38.72
C ALA D 444 -32.86 -4.48 -39.95
N ALA D 445 -33.33 -4.86 -41.13
CA ALA D 445 -32.74 -4.34 -42.36
C ALA D 445 -33.11 -2.88 -42.61
N ARG D 446 -33.90 -2.30 -41.73
CA ARG D 446 -34.10 -0.86 -41.75
C ARG D 446 -32.86 -0.13 -41.25
N ALA D 447 -32.06 -0.77 -40.40
CA ALA D 447 -30.79 -0.22 -39.96
C ALA D 447 -29.59 -1.07 -40.34
N GLY D 448 -29.76 -2.37 -40.51
CA GLY D 448 -28.66 -3.20 -40.97
C GLY D 448 -27.65 -3.67 -39.95
N HIS D 449 -28.10 -4.03 -38.74
CA HIS D 449 -27.22 -4.72 -37.81
C HIS D 449 -26.98 -6.13 -38.34
N THR D 450 -25.74 -6.48 -38.64
CA THR D 450 -25.48 -7.71 -39.40
C THR D 450 -25.60 -8.94 -38.53
N GLU D 451 -25.04 -8.92 -37.32
CA GLU D 451 -24.91 -10.13 -36.54
C GLU D 451 -26.26 -10.54 -35.97
N VAL D 452 -27.09 -9.56 -35.62
CA VAL D 452 -28.45 -9.85 -35.19
C VAL D 452 -29.22 -10.47 -36.34
N ALA D 453 -28.94 -10.01 -37.56
CA ALA D 453 -29.59 -10.61 -38.72
C ALA D 453 -29.18 -12.05 -38.90
N LYS D 454 -27.88 -12.35 -38.74
CA LYS D 454 -27.44 -13.73 -38.83
C LYS D 454 -28.06 -14.59 -37.73
N TYR D 455 -28.19 -14.03 -36.53
CA TYR D 455 -28.70 -14.80 -35.41
C TYR D 455 -30.20 -15.06 -35.56
N LEU D 456 -30.95 -14.09 -36.05
CA LEU D 456 -32.37 -14.31 -36.30
C LEU D 456 -32.58 -15.26 -37.45
N LEU D 457 -31.72 -15.19 -38.47
CA LEU D 457 -31.86 -16.07 -39.61
C LEU D 457 -31.49 -17.50 -39.23
N GLN D 458 -30.59 -17.66 -38.25
CA GLN D 458 -30.17 -18.99 -37.84
C GLN D 458 -31.34 -19.79 -37.30
N ASN D 459 -32.15 -19.18 -36.45
CA ASN D 459 -33.37 -19.82 -36.01
C ASN D 459 -34.47 -19.65 -37.04
N LYS D 460 -35.64 -20.21 -36.75
CA LYS D 460 -36.68 -20.39 -37.74
C LYS D 460 -37.39 -19.07 -37.98
N ALA D 461 -36.99 -18.37 -39.03
CA ALA D 461 -37.69 -17.18 -39.50
C ALA D 461 -37.76 -17.23 -41.02
N LYS D 462 -38.93 -16.89 -41.55
CA LYS D 462 -39.19 -17.01 -42.98
C LYS D 462 -38.69 -15.73 -43.65
N VAL D 463 -37.54 -15.82 -44.33
CA VAL D 463 -36.99 -14.64 -44.98
C VAL D 463 -37.82 -14.26 -46.18
N ASN D 464 -38.43 -15.23 -46.86
CA ASN D 464 -39.37 -14.93 -47.93
C ASN D 464 -40.65 -14.41 -47.30
N ALA D 465 -40.83 -13.10 -47.32
CA ALA D 465 -41.93 -12.48 -46.58
C ALA D 465 -42.40 -11.25 -47.32
N LYS D 466 -43.59 -10.79 -46.95
CA LYS D 466 -44.23 -9.63 -47.54
C LYS D 466 -44.52 -8.60 -46.46
N ALA D 467 -44.27 -7.33 -46.79
CA ALA D 467 -44.56 -6.24 -45.87
C ALA D 467 -45.95 -5.70 -46.14
N LYS D 468 -46.25 -4.52 -45.58
CA LYS D 468 -47.58 -3.93 -45.73
C LYS D 468 -47.86 -3.64 -47.20
N ASP D 469 -46.95 -2.96 -47.87
CA ASP D 469 -46.99 -2.83 -49.32
C ASP D 469 -46.28 -3.97 -50.01
N ASP D 470 -46.07 -5.08 -49.29
CA ASP D 470 -45.44 -6.29 -49.82
C ASP D 470 -44.02 -6.00 -50.31
N GLN D 471 -43.29 -5.21 -49.53
CA GLN D 471 -41.86 -5.05 -49.78
C GLN D 471 -41.10 -6.21 -49.17
N THR D 472 -40.29 -6.87 -49.98
CA THR D 472 -39.39 -7.87 -49.48
C THR D 472 -38.31 -7.23 -48.62
N PRO D 473 -37.64 -8.00 -47.75
CA PRO D 473 -36.50 -7.45 -47.02
C PRO D 473 -35.37 -7.01 -47.92
N LEU D 474 -35.33 -7.50 -49.16
CA LEU D 474 -34.42 -6.93 -50.15
C LEU D 474 -34.83 -5.52 -50.52
N HIS D 475 -36.13 -5.25 -50.58
CA HIS D 475 -36.57 -3.90 -50.87
C HIS D 475 -36.18 -2.94 -49.76
N CYS D 476 -36.36 -3.34 -48.50
CA CYS D 476 -35.97 -2.48 -47.39
C CYS D 476 -34.45 -2.40 -47.28
N ALA D 477 -33.73 -3.43 -47.72
CA ALA D 477 -32.28 -3.40 -47.66
C ALA D 477 -31.67 -2.58 -48.79
N ALA D 478 -32.41 -2.40 -49.89
CA ALA D 478 -31.85 -1.67 -51.02
C ALA D 478 -31.68 -0.20 -50.70
N ARG D 479 -32.52 0.37 -49.85
CA ARG D 479 -32.37 1.78 -49.55
C ARG D 479 -31.19 2.06 -48.64
N ILE D 480 -30.60 1.03 -48.03
CA ILE D 480 -29.46 1.25 -47.15
C ILE D 480 -28.20 1.50 -47.96
N GLY D 481 -28.01 0.72 -49.03
CA GLY D 481 -26.77 0.71 -49.77
C GLY D 481 -25.73 -0.21 -49.19
N HIS D 482 -26.13 -1.10 -48.28
CA HIS D 482 -25.19 -2.00 -47.62
C HIS D 482 -25.02 -3.27 -48.44
N THR D 483 -23.77 -3.63 -48.68
CA THR D 483 -23.41 -4.69 -49.61
C THR D 483 -23.51 -6.09 -49.03
N ASN D 484 -22.74 -6.38 -47.98
CA ASN D 484 -22.70 -7.74 -47.48
C ASN D 484 -23.96 -8.17 -46.75
N MET D 485 -24.84 -7.25 -46.37
CA MET D 485 -26.13 -7.66 -45.84
C MET D 485 -26.93 -8.40 -46.88
N VAL D 486 -26.72 -8.08 -48.15
CA VAL D 486 -27.49 -8.76 -49.17
C VAL D 486 -27.07 -10.21 -49.29
N LYS D 487 -25.77 -10.49 -49.24
CA LYS D 487 -25.34 -11.85 -49.57
C LYS D 487 -25.82 -12.84 -48.51
N LEU D 488 -25.96 -12.39 -47.27
CA LEU D 488 -26.51 -13.24 -46.21
C LEU D 488 -27.99 -13.51 -46.45
N LEU D 489 -28.70 -12.55 -47.00
CA LEU D 489 -30.09 -12.75 -47.35
C LEU D 489 -30.23 -13.65 -48.57
N LEU D 490 -29.29 -13.52 -49.52
CA LEU D 490 -29.24 -14.41 -50.68
C LEU D 490 -28.81 -15.81 -50.29
N GLU D 491 -28.24 -15.97 -49.10
CA GLU D 491 -27.95 -17.31 -48.61
C GLU D 491 -29.22 -18.11 -48.43
N ASN D 492 -30.28 -17.48 -47.92
CA ASN D 492 -31.60 -18.11 -47.94
C ASN D 492 -32.41 -17.70 -49.17
N ASN D 493 -31.74 -17.40 -50.27
CA ASN D 493 -32.27 -17.32 -51.63
C ASN D 493 -33.66 -16.70 -51.72
N ALA D 494 -33.76 -15.46 -51.24
CA ALA D 494 -34.91 -14.62 -51.55
C ALA D 494 -34.84 -14.19 -53.01
N ASN D 495 -35.91 -14.43 -53.75
CA ASN D 495 -35.77 -14.26 -55.19
C ASN D 495 -35.86 -12.79 -55.57
N PRO D 496 -35.04 -12.36 -56.53
CA PRO D 496 -35.25 -11.04 -57.15
C PRO D 496 -36.42 -11.03 -58.11
N ASN D 497 -36.99 -12.21 -58.40
CA ASN D 497 -38.24 -12.28 -59.12
C ASN D 497 -39.36 -11.59 -58.34
N LEU D 498 -39.28 -11.65 -57.02
CA LEU D 498 -40.32 -11.07 -56.17
C LEU D 498 -40.33 -9.56 -56.29
N ALA D 499 -41.51 -8.98 -56.33
CA ALA D 499 -41.71 -7.54 -56.47
C ALA D 499 -42.89 -7.11 -55.62
N THR D 500 -42.98 -5.81 -55.39
CA THR D 500 -44.04 -5.27 -54.55
C THR D 500 -45.36 -5.18 -55.31
N THR D 501 -46.37 -4.67 -54.62
CA THR D 501 -47.68 -4.46 -55.24
C THR D 501 -47.59 -3.47 -56.39
N ALA D 502 -46.81 -2.41 -56.23
CA ALA D 502 -46.67 -1.41 -57.27
C ALA D 502 -45.87 -1.91 -58.46
N GLY D 503 -45.29 -3.11 -58.38
CA GLY D 503 -44.52 -3.66 -59.46
C GLY D 503 -43.04 -3.39 -59.35
N HIS D 504 -42.62 -2.65 -58.34
CA HIS D 504 -41.22 -2.33 -58.20
C HIS D 504 -40.45 -3.56 -57.70
N THR D 505 -39.24 -3.70 -58.21
CA THR D 505 -38.39 -4.84 -57.93
C THR D 505 -37.15 -4.37 -57.20
N PRO D 506 -36.37 -5.26 -56.60
CA PRO D 506 -35.13 -4.81 -55.95
C PRO D 506 -34.17 -4.15 -56.91
N LEU D 507 -34.19 -4.51 -58.18
CA LEU D 507 -33.43 -3.77 -59.18
C LEU D 507 -33.97 -2.36 -59.33
N HIS D 508 -35.30 -2.22 -59.29
CA HIS D 508 -35.90 -0.89 -59.47
C HIS D 508 -35.51 0.03 -58.33
N ILE D 509 -35.62 -0.46 -57.08
CA ILE D 509 -35.26 0.37 -55.95
C ILE D 509 -33.75 0.55 -55.86
N ALA D 510 -32.98 -0.42 -56.34
CA ALA D 510 -31.54 -0.28 -56.32
C ALA D 510 -31.09 0.79 -57.30
N ALA D 511 -31.80 0.94 -58.41
CA ALA D 511 -31.48 2.01 -59.35
C ALA D 511 -32.08 3.34 -58.89
N ARG D 512 -33.20 3.31 -58.19
CA ARG D 512 -33.77 4.53 -57.64
C ARG D 512 -32.83 5.14 -56.61
N GLU D 513 -32.38 4.34 -55.65
CA GLU D 513 -31.45 4.84 -54.65
C GLU D 513 -30.02 4.88 -55.16
N GLY D 514 -29.69 4.14 -56.20
CA GLY D 514 -28.42 4.32 -56.89
C GLY D 514 -27.20 3.83 -56.14
N HIS D 515 -27.31 2.71 -55.43
CA HIS D 515 -26.15 2.08 -54.80
C HIS D 515 -25.56 1.07 -55.79
N VAL D 516 -24.37 1.38 -56.30
CA VAL D 516 -23.88 0.67 -57.47
C VAL D 516 -23.32 -0.70 -57.11
N GLU D 517 -22.59 -0.78 -56.00
CA GLU D 517 -22.03 -2.08 -55.62
C GLU D 517 -23.11 -3.05 -55.19
N THR D 518 -24.23 -2.54 -54.69
CA THR D 518 -25.39 -3.39 -54.46
C THR D 518 -25.91 -3.99 -55.76
N VAL D 519 -25.92 -3.20 -56.82
CA VAL D 519 -26.35 -3.72 -58.11
C VAL D 519 -25.32 -4.69 -58.66
N LEU D 520 -24.04 -4.47 -58.35
CA LEU D 520 -23.02 -5.45 -58.72
C LEU D 520 -23.27 -6.76 -58.01
N ALA D 521 -23.68 -6.70 -56.74
CA ALA D 521 -24.05 -7.91 -56.03
C ALA D 521 -25.28 -8.56 -56.64
N LEU D 522 -26.24 -7.76 -57.09
CA LEU D 522 -27.44 -8.32 -57.71
C LEU D 522 -27.13 -8.93 -59.07
N LEU D 523 -26.06 -8.50 -59.73
CA LEU D 523 -25.80 -8.93 -61.09
C LEU D 523 -25.45 -10.41 -61.15
N GLU D 524 -24.63 -10.87 -60.21
CA GLU D 524 -24.24 -12.28 -60.19
C GLU D 524 -25.43 -13.18 -59.87
N LYS D 525 -26.45 -12.64 -59.21
CA LYS D 525 -27.67 -13.39 -58.91
C LYS D 525 -28.59 -13.45 -60.12
N GLU D 526 -28.26 -12.71 -61.17
CA GLU D 526 -28.99 -12.73 -62.44
C GLU D 526 -30.45 -12.34 -62.22
N ALA D 527 -30.63 -11.10 -61.77
CA ALA D 527 -31.95 -10.51 -61.76
C ALA D 527 -32.32 -10.12 -63.18
N SER D 528 -33.56 -10.43 -63.56
CA SER D 528 -33.99 -10.19 -64.94
C SER D 528 -34.10 -8.70 -65.24
N GLN D 529 -33.86 -8.34 -66.49
CA GLN D 529 -34.01 -6.98 -66.94
C GLN D 529 -35.37 -6.78 -67.61
N ALA D 530 -36.24 -7.78 -67.50
CA ALA D 530 -37.65 -7.64 -67.87
C ALA D 530 -38.50 -7.23 -66.68
N CYS D 531 -37.87 -6.69 -65.65
CA CYS D 531 -38.59 -6.23 -64.47
C CYS D 531 -39.49 -5.10 -64.92
N MET D 532 -40.78 -5.39 -65.01
CA MET D 532 -41.71 -4.37 -65.53
C MET D 532 -42.80 -4.09 -64.50
N THR D 533 -43.00 -2.81 -64.20
CA THR D 533 -44.09 -2.38 -63.33
C THR D 533 -45.41 -2.31 -64.08
N LYS D 534 -46.47 -1.96 -63.34
CA LYS D 534 -47.79 -1.77 -63.91
C LYS D 534 -47.86 -0.52 -64.78
N LYS D 535 -47.06 0.51 -64.48
CA LYS D 535 -47.01 1.76 -65.23
C LYS D 535 -46.20 1.66 -66.51
N GLY D 536 -45.48 0.58 -66.71
CA GLY D 536 -44.73 0.35 -67.93
C GLY D 536 -43.29 0.76 -67.85
N PHE D 537 -42.77 1.04 -66.67
CA PHE D 537 -41.40 1.50 -66.53
C PHE D 537 -40.42 0.34 -66.74
N THR D 538 -39.22 0.69 -67.17
CA THR D 538 -38.11 -0.23 -67.33
C THR D 538 -37.03 0.11 -66.32
N PRO D 539 -36.08 -0.79 -66.08
CA PRO D 539 -34.94 -0.42 -65.22
C PRO D 539 -34.14 0.74 -65.78
N LEU D 540 -34.19 0.95 -67.10
CA LEU D 540 -33.47 2.06 -67.70
C LEU D 540 -34.15 3.39 -67.42
N HIS D 541 -35.46 3.36 -67.15
CA HIS D 541 -36.24 4.59 -67.02
C HIS D 541 -35.86 5.36 -65.77
N VAL D 542 -35.67 4.67 -64.65
CA VAL D 542 -35.30 5.37 -63.43
C VAL D 542 -33.86 5.87 -63.51
N ALA D 543 -32.99 5.13 -64.20
CA ALA D 543 -31.64 5.65 -64.43
C ALA D 543 -31.68 6.90 -65.30
N ALA D 544 -32.61 6.95 -66.26
CA ALA D 544 -32.78 8.15 -67.08
C ALA D 544 -33.36 9.30 -66.27
N LYS D 545 -34.28 9.01 -65.35
CA LYS D 545 -34.91 10.06 -64.55
C LYS D 545 -33.95 10.59 -63.49
N TYR D 546 -33.57 9.73 -62.56
CA TYR D 546 -32.87 10.16 -61.36
C TYR D 546 -31.39 10.44 -61.60
N GLY D 547 -30.86 10.12 -62.77
CA GLY D 547 -29.48 10.47 -63.07
C GLY D 547 -28.48 9.67 -62.27
N LYS D 548 -28.87 8.48 -61.83
CA LYS D 548 -27.95 7.52 -61.23
C LYS D 548 -27.46 6.55 -62.31
N VAL D 549 -26.27 6.80 -62.83
CA VAL D 549 -25.90 6.36 -64.17
C VAL D 549 -24.68 5.45 -64.14
N ARG D 550 -24.01 5.32 -63.00
CA ARG D 550 -22.86 4.43 -62.91
C ARG D 550 -23.28 2.99 -63.12
N VAL D 551 -24.55 2.67 -62.79
CA VAL D 551 -25.07 1.33 -62.99
C VAL D 551 -25.40 1.05 -64.44
N ALA D 552 -25.26 2.01 -65.33
CA ALA D 552 -25.62 1.78 -66.73
C ALA D 552 -24.62 0.84 -67.39
N GLU D 553 -23.32 1.07 -67.14
CA GLU D 553 -22.32 0.15 -67.64
C GLU D 553 -22.50 -1.24 -67.02
N LEU D 554 -22.95 -1.29 -65.76
CA LEU D 554 -23.28 -2.56 -65.15
C LEU D 554 -24.44 -3.23 -65.88
N LEU D 555 -25.43 -2.44 -66.29
CA LEU D 555 -26.58 -2.98 -67.02
C LEU D 555 -26.17 -3.46 -68.39
N LEU D 556 -25.12 -2.87 -68.95
CA LEU D 556 -24.62 -3.33 -70.23
C LEU D 556 -23.58 -4.43 -70.11
N GLU D 557 -23.12 -4.72 -68.88
CA GLU D 557 -22.35 -5.92 -68.66
C GLU D 557 -23.17 -7.16 -68.99
N ARG D 558 -24.47 -7.10 -68.72
CA ARG D 558 -25.42 -8.15 -69.06
C ARG D 558 -26.04 -7.90 -70.42
N ASP D 559 -25.44 -6.98 -71.19
CA ASP D 559 -25.84 -6.65 -72.56
C ASP D 559 -27.32 -6.24 -72.62
N ALA D 560 -27.58 -5.08 -72.01
CA ALA D 560 -28.92 -4.52 -72.01
C ALA D 560 -29.31 -4.10 -73.42
N HIS D 561 -30.60 -4.22 -73.73
CA HIS D 561 -31.10 -3.78 -75.02
C HIS D 561 -31.94 -2.53 -74.82
N PRO D 562 -31.62 -1.43 -75.51
CA PRO D 562 -32.35 -0.18 -75.27
C PRO D 562 -33.77 -0.23 -75.76
N ASN D 563 -34.06 -0.98 -76.81
CA ASN D 563 -35.41 -1.04 -77.37
C ASN D 563 -36.31 -1.74 -76.36
N ALA D 564 -37.13 -0.96 -75.69
CA ALA D 564 -38.03 -1.47 -74.66
C ALA D 564 -39.17 -0.48 -74.49
N ALA D 565 -40.39 -0.91 -74.78
CA ALA D 565 -41.56 -0.05 -74.76
C ALA D 565 -42.62 -0.71 -73.89
N GLY D 566 -43.10 0.03 -72.90
CA GLY D 566 -44.13 -0.47 -72.01
C GLY D 566 -45.54 -0.35 -72.55
N LYS D 567 -46.48 -0.06 -71.65
CA LYS D 567 -47.87 0.14 -72.06
C LYS D 567 -48.00 1.43 -72.85
N ASN D 568 -47.26 2.45 -72.44
CA ASN D 568 -47.21 3.74 -73.10
C ASN D 568 -46.17 3.79 -74.22
N GLY D 569 -45.56 2.65 -74.55
CA GLY D 569 -44.71 2.62 -75.72
C GLY D 569 -43.45 3.44 -75.61
N LEU D 570 -43.06 3.81 -74.40
CA LEU D 570 -41.94 4.74 -74.23
C LEU D 570 -40.60 4.02 -74.18
N THR D 571 -39.57 4.72 -74.62
CA THR D 571 -38.21 4.25 -74.76
C THR D 571 -37.29 4.95 -73.76
N PRO D 572 -36.10 4.39 -73.51
CA PRO D 572 -35.16 5.08 -72.62
C PRO D 572 -34.80 6.48 -73.09
N LEU D 573 -34.84 6.75 -74.39
CA LEU D 573 -34.57 8.09 -74.87
C LEU D 573 -35.72 9.03 -74.55
N HIS D 574 -36.96 8.53 -74.68
CA HIS D 574 -38.12 9.38 -74.40
C HIS D 574 -38.19 9.74 -72.93
N VAL D 575 -37.90 8.78 -72.04
CA VAL D 575 -37.86 9.11 -70.62
C VAL D 575 -36.62 9.91 -70.28
N ALA D 576 -35.56 9.77 -71.08
CA ALA D 576 -34.31 10.48 -70.79
C ALA D 576 -34.45 11.95 -71.13
N VAL D 577 -35.17 12.27 -72.20
CA VAL D 577 -35.25 13.65 -72.64
C VAL D 577 -36.18 14.47 -71.74
N HIS D 578 -37.06 13.82 -71.00
CA HIS D 578 -37.95 14.55 -70.10
C HIS D 578 -37.17 15.17 -68.96
N HIS D 579 -36.13 14.49 -68.50
CA HIS D 579 -35.19 15.05 -67.54
C HIS D 579 -33.80 14.63 -68.02
N ASN D 580 -33.11 15.55 -68.70
CA ASN D 580 -31.98 15.18 -69.54
C ASN D 580 -30.72 15.07 -68.70
N ASN D 581 -30.12 13.87 -68.73
CA ASN D 581 -28.73 13.66 -68.33
C ASN D 581 -28.06 13.06 -69.56
N LEU D 582 -27.55 13.92 -70.43
CA LEU D 582 -27.25 13.52 -71.79
C LEU D 582 -26.01 12.64 -71.88
N ASP D 583 -25.20 12.60 -70.82
CA ASP D 583 -23.97 11.81 -70.87
C ASP D 583 -24.26 10.32 -71.05
N ILE D 584 -25.41 9.85 -70.57
CA ILE D 584 -25.76 8.46 -70.82
C ILE D 584 -26.23 8.28 -72.25
N VAL D 585 -27.02 9.22 -72.76
CA VAL D 585 -27.68 9.04 -74.05
C VAL D 585 -26.64 9.08 -75.17
N LYS D 586 -25.64 9.96 -75.02
CA LYS D 586 -24.59 10.07 -76.03
C LYS D 586 -23.84 8.75 -76.18
N LEU D 587 -23.77 7.95 -75.12
CA LEU D 587 -23.12 6.66 -75.22
C LEU D 587 -24.11 5.54 -75.52
N LEU D 588 -25.40 5.75 -75.24
CA LEU D 588 -26.42 4.79 -75.62
C LEU D 588 -26.61 4.75 -77.11
N LEU D 589 -26.39 5.88 -77.79
CA LEU D 589 -26.58 5.93 -79.24
C LEU D 589 -25.68 4.96 -79.98
N PRO D 590 -24.39 4.79 -79.65
CA PRO D 590 -23.65 3.66 -80.25
C PRO D 590 -24.11 2.31 -79.74
N ARG D 591 -24.67 2.24 -78.53
CA ARG D 591 -25.08 0.96 -77.98
C ARG D 591 -26.46 0.56 -78.50
N GLY D 592 -26.63 0.58 -79.82
CA GLY D 592 -27.90 0.20 -80.41
C GLY D 592 -29.06 1.11 -80.03
N GLY D 593 -28.87 2.41 -80.15
CA GLY D 593 -29.92 3.34 -79.75
C GLY D 593 -31.11 3.30 -80.69
N SER D 594 -32.22 3.85 -80.21
CA SER D 594 -33.46 3.89 -80.99
C SER D 594 -33.46 5.14 -81.86
N PRO D 595 -33.31 5.03 -83.18
CA PRO D 595 -33.15 6.23 -84.02
C PRO D 595 -34.45 6.99 -84.26
N HIS D 596 -35.53 6.29 -84.54
CA HIS D 596 -36.80 6.89 -84.92
C HIS D 596 -37.94 6.32 -84.10
N SER D 597 -37.69 6.07 -82.82
CA SER D 597 -38.68 5.41 -81.97
C SER D 597 -39.82 6.36 -81.64
N PRO D 598 -41.06 6.01 -81.96
CA PRO D 598 -42.19 6.83 -81.53
C PRO D 598 -42.78 6.34 -80.22
N ALA D 599 -43.53 7.22 -79.58
CA ALA D 599 -44.26 6.88 -78.37
C ALA D 599 -45.61 6.26 -78.76
N TRP D 600 -46.48 6.02 -77.78
CA TRP D 600 -47.80 5.51 -78.09
C TRP D 600 -48.64 6.57 -78.78
N ASN D 601 -48.30 7.84 -78.59
CA ASN D 601 -48.88 8.94 -79.35
C ASN D 601 -48.22 9.11 -80.71
N GLY D 602 -47.35 8.19 -81.10
CA GLY D 602 -46.63 8.36 -82.35
C GLY D 602 -45.59 9.44 -82.31
N TYR D 603 -45.18 9.86 -81.11
CA TYR D 603 -44.30 11.01 -80.96
C TYR D 603 -42.85 10.56 -81.05
N THR D 604 -42.11 11.15 -81.97
CA THR D 604 -40.68 10.93 -82.10
C THR D 604 -39.92 11.72 -81.04
N PRO D 605 -38.68 11.33 -80.74
CA PRO D 605 -37.90 12.11 -79.76
C PRO D 605 -37.52 13.49 -80.27
N LEU D 606 -37.65 13.72 -81.57
CA LEU D 606 -37.20 14.97 -82.17
C LEU D 606 -37.99 16.16 -81.64
N HIS D 607 -39.31 16.15 -81.84
CA HIS D 607 -40.12 17.31 -81.48
C HIS D 607 -40.34 17.41 -79.98
N ILE D 608 -40.35 16.29 -79.26
CA ILE D 608 -40.43 16.39 -77.80
C ILE D 608 -39.12 16.91 -77.23
N ALA D 609 -37.99 16.61 -77.88
CA ALA D 609 -36.74 17.23 -77.48
C ALA D 609 -36.70 18.71 -77.85
N ALA D 610 -37.38 19.09 -78.94
CA ALA D 610 -37.48 20.50 -79.29
C ALA D 610 -38.34 21.25 -78.29
N LYS D 611 -39.44 20.65 -77.84
CA LYS D 611 -40.30 21.28 -76.86
C LYS D 611 -39.62 21.34 -75.49
N GLN D 612 -38.90 20.29 -75.13
CA GLN D 612 -38.08 20.33 -73.93
C GLN D 612 -36.93 21.31 -74.11
N ASN D 613 -36.37 21.37 -75.32
CA ASN D 613 -35.43 22.40 -75.73
C ASN D 613 -34.18 22.41 -74.85
N GLN D 614 -33.44 21.31 -74.93
CA GLN D 614 -32.12 21.29 -74.32
C GLN D 614 -31.09 21.86 -75.31
N VAL D 615 -29.98 22.34 -74.75
CA VAL D 615 -29.05 23.11 -75.56
C VAL D 615 -28.24 22.21 -76.50
N GLU D 616 -27.98 20.97 -76.09
CA GLU D 616 -27.18 20.04 -76.87
C GLU D 616 -27.98 18.85 -77.37
N VAL D 617 -29.30 18.84 -77.16
CA VAL D 617 -30.06 17.67 -77.56
C VAL D 617 -30.14 17.62 -79.07
N ALA D 618 -30.17 18.79 -79.71
CA ALA D 618 -30.08 18.82 -81.17
C ALA D 618 -28.71 18.33 -81.62
N ARG D 619 -27.65 18.73 -80.91
CA ARG D 619 -26.32 18.19 -81.19
C ARG D 619 -26.22 16.73 -80.81
N SER D 620 -26.95 16.32 -79.78
CA SER D 620 -26.95 14.92 -79.37
C SER D 620 -27.50 14.03 -80.46
N LEU D 621 -28.63 14.41 -81.04
CA LEU D 621 -29.18 13.64 -82.15
C LEU D 621 -28.38 13.87 -83.42
N LEU D 622 -27.73 15.03 -83.56
CA LEU D 622 -26.88 15.30 -84.71
C LEU D 622 -25.65 14.40 -84.71
N GLN D 623 -25.24 13.91 -83.54
CA GLN D 623 -24.20 12.90 -83.51
C GLN D 623 -24.59 11.68 -84.33
N TYR D 624 -25.89 11.41 -84.45
CA TYR D 624 -26.41 10.28 -85.26
C TYR D 624 -27.24 10.81 -86.42
N GLY D 625 -28.04 11.86 -86.22
CA GLY D 625 -28.94 12.39 -87.23
C GLY D 625 -30.34 12.52 -86.67
N GLY D 626 -31.24 13.09 -87.47
CA GLY D 626 -32.59 13.33 -86.99
C GLY D 626 -33.55 13.45 -88.14
N SER D 627 -34.80 13.06 -87.90
CA SER D 627 -35.86 13.20 -88.89
C SER D 627 -36.92 14.14 -88.33
N ALA D 628 -37.08 15.30 -88.96
CA ALA D 628 -38.00 16.34 -88.52
C ALA D 628 -39.20 16.42 -89.46
N ASN D 629 -39.62 15.27 -89.98
CA ASN D 629 -40.79 15.22 -90.85
C ASN D 629 -41.65 14.00 -90.55
N ALA D 630 -41.40 13.29 -89.45
CA ALA D 630 -42.10 12.05 -89.18
C ALA D 630 -43.54 12.34 -88.78
N GLU D 631 -44.45 11.52 -89.30
CA GLU D 631 -45.86 11.71 -89.01
C GLU D 631 -46.21 11.16 -87.64
N SER D 632 -46.99 11.94 -86.89
CA SER D 632 -47.57 11.50 -85.64
C SER D 632 -48.96 10.95 -85.89
N VAL D 633 -49.69 10.62 -84.82
CA VAL D 633 -51.05 10.13 -84.99
C VAL D 633 -51.96 11.26 -85.44
N GLN D 634 -51.61 12.50 -85.09
CA GLN D 634 -52.31 13.66 -85.63
C GLN D 634 -51.90 13.96 -87.06
N GLY D 635 -50.66 13.63 -87.42
CA GLY D 635 -50.09 14.03 -88.70
C GLY D 635 -49.11 15.17 -88.59
N VAL D 636 -48.81 15.61 -87.38
CA VAL D 636 -47.88 16.71 -87.13
C VAL D 636 -46.45 16.22 -87.24
N THR D 637 -45.60 17.05 -87.82
CA THR D 637 -44.18 16.71 -87.99
C THR D 637 -43.36 17.28 -86.85
N PRO D 638 -42.16 16.75 -86.61
CA PRO D 638 -41.26 17.38 -85.63
C PRO D 638 -40.84 18.79 -86.00
N LEU D 639 -40.81 19.12 -87.28
CA LEU D 639 -40.52 20.50 -87.71
C LEU D 639 -41.60 21.46 -87.22
N HIS D 640 -42.86 21.04 -87.32
CA HIS D 640 -43.95 21.94 -86.93
C HIS D 640 -43.97 22.17 -85.43
N LEU D 641 -43.77 21.12 -84.64
CA LEU D 641 -43.73 21.30 -83.19
C LEU D 641 -42.47 22.03 -82.74
N ALA D 642 -41.39 21.94 -83.53
CA ALA D 642 -40.22 22.77 -83.23
C ALA D 642 -40.52 24.24 -83.52
N ALA D 643 -41.24 24.51 -84.61
CA ALA D 643 -41.58 25.88 -84.97
C ALA D 643 -42.62 26.48 -84.04
N GLN D 644 -43.45 25.64 -83.42
CA GLN D 644 -44.45 26.13 -82.48
C GLN D 644 -43.80 26.79 -81.27
N GLU D 645 -42.77 26.16 -80.73
CA GLU D 645 -42.02 26.76 -79.63
C GLU D 645 -41.08 27.85 -80.13
N GLY D 646 -40.45 27.61 -81.29
CA GLY D 646 -39.66 28.61 -81.99
C GLY D 646 -38.55 29.23 -81.17
N HIS D 647 -37.72 28.39 -80.56
CA HIS D 647 -36.63 28.87 -79.72
C HIS D 647 -35.54 29.52 -80.56
N ALA D 648 -34.56 30.09 -79.85
CA ALA D 648 -33.51 30.86 -80.51
C ALA D 648 -32.55 29.95 -81.26
N GLU D 649 -32.12 28.86 -80.63
CA GLU D 649 -31.17 27.96 -81.27
C GLU D 649 -31.83 27.05 -82.30
N MET D 650 -33.15 26.92 -82.25
CA MET D 650 -33.83 26.02 -83.17
C MET D 650 -33.73 26.54 -84.60
N VAL D 651 -33.93 27.84 -84.78
CA VAL D 651 -33.93 28.41 -86.12
C VAL D 651 -32.54 28.36 -86.74
N ALA D 652 -31.50 28.23 -85.92
CA ALA D 652 -30.16 28.01 -86.43
C ALA D 652 -29.94 26.54 -86.74
N LEU D 653 -30.25 25.66 -85.79
CA LEU D 653 -29.82 24.27 -85.90
C LEU D 653 -30.66 23.50 -86.92
N LEU D 654 -31.99 23.71 -86.92
CA LEU D 654 -32.87 23.00 -87.85
C LEU D 654 -32.41 23.12 -89.30
N LEU D 655 -31.59 24.12 -89.61
CA LEU D 655 -31.07 24.27 -90.97
C LEU D 655 -30.21 23.10 -91.37
N SER D 656 -29.40 22.57 -90.45
CA SER D 656 -28.57 21.42 -90.80
C SER D 656 -29.43 20.23 -91.19
N LYS D 657 -30.53 20.01 -90.48
CA LYS D 657 -31.46 18.96 -90.85
C LYS D 657 -32.16 19.37 -92.14
N GLN D 658 -32.41 18.41 -93.02
CA GLN D 658 -33.11 18.68 -94.27
C GLN D 658 -34.53 18.12 -94.18
N ALA D 659 -35.51 19.02 -94.16
CA ALA D 659 -36.91 18.67 -94.04
C ALA D 659 -37.75 19.70 -94.78
N ASN D 660 -38.98 19.32 -95.12
CA ASN D 660 -39.91 20.25 -95.74
C ASN D 660 -40.10 21.46 -94.85
N GLY D 661 -39.70 22.64 -95.35
CA GLY D 661 -39.67 23.82 -94.50
C GLY D 661 -41.00 24.15 -93.84
N ASN D 662 -42.09 24.03 -94.59
CA ASN D 662 -43.44 24.15 -94.04
C ASN D 662 -44.18 22.86 -94.32
N LEU D 663 -44.62 22.17 -93.27
CA LEU D 663 -45.24 20.86 -93.42
C LEU D 663 -46.62 20.86 -92.80
N GLY D 664 -47.62 20.48 -93.59
CA GLY D 664 -48.98 20.46 -93.11
C GLY D 664 -49.26 19.31 -92.17
N ASN D 665 -50.32 19.45 -91.37
CA ASN D 665 -50.76 18.39 -90.49
C ASN D 665 -52.11 17.91 -91.04
N LYS D 666 -52.90 17.21 -90.22
CA LYS D 666 -54.23 16.86 -90.69
C LYS D 666 -55.06 18.11 -90.92
N SER D 667 -54.92 19.09 -90.01
CA SER D 667 -55.59 20.37 -90.14
C SER D 667 -55.10 21.12 -91.37
N GLY D 668 -53.86 20.84 -91.79
CA GLY D 668 -53.19 21.55 -92.84
C GLY D 668 -52.34 22.68 -92.33
N LEU D 669 -52.19 22.77 -91.00
CA LEU D 669 -51.40 23.79 -90.31
C LEU D 669 -49.92 23.72 -90.66
N THR D 670 -49.43 24.70 -91.31
CA THR D 670 -48.03 24.83 -91.68
C THR D 670 -47.29 25.56 -90.57
N PRO D 671 -45.99 25.28 -90.37
CA PRO D 671 -45.23 25.96 -89.31
C PRO D 671 -45.52 27.45 -89.22
N LEU D 672 -45.58 28.13 -90.37
CA LEU D 672 -45.88 29.57 -90.37
C LEU D 672 -47.17 29.86 -89.63
N HIS D 673 -48.21 29.07 -89.90
CA HIS D 673 -49.51 29.22 -89.23
C HIS D 673 -49.35 29.21 -87.72
N LEU D 674 -48.70 28.17 -87.18
CA LEU D 674 -48.49 28.07 -85.75
C LEU D 674 -47.69 29.27 -85.23
N VAL D 675 -46.62 29.66 -85.93
CA VAL D 675 -45.84 30.80 -85.49
C VAL D 675 -46.75 32.03 -85.38
N ALA D 676 -47.66 32.19 -86.34
CA ALA D 676 -48.58 33.32 -86.28
C ALA D 676 -49.53 33.18 -85.10
N GLN D 677 -49.90 31.95 -84.79
CA GLN D 677 -50.80 31.68 -83.67
C GLN D 677 -50.17 32.14 -82.36
N GLU D 678 -48.91 31.76 -82.14
CA GLU D 678 -48.16 32.19 -80.97
C GLU D 678 -47.52 33.55 -81.16
N GLY D 679 -47.54 34.09 -82.37
CA GLY D 679 -46.94 35.39 -82.66
C GLY D 679 -45.47 35.50 -82.37
N HIS D 680 -44.71 34.45 -82.64
CA HIS D 680 -43.25 34.49 -82.47
C HIS D 680 -42.66 35.12 -83.72
N VAL D 681 -42.19 36.36 -83.60
CA VAL D 681 -41.62 37.09 -84.74
C VAL D 681 -40.34 36.40 -85.19
N PRO D 682 -39.46 36.02 -84.27
CA PRO D 682 -38.20 35.35 -84.65
C PRO D 682 -38.41 34.17 -85.60
N VAL D 683 -39.18 33.18 -85.14
CA VAL D 683 -39.46 32.01 -85.95
C VAL D 683 -40.13 32.39 -87.27
N ALA D 684 -41.12 33.29 -87.22
CA ALA D 684 -41.77 33.70 -88.47
C ALA D 684 -40.75 34.27 -89.46
N ASP D 685 -39.71 34.91 -88.94
CA ASP D 685 -38.69 35.47 -89.81
C ASP D 685 -37.88 34.34 -90.40
N VAL D 686 -37.22 33.57 -89.54
CA VAL D 686 -36.41 32.40 -89.89
C VAL D 686 -37.10 31.60 -90.99
N LEU D 687 -38.40 31.34 -90.79
CA LEU D 687 -39.18 30.56 -91.75
C LEU D 687 -39.35 31.28 -93.08
N ILE D 688 -39.71 32.57 -93.06
CA ILE D 688 -39.88 33.26 -94.33
C ILE D 688 -38.53 33.32 -95.07
N LYS D 689 -37.46 33.63 -94.33
CA LYS D 689 -36.11 33.67 -94.91
C LYS D 689 -35.76 32.34 -95.55
N HIS D 690 -36.08 31.23 -94.88
CA HIS D 690 -35.78 29.91 -95.44
C HIS D 690 -36.57 29.66 -96.72
N GLY D 691 -37.70 30.33 -96.89
CA GLY D 691 -38.50 30.20 -98.10
C GLY D 691 -39.77 29.38 -97.91
N VAL D 692 -40.33 29.42 -96.70
CA VAL D 692 -41.58 28.73 -96.41
C VAL D 692 -42.70 29.48 -97.12
N MET D 693 -43.88 28.87 -97.22
CA MET D 693 -44.99 29.56 -97.86
C MET D 693 -45.58 30.55 -96.86
N VAL D 694 -45.66 31.82 -97.27
CA VAL D 694 -46.19 32.85 -96.38
C VAL D 694 -47.69 32.68 -96.20
N ASP D 695 -48.41 32.48 -97.29
CA ASP D 695 -49.85 32.27 -97.20
C ASP D 695 -50.24 30.80 -97.33
N ALA D 696 -49.58 29.94 -96.56
CA ALA D 696 -49.94 28.53 -96.57
C ALA D 696 -51.34 28.38 -96.01
N THR D 697 -52.15 27.51 -96.61
CA THR D 697 -53.51 27.38 -96.13
C THR D 697 -53.77 26.04 -95.46
N THR D 698 -54.73 26.06 -94.54
CA THR D 698 -55.21 24.91 -93.80
C THR D 698 -56.17 24.09 -94.65
N ARG D 699 -56.74 23.04 -94.07
CA ARG D 699 -57.69 22.23 -94.82
C ARG D 699 -58.96 23.02 -95.07
N MET D 700 -59.33 23.91 -94.13
CA MET D 700 -60.51 24.74 -94.28
C MET D 700 -60.22 25.95 -95.15
N GLY D 701 -58.96 26.37 -95.24
CA GLY D 701 -58.55 27.49 -96.06
C GLY D 701 -58.04 28.69 -95.30
N TYR D 702 -57.52 28.48 -94.10
CA TYR D 702 -56.98 29.58 -93.32
C TYR D 702 -55.48 29.72 -93.58
N THR D 703 -55.03 30.95 -93.71
CA THR D 703 -53.63 31.27 -93.95
C THR D 703 -53.00 31.77 -92.67
N PRO D 704 -51.67 31.95 -92.64
CA PRO D 704 -51.05 32.45 -91.41
C PRO D 704 -51.46 33.87 -91.10
N LEU D 705 -52.07 34.55 -92.07
CA LEU D 705 -52.57 35.90 -91.83
C LEU D 705 -53.89 35.79 -91.08
N HIS D 706 -54.84 35.07 -91.66
CA HIS D 706 -56.11 34.79 -91.01
C HIS D 706 -55.92 34.50 -89.52
N VAL D 707 -55.09 33.48 -89.27
CA VAL D 707 -54.77 33.00 -87.92
C VAL D 707 -54.15 34.11 -87.06
N ALA D 708 -53.17 34.85 -87.62
CA ALA D 708 -52.61 35.96 -86.85
C ALA D 708 -53.64 37.05 -86.55
N SER D 709 -54.55 37.32 -87.50
CA SER D 709 -55.60 38.29 -87.27
C SER D 709 -56.57 37.82 -86.19
N HIS D 710 -56.88 36.52 -86.18
CA HIS D 710 -57.72 35.99 -85.12
C HIS D 710 -57.01 36.12 -83.78
N TYR D 711 -55.69 35.88 -83.78
CA TYR D 711 -54.88 36.10 -82.59
C TYR D 711 -54.90 37.57 -82.21
N GLY D 712 -54.91 38.45 -83.22
CA GLY D 712 -54.90 39.89 -83.02
C GLY D 712 -53.53 40.48 -82.80
N ASN D 713 -52.47 39.74 -83.08
CA ASN D 713 -51.11 40.20 -82.84
C ASN D 713 -50.68 41.07 -84.02
N ILE D 714 -50.55 42.39 -83.78
CA ILE D 714 -50.18 43.30 -84.85
C ILE D 714 -48.79 42.96 -85.37
N LYS D 715 -47.88 42.58 -84.47
CA LYS D 715 -46.55 42.17 -84.88
C LYS D 715 -46.61 40.92 -85.75
N LEU D 716 -47.39 39.93 -85.30
CA LEU D 716 -47.56 38.65 -86.03
C LEU D 716 -48.32 38.90 -87.33
N VAL D 717 -48.84 40.12 -87.51
CA VAL D 717 -49.61 40.49 -88.74
C VAL D 717 -48.72 41.35 -89.64
N LYS D 718 -47.97 42.28 -89.04
CA LYS D 718 -47.08 43.17 -89.78
C LYS D 718 -46.05 42.31 -90.48
N PHE D 719 -45.36 41.45 -89.72
CA PHE D 719 -44.37 40.56 -90.29
C PHE D 719 -44.94 39.84 -91.51
N LEU D 720 -46.15 39.28 -91.36
CA LEU D 720 -46.78 38.57 -92.47
C LEU D 720 -47.08 39.50 -93.63
N LEU D 721 -47.51 40.74 -93.35
CA LEU D 721 -47.71 41.72 -94.41
C LEU D 721 -46.42 41.92 -95.20
N GLN D 722 -45.29 41.99 -94.48
CA GLN D 722 -43.98 42.09 -95.12
C GLN D 722 -43.69 40.84 -95.94
N HIS D 723 -44.09 39.68 -95.43
CA HIS D 723 -43.89 38.40 -96.10
C HIS D 723 -44.75 38.27 -97.34
N GLN D 724 -45.69 39.21 -97.54
CA GLN D 724 -46.59 39.33 -98.69
C GLN D 724 -47.77 38.38 -98.64
N ALA D 725 -48.11 37.85 -97.48
CA ALA D 725 -49.33 37.05 -97.37
C ALA D 725 -50.52 37.96 -97.69
N ASP D 726 -51.41 37.49 -98.55
CA ASP D 726 -52.53 38.31 -98.99
C ASP D 726 -53.35 38.82 -97.80
N VAL D 727 -53.70 40.11 -97.83
CA VAL D 727 -54.52 40.67 -96.77
C VAL D 727 -56.01 40.40 -96.99
N ASN D 728 -56.38 39.86 -98.15
CA ASN D 728 -57.77 39.54 -98.44
C ASN D 728 -57.97 38.05 -98.65
N ALA D 729 -57.08 37.22 -98.11
CA ALA D 729 -57.19 35.78 -98.29
C ALA D 729 -58.50 35.29 -97.67
N LYS D 730 -59.37 34.72 -98.48
CA LYS D 730 -60.63 34.22 -97.98
C LYS D 730 -60.58 32.72 -97.70
N THR D 731 -61.37 32.31 -96.72
CA THR D 731 -61.51 30.92 -96.32
C THR D 731 -62.49 30.23 -97.25
N LYS D 732 -62.64 28.92 -97.08
CA LYS D 732 -63.59 28.20 -97.92
C LYS D 732 -65.02 28.62 -97.64
N LEU D 733 -65.24 29.35 -96.53
CA LEU D 733 -66.55 29.83 -96.12
C LEU D 733 -66.64 31.35 -96.18
N GLY D 734 -65.76 31.98 -96.96
CA GLY D 734 -65.77 33.42 -97.13
C GLY D 734 -65.09 34.24 -96.06
N TYR D 735 -64.64 33.62 -94.97
CA TYR D 735 -64.00 34.40 -93.91
C TYR D 735 -62.59 34.83 -94.31
N SER D 736 -62.29 36.09 -94.10
CA SER D 736 -61.01 36.72 -94.41
C SER D 736 -60.33 37.16 -93.12
N PRO D 737 -59.07 37.56 -93.19
CA PRO D 737 -58.39 38.01 -91.96
C PRO D 737 -59.11 39.16 -91.27
N LEU D 738 -59.98 39.88 -92.00
CA LEU D 738 -60.72 40.96 -91.39
C LEU D 738 -61.86 40.38 -90.56
N HIS D 739 -62.74 39.62 -91.21
CA HIS D 739 -63.84 38.94 -90.53
C HIS D 739 -63.34 38.35 -89.22
N GLN D 740 -62.15 37.75 -89.28
CA GLN D 740 -61.53 37.08 -88.14
C GLN D 740 -61.11 38.08 -87.06
N ALA D 741 -60.44 39.16 -87.45
CA ALA D 741 -60.08 40.19 -86.47
C ALA D 741 -61.31 40.84 -85.85
N ALA D 742 -62.40 40.93 -86.60
CA ALA D 742 -63.65 41.50 -86.08
C ALA D 742 -64.33 40.55 -85.10
N GLN D 743 -64.41 39.27 -85.45
CA GLN D 743 -65.00 38.30 -84.54
C GLN D 743 -64.18 38.18 -83.26
N GLN D 744 -62.85 38.20 -83.40
CA GLN D 744 -61.98 38.18 -82.23
C GLN D 744 -62.16 39.44 -81.39
N GLY D 745 -62.42 40.57 -82.05
CA GLY D 745 -62.53 41.85 -81.40
C GLY D 745 -61.22 42.60 -81.31
N HIS D 746 -60.19 42.15 -82.02
CA HIS D 746 -58.85 42.73 -82.03
C HIS D 746 -58.87 43.91 -82.98
N THR D 747 -59.20 45.09 -82.46
CA THR D 747 -59.25 46.27 -83.32
C THR D 747 -57.87 46.59 -83.88
N ASP D 748 -56.81 46.34 -83.10
CA ASP D 748 -55.45 46.60 -83.56
C ASP D 748 -55.18 45.91 -84.89
N ILE D 749 -55.41 44.60 -84.93
CA ILE D 749 -55.21 43.79 -86.13
C ILE D 749 -56.15 44.22 -87.25
N VAL D 750 -57.41 44.51 -86.93
CA VAL D 750 -58.35 44.90 -87.98
C VAL D 750 -57.92 46.22 -88.62
N THR D 751 -57.47 47.17 -87.80
CA THR D 751 -56.98 48.43 -88.33
C THR D 751 -55.73 48.22 -89.16
N LEU D 752 -54.82 47.35 -88.70
CA LEU D 752 -53.61 47.08 -89.48
C LEU D 752 -53.98 46.47 -90.83
N LEU D 753 -54.98 45.59 -90.85
CA LEU D 753 -55.41 44.98 -92.10
C LEU D 753 -55.99 46.05 -93.02
N LEU D 754 -56.96 46.82 -92.51
CA LEU D 754 -57.64 47.82 -93.33
C LEU D 754 -56.64 48.79 -93.94
N LYS D 755 -55.76 49.33 -93.10
CA LYS D 755 -54.74 50.26 -93.56
C LYS D 755 -53.90 49.65 -94.68
N ASN D 756 -53.60 48.36 -94.59
CA ASN D 756 -52.82 47.66 -95.61
C ASN D 756 -53.68 47.14 -96.76
N GLY D 757 -54.82 47.78 -97.04
CA GLY D 757 -55.66 47.42 -98.16
C GLY D 757 -56.69 46.32 -97.96
N ALA D 758 -56.86 45.79 -96.75
CA ALA D 758 -57.83 44.72 -96.57
C ALA D 758 -59.24 45.24 -96.87
N SER D 759 -59.96 44.52 -97.71
CA SER D 759 -61.31 44.93 -98.06
C SER D 759 -62.27 44.67 -96.90
N PRO D 760 -63.07 45.66 -96.50
CA PRO D 760 -64.02 45.46 -95.39
C PRO D 760 -65.44 45.14 -95.83
N ASN D 761 -65.69 45.00 -97.12
CA ASN D 761 -67.02 44.69 -97.65
C ASN D 761 -67.04 43.33 -98.32
N GLU D 762 -66.57 42.30 -97.62
CA GLU D 762 -66.54 40.94 -98.13
C GLU D 762 -67.52 40.10 -97.33
N VAL D 763 -68.57 39.64 -97.99
CA VAL D 763 -69.59 38.82 -97.34
C VAL D 763 -69.13 37.37 -97.31
N SER D 764 -69.28 36.74 -96.14
CA SER D 764 -68.89 35.36 -95.94
C SER D 764 -70.03 34.43 -96.32
N SER D 765 -69.77 33.12 -96.20
CA SER D 765 -70.76 32.10 -96.54
C SER D 765 -71.99 32.15 -95.66
N ASP D 766 -71.99 32.97 -94.61
CA ASP D 766 -73.12 33.10 -93.71
C ASP D 766 -73.77 34.48 -93.80
N GLY D 767 -73.28 35.33 -94.69
CA GLY D 767 -73.87 36.65 -94.88
C GLY D 767 -73.41 37.72 -93.92
N THR D 768 -72.40 37.47 -93.09
CA THR D 768 -71.96 38.43 -92.10
C THR D 768 -70.60 38.98 -92.53
N THR D 769 -70.50 40.31 -92.58
CA THR D 769 -69.26 41.00 -92.91
C THR D 769 -68.47 41.24 -91.63
N PRO D 770 -67.28 41.86 -91.70
CA PRO D 770 -66.57 42.17 -90.46
C PRO D 770 -67.35 43.12 -89.56
N LEU D 771 -68.14 44.02 -90.15
CA LEU D 771 -68.94 44.92 -89.34
C LEU D 771 -70.04 44.14 -88.64
N ALA D 772 -70.82 43.38 -89.40
CA ALA D 772 -71.89 42.55 -88.85
C ALA D 772 -71.41 41.80 -87.61
N ILE D 773 -70.21 41.20 -87.73
CA ILE D 773 -69.61 40.47 -86.62
C ILE D 773 -69.30 41.41 -85.46
N ALA D 774 -68.41 42.37 -85.68
CA ALA D 774 -68.04 43.34 -84.63
C ALA D 774 -69.27 43.79 -83.86
N LYS D 775 -70.36 44.03 -84.58
CA LYS D 775 -71.62 44.45 -83.97
C LYS D 775 -72.17 43.34 -83.09
N ARG D 776 -72.52 42.19 -83.68
CA ARG D 776 -73.08 41.06 -82.95
C ARG D 776 -72.29 40.70 -81.70
N LEU D 777 -70.98 40.97 -81.69
CA LEU D 777 -70.15 40.68 -80.53
C LEU D 777 -70.07 41.85 -79.55
N GLY D 778 -70.75 42.95 -79.86
CA GLY D 778 -70.77 44.13 -79.02
C GLY D 778 -69.43 44.80 -78.81
N TYR D 779 -68.47 44.55 -79.69
CA TYR D 779 -67.17 45.22 -79.63
C TYR D 779 -67.36 46.59 -80.26
N ILE D 780 -67.31 47.66 -79.47
CA ILE D 780 -67.59 48.98 -80.02
C ILE D 780 -66.35 49.60 -80.65
N SER D 781 -65.22 49.61 -79.93
CA SER D 781 -63.99 50.18 -80.48
C SER D 781 -63.74 49.68 -81.90
N VAL D 782 -64.01 48.39 -82.13
CA VAL D 782 -63.84 47.81 -83.46
C VAL D 782 -64.95 48.28 -84.40
N THR D 783 -66.20 48.11 -83.96
CA THR D 783 -67.37 48.50 -84.75
C THR D 783 -67.31 49.92 -85.28
N ASP D 784 -66.66 50.83 -84.56
CA ASP D 784 -66.57 52.22 -85.02
C ASP D 784 -65.79 52.33 -86.32
N VAL D 785 -64.60 51.74 -86.39
CA VAL D 785 -63.82 51.72 -87.61
C VAL D 785 -64.41 50.77 -88.65
N LEU D 786 -64.64 49.51 -88.27
CA LEU D 786 -65.09 48.50 -89.23
C LEU D 786 -66.45 48.82 -89.85
N LYS D 787 -67.43 49.27 -89.06
CA LYS D 787 -68.76 49.52 -89.62
C LYS D 787 -68.74 50.63 -90.66
N VAL D 788 -67.97 51.68 -90.42
CA VAL D 788 -67.90 52.77 -91.39
C VAL D 788 -67.06 52.35 -92.60
N VAL D 789 -65.94 51.66 -92.36
CA VAL D 789 -65.13 51.19 -93.48
C VAL D 789 -65.91 50.17 -94.31
N THR D 790 -66.65 49.28 -93.66
CA THR D 790 -67.46 48.31 -94.37
C THR D 790 -68.62 48.98 -95.10
N ASP D 791 -68.93 48.47 -96.29
CA ASP D 791 -70.08 48.95 -97.04
C ASP D 791 -71.34 48.30 -96.47
N GLU D 792 -72.49 48.73 -96.98
CA GLU D 792 -73.76 48.23 -96.45
C GLU D 792 -73.79 46.71 -96.56
N THR D 793 -74.33 46.06 -95.52
CA THR D 793 -74.29 44.59 -95.47
C THR D 793 -74.92 43.98 -96.72
N SER D 794 -74.21 43.01 -97.29
CA SER D 794 -74.64 42.39 -98.55
C SER D 794 -76.05 41.78 -98.45
N PHE D 795 -76.52 41.50 -97.24
CA PHE D 795 -77.81 40.84 -97.06
C PHE D 795 -78.40 41.26 -95.72
N VAL D 796 -79.71 41.17 -95.63
CA VAL D 796 -80.43 41.45 -94.39
C VAL D 796 -80.69 40.13 -93.68
N LEU D 797 -80.42 40.10 -92.38
CA LEU D 797 -80.51 38.86 -91.61
C LEU D 797 -81.68 38.91 -90.63
N HIS D 802 -76.13 32.02 -85.50
CA HIS D 802 -74.91 32.82 -85.53
C HIS D 802 -73.68 31.92 -85.56
N ARG D 803 -73.20 31.62 -86.76
CA ARG D 803 -72.03 30.77 -86.94
C ARG D 803 -70.77 31.63 -87.01
N MET D 804 -69.78 31.28 -86.21
CA MET D 804 -68.52 32.01 -86.16
C MET D 804 -67.48 31.32 -87.05
N SER D 805 -66.23 31.76 -86.94
CA SER D 805 -65.15 31.24 -87.77
C SER D 805 -63.90 31.15 -86.91
N PHE D 806 -63.41 29.93 -86.69
CA PHE D 806 -62.20 29.70 -85.92
C PHE D 806 -61.20 28.87 -86.71
N PRO D 807 -59.93 29.23 -86.67
CA PRO D 807 -58.93 28.46 -87.41
C PRO D 807 -58.63 27.14 -86.74
N GLU D 808 -58.30 26.14 -87.56
CA GLU D 808 -57.99 24.80 -87.06
C GLU D 808 -56.78 24.84 -86.13
N THR D 809 -56.70 23.83 -85.26
CA THR D 809 -55.57 23.68 -84.35
C THR D 809 -55.38 22.19 -84.04
N VAL D 810 -54.11 21.80 -83.84
CA VAL D 810 -53.78 20.41 -83.57
C VAL D 810 -54.38 19.98 -82.24
N ASP D 811 -54.89 18.74 -82.20
CA ASP D 811 -55.56 18.24 -81.03
C ASP D 811 -54.55 17.76 -79.98
N GLU D 812 -55.04 17.61 -78.75
CA GLU D 812 -54.23 17.10 -77.65
C GLU D 812 -53.65 15.73 -77.94
N HIS E 55 -26.19 -24.06 -94.52
CA HIS E 55 -27.39 -23.28 -94.32
C HIS E 55 -27.83 -22.67 -95.65
N LYS E 56 -29.14 -22.58 -95.81
CA LYS E 56 -29.69 -21.93 -97.00
C LYS E 56 -29.63 -20.42 -96.83
N VAL E 57 -29.77 -19.71 -97.95
CA VAL E 57 -29.61 -18.26 -97.95
C VAL E 57 -30.82 -17.59 -98.55
N TYR E 58 -30.99 -16.32 -98.17
CA TYR E 58 -32.04 -15.44 -98.67
C TYR E 58 -31.41 -14.08 -98.85
N VAL E 59 -31.35 -13.58 -100.08
CA VAL E 59 -30.55 -12.41 -100.42
C VAL E 59 -31.48 -11.23 -100.65
N GLU E 60 -31.10 -10.07 -100.11
CA GLU E 60 -31.86 -8.85 -100.30
C GLU E 60 -30.95 -7.69 -100.67
N LEU E 61 -31.34 -6.96 -101.72
CA LEU E 61 -30.54 -5.87 -102.26
C LEU E 61 -31.24 -4.53 -102.03
N GLN E 62 -30.48 -3.56 -101.53
CA GLN E 62 -31.01 -2.24 -101.24
C GLN E 62 -30.06 -1.19 -101.78
N GLU E 63 -30.62 -0.04 -102.15
CA GLU E 63 -29.83 1.04 -102.72
C GLU E 63 -30.38 2.39 -102.29
N LEU E 64 -29.56 3.42 -102.48
CA LEU E 64 -29.91 4.75 -101.99
C LEU E 64 -30.91 5.35 -102.96
N VAL E 65 -32.01 5.89 -102.44
CA VAL E 65 -32.96 6.64 -103.23
C VAL E 65 -33.42 7.84 -102.41
N MET E 66 -34.34 8.60 -102.96
CA MET E 66 -34.94 9.72 -102.25
C MET E 66 -36.37 9.90 -102.74
N ASP E 67 -37.28 10.08 -101.80
CA ASP E 67 -38.69 10.28 -102.11
C ASP E 67 -38.96 11.72 -102.52
N GLU E 68 -40.13 11.91 -103.15
CA GLU E 68 -40.46 13.18 -103.79
C GLU E 68 -41.09 14.20 -102.86
N LYS E 69 -41.82 13.77 -101.84
CA LYS E 69 -42.54 14.70 -100.99
C LYS E 69 -41.57 15.53 -100.14
N ASN E 70 -40.50 14.90 -99.68
CA ASN E 70 -39.43 15.57 -98.95
C ASN E 70 -38.10 15.05 -99.46
N GLN E 71 -37.11 15.94 -99.57
CA GLN E 71 -35.82 15.57 -100.14
C GLN E 71 -35.03 14.82 -99.06
N GLU E 72 -35.41 13.57 -98.85
CA GLU E 72 -34.83 12.72 -97.82
C GLU E 72 -34.39 11.41 -98.44
N LEU E 73 -33.09 11.11 -98.32
CA LEU E 73 -32.54 9.86 -98.83
C LEU E 73 -32.94 8.71 -97.92
N ARG E 74 -33.06 7.53 -98.51
CA ARG E 74 -33.32 6.32 -97.73
C ARG E 74 -32.94 5.11 -98.56
N TRP E 75 -32.72 4.00 -97.86
CA TRP E 75 -32.43 2.74 -98.51
C TRP E 75 -33.72 2.08 -98.96
N MET E 76 -33.75 1.63 -100.22
CA MET E 76 -34.90 0.90 -100.74
C MET E 76 -34.47 -0.42 -101.36
N GLU E 77 -35.24 -1.46 -101.07
CA GLU E 77 -34.97 -2.76 -101.66
C GLU E 77 -35.37 -2.75 -103.13
N ALA E 78 -34.74 -3.62 -103.90
CA ALA E 78 -35.02 -3.66 -105.33
C ALA E 78 -35.35 -5.05 -105.84
N ALA E 79 -34.80 -6.09 -105.22
CA ALA E 79 -35.06 -7.44 -105.69
C ALA E 79 -34.69 -8.44 -104.61
N ARG E 80 -35.20 -9.66 -104.79
CA ARG E 80 -34.93 -10.76 -103.86
C ARG E 80 -34.58 -12.00 -104.65
N TRP E 81 -33.91 -12.93 -103.96
CA TRP E 81 -33.31 -14.11 -104.58
C TRP E 81 -33.63 -15.36 -103.77
N VAL E 82 -34.91 -15.57 -103.46
CA VAL E 82 -35.31 -16.81 -102.81
C VAL E 82 -34.95 -18.01 -103.67
N GLN E 83 -35.53 -18.08 -104.86
CA GLN E 83 -35.21 -19.10 -105.85
C GLN E 83 -34.65 -18.48 -107.11
N LEU E 84 -35.31 -17.45 -107.62
CA LEU E 84 -34.91 -16.74 -108.82
C LEU E 84 -34.94 -15.26 -108.51
N GLU E 85 -34.38 -14.46 -109.39
CA GLU E 85 -34.41 -13.02 -109.17
C GLU E 85 -35.82 -12.49 -109.37
N GLU E 86 -36.34 -11.82 -108.34
CA GLU E 86 -37.68 -11.26 -108.40
C GLU E 86 -37.57 -9.78 -108.05
N ASN E 87 -37.89 -8.94 -109.01
CA ASN E 87 -37.65 -7.51 -108.94
C ASN E 87 -38.89 -6.78 -108.48
N LEU E 88 -38.69 -5.54 -108.04
CA LEU E 88 -39.75 -4.70 -107.51
C LEU E 88 -39.96 -3.54 -108.48
N GLY E 89 -41.18 -3.42 -108.99
CA GLY E 89 -41.50 -2.38 -109.93
C GLY E 89 -41.73 -1.04 -109.26
N GLU E 90 -41.94 -0.02 -110.10
CA GLU E 90 -42.18 1.32 -109.60
C GLU E 90 -43.53 1.44 -108.91
N ASN E 91 -44.51 0.62 -109.32
CA ASN E 91 -45.81 0.64 -108.66
C ASN E 91 -45.78 -0.02 -107.30
N GLY E 92 -44.73 -0.77 -106.98
CA GLY E 92 -44.60 -1.41 -105.71
C GLY E 92 -45.03 -2.86 -105.67
N ALA E 93 -45.28 -3.46 -106.84
CA ALA E 93 -45.72 -4.85 -106.91
C ALA E 93 -44.61 -5.72 -107.48
N TRP E 94 -44.43 -6.89 -106.89
CA TRP E 94 -43.41 -7.82 -107.35
C TRP E 94 -43.88 -8.56 -108.59
N GLY E 95 -42.96 -8.84 -109.49
CA GLY E 95 -43.25 -9.52 -110.73
C GLY E 95 -43.01 -11.02 -110.63
N ARG E 96 -42.64 -11.59 -111.77
CA ARG E 96 -42.44 -13.03 -111.92
C ARG E 96 -40.98 -13.38 -111.63
N PRO E 97 -40.74 -14.55 -111.04
CA PRO E 97 -39.36 -15.04 -110.94
C PRO E 97 -38.84 -15.41 -112.30
N HIS E 98 -37.52 -15.29 -112.44
CA HIS E 98 -36.87 -15.55 -113.72
C HIS E 98 -35.38 -15.75 -113.49
N LEU E 99 -34.70 -16.27 -114.52
CA LEU E 99 -33.29 -16.55 -114.40
C LEU E 99 -32.47 -15.27 -114.25
N SER E 100 -31.25 -15.43 -113.74
CA SER E 100 -30.34 -14.34 -113.42
C SER E 100 -29.29 -14.22 -114.52
N HIS E 101 -29.38 -13.15 -115.31
CA HIS E 101 -28.36 -12.82 -116.30
C HIS E 101 -27.67 -11.52 -115.94
N LEU E 102 -26.36 -11.46 -116.15
CA LEU E 102 -25.59 -10.28 -115.76
C LEU E 102 -25.04 -9.56 -116.99
N THR E 103 -24.25 -8.53 -116.74
CA THR E 103 -23.50 -7.84 -117.78
C THR E 103 -22.01 -7.92 -117.51
N PHE E 104 -21.23 -7.83 -118.59
CA PHE E 104 -19.79 -8.07 -118.47
C PHE E 104 -19.10 -6.99 -117.63
N TRP E 105 -19.54 -5.75 -117.74
CA TRP E 105 -18.91 -4.71 -116.93
C TRP E 105 -19.11 -4.97 -115.45
N SER E 106 -20.24 -5.55 -115.10
CA SER E 106 -20.49 -5.85 -113.69
C SER E 106 -19.47 -6.85 -113.18
N LEU E 107 -19.22 -7.91 -113.94
CA LEU E 107 -18.27 -8.92 -113.46
C LEU E 107 -16.85 -8.39 -113.47
N LEU E 108 -16.50 -7.60 -114.48
CA LEU E 108 -15.16 -7.01 -114.50
C LEU E 108 -14.91 -6.12 -113.30
N GLU E 109 -15.83 -5.19 -113.04
CA GLU E 109 -15.62 -4.30 -111.90
C GLU E 109 -15.74 -5.04 -110.59
N LEU E 110 -16.52 -6.12 -110.54
CA LEU E 110 -16.57 -6.89 -109.30
C LEU E 110 -15.27 -7.58 -109.03
N ARG E 111 -14.63 -8.14 -110.06
CA ARG E 111 -13.33 -8.73 -109.83
C ARG E 111 -12.31 -7.67 -109.45
N ARG E 112 -12.34 -6.52 -110.11
CA ARG E 112 -11.35 -5.49 -109.80
C ARG E 112 -11.52 -4.96 -108.39
N VAL E 113 -12.76 -4.73 -107.95
CA VAL E 113 -12.95 -4.14 -106.64
C VAL E 113 -12.85 -5.18 -105.54
N PHE E 114 -13.09 -6.44 -105.84
CA PHE E 114 -12.89 -7.50 -104.86
C PHE E 114 -11.43 -7.89 -104.74
N THR E 115 -10.62 -7.60 -105.76
CA THR E 115 -9.20 -7.88 -105.66
C THR E 115 -8.55 -6.98 -104.62
N LYS E 116 -9.06 -5.76 -104.45
CA LYS E 116 -8.50 -4.81 -103.51
C LYS E 116 -9.52 -4.46 -102.44
N GLY E 117 -10.46 -5.36 -102.18
CA GLY E 117 -11.51 -5.11 -101.22
C GLY E 117 -11.06 -5.31 -99.79
N THR E 118 -11.99 -5.08 -98.87
CA THR E 118 -11.74 -5.18 -97.45
C THR E 118 -12.66 -6.23 -96.86
N VAL E 119 -12.10 -7.17 -96.11
CA VAL E 119 -12.85 -8.27 -95.53
C VAL E 119 -12.81 -8.15 -94.02
N LEU E 120 -13.90 -8.56 -93.38
CA LEU E 120 -14.00 -8.60 -91.92
C LEU E 120 -14.71 -9.89 -91.51
N LEU E 121 -13.94 -10.85 -91.02
CA LEU E 121 -14.44 -12.19 -90.71
C LEU E 121 -14.61 -12.39 -89.21
N ASP E 122 -15.71 -13.04 -88.84
CA ASP E 122 -16.04 -13.34 -87.44
C ASP E 122 -16.17 -12.08 -86.57
N LEU E 123 -16.82 -11.06 -87.10
CA LEU E 123 -17.11 -9.88 -86.30
C LEU E 123 -18.09 -10.21 -85.19
N GLN E 124 -17.88 -9.60 -84.02
CA GLN E 124 -18.67 -9.88 -82.83
C GLN E 124 -19.52 -8.65 -82.58
N GLU E 125 -20.71 -8.62 -83.17
CA GLU E 125 -21.61 -7.49 -83.08
C GLU E 125 -23.03 -7.95 -82.89
N THR E 126 -23.89 -7.02 -82.50
CA THR E 126 -25.32 -7.28 -82.40
C THR E 126 -26.16 -6.16 -82.98
N SER E 127 -25.59 -5.02 -83.32
CA SER E 127 -26.35 -3.91 -83.86
C SER E 127 -25.58 -3.31 -85.03
N LEU E 128 -26.34 -2.66 -85.91
CA LEU E 128 -25.76 -2.18 -87.17
C LEU E 128 -24.77 -1.06 -86.94
N ALA E 129 -24.94 -0.29 -85.86
CA ALA E 129 -24.04 0.83 -85.62
C ALA E 129 -22.62 0.36 -85.34
N GLY E 130 -22.48 -0.73 -84.60
CA GLY E 130 -21.15 -1.26 -84.34
C GLY E 130 -20.49 -1.80 -85.59
N VAL E 131 -21.26 -2.50 -86.42
CA VAL E 131 -20.71 -3.00 -87.68
C VAL E 131 -20.25 -1.84 -88.54
N ALA E 132 -21.06 -0.79 -88.60
CA ALA E 132 -20.68 0.37 -89.40
C ALA E 132 -19.41 1.01 -88.88
N ASN E 133 -19.29 1.15 -87.56
CA ASN E 133 -18.10 1.79 -87.01
C ASN E 133 -16.85 0.97 -87.26
N GLN E 134 -16.94 -0.35 -87.06
CA GLN E 134 -15.76 -1.17 -87.30
C GLN E 134 -15.40 -1.20 -88.78
N LEU E 135 -16.39 -1.23 -89.66
CA LEU E 135 -16.10 -1.21 -91.08
C LEU E 135 -15.44 0.09 -91.49
N LEU E 136 -15.91 1.21 -90.94
CA LEU E 136 -15.30 2.49 -91.27
C LEU E 136 -13.87 2.59 -90.75
N ASP E 137 -13.63 2.04 -89.56
CA ASP E 137 -12.27 2.07 -89.05
C ASP E 137 -11.36 1.19 -89.91
N ARG E 138 -11.87 0.06 -90.37
CA ARG E 138 -11.04 -0.78 -91.22
C ARG E 138 -10.82 -0.15 -92.58
N PHE E 139 -11.78 0.62 -93.07
CA PHE E 139 -11.58 1.38 -94.30
C PHE E 139 -10.48 2.41 -94.10
N ILE E 140 -10.49 3.10 -92.97
CA ILE E 140 -9.48 4.12 -92.74
C ILE E 140 -8.12 3.47 -92.63
N PHE E 141 -8.06 2.25 -92.11
CA PHE E 141 -6.77 1.62 -91.92
C PHE E 141 -6.05 1.32 -93.23
N GLU E 142 -6.79 0.88 -94.26
CA GLU E 142 -6.15 0.51 -95.51
C GLU E 142 -6.09 1.66 -96.51
N ASP E 143 -6.39 2.88 -96.10
CA ASP E 143 -6.38 4.06 -96.99
C ASP E 143 -7.31 3.87 -98.17
N GLN E 144 -8.54 3.45 -97.89
CA GLN E 144 -9.54 3.40 -98.94
C GLN E 144 -10.19 4.76 -99.12
N ILE E 145 -10.54 5.42 -98.02
CA ILE E 145 -11.18 6.72 -98.03
C ILE E 145 -10.39 7.67 -97.15
N ARG E 146 -10.67 8.95 -97.30
CA ARG E 146 -9.98 9.96 -96.52
C ARG E 146 -10.64 10.10 -95.15
N PRO E 147 -9.86 10.44 -94.12
CA PRO E 147 -10.41 10.48 -92.76
C PRO E 147 -11.50 11.51 -92.58
N GLN E 148 -11.50 12.57 -93.38
CA GLN E 148 -12.49 13.62 -93.29
C GLN E 148 -13.83 13.21 -93.89
N ASP E 149 -13.92 12.03 -94.47
CA ASP E 149 -15.18 11.54 -95.01
C ASP E 149 -15.87 10.55 -94.07
N ARG E 150 -15.28 10.26 -92.92
CA ARG E 150 -15.84 9.26 -92.02
C ARG E 150 -17.18 9.70 -91.48
N GLU E 151 -17.31 11.00 -91.19
CA GLU E 151 -18.55 11.51 -90.63
C GLU E 151 -19.70 11.37 -91.62
N GLU E 152 -19.45 11.68 -92.88
CA GLU E 152 -20.51 11.62 -93.87
C GLU E 152 -20.99 10.19 -94.10
N LEU E 153 -20.06 9.25 -94.20
CA LEU E 153 -20.48 7.87 -94.41
C LEU E 153 -21.18 7.30 -93.18
N LEU E 154 -20.73 7.67 -91.97
CA LEU E 154 -21.44 7.17 -90.80
C LEU E 154 -22.83 7.77 -90.68
N ARG E 155 -23.01 9.02 -91.11
CA ARG E 155 -24.35 9.57 -91.16
C ARG E 155 -25.19 8.90 -92.23
N ALA E 156 -24.56 8.49 -93.32
CA ALA E 156 -25.30 7.89 -94.41
C ALA E 156 -25.79 6.49 -94.04
N LEU E 157 -24.93 5.69 -93.44
CA LEU E 157 -25.23 4.28 -93.23
C LEU E 157 -26.21 4.03 -92.09
N LEU E 158 -26.69 5.07 -91.41
CA LEU E 158 -27.55 4.88 -90.25
C LEU E 158 -28.96 5.41 -90.45
N LEU E 159 -29.35 5.69 -91.69
CA LEU E 159 -30.70 6.17 -91.93
C LEU E 159 -31.70 5.03 -91.76
N LYS E 160 -32.98 5.39 -91.76
CA LYS E 160 -34.01 4.39 -91.56
C LYS E 160 -34.21 3.55 -92.82
N HIS E 161 -34.54 2.28 -92.62
CA HIS E 161 -34.72 1.33 -93.72
C HIS E 161 -36.20 0.96 -93.82
N SER E 162 -36.86 1.47 -94.85
CA SER E 162 -38.27 1.23 -95.04
C SER E 162 -38.50 -0.17 -95.60
N HIS E 163 -39.75 -0.48 -95.91
CA HIS E 163 -40.11 -1.79 -96.43
C HIS E 163 -41.17 -1.60 -97.51
N ALA E 164 -41.70 -2.72 -98.01
CA ALA E 164 -42.61 -2.68 -99.16
C ALA E 164 -43.96 -2.06 -98.82
N GLY E 165 -44.36 -2.07 -97.55
CA GLY E 165 -45.67 -1.55 -97.19
C GLY E 165 -45.76 -0.03 -97.25
N GLU E 166 -44.64 0.67 -97.04
CA GLU E 166 -44.65 2.12 -96.93
C GLU E 166 -44.55 2.85 -98.26
N LEU E 167 -44.29 2.15 -99.36
CA LEU E 167 -44.02 2.83 -100.63
C LEU E 167 -45.22 3.64 -101.10
N GLU E 168 -46.42 3.06 -101.01
CA GLU E 168 -47.60 3.81 -101.41
C GLU E 168 -47.88 4.97 -100.45
N ALA E 169 -47.39 4.89 -99.21
CA ALA E 169 -47.45 6.04 -98.33
C ALA E 169 -46.43 7.11 -98.72
N LEU E 170 -45.33 6.71 -99.37
CA LEU E 170 -44.29 7.66 -99.73
C LEU E 170 -44.60 8.42 -101.00
N GLY E 171 -45.40 7.84 -101.90
CA GLY E 171 -45.74 8.52 -103.14
C GLY E 171 -44.69 8.41 -104.23
N GLY E 172 -43.76 7.49 -104.09
CA GLY E 172 -42.71 7.33 -105.09
C GLY E 172 -41.36 7.82 -104.57
N VAL E 173 -40.30 7.18 -105.07
CA VAL E 173 -38.90 7.53 -104.66
C VAL E 173 -38.04 7.68 -105.92
N LYS E 174 -36.96 8.46 -105.83
CA LYS E 174 -36.05 8.68 -106.98
C LYS E 174 -34.59 8.56 -106.50
N PRO E 175 -33.63 8.18 -107.39
CA PRO E 175 -32.22 8.06 -107.00
C PRO E 175 -31.69 9.33 -106.34
N ALA E 176 -30.92 9.19 -105.26
CA ALA E 176 -30.36 10.35 -104.54
C ALA E 176 -28.90 10.08 -104.16
N VAL E 177 -27.96 10.79 -104.79
CA VAL E 177 -26.54 10.64 -104.52
C VAL E 177 -26.18 11.62 -103.43
N LEU E 178 -25.27 11.22 -102.53
CA LEU E 178 -24.95 12.04 -101.39
C LEU E 178 -24.02 13.19 -101.79
N THR E 179 -23.94 14.19 -100.91
CA THR E 179 -23.08 15.35 -101.09
C THR E 179 -22.38 15.64 -99.78
N ARG E 180 -21.26 16.38 -99.87
CA ARG E 180 -20.49 16.70 -98.67
C ARG E 180 -21.30 17.48 -97.65
N SER E 181 -22.09 18.45 -98.10
CA SER E 181 -22.93 19.20 -97.17
C SER E 181 -24.12 18.39 -96.66
N GLY E 182 -24.43 17.25 -97.28
CA GLY E 182 -25.56 16.44 -96.89
C GLY E 182 -26.87 16.78 -97.56
N ASP E 183 -26.88 17.75 -98.47
CA ASP E 183 -28.13 18.09 -99.15
C ASP E 183 -28.34 17.17 -100.35
N PRO E 184 -29.55 16.68 -100.56
CA PRO E 184 -29.79 15.80 -101.71
C PRO E 184 -29.89 16.61 -103.00
N SER E 185 -29.47 15.96 -104.09
CA SER E 185 -29.56 16.56 -105.42
C SER E 185 -29.73 15.43 -106.44
N GLN E 186 -30.02 15.83 -107.67
CA GLN E 186 -30.14 14.84 -108.74
C GLN E 186 -28.76 14.51 -109.31
N PRO E 187 -28.47 13.23 -109.53
CA PRO E 187 -27.15 12.85 -110.03
C PRO E 187 -26.92 13.22 -111.48
N LEU E 188 -25.66 13.53 -111.79
CA LEU E 188 -25.24 13.92 -113.14
C LEU E 188 -24.92 12.66 -113.95
N LEU E 189 -25.97 11.94 -114.29
CA LEU E 189 -25.85 10.69 -115.03
C LEU E 189 -27.19 10.41 -115.69
N PRO E 190 -27.21 9.68 -116.81
CA PRO E 190 -28.49 9.35 -117.43
C PRO E 190 -29.34 8.48 -116.52
N GLN E 191 -30.59 8.88 -116.34
CA GLN E 191 -31.51 8.25 -115.40
C GLN E 191 -32.44 7.29 -116.13
N HIS E 192 -31.92 6.60 -117.13
CA HIS E 192 -32.66 5.54 -117.81
C HIS E 192 -32.92 4.37 -116.88
N SER E 193 -34.13 3.83 -116.92
CA SER E 193 -34.49 2.75 -116.04
C SER E 193 -33.84 1.43 -116.47
N SER E 194 -33.86 0.46 -115.56
CA SER E 194 -33.27 -0.84 -115.83
C SER E 194 -34.07 -1.61 -116.87
N LEU E 195 -33.38 -2.49 -117.60
CA LEU E 195 -34.06 -3.29 -118.61
C LEU E 195 -34.94 -4.35 -117.96
N GLU E 196 -34.53 -4.87 -116.80
CA GLU E 196 -35.33 -5.89 -116.12
C GLU E 196 -36.63 -5.31 -115.62
N THR E 197 -36.62 -4.04 -115.18
CA THR E 197 -37.86 -3.38 -114.80
C THR E 197 -38.76 -3.15 -116.01
N GLN E 198 -38.17 -2.89 -117.18
CA GLN E 198 -38.96 -2.68 -118.37
C GLN E 198 -39.56 -3.98 -118.89
N LEU E 199 -38.93 -5.12 -118.58
CA LEU E 199 -39.34 -6.38 -119.17
C LEU E 199 -40.08 -7.32 -118.21
N PHE E 200 -40.02 -7.08 -116.90
CA PHE E 200 -40.60 -8.03 -115.95
C PHE E 200 -41.71 -7.45 -115.09
N CYS E 201 -42.09 -6.19 -115.28
CA CYS E 201 -43.18 -5.61 -114.51
C CYS E 201 -44.38 -5.19 -115.36
N GLU E 202 -44.15 -4.39 -116.40
CA GLU E 202 -45.25 -3.89 -117.21
C GLU E 202 -45.79 -4.98 -118.17
N HIS E 211 -51.30 -12.10 -99.46
CA HIS E 211 -50.98 -13.52 -99.55
C HIS E 211 -49.55 -13.76 -100.02
N SER E 212 -48.95 -12.74 -100.61
CA SER E 212 -47.57 -12.84 -101.06
C SER E 212 -46.60 -13.00 -99.90
N PRO E 213 -46.80 -12.34 -98.75
CA PRO E 213 -45.91 -12.64 -97.61
C PRO E 213 -46.04 -14.07 -97.13
N SER E 214 -47.26 -14.59 -97.01
CA SER E 214 -47.42 -15.99 -96.62
C SER E 214 -46.93 -16.95 -97.70
N GLY E 215 -47.04 -16.55 -98.97
CA GLY E 215 -46.53 -17.39 -100.03
C GLY E 215 -45.01 -17.51 -99.99
N ILE E 216 -44.32 -16.39 -99.82
CA ILE E 216 -42.87 -16.46 -99.68
C ILE E 216 -42.49 -17.13 -98.38
N LEU E 217 -43.29 -16.97 -97.33
CA LEU E 217 -43.01 -17.63 -96.05
C LEU E 217 -43.07 -19.14 -96.19
N GLU E 218 -44.03 -19.64 -96.97
CA GLU E 218 -44.03 -21.05 -97.30
C GLU E 218 -42.85 -21.39 -98.20
N LYS E 219 -42.44 -20.46 -99.07
CA LYS E 219 -41.26 -20.70 -99.88
C LYS E 219 -39.96 -20.55 -99.10
N ILE E 220 -39.98 -19.86 -97.96
CA ILE E 220 -38.76 -19.70 -97.16
C ILE E 220 -38.36 -21.06 -96.58
N PRO E 221 -37.10 -21.49 -96.75
CA PRO E 221 -36.69 -22.71 -96.09
C PRO E 221 -36.59 -22.50 -94.59
N PRO E 222 -36.92 -23.53 -93.79
CA PRO E 222 -37.09 -23.30 -92.35
C PRO E 222 -35.80 -22.91 -91.64
N ASP E 223 -34.66 -23.36 -92.13
CA ASP E 223 -33.35 -22.97 -91.58
C ASP E 223 -32.60 -22.23 -92.67
N SER E 224 -32.46 -20.92 -92.50
CA SER E 224 -31.83 -20.08 -93.51
C SER E 224 -31.26 -18.85 -92.82
N GLU E 225 -30.18 -18.33 -93.38
CA GLU E 225 -29.51 -17.15 -92.82
C GLU E 225 -29.41 -16.10 -93.91
N ALA E 226 -29.96 -14.92 -93.66
CA ALA E 226 -30.12 -13.95 -94.72
C ALA E 226 -28.80 -13.25 -95.03
N THR E 227 -28.77 -12.60 -96.17
CA THR E 227 -27.61 -11.84 -96.64
C THR E 227 -28.07 -10.53 -97.26
N LEU E 228 -27.63 -9.43 -96.67
CA LEU E 228 -28.02 -8.09 -97.09
C LEU E 228 -26.89 -7.44 -97.87
N VAL E 229 -27.21 -6.89 -99.03
CA VAL E 229 -26.27 -6.13 -99.84
C VAL E 229 -26.79 -4.71 -99.97
N LEU E 230 -25.93 -3.74 -99.68
CA LEU E 230 -26.26 -2.32 -99.77
C LEU E 230 -25.33 -1.64 -100.76
N VAL E 231 -25.90 -1.02 -101.79
CA VAL E 231 -25.10 -0.37 -102.81
C VAL E 231 -25.64 1.03 -103.05
N GLY E 232 -24.83 1.86 -103.70
CA GLY E 232 -25.25 3.20 -104.03
C GLY E 232 -24.15 3.99 -104.68
N ARG E 233 -24.35 5.30 -104.77
CA ARG E 233 -23.36 6.24 -105.27
C ARG E 233 -23.24 7.44 -104.34
N ALA E 234 -22.00 7.84 -104.07
CA ALA E 234 -21.73 9.02 -103.26
C ALA E 234 -20.67 9.86 -103.97
N ASP E 235 -20.92 11.17 -104.06
CA ASP E 235 -20.10 12.04 -104.90
C ASP E 235 -18.76 12.38 -104.28
N PHE E 236 -18.70 12.56 -102.96
CA PHE E 236 -17.53 13.15 -102.33
C PHE E 236 -16.38 12.18 -102.17
N LEU E 237 -16.61 10.89 -102.39
CA LEU E 237 -15.53 9.94 -102.37
C LEU E 237 -14.75 9.99 -103.67
N GLU E 238 -13.67 9.22 -103.76
CA GLU E 238 -12.78 9.27 -104.91
C GLU E 238 -12.66 7.95 -105.65
N GLN E 239 -13.13 6.85 -105.08
CA GLN E 239 -12.98 5.55 -105.73
C GLN E 239 -14.02 4.61 -105.15
N PRO E 240 -14.41 3.59 -105.89
CA PRO E 240 -15.27 2.56 -105.30
C PRO E 240 -14.51 1.76 -104.24
N VAL E 241 -15.24 1.38 -103.20
CA VAL E 241 -14.70 0.60 -102.08
C VAL E 241 -15.65 -0.52 -101.74
N LEU E 242 -15.07 -1.65 -101.34
CA LEU E 242 -15.77 -2.90 -101.07
C LEU E 242 -15.58 -3.31 -99.61
N GLY E 243 -16.63 -3.87 -99.04
CA GLY E 243 -16.59 -4.42 -97.70
C GLY E 243 -17.37 -5.71 -97.61
N PHE E 244 -16.71 -6.79 -97.22
CA PHE E 244 -17.35 -8.09 -97.06
C PHE E 244 -17.22 -8.49 -95.59
N VAL E 245 -18.33 -8.52 -94.86
CA VAL E 245 -18.31 -8.74 -93.42
C VAL E 245 -19.15 -9.96 -93.12
N ARG E 246 -18.63 -10.86 -92.30
CA ARG E 246 -19.33 -12.06 -91.87
C ARG E 246 -19.39 -12.10 -90.36
N LEU E 247 -20.58 -12.05 -89.80
CA LEU E 247 -20.68 -12.05 -88.36
C LEU E 247 -20.34 -13.42 -87.78
N GLN E 248 -19.97 -13.42 -86.50
CA GLN E 248 -19.53 -14.64 -85.84
C GLN E 248 -20.70 -15.59 -85.62
N GLU E 249 -21.79 -15.08 -85.03
CA GLU E 249 -23.03 -15.84 -84.97
C GLU E 249 -24.16 -14.96 -85.50
N ALA E 250 -25.25 -15.63 -85.89
CA ALA E 250 -26.36 -14.91 -86.48
C ALA E 250 -27.00 -14.00 -85.45
N ALA E 251 -27.19 -12.75 -85.82
CA ALA E 251 -27.74 -11.75 -84.91
C ALA E 251 -28.92 -11.07 -85.57
N GLU E 252 -29.91 -10.69 -84.76
CA GLU E 252 -31.11 -10.04 -85.26
C GLU E 252 -30.92 -8.54 -85.20
N LEU E 253 -30.59 -7.94 -86.34
CA LEU E 253 -30.45 -6.49 -86.38
C LEU E 253 -31.81 -5.83 -86.27
N GLU E 254 -31.93 -4.89 -85.33
CA GLU E 254 -33.19 -4.22 -85.07
C GLU E 254 -33.49 -3.13 -86.09
N ALA E 255 -32.47 -2.58 -86.73
CA ALA E 255 -32.68 -1.47 -87.65
C ALA E 255 -33.39 -1.93 -88.92
N VAL E 256 -32.98 -3.08 -89.46
CA VAL E 256 -33.54 -3.64 -90.69
C VAL E 256 -34.37 -4.85 -90.33
N GLU E 257 -35.61 -4.88 -90.80
CA GLU E 257 -36.53 -5.97 -90.53
C GLU E 257 -36.44 -6.99 -91.65
N LEU E 258 -35.73 -8.08 -91.39
CA LEU E 258 -35.60 -9.20 -92.30
C LEU E 258 -36.17 -10.45 -91.63
N PRO E 259 -36.87 -11.30 -92.38
CA PRO E 259 -37.61 -12.38 -91.73
C PRO E 259 -36.71 -13.39 -91.04
N VAL E 260 -35.50 -13.57 -91.52
CA VAL E 260 -34.52 -14.43 -90.86
C VAL E 260 -33.32 -13.56 -90.48
N PRO E 261 -32.50 -14.01 -89.54
CA PRO E 261 -31.37 -13.19 -89.10
C PRO E 261 -30.34 -13.02 -90.20
N ILE E 262 -29.47 -12.05 -89.98
CA ILE E 262 -28.43 -11.66 -90.94
C ILE E 262 -27.14 -12.39 -90.60
N ARG E 263 -26.46 -12.90 -91.62
CA ARG E 263 -25.17 -13.54 -91.37
C ARG E 263 -24.03 -12.84 -92.09
N PHE E 264 -24.25 -12.38 -93.33
CA PHE E 264 -23.24 -11.73 -94.13
C PHE E 264 -23.66 -10.29 -94.37
N LEU E 265 -22.74 -9.51 -94.93
CA LEU E 265 -23.05 -8.12 -95.21
C LEU E 265 -22.09 -7.62 -96.28
N PHE E 266 -22.64 -7.11 -97.38
CA PHE E 266 -21.85 -6.54 -98.46
C PHE E 266 -22.09 -5.04 -98.53
N VAL E 267 -21.01 -4.27 -98.66
CA VAL E 267 -21.13 -2.85 -98.84
C VAL E 267 -20.23 -2.46 -100.01
N LEU E 268 -20.82 -1.87 -101.04
CA LEU E 268 -20.06 -1.41 -102.20
C LEU E 268 -20.47 0.03 -102.43
N LEU E 269 -19.55 0.97 -102.22
CA LEU E 269 -19.92 2.37 -102.36
C LEU E 269 -18.81 3.15 -103.05
N GLY E 270 -19.21 4.23 -103.74
CA GLY E 270 -18.25 5.04 -104.45
C GLY E 270 -18.86 6.09 -105.33
N PRO E 271 -18.02 6.77 -106.11
CA PRO E 271 -18.49 7.86 -106.97
C PRO E 271 -18.96 7.41 -108.35
N GLU E 272 -19.32 8.37 -109.18
CA GLU E 272 -19.79 8.11 -110.53
C GLU E 272 -18.61 7.94 -111.48
N ALA E 273 -18.47 6.76 -112.07
CA ALA E 273 -17.30 6.32 -112.80
C ALA E 273 -17.72 5.69 -114.12
N PRO E 274 -16.84 5.72 -115.13
CA PRO E 274 -17.17 5.07 -116.39
C PRO E 274 -17.13 3.55 -116.27
N HIS E 275 -17.99 2.91 -117.07
CA HIS E 275 -18.13 1.45 -117.07
C HIS E 275 -18.53 0.92 -115.69
N ILE E 276 -19.39 1.66 -114.99
CA ILE E 276 -19.83 1.24 -113.67
C ILE E 276 -21.31 1.54 -113.52
N ASP E 277 -22.10 0.51 -113.23
CA ASP E 277 -23.49 0.66 -112.83
C ASP E 277 -23.66 -0.07 -111.51
N TYR E 278 -24.05 0.67 -110.48
CA TYR E 278 -24.06 0.09 -109.15
C TYR E 278 -25.17 -0.93 -108.97
N THR E 279 -26.30 -0.74 -109.64
CA THR E 279 -27.38 -1.71 -109.51
C THR E 279 -27.01 -3.06 -110.11
N GLN E 280 -26.40 -3.06 -111.29
CA GLN E 280 -25.99 -4.33 -111.86
C GLN E 280 -24.84 -4.96 -111.09
N LEU E 281 -23.99 -4.13 -110.48
CA LEU E 281 -22.92 -4.69 -109.66
C LEU E 281 -23.50 -5.38 -108.44
N GLY E 282 -24.51 -4.77 -107.83
CA GLY E 282 -25.19 -5.41 -106.72
C GLY E 282 -25.89 -6.67 -107.15
N ARG E 283 -26.49 -6.65 -108.34
CA ARG E 283 -27.13 -7.86 -108.84
C ARG E 283 -26.11 -8.97 -109.03
N ALA E 284 -24.91 -8.62 -109.48
CA ALA E 284 -23.86 -9.62 -109.62
C ALA E 284 -23.45 -10.16 -108.26
N ALA E 285 -23.39 -9.28 -107.27
CA ALA E 285 -23.06 -9.74 -105.93
C ALA E 285 -24.12 -10.69 -105.40
N ALA E 286 -25.39 -10.38 -105.67
CA ALA E 286 -26.46 -11.26 -105.22
C ALA E 286 -26.40 -12.61 -105.92
N THR E 287 -26.08 -12.61 -107.21
CA THR E 287 -25.95 -13.89 -107.92
C THR E 287 -24.75 -14.67 -107.40
N LEU E 288 -23.72 -13.97 -106.93
CA LEU E 288 -22.63 -14.66 -106.24
C LEU E 288 -23.15 -15.32 -104.97
N MET E 289 -23.86 -14.56 -104.16
CA MET E 289 -24.27 -15.07 -102.87
C MET E 289 -25.31 -16.17 -102.98
N SER E 290 -26.02 -16.26 -104.10
CA SER E 290 -27.02 -17.30 -104.25
C SER E 290 -26.45 -18.65 -104.64
N GLU E 291 -25.15 -18.75 -104.88
CA GLU E 291 -24.58 -20.02 -105.32
C GLU E 291 -24.18 -20.90 -104.14
N ARG E 292 -24.20 -22.21 -104.37
CA ARG E 292 -23.93 -23.16 -103.30
C ARG E 292 -22.46 -23.17 -102.93
N VAL E 293 -21.59 -23.44 -103.91
CA VAL E 293 -20.18 -23.68 -103.62
C VAL E 293 -19.50 -22.40 -103.14
N PHE E 294 -19.90 -21.25 -103.69
CA PHE E 294 -19.29 -20.00 -103.27
C PHE E 294 -19.66 -19.66 -101.84
N ARG E 295 -20.90 -19.95 -101.44
CA ARG E 295 -21.27 -19.66 -100.07
C ARG E 295 -20.70 -20.70 -99.12
N ILE E 296 -20.44 -21.91 -99.61
CA ILE E 296 -19.74 -22.89 -98.79
C ILE E 296 -18.32 -22.44 -98.54
N ASP E 297 -17.65 -21.94 -99.57
CA ASP E 297 -16.31 -21.40 -99.37
C ASP E 297 -16.34 -20.15 -98.49
N ALA E 298 -17.43 -19.38 -98.54
CA ALA E 298 -17.53 -18.23 -97.65
C ALA E 298 -17.69 -18.65 -96.20
N TYR E 299 -18.39 -19.75 -95.96
CA TYR E 299 -18.42 -20.29 -94.60
C TYR E 299 -17.06 -20.85 -94.20
N MET E 300 -16.35 -21.46 -95.13
CA MET E 300 -15.03 -22.00 -94.82
C MET E 300 -13.93 -20.97 -95.02
N ALA E 301 -14.27 -19.73 -95.32
CA ALA E 301 -13.25 -18.74 -95.59
C ALA E 301 -12.55 -18.32 -94.31
N GLN E 302 -11.26 -18.01 -94.44
CA GLN E 302 -10.53 -17.46 -93.31
C GLN E 302 -9.64 -16.30 -93.71
N SER E 303 -9.47 -16.04 -95.00
CA SER E 303 -8.68 -14.92 -95.50
C SER E 303 -9.24 -14.52 -96.86
N ARG E 304 -8.69 -13.44 -97.41
CA ARG E 304 -9.16 -12.95 -98.70
C ARG E 304 -8.72 -13.84 -99.85
N GLY E 305 -7.65 -14.59 -99.66
CA GLY E 305 -7.15 -15.44 -100.73
C GLY E 305 -8.11 -16.55 -101.11
N GLU E 306 -8.77 -17.13 -100.11
CA GLU E 306 -9.73 -18.19 -100.39
C GLU E 306 -10.91 -17.65 -101.17
N LEU E 307 -11.38 -16.46 -100.82
CA LEU E 307 -12.48 -15.86 -101.57
C LEU E 307 -12.09 -15.54 -102.99
N LEU E 308 -10.89 -14.99 -103.19
CA LEU E 308 -10.47 -14.70 -104.56
C LEU E 308 -10.33 -15.98 -105.37
N HIS E 309 -9.82 -17.04 -104.75
CA HIS E 309 -9.70 -18.31 -105.45
C HIS E 309 -11.07 -18.89 -105.80
N SER E 310 -12.04 -18.75 -104.89
CA SER E 310 -13.37 -19.25 -105.19
C SER E 310 -14.06 -18.43 -106.26
N LEU E 311 -13.80 -17.12 -106.30
CA LEU E 311 -14.36 -16.30 -107.38
C LEU E 311 -13.74 -16.66 -108.71
N GLU E 312 -12.43 -16.93 -108.73
CA GLU E 312 -11.82 -17.40 -109.96
C GLU E 312 -12.44 -18.71 -110.43
N GLY E 313 -12.65 -19.65 -109.50
CA GLY E 313 -13.30 -20.89 -109.86
C GLY E 313 -14.73 -20.72 -110.32
N PHE E 314 -15.46 -19.77 -109.75
CA PHE E 314 -16.81 -19.49 -110.22
C PHE E 314 -16.82 -18.87 -111.62
N LEU E 315 -15.94 -17.92 -111.88
CA LEU E 315 -15.95 -17.29 -113.19
C LEU E 315 -15.40 -18.19 -114.26
N ASP E 316 -14.63 -19.21 -113.87
CA ASP E 316 -14.08 -20.15 -114.84
C ASP E 316 -15.15 -21.02 -115.46
N CYS E 317 -16.36 -21.01 -114.93
CA CYS E 317 -17.40 -21.94 -115.36
C CYS E 317 -18.64 -21.17 -115.76
N SER E 318 -18.45 -20.12 -116.54
CA SER E 318 -19.54 -19.36 -117.13
C SER E 318 -19.40 -19.38 -118.64
N LEU E 319 -20.49 -19.08 -119.33
CA LEU E 319 -20.50 -18.99 -120.78
C LEU E 319 -21.08 -17.65 -121.22
N VAL E 320 -20.39 -16.98 -122.12
CA VAL E 320 -20.80 -15.66 -122.60
C VAL E 320 -21.43 -15.80 -123.98
N LEU E 321 -22.46 -15.00 -124.23
CA LEU E 321 -23.21 -15.08 -125.49
C LEU E 321 -22.98 -13.84 -126.31
N PRO E 322 -22.42 -13.95 -127.51
CA PRO E 322 -22.25 -12.78 -128.37
C PRO E 322 -23.55 -12.41 -129.04
N PRO E 323 -23.64 -11.21 -129.61
CA PRO E 323 -24.84 -10.84 -130.36
C PRO E 323 -25.01 -11.62 -131.66
N THR E 324 -26.05 -12.45 -131.74
CA THR E 324 -26.29 -13.30 -132.90
C THR E 324 -27.68 -13.02 -133.45
N ASP E 325 -27.81 -13.08 -134.78
CA ASP E 325 -29.09 -12.86 -135.45
C ASP E 325 -29.92 -14.14 -135.58
N ALA E 326 -29.54 -15.21 -134.90
CA ALA E 326 -30.28 -16.46 -135.00
C ALA E 326 -31.66 -16.33 -134.35
N PRO E 327 -32.58 -17.22 -134.69
CA PRO E 327 -33.83 -17.32 -133.93
C PRO E 327 -33.52 -17.59 -132.47
N SER E 328 -34.16 -16.82 -131.59
CA SER E 328 -33.73 -16.75 -130.20
C SER E 328 -34.02 -18.04 -129.44
N GLU E 329 -35.17 -18.68 -129.71
CA GLU E 329 -35.45 -19.94 -129.03
C GLU E 329 -34.48 -21.04 -129.44
N GLN E 330 -34.12 -21.11 -130.73
CA GLN E 330 -33.18 -22.14 -131.16
C GLN E 330 -31.78 -21.84 -130.64
N ALA E 331 -31.40 -20.56 -130.60
CA ALA E 331 -30.12 -20.18 -130.04
C ALA E 331 -30.05 -20.53 -128.56
N LEU E 332 -31.11 -20.24 -127.82
CA LEU E 332 -31.13 -20.54 -126.40
C LEU E 332 -31.19 -22.04 -126.12
N LEU E 333 -31.81 -22.82 -127.00
CA LEU E 333 -31.90 -24.25 -126.77
C LEU E 333 -30.64 -24.99 -127.18
N SER E 334 -29.78 -24.36 -128.00
CA SER E 334 -28.54 -25.02 -128.36
C SER E 334 -27.53 -25.07 -127.21
N LEU E 335 -27.68 -24.21 -126.21
CA LEU E 335 -26.71 -24.12 -125.12
C LEU E 335 -26.81 -25.24 -124.10
N VAL E 336 -27.91 -25.97 -124.06
CA VAL E 336 -28.24 -26.75 -122.87
C VAL E 336 -27.18 -27.81 -122.54
N PRO E 337 -26.75 -28.67 -123.47
CA PRO E 337 -25.74 -29.67 -123.09
C PRO E 337 -24.38 -29.05 -122.81
N VAL E 338 -24.06 -27.91 -123.42
CA VAL E 338 -22.82 -27.21 -123.08
C VAL E 338 -22.86 -26.78 -121.61
N GLN E 339 -23.98 -26.21 -121.19
CA GLN E 339 -24.13 -25.80 -119.80
C GLN E 339 -24.13 -27.00 -118.86
N ARG E 340 -24.73 -28.11 -119.29
CA ARG E 340 -24.72 -29.31 -118.46
C ARG E 340 -23.30 -29.83 -118.26
N GLU E 341 -22.49 -29.84 -119.33
CA GLU E 341 -21.12 -30.30 -119.19
C GLU E 341 -20.31 -29.34 -118.33
N LEU E 342 -20.54 -28.04 -118.47
CA LEU E 342 -19.84 -27.07 -117.64
C LEU E 342 -20.20 -27.24 -116.17
N LEU E 343 -21.49 -27.50 -115.88
CA LEU E 343 -21.90 -27.63 -114.50
C LEU E 343 -21.42 -28.95 -113.92
N ARG E 344 -21.24 -29.97 -114.76
CA ARG E 344 -20.59 -31.19 -114.29
C ARG E 344 -19.12 -30.95 -113.99
N ARG E 345 -18.47 -30.12 -114.82
CA ARG E 345 -17.06 -29.83 -114.60
C ARG E 345 -16.83 -28.97 -113.37
N ARG E 346 -17.76 -28.06 -113.06
CA ARG E 346 -17.54 -27.12 -111.96
C ARG E 346 -17.55 -27.83 -110.62
N HIS F 55 -21.26 -8.94 -147.29
CA HIS F 55 -22.38 -9.37 -146.46
C HIS F 55 -22.08 -10.62 -145.66
N LYS F 56 -21.39 -11.57 -146.29
CA LYS F 56 -21.03 -12.83 -145.66
C LYS F 56 -19.59 -13.17 -146.00
N VAL F 57 -18.78 -13.43 -144.98
CA VAL F 57 -17.34 -13.54 -145.13
C VAL F 57 -16.88 -14.89 -144.59
N TYR F 58 -15.64 -15.24 -144.94
CA TYR F 58 -15.03 -16.51 -144.59
C TYR F 58 -13.85 -16.24 -143.67
N VAL F 59 -13.84 -16.91 -142.52
CA VAL F 59 -12.81 -16.70 -141.51
C VAL F 59 -12.11 -18.02 -141.20
N GLU F 60 -10.79 -17.98 -141.22
CA GLU F 60 -9.95 -19.14 -140.96
C GLU F 60 -9.04 -18.89 -139.77
N LEU F 61 -8.78 -19.96 -139.01
CA LEU F 61 -7.96 -19.90 -137.82
C LEU F 61 -6.98 -21.06 -137.87
N GLN F 62 -5.69 -20.74 -137.80
CA GLN F 62 -4.66 -21.75 -137.75
C GLN F 62 -3.72 -21.53 -136.57
N GLU F 63 -3.31 -22.64 -135.96
CA GLU F 63 -2.34 -22.63 -134.87
C GLU F 63 -1.05 -23.34 -135.27
N LEU F 64 -0.01 -23.13 -134.47
CA LEU F 64 1.32 -23.69 -134.73
C LEU F 64 1.56 -24.88 -133.80
N VAL F 65 1.45 -26.09 -134.34
CA VAL F 65 1.52 -27.30 -133.53
C VAL F 65 2.49 -28.28 -134.18
N MET F 66 2.60 -29.47 -133.60
CA MET F 66 3.52 -30.49 -134.10
C MET F 66 2.79 -31.76 -134.51
N ASP F 67 3.42 -32.49 -135.43
CA ASP F 67 2.89 -33.69 -136.06
C ASP F 67 3.37 -34.95 -135.34
N GLU F 68 2.51 -35.97 -135.35
CA GLU F 68 2.88 -37.26 -134.78
C GLU F 68 3.84 -38.02 -135.68
N LYS F 69 3.96 -37.63 -136.95
CA LYS F 69 4.88 -38.30 -137.86
C LYS F 69 6.32 -38.11 -137.40
N ASN F 70 6.77 -36.87 -137.36
CA ASN F 70 8.14 -36.54 -136.97
C ASN F 70 8.09 -35.28 -136.13
N GLN F 71 9.07 -35.15 -135.23
CA GLN F 71 9.12 -33.98 -134.36
C GLN F 71 9.51 -32.74 -135.16
N GLU F 72 8.62 -31.76 -135.17
CA GLU F 72 8.75 -30.58 -136.01
C GLU F 72 7.71 -29.57 -135.52
N LEU F 73 7.65 -28.43 -136.20
CA LEU F 73 6.59 -27.46 -135.97
C LEU F 73 6.04 -27.02 -137.31
N ARG F 74 4.72 -26.84 -137.38
CA ARG F 74 4.10 -26.35 -138.60
C ARG F 74 2.69 -25.89 -138.27
N TRP F 75 2.08 -25.18 -139.23
CA TRP F 75 0.76 -24.61 -139.02
C TRP F 75 -0.35 -25.54 -139.49
N MET F 76 -1.34 -25.74 -138.62
CA MET F 76 -2.56 -26.48 -138.92
C MET F 76 -3.80 -25.70 -138.48
N GLU F 77 -4.80 -25.66 -139.35
CA GLU F 77 -6.06 -24.99 -139.05
C GLU F 77 -6.84 -25.75 -137.98
N ALA F 78 -7.73 -25.04 -137.30
CA ALA F 78 -8.55 -25.65 -136.25
C ALA F 78 -10.05 -25.41 -136.40
N ALA F 79 -10.49 -24.38 -137.10
CA ALA F 79 -11.90 -24.08 -137.22
C ALA F 79 -12.11 -23.11 -138.37
N ARG F 80 -13.37 -22.97 -138.77
CA ARG F 80 -13.75 -22.09 -139.86
C ARG F 80 -15.07 -21.41 -139.53
N TRP F 81 -15.27 -20.22 -140.10
CA TRP F 81 -16.38 -19.35 -139.72
C TRP F 81 -17.02 -18.76 -140.97
N VAL F 82 -18.19 -19.27 -141.34
CA VAL F 82 -19.09 -18.59 -142.26
C VAL F 82 -20.45 -18.54 -141.57
N GLN F 83 -20.69 -17.46 -140.83
CA GLN F 83 -21.93 -17.23 -140.10
C GLN F 83 -22.11 -18.22 -138.96
N LEU F 84 -21.21 -19.19 -138.86
CA LEU F 84 -21.31 -20.27 -137.87
C LEU F 84 -19.91 -20.82 -137.66
N GLU F 85 -19.76 -21.59 -136.57
CA GLU F 85 -18.49 -22.20 -136.23
C GLU F 85 -18.47 -23.65 -136.71
N GLU F 86 -17.40 -24.03 -137.39
CA GLU F 86 -17.20 -25.42 -137.77
C GLU F 86 -15.81 -25.85 -137.32
N ASN F 87 -15.73 -26.97 -136.62
CA ASN F 87 -14.49 -27.42 -136.04
C ASN F 87 -14.27 -28.89 -136.37
N LEU F 88 -13.02 -29.33 -136.23
CA LEU F 88 -12.64 -30.69 -136.56
C LEU F 88 -11.90 -31.28 -135.37
N GLY F 89 -11.95 -32.59 -135.24
CA GLY F 89 -11.28 -33.31 -134.18
C GLY F 89 -10.00 -33.98 -134.64
N GLU F 90 -9.68 -35.10 -133.98
CA GLU F 90 -8.50 -35.86 -134.34
C GLU F 90 -8.70 -36.66 -135.62
N ASN F 91 -9.96 -36.91 -136.00
CA ASN F 91 -10.22 -37.74 -137.17
C ASN F 91 -9.85 -37.02 -138.46
N GLY F 92 -9.95 -35.70 -138.45
CA GLY F 92 -9.87 -34.91 -139.67
C GLY F 92 -11.20 -34.58 -140.28
N ALA F 93 -12.30 -34.80 -139.56
CA ALA F 93 -13.64 -34.56 -140.04
C ALA F 93 -14.20 -33.33 -139.34
N TRP F 94 -14.99 -32.55 -140.07
CA TRP F 94 -15.49 -31.28 -139.55
C TRP F 94 -16.84 -31.49 -138.89
N GLY F 95 -17.00 -30.95 -137.69
CA GLY F 95 -18.25 -31.10 -136.98
C GLY F 95 -19.35 -30.28 -137.61
N ARG F 96 -20.57 -30.55 -137.16
CA ARG F 96 -21.72 -29.84 -137.69
C ARG F 96 -21.71 -28.40 -137.20
N PRO F 97 -22.06 -27.44 -138.05
CA PRO F 97 -22.00 -26.04 -137.65
C PRO F 97 -22.98 -25.75 -136.51
N HIS F 98 -22.59 -24.79 -135.68
CA HIS F 98 -23.36 -24.44 -134.50
C HIS F 98 -23.07 -22.99 -134.13
N LEU F 99 -23.85 -22.48 -133.19
CA LEU F 99 -23.60 -21.14 -132.68
C LEU F 99 -22.33 -21.15 -131.83
N SER F 100 -21.60 -20.04 -131.90
CA SER F 100 -20.34 -19.90 -131.18
C SER F 100 -20.59 -19.35 -129.78
N HIS F 101 -19.99 -19.98 -128.79
CA HIS F 101 -20.21 -19.64 -127.39
C HIS F 101 -18.89 -19.17 -126.80
N LEU F 102 -18.90 -17.99 -126.21
CA LEU F 102 -17.69 -17.41 -125.66
C LEU F 102 -17.44 -17.82 -124.22
N THR F 103 -16.20 -17.60 -123.79
CA THR F 103 -15.80 -17.81 -122.40
C THR F 103 -15.17 -16.52 -121.89
N PHE F 104 -15.19 -16.37 -120.57
CA PHE F 104 -14.90 -15.07 -119.97
C PHE F 104 -13.46 -14.64 -120.24
N TRP F 105 -12.51 -15.56 -120.01
CA TRP F 105 -11.11 -15.20 -120.17
C TRP F 105 -10.75 -14.84 -121.60
N SER F 106 -11.37 -15.49 -122.59
CA SER F 106 -11.05 -15.17 -123.97
C SER F 106 -11.34 -13.72 -124.30
N LEU F 107 -12.55 -13.27 -124.01
CA LEU F 107 -12.91 -11.90 -124.31
C LEU F 107 -12.13 -10.93 -123.46
N LEU F 108 -11.92 -11.27 -122.18
CA LEU F 108 -11.23 -10.36 -121.28
C LEU F 108 -9.78 -10.14 -121.70
N GLU F 109 -9.08 -11.22 -122.02
CA GLU F 109 -7.68 -11.06 -122.42
C GLU F 109 -7.58 -10.49 -123.81
N LEU F 110 -8.59 -10.72 -124.65
CA LEU F 110 -8.62 -10.04 -125.94
C LEU F 110 -8.72 -8.54 -125.77
N ARG F 111 -9.56 -8.09 -124.84
CA ARG F 111 -9.63 -6.66 -124.55
C ARG F 111 -8.30 -6.15 -124.02
N ARG F 112 -7.69 -6.90 -123.09
CA ARG F 112 -6.44 -6.45 -122.49
C ARG F 112 -5.33 -6.30 -123.52
N VAL F 113 -5.20 -7.29 -124.41
CA VAL F 113 -4.14 -7.21 -125.41
C VAL F 113 -4.53 -6.22 -126.51
N PHE F 114 -5.82 -6.03 -126.75
CA PHE F 114 -6.25 -5.14 -127.80
C PHE F 114 -6.07 -3.68 -127.42
N THR F 115 -6.04 -3.38 -126.12
CA THR F 115 -5.81 -2.01 -125.71
C THR F 115 -4.42 -1.52 -126.10
N LYS F 116 -3.46 -2.43 -126.25
CA LYS F 116 -2.08 -2.08 -126.58
C LYS F 116 -1.62 -2.74 -127.87
N GLY F 117 -2.50 -2.84 -128.87
CA GLY F 117 -2.16 -3.50 -130.12
C GLY F 117 -1.80 -2.52 -131.21
N THR F 118 -0.77 -2.85 -131.98
CA THR F 118 -0.44 -2.08 -133.18
C THR F 118 -1.46 -2.35 -134.27
N VAL F 119 -1.88 -1.28 -134.95
CA VAL F 119 -2.90 -1.38 -135.98
C VAL F 119 -2.35 -0.74 -137.24
N LEU F 120 -2.30 -1.50 -138.33
CA LEU F 120 -1.84 -1.02 -139.62
C LEU F 120 -2.99 -1.13 -140.60
N LEU F 121 -3.32 -0.01 -141.23
CA LEU F 121 -4.54 0.10 -142.02
C LEU F 121 -4.18 0.33 -143.49
N ASP F 122 -4.76 -0.50 -144.36
CA ASP F 122 -4.61 -0.36 -145.80
C ASP F 122 -3.15 -0.40 -146.24
N LEU F 123 -2.43 -1.43 -145.83
CA LEU F 123 -1.08 -1.64 -146.32
C LEU F 123 -1.13 -2.35 -147.66
N GLN F 124 -0.23 -1.99 -148.56
CA GLN F 124 -0.24 -2.52 -149.92
C GLN F 124 0.75 -3.67 -150.03
N GLU F 125 0.25 -4.89 -149.82
CA GLU F 125 1.01 -6.11 -149.99
C GLU F 125 0.09 -7.18 -150.58
N THR F 126 0.70 -8.16 -151.25
CA THR F 126 -0.06 -9.25 -151.84
C THR F 126 0.52 -10.62 -151.47
N SER F 127 1.73 -10.67 -150.94
CA SER F 127 2.42 -11.91 -150.63
C SER F 127 2.50 -12.06 -149.12
N LEU F 128 3.04 -13.19 -148.67
CA LEU F 128 3.15 -13.45 -147.25
C LEU F 128 4.48 -13.02 -146.65
N ALA F 129 5.57 -13.08 -147.41
CA ALA F 129 6.87 -12.70 -146.86
C ALA F 129 6.98 -11.20 -146.64
N GLY F 130 6.48 -10.38 -147.57
CA GLY F 130 6.44 -8.95 -147.34
C GLY F 130 5.55 -8.57 -146.17
N VAL F 131 4.44 -9.30 -145.99
CA VAL F 131 3.60 -9.11 -144.82
C VAL F 131 4.37 -9.44 -143.56
N ALA F 132 5.10 -10.55 -143.56
CA ALA F 132 5.85 -10.95 -142.37
C ALA F 132 6.89 -9.90 -142.03
N ASN F 133 7.60 -9.42 -143.04
CA ASN F 133 8.66 -8.45 -142.83
C ASN F 133 8.07 -7.15 -142.27
N GLN F 134 7.01 -6.65 -142.88
CA GLN F 134 6.43 -5.39 -142.43
C GLN F 134 5.81 -5.51 -141.05
N LEU F 135 5.17 -6.64 -140.75
CA LEU F 135 4.52 -6.77 -139.44
C LEU F 135 5.56 -6.91 -138.34
N LEU F 136 6.66 -7.60 -138.63
CA LEU F 136 7.69 -7.72 -137.61
C LEU F 136 8.44 -6.40 -137.45
N ASP F 137 8.59 -5.63 -138.52
CA ASP F 137 9.10 -4.27 -138.37
C ASP F 137 8.14 -3.41 -137.54
N ARG F 138 6.84 -3.64 -137.67
CA ARG F 138 5.88 -2.90 -136.86
C ARG F 138 5.97 -3.29 -135.39
N PHE F 139 6.14 -4.58 -135.10
CA PHE F 139 6.32 -4.99 -133.70
C PHE F 139 7.65 -4.49 -133.14
N ILE F 140 8.66 -4.34 -133.99
CA ILE F 140 9.89 -3.71 -133.54
C ILE F 140 9.66 -2.23 -133.27
N PHE F 141 8.80 -1.61 -134.09
CA PHE F 141 8.69 -0.16 -134.09
C PHE F 141 8.05 0.34 -132.80
N GLU F 142 6.92 -0.27 -132.40
CA GLU F 142 6.24 0.11 -131.18
C GLU F 142 6.77 -0.63 -129.97
N ASP F 143 7.94 -1.27 -130.09
CA ASP F 143 8.61 -1.91 -128.96
C ASP F 143 7.73 -2.97 -128.31
N GLN F 144 7.06 -3.77 -129.15
CA GLN F 144 6.24 -4.87 -128.64
C GLN F 144 7.05 -6.14 -128.42
N ILE F 145 8.22 -6.24 -129.07
CA ILE F 145 9.06 -7.42 -128.98
C ILE F 145 10.51 -6.96 -129.15
N ARG F 146 11.41 -7.77 -128.63
CA ARG F 146 12.82 -7.39 -128.69
C ARG F 146 13.37 -7.67 -130.09
N PRO F 147 14.33 -6.86 -130.54
CA PRO F 147 14.86 -7.06 -131.90
C PRO F 147 15.66 -8.35 -132.05
N GLN F 148 16.14 -8.91 -130.95
CA GLN F 148 16.88 -10.16 -131.00
C GLN F 148 15.97 -11.37 -131.15
N ASP F 149 14.64 -11.16 -131.21
CA ASP F 149 13.69 -12.24 -131.41
C ASP F 149 13.31 -12.41 -132.87
N ARG F 150 13.54 -11.41 -133.71
CA ARG F 150 12.99 -11.41 -135.07
C ARG F 150 13.53 -12.58 -135.87
N GLU F 151 14.81 -12.90 -135.69
CA GLU F 151 15.41 -14.02 -136.39
C GLU F 151 14.70 -15.34 -136.10
N GLU F 152 14.19 -15.52 -134.89
CA GLU F 152 13.30 -16.65 -134.62
C GLU F 152 11.94 -16.45 -135.27
N LEU F 153 11.30 -15.32 -135.04
CA LEU F 153 9.89 -15.18 -135.40
C LEU F 153 9.68 -15.25 -136.92
N LEU F 154 10.64 -14.77 -137.70
CA LEU F 154 10.54 -14.92 -139.15
C LEU F 154 10.40 -16.38 -139.53
N ARG F 155 11.29 -17.24 -139.02
CA ARG F 155 11.10 -18.64 -139.38
C ARG F 155 9.91 -19.25 -138.67
N ALA F 156 9.42 -18.60 -137.61
CA ALA F 156 8.16 -19.01 -137.00
C ALA F 156 7.02 -18.84 -137.98
N LEU F 157 7.11 -17.83 -138.85
CA LEU F 157 6.02 -17.51 -139.76
C LEU F 157 6.14 -18.30 -141.06
N LEU F 158 7.36 -18.42 -141.59
CA LEU F 158 7.61 -19.11 -142.85
C LEU F 158 7.64 -20.62 -142.57
N LEU F 159 6.44 -21.16 -142.40
CA LEU F 159 6.26 -22.60 -142.23
C LEU F 159 4.98 -23.02 -142.94
N LYS F 160 4.85 -24.33 -143.14
CA LYS F 160 3.81 -24.84 -144.02
C LYS F 160 2.44 -24.74 -143.36
N HIS F 161 1.41 -24.70 -144.20
CA HIS F 161 0.03 -24.52 -143.74
C HIS F 161 -0.86 -25.55 -144.44
N SER F 162 -1.05 -26.69 -143.80
CA SER F 162 -1.73 -27.81 -144.43
C SER F 162 -3.12 -28.00 -143.83
N HIS F 163 -4.02 -28.53 -144.63
CA HIS F 163 -5.41 -28.77 -144.25
C HIS F 163 -5.59 -30.19 -143.70
N ALA F 164 -6.84 -30.61 -143.58
CA ALA F 164 -7.15 -31.91 -142.97
C ALA F 164 -6.80 -33.06 -143.89
N GLY F 165 -6.88 -32.87 -145.21
CA GLY F 165 -6.70 -33.98 -146.12
C GLY F 165 -5.30 -34.56 -146.10
N GLU F 166 -4.31 -33.75 -145.75
CA GLU F 166 -2.94 -34.23 -145.61
C GLU F 166 -2.70 -35.01 -144.33
N LEU F 167 -3.64 -34.98 -143.37
CA LEU F 167 -3.32 -35.35 -142.00
C LEU F 167 -3.28 -36.85 -141.80
N GLU F 168 -4.07 -37.62 -142.56
CA GLU F 168 -4.13 -39.06 -142.35
C GLU F 168 -2.80 -39.72 -142.69
N ALA F 169 -2.16 -39.26 -143.77
CA ALA F 169 -0.78 -39.66 -144.05
C ALA F 169 0.17 -39.14 -142.99
N LEU F 170 -0.13 -37.95 -142.45
CA LEU F 170 0.71 -37.39 -141.40
C LEU F 170 0.52 -38.13 -140.08
N GLY F 171 -0.71 -38.55 -139.79
CA GLY F 171 -0.99 -39.38 -138.63
C GLY F 171 -1.73 -38.66 -137.52
N GLY F 172 -1.79 -37.34 -137.56
CA GLY F 172 -2.43 -36.58 -136.50
C GLY F 172 -1.47 -35.63 -135.82
N VAL F 173 -2.00 -34.62 -135.14
CA VAL F 173 -1.20 -33.55 -134.56
C VAL F 173 -1.52 -33.44 -133.08
N LYS F 174 -0.63 -32.76 -132.38
CA LYS F 174 -0.81 -32.48 -130.96
C LYS F 174 -0.20 -31.11 -130.67
N PRO F 175 -0.67 -30.43 -129.63
CA PRO F 175 -0.21 -29.07 -129.37
C PRO F 175 1.26 -29.02 -128.95
N ALA F 176 1.97 -28.02 -129.46
CA ALA F 176 3.38 -27.82 -129.15
C ALA F 176 3.64 -26.32 -129.04
N VAL F 177 4.76 -25.99 -128.40
CA VAL F 177 5.08 -24.61 -128.06
C VAL F 177 6.36 -24.22 -128.77
N LEU F 178 6.39 -23.01 -129.30
CA LEU F 178 7.65 -22.46 -129.82
C LEU F 178 8.60 -22.20 -128.66
N THR F 179 9.90 -22.43 -128.91
CA THR F 179 10.97 -22.06 -128.01
C THR F 179 11.90 -21.08 -128.69
N ARG F 180 12.89 -20.60 -127.92
CA ARG F 180 13.87 -19.69 -128.47
C ARG F 180 14.77 -20.40 -129.48
N SER F 181 15.01 -21.69 -129.27
CA SER F 181 15.90 -22.43 -130.17
C SER F 181 15.27 -22.58 -131.55
N GLY F 182 14.03 -23.08 -131.60
CA GLY F 182 13.39 -23.36 -132.88
C GLY F 182 12.89 -24.79 -132.95
N ASP F 183 12.90 -25.48 -131.81
CA ASP F 183 12.48 -26.87 -131.63
C ASP F 183 11.18 -26.93 -130.85
N PRO F 184 10.23 -27.78 -131.24
CA PRO F 184 8.99 -27.92 -130.48
C PRO F 184 9.22 -28.43 -129.06
N SER F 185 8.26 -28.14 -128.18
CA SER F 185 8.38 -28.50 -126.78
C SER F 185 6.98 -28.58 -126.17
N GLN F 186 6.88 -29.35 -125.09
CA GLN F 186 5.58 -29.57 -124.46
C GLN F 186 5.30 -28.41 -123.50
N PRO F 187 4.04 -28.00 -123.36
CA PRO F 187 3.71 -26.90 -122.44
C PRO F 187 3.92 -27.29 -120.99
N LEU F 188 4.26 -26.29 -120.17
CA LEU F 188 4.51 -26.53 -118.75
C LEU F 188 3.21 -26.53 -117.95
N LEU F 189 2.35 -25.54 -118.19
CA LEU F 189 1.05 -25.52 -117.53
C LEU F 189 0.14 -26.60 -118.09
N PRO F 190 -0.73 -27.17 -117.26
CA PRO F 190 -1.54 -28.31 -117.71
C PRO F 190 -2.61 -27.88 -118.71
N GLN F 191 -3.10 -28.88 -119.42
CA GLN F 191 -4.09 -28.71 -120.47
C GLN F 191 -5.33 -29.55 -120.16
N HIS F 192 -6.46 -29.12 -120.71
CA HIS F 192 -7.73 -29.79 -120.53
C HIS F 192 -8.35 -30.06 -121.89
N SER F 193 -9.24 -31.05 -121.93
CA SER F 193 -9.90 -31.37 -123.19
C SER F 193 -10.85 -30.25 -123.56
N SER F 194 -10.93 -29.95 -124.85
CA SER F 194 -11.75 -28.84 -125.30
C SER F 194 -13.22 -29.19 -125.21
N LEU F 195 -14.04 -28.16 -124.95
CA LEU F 195 -15.46 -28.38 -124.76
C LEU F 195 -16.21 -28.52 -126.08
N GLU F 196 -15.82 -27.74 -127.09
CA GLU F 196 -16.55 -27.77 -128.35
C GLU F 196 -16.27 -29.04 -129.15
N THR F 197 -15.05 -29.58 -129.06
CA THR F 197 -14.75 -30.82 -129.76
C THR F 197 -15.35 -32.05 -129.10
N GLN F 198 -15.49 -32.02 -127.77
CA GLN F 198 -16.09 -33.15 -127.06
C GLN F 198 -17.58 -33.24 -127.35
N LEU F 199 -18.26 -32.10 -127.40
CA LEU F 199 -19.69 -32.13 -127.54
C LEU F 199 -20.08 -32.23 -129.01
N PHE F 200 -19.42 -31.46 -129.88
CA PHE F 200 -19.85 -31.40 -131.27
C PHE F 200 -19.16 -32.44 -132.15
N CYS F 201 -17.85 -32.62 -132.06
CA CYS F 201 -17.20 -33.59 -132.93
C CYS F 201 -17.47 -35.02 -132.47
N GLU F 202 -17.53 -35.23 -131.16
CA GLU F 202 -17.85 -36.54 -130.61
C GLU F 202 -19.31 -36.60 -130.17
N HIS F 211 -20.56 -32.74 -149.91
CA HIS F 211 -20.83 -32.97 -148.50
C HIS F 211 -20.63 -31.66 -147.73
N SER F 212 -19.55 -31.57 -146.97
CA SER F 212 -19.28 -30.35 -146.22
C SER F 212 -18.62 -29.25 -147.06
N PRO F 213 -17.59 -29.53 -147.88
CA PRO F 213 -16.98 -28.42 -148.64
C PRO F 213 -17.85 -27.90 -149.77
N SER F 214 -18.64 -28.77 -150.41
CA SER F 214 -19.62 -28.30 -151.39
C SER F 214 -20.62 -27.35 -150.74
N GLY F 215 -21.05 -27.66 -149.52
CA GLY F 215 -21.93 -26.77 -148.80
C GLY F 215 -21.24 -25.49 -148.36
N ILE F 216 -19.93 -25.58 -148.10
CA ILE F 216 -19.16 -24.39 -147.74
C ILE F 216 -19.11 -23.43 -148.91
N LEU F 217 -18.77 -23.95 -150.09
CA LEU F 217 -18.73 -23.11 -151.29
C LEU F 217 -20.12 -22.72 -151.75
N GLU F 218 -21.16 -23.46 -151.35
CA GLU F 218 -22.53 -23.08 -151.66
C GLU F 218 -23.00 -21.92 -150.82
N LYS F 219 -22.70 -21.95 -149.51
CA LYS F 219 -23.16 -20.90 -148.62
C LYS F 219 -22.45 -19.59 -148.91
N ILE F 220 -21.15 -19.67 -149.20
CA ILE F 220 -20.34 -18.48 -149.42
C ILE F 220 -20.75 -17.84 -150.74
N PRO F 221 -21.14 -16.56 -150.75
CA PRO F 221 -21.39 -15.90 -152.02
C PRO F 221 -20.12 -15.79 -152.83
N PRO F 222 -20.24 -15.77 -154.16
CA PRO F 222 -19.02 -15.80 -154.99
C PRO F 222 -18.16 -14.56 -154.85
N ASP F 223 -18.73 -13.45 -154.37
CA ASP F 223 -18.02 -12.18 -154.21
C ASP F 223 -17.83 -11.96 -152.72
N SER F 224 -16.65 -12.32 -152.21
CA SER F 224 -16.39 -12.22 -150.79
C SER F 224 -14.88 -12.18 -150.56
N GLU F 225 -14.50 -11.72 -149.38
CA GLU F 225 -13.11 -11.71 -148.96
C GLU F 225 -13.01 -12.39 -147.61
N ALA F 226 -11.81 -12.88 -147.31
CA ALA F 226 -11.60 -13.74 -146.15
C ALA F 226 -10.65 -13.07 -145.16
N THR F 227 -10.67 -13.62 -143.94
CA THR F 227 -9.78 -13.19 -142.86
C THR F 227 -9.10 -14.42 -142.27
N LEU F 228 -7.90 -14.21 -141.76
CA LEU F 228 -7.12 -15.28 -141.14
C LEU F 228 -6.51 -14.84 -139.82
N VAL F 229 -6.42 -15.79 -138.91
CA VAL F 229 -5.81 -15.57 -137.60
C VAL F 229 -4.80 -16.69 -137.36
N LEU F 230 -3.63 -16.30 -136.87
CA LEU F 230 -2.51 -17.21 -136.62
C LEU F 230 -2.17 -17.16 -135.13
N VAL F 231 -2.50 -18.22 -134.40
CA VAL F 231 -2.32 -18.26 -132.96
C VAL F 231 -1.23 -19.26 -132.61
N GLY F 232 -0.40 -18.91 -131.63
CA GLY F 232 0.67 -19.79 -131.22
C GLY F 232 1.27 -19.38 -129.89
N ARG F 233 1.99 -20.33 -129.28
CA ARG F 233 2.67 -20.14 -128.01
C ARG F 233 4.17 -20.12 -128.23
N ALA F 234 4.85 -19.16 -127.61
CA ALA F 234 6.30 -19.03 -127.77
C ALA F 234 6.89 -18.67 -126.41
N ASP F 235 7.83 -19.49 -125.95
CA ASP F 235 8.37 -19.35 -124.60
C ASP F 235 9.37 -18.21 -124.46
N PHE F 236 9.89 -17.68 -125.56
CA PHE F 236 10.91 -16.64 -125.51
C PHE F 236 10.32 -15.23 -125.54
N LEU F 237 9.04 -15.09 -125.23
CA LEU F 237 8.42 -13.78 -125.19
C LEU F 237 8.12 -13.39 -123.75
N GLU F 238 7.80 -12.12 -123.56
CA GLU F 238 7.49 -11.57 -122.25
C GLU F 238 5.99 -11.55 -122.00
N GLN F 239 5.26 -10.88 -122.87
CA GLN F 239 3.82 -10.69 -122.77
C GLN F 239 3.20 -11.02 -124.12
N PRO F 240 1.91 -11.31 -124.15
CA PRO F 240 1.24 -11.50 -125.44
C PRO F 240 1.22 -10.22 -126.26
N VAL F 241 1.40 -10.38 -127.56
CA VAL F 241 1.40 -9.29 -128.52
C VAL F 241 0.31 -9.56 -129.54
N LEU F 242 -0.21 -8.48 -130.12
CA LEU F 242 -1.27 -8.56 -131.11
C LEU F 242 -0.95 -7.63 -132.27
N GLY F 243 -1.15 -8.15 -133.48
CA GLY F 243 -1.05 -7.32 -134.67
C GLY F 243 -2.32 -7.46 -135.49
N PHE F 244 -2.74 -6.33 -136.05
CA PHE F 244 -4.00 -6.23 -136.79
C PHE F 244 -3.77 -5.44 -138.06
N VAL F 245 -3.78 -6.10 -139.21
CA VAL F 245 -3.45 -5.44 -140.46
C VAL F 245 -4.57 -5.63 -141.45
N ARG F 246 -5.00 -4.53 -142.08
CA ARG F 246 -5.96 -4.57 -143.16
C ARG F 246 -5.23 -4.17 -144.43
N LEU F 247 -5.38 -4.97 -145.47
CA LEU F 247 -4.62 -4.75 -146.69
C LEU F 247 -5.19 -3.58 -147.49
N GLN F 248 -4.35 -3.09 -148.41
CA GLN F 248 -4.81 -2.08 -149.35
C GLN F 248 -5.80 -2.71 -150.32
N GLU F 249 -5.42 -3.82 -150.93
CA GLU F 249 -6.22 -4.52 -151.92
C GLU F 249 -6.28 -6.00 -151.55
N ALA F 250 -7.27 -6.68 -152.12
CA ALA F 250 -7.42 -8.11 -151.89
C ALA F 250 -6.18 -8.86 -152.38
N ALA F 251 -5.82 -9.92 -151.67
CA ALA F 251 -4.61 -10.67 -151.99
C ALA F 251 -4.87 -12.16 -151.83
N GLU F 252 -4.29 -12.94 -152.73
CA GLU F 252 -4.27 -14.39 -152.61
C GLU F 252 -3.02 -14.86 -151.88
N LEU F 253 -3.20 -15.75 -150.91
CA LEU F 253 -2.11 -16.21 -150.06
C LEU F 253 -2.04 -17.72 -150.13
N GLU F 254 -0.81 -18.25 -150.09
CA GLU F 254 -0.58 -19.68 -150.31
C GLU F 254 -0.81 -20.53 -149.07
N ALA F 255 -1.24 -19.95 -147.95
CA ALA F 255 -1.62 -20.77 -146.82
C ALA F 255 -3.06 -21.26 -146.94
N VAL F 256 -3.90 -20.52 -147.64
CA VAL F 256 -5.30 -20.85 -147.84
C VAL F 256 -5.46 -21.49 -149.21
N GLU F 257 -5.90 -22.76 -149.22
CA GLU F 257 -6.13 -23.46 -150.48
C GLU F 257 -7.41 -23.00 -151.19
N LEU F 258 -8.34 -22.38 -150.46
CA LEU F 258 -9.55 -21.90 -151.10
C LEU F 258 -9.24 -20.69 -151.97
N PRO F 259 -9.90 -20.56 -153.13
CA PRO F 259 -9.59 -19.46 -154.06
C PRO F 259 -10.01 -18.08 -153.59
N VAL F 260 -10.54 -17.92 -152.38
CA VAL F 260 -10.95 -16.58 -151.94
C VAL F 260 -9.73 -15.76 -151.57
N PRO F 261 -9.75 -14.45 -151.76
CA PRO F 261 -8.64 -13.60 -151.36
C PRO F 261 -8.80 -13.15 -149.91
N ILE F 262 -7.75 -12.55 -149.38
CA ILE F 262 -7.69 -12.14 -147.97
C ILE F 262 -7.56 -10.63 -147.90
N ARG F 263 -8.23 -10.03 -146.93
CA ARG F 263 -8.11 -8.60 -146.66
C ARG F 263 -7.58 -8.32 -145.26
N PHE F 264 -8.15 -8.94 -144.24
CA PHE F 264 -7.73 -8.67 -142.87
C PHE F 264 -6.82 -9.80 -142.39
N LEU F 265 -5.98 -9.47 -141.42
CA LEU F 265 -5.10 -10.48 -140.86
C LEU F 265 -4.76 -10.16 -139.41
N PHE F 266 -4.80 -11.20 -138.60
CA PHE F 266 -4.53 -11.17 -137.16
C PHE F 266 -3.26 -11.94 -136.84
N VAL F 267 -2.57 -11.45 -135.82
CA VAL F 267 -1.44 -12.17 -135.21
C VAL F 267 -1.60 -12.08 -133.70
N LEU F 268 -1.80 -13.21 -133.05
CA LEU F 268 -1.91 -13.28 -131.59
C LEU F 268 -0.84 -14.20 -131.02
N LEU F 269 0.19 -13.62 -130.41
CA LEU F 269 1.31 -14.37 -129.86
C LEU F 269 1.44 -14.08 -128.37
N GLY F 270 2.21 -14.93 -127.70
CA GLY F 270 2.50 -14.71 -126.30
C GLY F 270 3.10 -15.90 -125.62
N PRO F 271 3.69 -15.68 -124.46
CA PRO F 271 4.15 -16.79 -123.64
C PRO F 271 2.97 -17.35 -122.84
N GLU F 272 3.24 -18.39 -122.08
CA GLU F 272 2.17 -19.08 -121.37
C GLU F 272 1.92 -18.44 -120.02
N ALA F 273 0.64 -18.25 -119.71
CA ALA F 273 0.20 -17.54 -118.52
C ALA F 273 -1.10 -18.19 -118.06
N PRO F 274 -1.41 -18.11 -116.76
CA PRO F 274 -2.67 -18.68 -116.29
C PRO F 274 -3.87 -17.90 -116.81
N HIS F 275 -5.00 -18.59 -116.86
CA HIS F 275 -6.26 -18.02 -117.33
C HIS F 275 -6.17 -17.56 -118.78
N ILE F 276 -5.28 -18.19 -119.56
CA ILE F 276 -5.16 -17.89 -120.99
C ILE F 276 -5.09 -19.20 -121.75
N ASP F 277 -6.07 -19.40 -122.65
CA ASP F 277 -6.07 -20.54 -123.57
C ASP F 277 -6.09 -20.03 -125.00
N TYR F 278 -5.02 -20.28 -125.73
CA TYR F 278 -4.81 -19.57 -126.99
C TYR F 278 -5.81 -20.00 -128.04
N THR F 279 -6.32 -21.24 -127.95
CA THR F 279 -7.40 -21.65 -128.82
C THR F 279 -8.67 -20.86 -128.54
N GLN F 280 -8.95 -20.66 -127.27
CA GLN F 280 -10.12 -19.87 -126.90
C GLN F 280 -9.93 -18.41 -127.30
N LEU F 281 -8.70 -17.92 -127.23
CA LEU F 281 -8.44 -16.54 -127.64
C LEU F 281 -8.62 -16.40 -129.14
N GLY F 282 -8.19 -17.38 -129.91
CA GLY F 282 -8.44 -17.36 -131.34
C GLY F 282 -9.91 -17.43 -131.66
N ARG F 283 -10.66 -18.23 -130.91
CA ARG F 283 -12.10 -18.28 -131.11
C ARG F 283 -12.74 -16.93 -130.83
N ALA F 284 -12.27 -16.25 -129.80
CA ALA F 284 -12.77 -14.91 -129.50
C ALA F 284 -12.47 -13.95 -130.64
N ALA F 285 -11.26 -14.02 -131.19
CA ALA F 285 -10.91 -13.13 -132.29
C ALA F 285 -11.76 -13.41 -133.52
N ALA F 286 -12.01 -14.69 -133.81
CA ALA F 286 -12.78 -15.02 -135.01
C ALA F 286 -14.22 -14.58 -134.87
N THR F 287 -14.81 -14.81 -133.69
CA THR F 287 -16.19 -14.38 -133.50
C THR F 287 -16.29 -12.86 -133.42
N LEU F 288 -15.19 -12.20 -133.05
CA LEU F 288 -15.13 -10.75 -133.16
C LEU F 288 -15.17 -10.33 -134.62
N MET F 289 -14.44 -11.05 -135.47
CA MET F 289 -14.37 -10.67 -136.88
C MET F 289 -15.66 -10.98 -137.61
N SER F 290 -16.46 -11.92 -137.11
CA SER F 290 -17.60 -12.37 -137.90
C SER F 290 -18.78 -11.42 -137.84
N GLU F 291 -18.87 -10.55 -136.83
CA GLU F 291 -20.05 -9.72 -136.71
C GLU F 291 -20.12 -8.68 -137.83
N ARG F 292 -21.35 -8.39 -138.27
CA ARG F 292 -21.55 -7.50 -139.41
C ARG F 292 -21.09 -6.07 -139.14
N VAL F 293 -21.48 -5.50 -138.01
CA VAL F 293 -21.23 -4.08 -137.75
C VAL F 293 -19.77 -3.81 -137.47
N PHE F 294 -19.11 -4.70 -136.72
CA PHE F 294 -17.69 -4.49 -136.46
C PHE F 294 -16.88 -4.68 -137.73
N ARG F 295 -17.31 -5.61 -138.58
CA ARG F 295 -16.64 -5.78 -139.86
C ARG F 295 -16.81 -4.55 -140.73
N ILE F 296 -18.00 -3.95 -140.72
CA ILE F 296 -18.23 -2.73 -141.49
C ILE F 296 -17.37 -1.60 -140.94
N ASP F 297 -17.24 -1.54 -139.62
CA ASP F 297 -16.40 -0.52 -139.00
C ASP F 297 -14.94 -0.72 -139.37
N ALA F 298 -14.49 -1.97 -139.40
CA ALA F 298 -13.10 -2.22 -139.77
C ALA F 298 -12.88 -1.91 -141.24
N TYR F 299 -13.90 -2.14 -142.08
CA TYR F 299 -13.81 -1.74 -143.47
C TYR F 299 -13.70 -0.23 -143.59
N MET F 300 -14.26 0.51 -142.64
CA MET F 300 -14.20 1.97 -142.67
C MET F 300 -13.33 2.55 -141.56
N ALA F 301 -12.59 1.70 -140.85
CA ALA F 301 -11.76 2.18 -139.76
C ALA F 301 -10.59 3.00 -140.28
N GLN F 302 -10.27 4.08 -139.56
CA GLN F 302 -9.15 4.93 -139.92
C GLN F 302 -8.12 5.10 -138.81
N SER F 303 -8.40 4.61 -137.60
CA SER F 303 -7.47 4.77 -136.48
C SER F 303 -7.74 3.64 -135.48
N ARG F 304 -7.15 3.77 -134.29
CA ARG F 304 -7.31 2.71 -133.29
C ARG F 304 -8.50 2.96 -132.39
N GLY F 305 -8.75 4.21 -132.04
CA GLY F 305 -9.83 4.51 -131.11
C GLY F 305 -11.19 4.17 -131.67
N GLU F 306 -11.32 4.17 -132.99
CA GLU F 306 -12.56 3.72 -133.62
C GLU F 306 -12.79 2.25 -133.35
N LEU F 307 -11.76 1.43 -133.52
CA LEU F 307 -11.86 0.02 -133.17
C LEU F 307 -12.13 -0.16 -131.68
N LEU F 308 -11.53 0.69 -130.86
CA LEU F 308 -11.77 0.59 -129.42
C LEU F 308 -13.23 0.85 -129.09
N HIS F 309 -13.80 1.91 -129.66
CA HIS F 309 -15.20 2.22 -129.41
C HIS F 309 -16.12 1.14 -129.97
N SER F 310 -15.78 0.57 -131.12
CA SER F 310 -16.61 -0.52 -131.64
C SER F 310 -16.51 -1.77 -130.79
N LEU F 311 -15.34 -2.00 -130.21
CA LEU F 311 -15.18 -3.14 -129.31
C LEU F 311 -15.98 -2.96 -128.04
N GLU F 312 -15.99 -1.72 -127.51
CA GLU F 312 -16.79 -1.45 -126.33
C GLU F 312 -18.27 -1.58 -126.63
N GLY F 313 -18.69 -1.16 -127.82
CA GLY F 313 -20.07 -1.38 -128.21
C GLY F 313 -20.40 -2.85 -128.41
N PHE F 314 -19.41 -3.64 -128.81
CA PHE F 314 -19.61 -5.08 -128.91
C PHE F 314 -19.81 -5.70 -127.54
N LEU F 315 -18.96 -5.34 -126.59
CA LEU F 315 -19.06 -5.91 -125.26
C LEU F 315 -20.30 -5.44 -124.52
N ASP F 316 -20.75 -4.22 -124.79
CA ASP F 316 -21.88 -3.69 -124.05
C ASP F 316 -23.14 -4.47 -124.35
N CYS F 317 -23.34 -4.87 -125.61
CA CYS F 317 -24.53 -5.62 -125.99
C CYS F 317 -24.33 -7.12 -125.86
N SER F 318 -23.42 -7.56 -125.01
CA SER F 318 -23.24 -8.98 -124.74
C SER F 318 -24.06 -9.39 -123.53
N LEU F 319 -24.44 -10.67 -123.50
CA LEU F 319 -25.28 -11.22 -122.43
C LEU F 319 -24.59 -12.44 -121.85
N VAL F 320 -24.29 -12.39 -120.55
CA VAL F 320 -23.57 -13.45 -119.86
C VAL F 320 -24.53 -14.12 -118.88
N LEU F 321 -24.52 -15.45 -118.85
CA LEU F 321 -25.31 -16.20 -117.89
C LEU F 321 -24.39 -17.05 -117.03
N PRO F 322 -24.60 -17.06 -115.72
CA PRO F 322 -23.69 -17.76 -114.83
C PRO F 322 -24.07 -19.23 -114.70
N PRO F 323 -23.19 -20.05 -114.14
CA PRO F 323 -23.58 -21.41 -113.79
C PRO F 323 -24.59 -21.38 -112.65
N THR F 324 -25.47 -22.37 -112.63
CA THR F 324 -26.53 -22.43 -111.64
C THR F 324 -26.49 -23.75 -110.88
N ASP F 325 -27.55 -23.99 -110.10
CA ASP F 325 -27.69 -25.21 -109.32
C ASP F 325 -28.37 -26.32 -110.10
N ALA F 326 -29.53 -26.03 -110.69
CA ALA F 326 -30.29 -27.01 -111.47
C ALA F 326 -30.79 -26.33 -112.74
N PRO F 327 -30.12 -26.55 -113.87
CA PRO F 327 -30.51 -25.85 -115.09
C PRO F 327 -31.75 -26.44 -115.72
N SER F 328 -32.54 -25.59 -116.38
CA SER F 328 -33.76 -26.03 -117.01
C SER F 328 -34.02 -25.17 -118.24
N GLU F 329 -34.86 -25.71 -119.13
CA GLU F 329 -35.20 -25.03 -120.38
C GLU F 329 -36.38 -24.09 -120.23
N GLN F 330 -37.36 -24.44 -119.39
CA GLN F 330 -38.58 -23.65 -119.31
C GLN F 330 -38.33 -22.27 -118.73
N ALA F 331 -37.53 -22.18 -117.67
CA ALA F 331 -37.19 -20.86 -117.13
C ALA F 331 -36.23 -20.10 -118.03
N LEU F 332 -35.54 -20.80 -118.92
CA LEU F 332 -34.57 -20.16 -119.81
C LEU F 332 -35.22 -19.50 -121.01
N LEU F 333 -36.44 -19.90 -121.34
CA LEU F 333 -37.11 -19.33 -122.50
C LEU F 333 -37.58 -17.92 -122.26
N SER F 334 -37.46 -17.43 -121.04
CA SER F 334 -37.83 -16.06 -120.73
C SER F 334 -36.70 -15.09 -121.02
N LEU F 335 -35.56 -15.58 -121.52
CA LEU F 335 -34.47 -14.69 -121.88
C LEU F 335 -34.47 -14.34 -123.37
N VAL F 336 -35.51 -14.73 -124.09
CA VAL F 336 -35.64 -14.32 -125.50
C VAL F 336 -35.72 -12.82 -125.70
N PRO F 337 -36.65 -12.09 -125.06
CA PRO F 337 -36.82 -10.67 -125.44
C PRO F 337 -35.68 -9.75 -125.04
N VAL F 338 -34.97 -10.04 -123.95
CA VAL F 338 -33.87 -9.16 -123.57
C VAL F 338 -32.72 -9.27 -124.55
N GLN F 339 -32.50 -10.46 -125.11
CA GLN F 339 -31.48 -10.58 -126.12
C GLN F 339 -31.92 -9.85 -127.37
N ARG F 340 -33.23 -9.91 -127.64
CA ARG F 340 -33.73 -9.17 -128.79
C ARG F 340 -33.54 -7.69 -128.56
N GLU F 341 -33.71 -7.23 -127.32
CA GLU F 341 -33.51 -5.81 -127.11
C GLU F 341 -32.05 -5.46 -127.18
N LEU F 342 -31.17 -6.35 -126.72
CA LEU F 342 -29.76 -6.10 -126.94
C LEU F 342 -29.45 -6.10 -128.42
N LEU F 343 -30.11 -7.00 -129.16
CA LEU F 343 -29.93 -6.99 -130.60
C LEU F 343 -30.38 -5.67 -131.16
N ARG F 344 -31.54 -5.19 -130.70
CA ARG F 344 -32.03 -3.93 -131.24
C ARG F 344 -31.11 -2.81 -130.83
N ARG F 345 -30.63 -2.83 -129.59
CA ARG F 345 -29.75 -1.75 -129.20
C ARG F 345 -28.42 -1.86 -129.90
N ARG F 346 -28.00 -3.08 -130.24
CA ARG F 346 -26.78 -3.20 -131.00
C ARG F 346 -27.02 -2.66 -132.39
N TYR F 347 -28.16 -3.01 -132.98
CA TYR F 347 -28.41 -2.50 -134.30
C TYR F 347 -28.97 -1.09 -134.21
N GLN F 348 -29.11 -0.58 -132.99
CA GLN F 348 -29.37 0.85 -132.85
C GLN F 348 -28.18 1.62 -133.42
N SER F 349 -26.98 1.11 -133.24
CA SER F 349 -25.76 1.78 -133.70
C SER F 349 -25.43 1.45 -135.15
#